data_6XU1
#
_entry.id   6XU1
#
_cell.length_a   137.369
_cell.length_b   171.860
_cell.length_c   179.572
_cell.angle_alpha   90.000
_cell.angle_beta   90.000
_cell.angle_gamma   90.000
#
_symmetry.space_group_name_H-M   'P 21 21 21'
#
loop_
_entity.id
_entity.type
_entity.pdbx_description
1 polymer 'Deoxynucleoside triphosphate triphosphohydrolase SAMHD1'
2 non-polymer 'FE (III) ION'
3 non-polymer 'MAGNESIUM ION'
4 non-polymer "2'-deoxy-5'-O-[(R)-hydroxy{[(R)-hydroxy(phosphonooxy)phosphoryl]amino}phosphoryl]adenosine"
5 non-polymer "GUANOSINE-5'-TRIPHOSPHATE"
6 water water
#
_entity_poly.entity_id   1
_entity_poly.type   'polypeptide(L)'
_entity_poly.pdbx_seq_one_letter_code
;GSQIHVDTMKVINDPIHGHIELHPLLVRIIDTPQFQRLRYIKQLGGGYYVFPGASHNRFEHSLGVGYLAGCLVHALGEKQ
PELQISERDVLCVQIAGLCHDLGHGPFSAMFDGRFIPLARPEVKWTHEQGSVMMFEHLINSNGIKPVMEQYGLIPEEDIC
FIKEQIVGPLESPVEDSLWPYKGRPENKSFLYEIVSNKRNGIDVDKWDYFARDCHHLGIQNNFDYKRFIKFARVCEVDNE
LRICARDKEVGNLYDMFHTRNSLHRRAYQHKVGNIIDTMITDAFLKADDYIEITGAGGKKYRISTAIDDMEAYTKLTDNI
FLEILYSTDPKLKDAREILKQIEYRNLFKYVGETQPTGQIKIKREDYESLPKEVASAKPKVLLDVKLKAEDFIVDVINMD
YGMQEKNPIDHVSFYCKTAPNRAIRITKNQVSQLLPEKFAEQLIRVYCKKVDRKSLYAARQYFVQWCADRNFTKPQDGDV
IAPLITPQKKEWNDSTSVQNPTRLREASKSRVQLFKDDPM
;
_entity_poly.pdbx_strand_id   A,B,C,D,E,F,G,H
#
loop_
_chem_comp.id
_chem_comp.type
_chem_comp.name
_chem_comp.formula
DZ4 non-polymer 2'-deoxy-5'-O-[(R)-hydroxy{[(R)-hydroxy(phosphonooxy)phosphoryl]amino}phosphoryl]adenosine 'C10 H17 N6 O11 P3'
FE non-polymer 'FE (III) ION' 'Fe 3'
GTP non-polymer GUANOSINE-5'-TRIPHOSPHATE 'C10 H16 N5 O14 P3'
MG non-polymer 'MAGNESIUM ION' 'Mg 2'
#
# COMPACT_ATOMS: atom_id res chain seq x y z
N ASP A 7 8.98 2.48 2.30
CA ASP A 7 9.98 2.75 3.35
C ASP A 7 9.54 1.79 4.47
N THR A 8 10.16 0.64 4.49
CA THR A 8 9.94 -0.32 5.64
C THR A 8 11.30 -0.82 6.26
N MET A 9 11.24 -1.51 7.41
CA MET A 9 12.49 -1.95 8.08
C MET A 9 13.28 -2.97 7.26
N LYS A 10 14.61 -2.97 7.25
CA LYS A 10 15.36 -3.99 6.53
C LYS A 10 16.15 -4.81 7.50
N VAL A 11 16.29 -6.05 7.18
CA VAL A 11 17.16 -6.95 7.85
C VAL A 11 18.39 -7.15 7.00
N ILE A 12 19.56 -7.10 7.65
CA ILE A 12 20.81 -7.29 6.96
C ILE A 12 21.67 -8.31 7.68
N ASN A 13 22.26 -9.23 6.92
CA ASN A 13 23.07 -10.28 7.53
C ASN A 13 24.53 -9.84 7.52
N ASP A 14 25.03 -9.63 8.72
CA ASP A 14 26.43 -9.31 8.99
C ASP A 14 27.13 -10.52 9.60
N PRO A 15 28.34 -10.86 9.13
CA PRO A 15 28.97 -12.07 9.77
C PRO A 15 29.37 -11.88 11.20
N ILE A 16 29.56 -10.68 11.70
CA ILE A 16 29.93 -10.51 13.08
C ILE A 16 28.67 -10.55 13.96
N HIS A 17 27.67 -9.74 13.66
CA HIS A 17 26.54 -9.57 14.54
C HIS A 17 25.32 -10.40 14.18
N GLY A 18 25.33 -11.13 13.06
CA GLY A 18 24.17 -11.83 12.61
C GLY A 18 23.16 -10.92 11.88
N HIS A 19 21.88 -11.28 11.99
CA HIS A 19 20.82 -10.58 11.30
C HIS A 19 20.43 -9.36 12.10
N ILE A 20 20.73 -8.19 11.58
CA ILE A 20 20.39 -6.96 12.22
C ILE A 20 19.31 -6.14 11.57
N GLU A 21 18.54 -5.46 12.41
CA GLU A 21 17.35 -4.76 11.92
C GLU A 21 17.66 -3.33 11.78
N LEU A 22 17.34 -2.77 10.64
CA LEU A 22 17.52 -1.34 10.41
C LEU A 22 16.18 -0.65 10.20
N HIS A 23 15.85 0.25 11.10
CA HIS A 23 14.68 1.12 10.99
C HIS A 23 14.74 1.91 9.66
N PRO A 24 13.59 2.21 9.08
CA PRO A 24 13.62 2.87 7.77
C PRO A 24 14.28 4.22 7.71
N LEU A 25 14.33 4.96 8.81
CA LEU A 25 15.08 6.21 8.86
C LEU A 25 16.58 5.92 8.67
N LEU A 26 17.08 4.82 9.26
CA LEU A 26 18.48 4.49 9.10
C LEU A 26 18.77 4.06 7.68
N VAL A 27 17.84 3.32 7.08
CA VAL A 27 17.97 2.90 5.70
C VAL A 27 18.07 4.14 4.79
N ARG A 28 17.25 5.16 5.01
CA ARG A 28 17.36 6.39 4.21
C ARG A 28 18.71 7.07 4.33
N ILE A 29 19.27 7.05 5.52
CA ILE A 29 20.61 7.62 5.74
C ILE A 29 21.74 6.81 5.03
N ILE A 30 21.61 5.50 5.11
CA ILE A 30 22.57 4.58 4.52
C ILE A 30 22.58 4.66 3.01
N ASP A 31 21.41 4.85 2.43
CA ASP A 31 21.30 4.84 0.99
C ASP A 31 21.51 6.25 0.39
N THR A 32 22.69 6.79 0.68
CA THR A 32 23.13 8.06 0.18
C THR A 32 24.55 7.91 -0.32
N PRO A 33 24.97 8.78 -1.24
CA PRO A 33 26.36 8.72 -1.65
C PRO A 33 27.34 8.95 -0.52
N GLN A 34 26.97 9.73 0.46
CA GLN A 34 27.87 10.07 1.55
C GLN A 34 28.10 8.89 2.48
N PHE A 35 27.12 8.02 2.64
CA PHE A 35 27.30 6.82 3.45
C PHE A 35 27.96 5.69 2.65
N GLN A 36 27.50 5.48 1.43
CA GLN A 36 28.00 4.44 0.58
C GLN A 36 29.47 4.62 0.23
N ARG A 37 29.96 5.83 0.26
CA ARG A 37 31.37 6.17 0.17
C ARG A 37 32.23 5.25 1.09
N LEU A 38 31.71 4.90 2.26
CA LEU A 38 32.47 4.11 3.20
C LEU A 38 32.77 2.69 2.72
N ARG A 39 32.09 2.25 1.66
CA ARG A 39 32.44 1.03 1.01
C ARG A 39 33.79 1.04 0.31
N TYR A 40 34.38 2.21 0.12
CA TYR A 40 35.61 2.32 -0.70
C TYR A 40 36.75 2.84 0.14
N ILE A 41 36.68 2.64 1.46
CA ILE A 41 37.72 3.00 2.39
C ILE A 41 37.98 1.80 3.30
N LYS A 42 39.15 1.17 3.15
CA LYS A 42 39.54 0.06 3.98
C LYS A 42 39.65 0.45 5.45
N GLN A 43 39.09 -0.38 6.32
CA GLN A 43 39.16 -0.13 7.74
C GLN A 43 40.61 -0.03 8.22
N LEU A 44 41.47 -0.96 7.79
CA LEU A 44 42.82 -1.05 8.29
C LEU A 44 43.88 -0.52 7.34
N GLY A 45 43.47 0.17 6.31
CA GLY A 45 44.36 0.78 5.33
C GLY A 45 45.43 -0.17 4.80
N GLY A 46 46.68 0.21 5.00
CA GLY A 46 47.80 -0.55 4.57
C GLY A 46 47.92 -1.92 5.24
N GLY A 47 47.22 -2.12 6.32
CA GLY A 47 47.16 -3.42 6.92
C GLY A 47 46.69 -4.55 6.01
N TYR A 48 45.84 -4.26 5.03
CA TYR A 48 45.41 -5.26 4.04
C TYR A 48 46.59 -5.81 3.24
N TYR A 49 47.66 -5.02 3.11
CA TYR A 49 48.83 -5.43 2.36
C TYR A 49 49.75 -6.31 3.18
N VAL A 50 49.36 -6.62 4.42
CA VAL A 50 50.08 -7.55 5.27
C VAL A 50 49.20 -8.72 5.72
N PHE A 51 47.97 -8.41 6.12
CA PHE A 51 46.96 -9.38 6.49
C PHE A 51 45.91 -9.43 5.36
N PRO A 52 45.98 -10.44 4.50
CA PRO A 52 45.12 -10.40 3.32
C PRO A 52 43.64 -10.66 3.59
N GLY A 53 43.31 -11.12 4.79
CA GLY A 53 41.90 -11.18 5.11
C GLY A 53 41.26 -9.84 5.46
N ALA A 54 42.07 -8.81 5.67
CA ALA A 54 41.59 -7.51 6.10
C ALA A 54 41.19 -6.63 4.95
N SER A 55 40.22 -7.16 4.18
CA SER A 55 39.63 -6.47 3.06
C SER A 55 38.43 -5.60 3.50
N HIS A 56 38.04 -5.67 4.77
CA HIS A 56 36.83 -5.00 5.19
C HIS A 56 36.97 -3.46 5.16
N ASN A 57 35.83 -2.82 4.88
CA ASN A 57 35.73 -1.40 4.73
C ASN A 57 34.97 -0.78 5.87
N ARG A 58 35.02 0.55 5.92
CA ARG A 58 34.36 1.31 6.98
C ARG A 58 32.89 1.21 6.98
N PHE A 59 32.32 0.93 5.82
CA PHE A 59 30.86 0.76 5.67
C PHE A 59 30.31 -0.27 6.66
N GLU A 60 30.85 -1.48 6.59
CA GLU A 60 30.34 -2.56 7.45
C GLU A 60 30.64 -2.36 8.94
N HIS A 61 31.78 -1.74 9.26
CA HIS A 61 32.04 -1.33 10.65
C HIS A 61 30.96 -0.36 11.12
N SER A 62 30.59 0.59 10.26
CA SER A 62 29.62 1.61 10.61
C SER A 62 28.24 1.00 10.88
N LEU A 63 27.82 0.03 10.06
CA LEU A 63 26.57 -0.68 10.36
C LEU A 63 26.63 -1.36 11.72
N GLY A 64 27.76 -2.02 11.99
CA GLY A 64 27.94 -2.68 13.25
C GLY A 64 27.90 -1.76 14.44
N VAL A 65 28.51 -0.61 14.37
CA VAL A 65 28.48 0.34 15.48
C VAL A 65 27.07 0.87 15.67
N GLY A 66 26.35 1.12 14.57
CA GLY A 66 24.96 1.52 14.69
C GLY A 66 24.11 0.47 15.43
N TYR A 67 24.32 -0.78 15.06
CA TYR A 67 23.61 -1.88 15.62
C TYR A 67 23.92 -2.02 17.12
N LEU A 68 25.21 -2.03 17.48
CA LEU A 68 25.57 -2.20 18.89
C LEU A 68 25.11 -1.03 19.74
N ALA A 69 25.15 0.15 19.18
CA ALA A 69 24.69 1.30 19.91
C ALA A 69 23.22 1.13 20.28
N GLY A 70 22.45 0.66 19.32
CA GLY A 70 21.07 0.28 19.54
C GLY A 70 20.89 -0.83 20.56
N CYS A 71 21.72 -1.89 20.55
CA CYS A 71 21.60 -2.94 21.58
C CYS A 71 21.83 -2.39 22.92
N LEU A 72 22.86 -1.56 23.11
CA LEU A 72 23.17 -1.10 24.46
C LEU A 72 22.04 -0.18 24.99
N VAL A 73 21.59 0.78 24.18
CA VAL A 73 20.55 1.67 24.65
C VAL A 73 19.22 0.91 24.87
N HIS A 74 18.84 -0.04 24.03
CA HIS A 74 17.68 -0.91 24.25
C HIS A 74 17.82 -1.68 25.53
N ALA A 75 18.97 -2.30 25.76
CA ALA A 75 19.14 -3.08 26.99
C ALA A 75 18.96 -2.20 28.24
N LEU A 76 19.50 -0.99 28.22
CA LEU A 76 19.37 -0.09 29.34
C LEU A 76 17.89 0.28 29.56
N GLY A 77 17.18 0.56 28.49
CA GLY A 77 15.77 0.94 28.52
C GLY A 77 14.86 -0.15 29.02
N GLU A 78 15.10 -1.40 28.64
CA GLU A 78 14.36 -2.53 29.12
C GLU A 78 14.55 -2.77 30.58
N LYS A 79 15.78 -2.74 31.08
CA LYS A 79 16.05 -3.03 32.48
C LYS A 79 15.64 -1.89 33.41
N GLN A 80 15.68 -0.65 32.93
CA GLN A 80 15.51 0.54 33.77
C GLN A 80 14.55 1.54 33.07
N PRO A 81 13.24 1.22 33.06
CA PRO A 81 12.22 2.13 32.48
C PRO A 81 12.23 3.54 33.11
N GLU A 82 12.70 3.63 34.36
CA GLU A 82 12.79 4.92 35.01
C GLU A 82 13.73 5.91 34.36
N LEU A 83 14.63 5.43 33.50
CA LEU A 83 15.52 6.35 32.76
C LEU A 83 14.76 7.15 31.69
N GLN A 84 13.60 6.64 31.26
CA GLN A 84 12.78 7.32 30.25
C GLN A 84 13.47 7.47 28.91
N ILE A 85 14.15 6.41 28.50
CA ILE A 85 14.72 6.35 27.20
C ILE A 85 13.54 6.25 26.22
N SER A 86 13.42 7.20 25.29
CA SER A 86 12.36 7.22 24.30
C SER A 86 12.82 6.56 23.01
N GLU A 87 11.86 6.25 22.14
CA GLU A 87 12.17 5.75 20.80
C GLU A 87 13.01 6.74 20.02
N ARG A 88 12.74 8.00 20.24
CA ARG A 88 13.51 9.04 19.63
C ARG A 88 15.01 9.01 20.07
N ASP A 89 15.25 8.82 21.35
CA ASP A 89 16.61 8.68 21.87
C ASP A 89 17.32 7.47 21.22
N VAL A 90 16.63 6.35 21.14
CA VAL A 90 17.19 5.16 20.55
C VAL A 90 17.61 5.43 19.10
N LEU A 91 16.74 6.03 18.29
CA LEU A 91 17.06 6.33 16.93
C LEU A 91 18.23 7.26 16.80
N CYS A 92 18.29 8.28 17.63
CA CYS A 92 19.40 9.20 17.58
C CYS A 92 20.73 8.53 17.93
N VAL A 93 20.74 7.63 18.93
CA VAL A 93 21.91 6.89 19.26
C VAL A 93 22.35 5.93 18.11
N GLN A 94 21.38 5.26 17.49
CA GLN A 94 21.68 4.43 16.33
C GLN A 94 22.27 5.25 15.18
N ILE A 95 21.72 6.43 14.93
CA ILE A 95 22.18 7.26 13.81
C ILE A 95 23.61 7.69 14.08
N ALA A 96 23.87 8.09 15.30
CA ALA A 96 25.23 8.47 15.69
C ALA A 96 26.23 7.32 15.52
N GLY A 97 25.84 6.14 15.92
CA GLY A 97 26.68 4.94 15.70
C GLY A 97 26.95 4.67 14.22
N LEU A 98 25.89 4.79 13.45
CA LEU A 98 25.96 4.60 12.03
C LEU A 98 26.84 5.62 11.32
N CYS A 99 26.80 6.88 11.78
CA CYS A 99 27.47 7.96 11.07
C CYS A 99 28.80 8.40 11.69
N HIS A 100 29.24 7.72 12.74
CA HIS A 100 30.38 8.16 13.53
C HIS A 100 31.69 8.20 12.76
N ASP A 101 31.79 7.40 11.73
CA ASP A 101 33.06 7.31 10.96
C ASP A 101 32.93 7.83 9.53
N LEU A 102 31.90 8.60 9.27
CA LEU A 102 31.74 9.18 7.95
C LEU A 102 32.92 10.05 7.48
N GLY A 103 33.69 10.61 8.40
CA GLY A 103 34.80 11.46 8.08
C GLY A 103 36.12 10.82 7.74
N HIS A 104 36.23 9.50 7.83
CA HIS A 104 37.49 8.87 7.47
C HIS A 104 37.82 9.15 6.04
N GLY A 105 39.10 9.23 5.79
CA GLY A 105 39.64 9.46 4.47
C GLY A 105 40.29 8.20 3.96
N PRO A 106 40.87 8.28 2.75
CA PRO A 106 41.56 7.14 2.14
C PRO A 106 42.48 6.43 3.10
N PHE A 107 42.32 5.11 3.18
CA PHE A 107 43.15 4.28 4.06
C PHE A 107 42.99 4.60 5.54
N SER A 108 41.87 5.20 5.90
CA SER A 108 41.48 5.38 7.29
C SER A 108 42.56 6.10 8.13
N ALA A 109 43.14 5.44 9.12
CA ALA A 109 44.03 6.10 10.08
C ALA A 109 45.24 6.79 9.43
N MET A 110 45.65 6.29 8.31
CA MET A 110 46.67 6.93 7.53
C MET A 110 46.35 8.39 7.20
N PHE A 111 45.11 8.67 6.84
CA PHE A 111 44.75 9.96 6.31
C PHE A 111 44.80 11.05 7.38
N ASP A 112 44.17 10.80 8.54
CA ASP A 112 44.21 11.77 9.64
C ASP A 112 45.40 11.62 10.58
N GLY A 113 46.04 10.45 10.61
CA GLY A 113 47.20 10.20 11.47
C GLY A 113 48.50 10.62 10.79
N ARG A 114 48.61 10.51 9.44
CA ARG A 114 49.89 10.78 8.76
C ARG A 114 49.77 11.85 7.71
N PHE A 115 48.87 11.71 6.76
CA PHE A 115 48.85 12.60 5.62
C PHE A 115 48.46 14.04 5.94
N ILE A 116 47.29 14.26 6.54
CA ILE A 116 46.87 15.61 6.83
C ILE A 116 47.86 16.40 7.75
N PRO A 117 48.34 15.76 8.83
CA PRO A 117 49.33 16.47 9.62
C PRO A 117 50.58 16.91 8.88
N LEU A 118 51.05 16.12 7.91
CA LEU A 118 52.19 16.49 7.10
C LEU A 118 51.84 17.47 6.01
N ALA A 119 50.66 17.35 5.39
CA ALA A 119 50.32 18.18 4.25
C ALA A 119 49.87 19.54 4.68
N ARG A 120 49.21 19.61 5.84
CA ARG A 120 48.62 20.85 6.38
C ARG A 120 48.85 20.99 7.85
N PRO A 121 50.13 21.24 8.24
CA PRO A 121 50.47 21.28 9.67
C PRO A 121 49.82 22.41 10.44
N GLU A 122 49.33 23.45 9.77
CA GLU A 122 48.58 24.52 10.45
C GLU A 122 47.20 24.08 11.00
N VAL A 123 46.47 23.13 10.33
CA VAL A 123 45.10 22.77 10.79
C VAL A 123 45.13 21.73 11.87
N LYS A 124 44.08 21.67 12.67
CA LYS A 124 43.96 20.61 13.71
C LYS A 124 42.71 19.90 13.17
N TRP A 125 42.92 18.79 12.50
CA TRP A 125 41.84 18.02 11.91
C TRP A 125 41.85 16.57 12.38
N THR A 126 40.66 16.04 12.58
CA THR A 126 40.43 14.63 12.90
C THR A 126 39.28 14.09 12.01
N HIS A 127 39.28 12.79 11.80
CA HIS A 127 38.18 12.17 11.08
C HIS A 127 36.86 12.44 11.79
N GLU A 128 36.87 12.55 13.11
CA GLU A 128 35.62 12.86 13.85
C GLU A 128 35.02 14.18 13.45
N GLN A 129 35.85 15.21 13.28
CA GLN A 129 35.35 16.50 12.73
C GLN A 129 34.81 16.28 11.33
N GLY A 130 35.52 15.51 10.54
CA GLY A 130 35.02 15.13 9.25
C GLY A 130 33.66 14.46 9.31
N SER A 131 33.45 13.60 10.31
CA SER A 131 32.20 12.86 10.39
C SER A 131 30.99 13.84 10.62
N VAL A 132 31.22 14.84 11.44
CA VAL A 132 30.23 15.85 11.74
C VAL A 132 29.90 16.69 10.48
N MET A 133 30.91 17.09 9.75
CA MET A 133 30.69 17.86 8.54
C MET A 133 30.03 17.00 7.50
N MET A 134 30.49 15.76 7.35
CA MET A 134 29.90 14.90 6.35
C MET A 134 28.43 14.54 6.68
N PHE A 135 28.13 14.37 7.95
CA PHE A 135 26.78 14.16 8.38
C PHE A 135 25.83 15.34 8.01
N GLU A 136 26.26 16.54 8.30
CA GLU A 136 25.59 17.77 7.88
C GLU A 136 25.34 17.77 6.35
N HIS A 137 26.36 17.47 5.58
CA HIS A 137 26.22 17.44 4.13
C HIS A 137 25.29 16.28 3.67
N LEU A 138 25.36 15.12 4.34
CA LEU A 138 24.45 14.00 4.05
C LEU A 138 22.97 14.41 4.26
N ILE A 139 22.70 15.00 5.41
CA ILE A 139 21.37 15.45 5.75
C ILE A 139 20.84 16.48 4.76
N ASN A 140 21.65 17.50 4.50
CA ASN A 140 21.20 18.63 3.70
C ASN A 140 21.04 18.29 2.22
N SER A 141 21.85 17.42 1.69
CA SER A 141 21.78 17.16 0.29
C SER A 141 20.87 15.94 -0.03
N ASN A 142 20.29 15.27 0.96
CA ASN A 142 19.38 14.18 0.65
C ASN A 142 17.99 14.34 1.23
N GLY A 143 17.66 15.52 1.68
CA GLY A 143 16.29 15.76 2.23
C GLY A 143 15.94 14.96 3.44
N ILE A 144 16.91 14.75 4.34
CA ILE A 144 16.68 13.88 5.49
C ILE A 144 15.92 14.57 6.60
N LYS A 145 15.97 15.87 6.75
CA LYS A 145 15.21 16.54 7.86
C LYS A 145 13.70 16.22 7.90
N PRO A 146 12.99 16.32 6.77
CA PRO A 146 11.58 15.88 6.76
C PRO A 146 11.37 14.41 7.13
N VAL A 147 12.32 13.56 6.77
CA VAL A 147 12.22 12.14 7.11
C VAL A 147 12.39 11.96 8.61
N MET A 148 13.30 12.70 9.20
CA MET A 148 13.44 12.71 10.66
C MET A 148 12.14 13.10 11.34
N GLU A 149 11.53 14.17 10.87
CA GLU A 149 10.22 14.68 11.41
C GLU A 149 9.15 13.63 11.25
N GLN A 150 9.09 12.96 10.11
CA GLN A 150 8.16 11.87 9.92
C GLN A 150 8.23 10.84 11.04
N TYR A 151 9.41 10.57 11.62
CA TYR A 151 9.51 9.56 12.68
C TYR A 151 9.61 10.13 14.06
N GLY A 152 9.29 11.40 14.25
CA GLY A 152 9.16 11.93 15.60
C GLY A 152 10.43 12.58 16.12
N LEU A 153 11.46 12.73 15.28
CA LEU A 153 12.66 13.40 15.68
C LEU A 153 12.47 14.92 15.49
N ILE A 154 13.23 15.71 16.24
CA ILE A 154 13.20 17.12 16.15
C ILE A 154 14.56 17.61 15.68
N PRO A 155 14.67 17.95 14.39
CA PRO A 155 16.00 18.17 13.83
C PRO A 155 16.88 19.22 14.49
N GLU A 156 16.36 20.35 14.99
CA GLU A 156 17.25 21.38 15.61
C GLU A 156 18.01 20.65 16.76
N GLU A 157 17.25 20.05 17.68
CA GLU A 157 17.81 19.34 18.82
C GLU A 157 18.58 18.08 18.46
N ASP A 158 18.04 17.24 17.61
CA ASP A 158 18.56 15.87 17.44
C ASP A 158 19.81 15.79 16.56
N ILE A 159 19.92 16.64 15.55
CA ILE A 159 21.12 16.76 14.76
C ILE A 159 22.27 17.18 15.65
N CYS A 160 22.05 18.15 16.48
CA CYS A 160 23.03 18.58 17.43
C CYS A 160 23.44 17.42 18.39
N PHE A 161 22.45 16.72 18.94
CA PHE A 161 22.70 15.53 19.80
C PHE A 161 23.59 14.48 19.09
N ILE A 162 23.25 14.18 17.83
CA ILE A 162 23.98 13.20 17.05
C ILE A 162 25.44 13.61 16.85
N LYS A 163 25.65 14.88 16.47
CA LYS A 163 26.96 15.41 16.32
C LYS A 163 27.78 15.40 17.57
N GLU A 164 27.17 15.78 18.68
CA GLU A 164 27.83 15.78 19.98
C GLU A 164 28.24 14.39 20.42
N GLN A 165 27.46 13.38 20.09
CA GLN A 165 27.82 12.00 20.41
C GLN A 165 29.11 11.63 19.67
N ILE A 166 29.25 12.14 18.45
CA ILE A 166 30.40 11.75 17.60
C ILE A 166 31.67 12.46 17.98
N VAL A 167 31.59 13.75 18.17
CA VAL A 167 32.76 14.59 18.36
C VAL A 167 32.94 15.17 19.75
N GLY A 168 31.94 15.08 20.63
CA GLY A 168 31.95 15.78 21.91
C GLY A 168 31.28 17.14 21.81
N PRO A 169 31.36 17.95 22.86
CA PRO A 169 30.71 19.29 22.90
C PRO A 169 31.15 20.19 21.75
N LEU A 170 30.25 20.93 21.11
CA LEU A 170 30.57 21.77 19.88
C LEU A 170 30.96 23.28 20.04
N LEU A 178 29.85 23.48 34.44
CA LEU A 178 28.51 23.02 34.28
C LEU A 178 28.34 22.09 33.01
N TRP A 179 27.12 21.93 32.47
CA TRP A 179 26.77 20.90 31.50
C TRP A 179 26.99 21.43 30.10
N PRO A 180 27.91 20.82 29.37
CA PRO A 180 28.35 21.44 28.10
C PRO A 180 27.57 21.01 26.87
N TYR A 181 26.53 20.21 26.99
CA TYR A 181 25.85 19.65 25.82
C TYR A 181 24.52 20.36 25.66
N LYS A 182 24.11 20.53 24.42
CA LYS A 182 22.83 21.11 24.08
C LYS A 182 21.81 20.11 23.58
N GLY A 183 22.24 18.95 23.09
CA GLY A 183 21.32 18.03 22.44
C GLY A 183 20.42 17.29 23.36
N ARG A 184 20.91 17.02 24.55
CA ARG A 184 20.14 16.38 25.61
C ARG A 184 20.57 17.00 26.93
N PRO A 185 19.68 17.01 27.91
CA PRO A 185 20.05 17.44 29.28
C PRO A 185 20.74 16.34 30.07
N GLU A 186 21.17 16.73 31.28
CA GLU A 186 21.90 15.89 32.23
C GLU A 186 21.28 14.58 32.59
N ASN A 187 19.95 14.58 32.65
CA ASN A 187 19.22 13.37 32.98
C ASN A 187 19.35 12.31 31.86
N LYS A 188 19.98 12.67 30.72
CA LYS A 188 20.33 11.72 29.70
C LYS A 188 21.81 11.59 29.38
N SER A 189 22.68 11.96 30.33
CA SER A 189 24.14 11.92 30.13
C SER A 189 24.69 10.62 29.70
N PHE A 190 24.13 9.55 30.25
CA PHE A 190 24.59 8.20 29.84
C PHE A 190 24.46 7.94 28.35
N LEU A 191 23.57 8.61 27.67
CA LEU A 191 23.47 8.43 26.24
C LEU A 191 24.69 8.92 25.50
N TYR A 192 25.47 9.84 26.06
CA TYR A 192 26.69 10.24 25.41
C TYR A 192 27.88 9.26 25.62
N GLU A 193 27.66 8.16 26.32
CA GLU A 193 28.67 7.21 26.61
C GLU A 193 28.58 5.93 25.76
N ILE A 194 27.76 5.91 24.72
CA ILE A 194 27.52 4.71 23.97
C ILE A 194 28.44 4.59 22.75
N VAL A 195 28.41 5.63 21.91
CA VAL A 195 29.11 5.59 20.66
C VAL A 195 30.62 5.94 20.80
N SER A 196 30.88 7.00 21.58
CA SER A 196 32.21 7.45 21.81
C SER A 196 32.27 7.96 23.24
N ASN A 197 32.89 7.17 24.09
CA ASN A 197 32.88 7.45 25.52
C ASN A 197 34.07 8.32 25.87
N LYS A 198 33.85 9.59 26.11
CA LYS A 198 34.95 10.53 26.42
C LYS A 198 35.51 10.38 27.86
N ARG A 199 34.76 9.79 28.75
CA ARG A 199 35.22 9.61 30.12
C ARG A 199 36.27 8.48 30.17
N ASN A 200 36.02 7.34 29.54
CA ASN A 200 36.95 6.23 29.68
C ASN A 200 37.24 5.39 28.43
N GLY A 201 36.60 5.68 27.30
CA GLY A 201 36.81 4.94 26.08
C GLY A 201 36.07 3.61 25.97
N ILE A 202 35.24 3.25 26.94
CA ILE A 202 34.52 2.00 26.85
C ILE A 202 33.24 2.25 26.06
N ASP A 203 33.32 2.00 24.76
CA ASP A 203 32.27 2.30 23.83
C ASP A 203 32.08 1.14 22.80
N VAL A 204 30.94 1.20 22.14
CA VAL A 204 30.52 0.17 21.23
C VAL A 204 31.34 0.22 19.93
N ASP A 205 31.99 1.33 19.65
CA ASP A 205 32.91 1.40 18.51
C ASP A 205 34.03 0.38 18.66
N LYS A 206 34.66 0.36 19.82
CA LYS A 206 35.68 -0.63 20.13
C LYS A 206 35.15 -2.03 20.01
N TRP A 207 33.94 -2.27 20.52
CA TRP A 207 33.44 -3.65 20.50
C TRP A 207 33.22 -4.13 19.10
N ASP A 208 32.72 -3.27 18.21
CA ASP A 208 32.59 -3.72 16.85
C ASP A 208 33.96 -3.98 16.22
N TYR A 209 34.92 -3.06 16.33
CA TYR A 209 36.15 -3.24 15.62
C TYR A 209 36.98 -4.39 16.19
N PHE A 210 36.95 -4.64 17.49
CA PHE A 210 37.62 -5.83 18.04
C PHE A 210 37.11 -7.09 17.32
N ALA A 211 35.79 -7.25 17.30
CA ALA A 211 35.21 -8.44 16.76
C ALA A 211 35.39 -8.54 15.24
N ARG A 212 35.20 -7.43 14.54
CA ARG A 212 35.28 -7.47 13.10
C ARG A 212 36.71 -7.56 12.61
N ASP A 213 37.62 -6.78 13.18
CA ASP A 213 39.00 -6.86 12.80
C ASP A 213 39.53 -8.26 13.03
N CYS A 214 39.25 -8.85 14.19
CA CYS A 214 39.73 -10.18 14.47
C CYS A 214 39.24 -11.24 13.46
N HIS A 215 37.96 -11.19 13.14
CA HIS A 215 37.36 -12.11 12.19
C HIS A 215 38.10 -12.05 10.85
N HIS A 216 38.50 -10.86 10.42
CA HIS A 216 39.17 -10.67 9.16
C HIS A 216 40.68 -10.87 9.21
N LEU A 217 41.31 -10.50 10.31
CA LEU A 217 42.72 -10.59 10.44
C LEU A 217 43.19 -12.01 10.59
N GLY A 218 42.37 -12.89 11.18
CA GLY A 218 42.82 -14.22 11.56
C GLY A 218 43.53 -14.25 12.89
N ILE A 219 43.08 -13.38 13.80
CA ILE A 219 43.55 -13.32 15.18
C ILE A 219 42.31 -13.29 15.99
N GLN A 220 42.28 -13.99 17.11
CA GLN A 220 41.00 -14.26 17.73
C GLN A 220 40.70 -13.24 18.86
N ASN A 221 39.41 -12.87 18.87
CA ASN A 221 39.01 -11.88 19.88
C ASN A 221 38.79 -12.48 21.32
N ASN A 222 39.44 -12.08 22.39
CA ASN A 222 38.95 -12.53 23.74
C ASN A 222 38.04 -11.63 24.64
N PHE A 223 37.54 -10.51 24.12
CA PHE A 223 36.63 -9.69 24.86
C PHE A 223 35.17 -10.03 24.51
N ASP A 224 34.35 -10.24 25.51
CA ASP A 224 32.95 -10.54 25.38
C ASP A 224 32.04 -9.33 25.65
N TYR A 225 31.67 -8.63 24.58
CA TYR A 225 30.91 -7.42 24.65
C TYR A 225 29.48 -7.76 25.07
N LYS A 226 28.95 -8.88 24.66
CA LYS A 226 27.60 -9.25 25.02
C LYS A 226 27.45 -9.49 26.48
N ARG A 227 28.48 -10.06 27.08
CA ARG A 227 28.47 -10.17 28.53
C ARG A 227 28.46 -8.81 29.20
N PHE A 228 29.29 -7.88 28.69
CA PHE A 228 29.28 -6.54 29.26
C PHE A 228 27.93 -5.88 29.21
N ILE A 229 27.23 -6.03 28.08
CA ILE A 229 25.90 -5.42 27.92
C ILE A 229 24.94 -6.00 28.92
N LYS A 230 24.95 -7.31 29.14
CA LYS A 230 24.08 -7.88 30.14
C LYS A 230 24.28 -7.31 31.53
N PHE A 231 25.50 -6.98 31.90
CA PHE A 231 25.78 -6.53 33.24
C PHE A 231 25.81 -4.97 33.35
N ALA A 232 25.46 -4.23 32.30
CA ALA A 232 25.59 -2.80 32.35
C ALA A 232 24.31 -2.21 32.98
N ARG A 233 24.47 -1.21 33.84
CA ARG A 233 23.37 -0.45 34.45
C ARG A 233 23.71 1.01 34.45
N VAL A 234 22.69 1.86 34.54
CA VAL A 234 22.91 3.26 34.78
C VAL A 234 22.72 3.55 36.28
N CYS A 235 23.69 4.23 36.86
CA CYS A 235 23.70 4.62 38.27
C CYS A 235 24.15 6.08 38.36
N GLU A 236 23.72 6.71 39.43
CA GLU A 236 24.14 8.08 39.73
C GLU A 236 25.58 8.07 40.28
N VAL A 237 26.46 8.83 39.69
CA VAL A 237 27.90 8.90 40.03
C VAL A 237 28.27 10.41 40.05
N ASP A 238 28.74 10.88 41.20
CA ASP A 238 28.86 12.37 41.47
C ASP A 238 27.74 13.21 40.88
N ASN A 239 26.50 12.82 41.10
CA ASN A 239 25.27 13.55 40.60
C ASN A 239 25.01 13.59 39.08
N GLU A 240 25.66 12.74 38.30
CA GLU A 240 25.32 12.52 36.86
C GLU A 240 24.93 11.02 36.67
N LEU A 241 23.95 10.78 35.80
CA LEU A 241 23.63 9.43 35.45
C LEU A 241 24.60 8.82 34.42
N ARG A 242 25.36 7.78 34.84
CA ARG A 242 26.36 7.12 33.99
C ARG A 242 26.20 5.62 33.86
N ILE A 243 26.77 5.08 32.80
CA ILE A 243 26.82 3.64 32.60
C ILE A 243 27.84 3.05 33.53
N CYS A 244 27.42 2.09 34.34
CA CYS A 244 28.31 1.37 35.28
C CYS A 244 28.28 -0.13 34.97
N ALA A 245 29.34 -0.81 35.37
CA ALA A 245 29.48 -2.23 35.17
C ALA A 245 29.36 -2.96 36.48
N ARG A 246 28.94 -4.24 36.47
CA ARG A 246 29.02 -5.05 37.69
C ARG A 246 30.45 -5.11 38.16
N ASP A 247 30.62 -5.04 39.48
CA ASP A 247 31.91 -5.16 40.11
C ASP A 247 32.81 -6.28 39.57
N LYS A 248 32.26 -7.47 39.42
CA LYS A 248 33.02 -8.64 39.01
C LYS A 248 33.48 -8.57 37.51
N GLU A 249 32.99 -7.68 36.72
CA GLU A 249 33.52 -7.37 35.41
C GLU A 249 34.83 -6.58 35.38
N VAL A 250 35.33 -6.12 36.52
CA VAL A 250 36.53 -5.24 36.49
C VAL A 250 37.74 -5.88 35.77
N GLY A 251 37.98 -7.13 36.05
CA GLY A 251 39.04 -7.91 35.37
C GLY A 251 38.86 -7.96 33.88
N ASN A 252 37.61 -8.13 33.43
CA ASN A 252 37.30 -8.17 32.02
C ASN A 252 37.56 -6.82 31.35
N LEU A 253 37.38 -5.72 32.06
CA LEU A 253 37.69 -4.39 31.52
C LEU A 253 39.15 -4.13 31.38
N TYR A 254 39.93 -4.52 32.36
CA TYR A 254 41.39 -4.49 32.19
C TYR A 254 41.78 -5.34 30.97
N ASP A 255 41.19 -6.52 30.85
CA ASP A 255 41.45 -7.34 29.67
C ASP A 255 41.04 -6.67 28.36
N MET A 256 39.96 -5.94 28.37
CA MET A 256 39.54 -5.20 27.18
C MET A 256 40.64 -4.26 26.66
N PHE A 257 41.25 -3.48 27.58
CA PHE A 257 42.29 -2.55 27.15
C PHE A 257 43.57 -3.29 26.78
N HIS A 258 43.82 -4.39 27.46
CA HIS A 258 44.95 -5.25 27.11
C HIS A 258 44.79 -5.79 25.67
N THR A 259 43.58 -6.23 25.33
CA THR A 259 43.28 -6.66 23.97
C THR A 259 43.47 -5.56 22.97
N ARG A 260 43.01 -4.36 23.29
CA ARG A 260 43.19 -3.25 22.39
C ARG A 260 44.70 -3.05 22.09
N ASN A 261 45.52 -3.05 23.14
CA ASN A 261 46.95 -2.84 23.02
C ASN A 261 47.59 -3.98 22.21
N SER A 262 47.11 -5.19 22.43
CA SER A 262 47.58 -6.34 21.74
C SER A 262 47.23 -6.36 20.24
N LEU A 263 46.04 -5.86 19.89
CA LEU A 263 45.69 -5.68 18.49
C LEU A 263 46.52 -4.59 17.81
N HIS A 264 46.82 -3.50 18.53
CA HIS A 264 47.77 -2.53 17.99
C HIS A 264 49.17 -3.13 17.78
N ARG A 265 49.67 -3.93 18.70
CA ARG A 265 50.99 -4.55 18.54
C ARG A 265 51.06 -5.56 17.41
N ARG A 266 50.07 -6.43 17.31
CA ARG A 266 50.11 -7.46 16.34
C ARG A 266 49.71 -7.01 14.96
N ALA A 267 48.77 -6.09 14.88
CA ALA A 267 48.17 -5.78 13.57
C ALA A 267 48.21 -4.33 13.20
N TYR A 268 47.56 -3.48 13.95
CA TYR A 268 47.40 -2.12 13.51
C TYR A 268 48.73 -1.35 13.38
N GLN A 269 49.68 -1.60 14.27
CA GLN A 269 51.00 -1.03 14.19
C GLN A 269 52.05 -2.02 13.69
N HIS A 270 51.64 -3.04 12.94
CA HIS A 270 52.57 -3.92 12.31
C HIS A 270 53.53 -3.06 11.51
N LYS A 271 54.80 -3.34 11.65
CA LYS A 271 55.85 -2.51 11.09
C LYS A 271 55.77 -2.37 9.57
N VAL A 272 55.31 -3.38 8.87
CA VAL A 272 55.19 -3.28 7.44
C VAL A 272 53.86 -2.65 7.07
N GLY A 273 52.79 -2.94 7.77
CA GLY A 273 51.52 -2.22 7.55
C GLY A 273 51.78 -0.71 7.68
N ASN A 274 52.50 -0.31 8.70
CA ASN A 274 52.81 1.10 8.84
C ASN A 274 53.69 1.68 7.73
N ILE A 275 54.68 0.92 7.22
CA ILE A 275 55.52 1.45 6.19
C ILE A 275 54.75 1.56 4.89
N ILE A 276 53.77 0.69 4.68
CA ILE A 276 52.93 0.85 3.51
C ILE A 276 52.08 2.11 3.62
N ASP A 277 51.48 2.33 4.77
CA ASP A 277 50.76 3.59 5.07
C ASP A 277 51.67 4.83 4.84
N THR A 278 52.92 4.73 5.27
CA THR A 278 53.91 5.80 5.11
C THR A 278 54.22 6.01 3.64
N MET A 279 54.41 4.94 2.87
CA MET A 279 54.68 5.05 1.46
C MET A 279 53.48 5.67 0.72
N ILE A 280 52.28 5.23 1.04
CA ILE A 280 51.11 5.80 0.41
C ILE A 280 51.01 7.30 0.73
N THR A 281 51.26 7.64 1.98
CA THR A 281 51.29 9.04 2.42
C THR A 281 52.29 9.86 1.62
N ASP A 282 53.47 9.32 1.47
CA ASP A 282 54.51 9.92 0.66
C ASP A 282 54.08 10.18 -0.80
N ALA A 283 53.47 9.16 -1.41
CA ALA A 283 52.93 9.30 -2.74
C ALA A 283 51.84 10.36 -2.79
N PHE A 284 50.97 10.42 -1.78
CA PHE A 284 49.96 11.44 -1.76
C PHE A 284 50.57 12.82 -1.63
N LEU A 285 51.59 13.00 -0.77
CA LEU A 285 52.28 14.29 -0.67
C LEU A 285 52.92 14.72 -2.02
N LYS A 286 53.46 13.77 -2.77
CA LYS A 286 54.01 14.06 -4.07
C LYS A 286 52.97 14.29 -5.13
N ALA A 287 51.75 13.81 -4.95
CA ALA A 287 50.71 14.00 -5.93
C ALA A 287 49.83 15.23 -5.66
N ASP A 288 49.93 15.75 -4.45
CA ASP A 288 48.99 16.72 -3.92
C ASP A 288 48.89 17.99 -4.75
N ASP A 289 50.02 18.49 -5.27
CA ASP A 289 49.98 19.70 -6.12
C ASP A 289 49.27 19.48 -7.46
N TYR A 290 49.07 18.24 -7.91
CA TYR A 290 48.64 17.99 -9.27
C TYR A 290 47.27 17.37 -9.41
N ILE A 291 46.70 16.81 -8.36
CA ILE A 291 45.41 16.16 -8.47
C ILE A 291 44.30 17.16 -8.13
N GLU A 292 43.26 17.14 -8.94
CA GLU A 292 42.16 18.06 -8.85
C GLU A 292 40.91 17.28 -8.54
N ILE A 293 40.21 17.68 -7.52
CA ILE A 293 38.96 17.08 -7.16
C ILE A 293 37.92 18.15 -7.14
N THR A 294 36.85 17.92 -7.85
CA THR A 294 35.78 18.93 -7.98
C THR A 294 34.82 18.89 -6.81
N GLY A 295 34.60 20.03 -6.19
CA GLY A 295 33.69 20.23 -5.09
C GLY A 295 32.52 21.11 -5.48
N ALA A 296 31.97 21.81 -4.49
CA ALA A 296 30.74 22.61 -4.62
C ALA A 296 31.03 23.81 -5.50
N GLY A 297 30.05 24.11 -6.36
CA GLY A 297 30.12 25.22 -7.31
C GLY A 297 31.22 25.02 -8.31
N GLY A 298 31.60 23.75 -8.60
CA GLY A 298 32.75 23.46 -9.48
C GLY A 298 34.18 23.84 -9.03
N LYS A 299 34.37 24.41 -7.83
CA LYS A 299 35.71 24.70 -7.27
C LYS A 299 36.58 23.46 -7.20
N LYS A 300 37.89 23.69 -7.33
CA LYS A 300 38.85 22.62 -7.41
C LYS A 300 39.60 22.53 -6.10
N TYR A 301 39.68 21.30 -5.59
CA TYR A 301 40.36 21.03 -4.35
C TYR A 301 41.51 20.07 -4.64
N ARG A 302 42.41 20.03 -3.71
CA ARG A 302 43.48 19.04 -3.70
C ARG A 302 43.11 17.92 -2.69
N ILE A 303 43.91 16.87 -2.70
CA ILE A 303 43.76 15.80 -1.72
C ILE A 303 43.76 16.35 -0.30
N SER A 304 44.68 17.28 -0.01
CA SER A 304 44.81 17.88 1.28
C SER A 304 43.77 18.91 1.59
N THR A 305 43.08 19.45 0.58
CA THR A 305 42.07 20.47 0.85
C THR A 305 40.65 19.98 0.71
N ALA A 306 40.46 18.77 0.15
CA ALA A 306 39.10 18.22 0.05
C ALA A 306 38.39 18.10 1.40
N ILE A 307 39.13 18.05 2.51
CA ILE A 307 38.53 18.12 3.83
C ILE A 307 37.75 19.41 4.14
N ASP A 308 37.90 20.42 3.29
CA ASP A 308 37.23 21.71 3.48
C ASP A 308 35.90 21.80 2.76
N ASP A 309 35.58 20.83 1.92
CA ASP A 309 34.36 20.86 1.14
C ASP A 309 33.83 19.41 0.97
N MET A 310 32.72 19.13 1.60
CA MET A 310 32.19 17.80 1.69
C MET A 310 31.77 17.20 0.36
N GLU A 311 31.43 18.03 -0.58
CA GLU A 311 31.11 17.52 -1.93
C GLU A 311 32.37 16.94 -2.61
N ALA A 312 33.50 17.63 -2.46
CA ALA A 312 34.76 17.09 -2.90
C ALA A 312 35.16 15.83 -2.11
N TYR A 313 35.05 15.91 -0.79
CA TYR A 313 35.50 14.85 0.06
C TYR A 313 34.73 13.55 -0.18
N THR A 314 33.47 13.69 -0.57
CA THR A 314 32.64 12.57 -0.95
C THR A 314 33.27 11.69 -2.00
N LYS A 315 34.06 12.27 -2.88
CA LYS A 315 34.72 11.59 -3.97
C LYS A 315 36.12 11.20 -3.71
N LEU A 316 36.60 11.38 -2.48
CA LEU A 316 37.98 11.07 -2.13
C LEU A 316 37.99 9.76 -1.28
N THR A 317 38.41 8.66 -1.90
CA THR A 317 38.38 7.35 -1.33
C THR A 317 39.68 6.62 -1.69
N ASP A 318 39.77 5.33 -1.36
CA ASP A 318 40.95 4.54 -1.71
C ASP A 318 41.22 4.53 -3.23
N ASN A 319 40.19 4.78 -4.04
CA ASN A 319 40.35 4.96 -5.48
C ASN A 319 41.53 5.87 -5.89
N ILE A 320 41.82 6.88 -5.07
CA ILE A 320 42.88 7.81 -5.40
C ILE A 320 44.22 7.09 -5.58
N PHE A 321 44.44 6.01 -4.85
CA PHE A 321 45.62 5.16 -5.00
C PHE A 321 45.74 4.68 -6.43
N LEU A 322 44.68 4.12 -6.95
CA LEU A 322 44.69 3.59 -8.31
C LEU A 322 44.72 4.70 -9.39
N GLU A 323 44.05 5.82 -9.13
CA GLU A 323 44.14 6.99 -9.99
C GLU A 323 45.63 7.43 -10.14
N ILE A 324 46.37 7.48 -9.04
CA ILE A 324 47.78 7.78 -9.15
C ILE A 324 48.56 6.63 -9.82
N LEU A 325 48.33 5.40 -9.41
CA LEU A 325 49.08 4.29 -9.96
C LEU A 325 48.93 4.13 -11.49
N TYR A 326 47.74 4.38 -12.01
CA TYR A 326 47.46 4.20 -13.41
C TYR A 326 47.68 5.46 -14.22
N SER A 327 48.08 6.58 -13.59
CA SER A 327 48.24 7.80 -14.34
C SER A 327 49.42 7.70 -15.34
N THR A 328 49.41 8.60 -16.32
CA THR A 328 50.55 8.75 -17.27
C THR A 328 51.18 10.13 -17.26
N ASP A 329 50.46 11.10 -16.72
CA ASP A 329 50.99 12.45 -16.52
C ASP A 329 52.41 12.46 -15.94
N PRO A 330 53.37 13.09 -16.63
CA PRO A 330 54.75 13.17 -16.08
C PRO A 330 54.84 13.88 -14.73
N LYS A 331 53.92 14.76 -14.44
CA LYS A 331 53.90 15.42 -13.15
C LYS A 331 53.66 14.48 -11.94
N LEU A 332 52.94 13.39 -12.19
CA LEU A 332 52.68 12.39 -11.17
C LEU A 332 53.71 11.29 -11.13
N LYS A 333 54.78 11.39 -11.93
CA LYS A 333 55.78 10.35 -11.98
C LYS A 333 56.36 9.95 -10.63
N ASP A 334 56.75 10.91 -9.81
CA ASP A 334 57.36 10.56 -8.54
C ASP A 334 56.38 9.84 -7.59
N ALA A 335 55.15 10.31 -7.52
CA ALA A 335 54.11 9.69 -6.71
C ALA A 335 53.82 8.27 -7.21
N ARG A 336 53.66 8.14 -8.53
CA ARG A 336 53.41 6.89 -9.18
C ARG A 336 54.50 5.87 -8.93
N GLU A 337 55.76 6.29 -8.91
CA GLU A 337 56.85 5.35 -8.69
C GLU A 337 56.85 4.80 -7.27
N ILE A 338 56.43 5.60 -6.29
CA ILE A 338 56.30 5.09 -4.94
C ILE A 338 55.23 4.00 -4.87
N LEU A 339 54.10 4.21 -5.53
CA LEU A 339 53.04 3.20 -5.54
C LEU A 339 53.47 1.97 -6.32
N LYS A 340 54.21 2.14 -7.40
CA LYS A 340 54.84 1.00 -8.11
C LYS A 340 55.74 0.19 -7.20
N GLN A 341 56.50 0.85 -6.37
CA GLN A 341 57.35 0.15 -5.45
C GLN A 341 56.50 -0.73 -4.48
N ILE A 342 55.34 -0.26 -4.02
CA ILE A 342 54.45 -1.05 -3.22
C ILE A 342 54.04 -2.32 -3.95
N GLU A 343 53.61 -2.17 -5.18
CA GLU A 343 53.10 -3.34 -5.91
C GLU A 343 54.17 -4.39 -6.25
N TYR A 344 55.42 -3.97 -6.45
CA TYR A 344 56.53 -4.93 -6.69
C TYR A 344 57.15 -5.35 -5.37
N ARG A 345 56.62 -4.88 -4.25
CA ARG A 345 57.16 -5.16 -2.93
C ARG A 345 58.61 -4.70 -2.73
N ASN A 346 58.99 -3.59 -3.34
CA ASN A 346 60.26 -2.93 -3.04
C ASN A 346 59.98 -1.86 -1.99
N LEU A 347 59.71 -2.32 -0.79
CA LEU A 347 59.28 -1.46 0.31
C LEU A 347 60.50 -0.93 1.00
N PHE A 348 60.31 0.24 1.64
CA PHE A 348 61.39 0.74 2.50
C PHE A 348 61.63 -0.39 3.55
N LYS A 349 62.86 -0.63 3.96
CA LYS A 349 63.22 -1.77 4.78
C LYS A 349 63.22 -1.41 6.27
N TYR A 350 62.57 -2.23 7.05
CA TYR A 350 62.59 -2.16 8.46
C TYR A 350 64.00 -2.46 9.01
N VAL A 351 64.51 -1.56 9.84
CA VAL A 351 65.82 -1.70 10.43
C VAL A 351 65.66 -2.15 11.89
N GLY A 352 64.72 -1.55 12.63
CA GLY A 352 64.46 -2.02 13.98
C GLY A 352 63.56 -1.13 14.81
N GLU A 353 63.40 -1.52 16.05
CA GLU A 353 62.49 -0.91 16.99
C GLU A 353 63.26 -0.67 18.30
N THR A 354 62.95 0.44 18.94
CA THR A 354 63.48 0.76 20.26
C THR A 354 62.46 1.60 21.01
N GLN A 355 62.74 1.90 22.28
CA GLN A 355 61.90 2.76 23.12
C GLN A 355 62.74 3.70 23.93
N PRO A 356 62.22 4.88 24.29
CA PRO A 356 62.93 5.70 25.27
C PRO A 356 62.97 5.02 26.63
N THR A 357 63.86 5.48 27.45
CA THR A 357 64.14 4.93 28.80
C THR A 357 63.87 6.09 29.76
N GLY A 358 63.62 5.73 31.01
CA GLY A 358 63.49 6.74 32.04
C GLY A 358 62.26 7.62 31.86
N GLN A 359 62.45 8.91 32.02
CA GLN A 359 61.36 9.86 31.99
C GLN A 359 61.33 10.56 30.62
N ILE A 360 62.18 10.12 29.69
CA ILE A 360 62.29 10.72 28.36
C ILE A 360 61.01 10.46 27.55
N LYS A 361 60.46 11.51 26.95
CA LYS A 361 59.32 11.48 26.06
C LYS A 361 59.75 12.21 24.80
N ILE A 362 59.52 11.63 23.63
CA ILE A 362 59.80 12.29 22.41
C ILE A 362 58.57 13.10 22.01
N LYS A 363 58.76 14.41 21.81
CA LYS A 363 57.67 15.35 21.59
C LYS A 363 57.42 15.43 20.13
N ARG A 364 56.18 15.69 19.74
CA ARG A 364 55.78 15.78 18.34
C ARG A 364 56.66 16.81 17.51
N GLU A 365 57.07 17.94 18.13
CA GLU A 365 57.92 18.97 17.50
C GLU A 365 59.27 18.38 17.04
N ASP A 366 59.74 17.34 17.72
CA ASP A 366 61.02 16.71 17.43
C ASP A 366 60.99 15.58 16.38
N TYR A 367 59.82 15.14 15.95
CA TYR A 367 59.71 14.01 15.02
C TYR A 367 60.49 14.24 13.75
N GLU A 368 60.29 15.40 13.14
CA GLU A 368 60.95 15.75 11.89
C GLU A 368 62.49 15.70 11.98
N SER A 369 63.06 16.00 13.13
CA SER A 369 64.53 16.02 13.27
C SER A 369 65.19 14.63 13.42
N LEU A 370 64.38 13.57 13.66
CA LEU A 370 64.95 12.26 14.02
C LEU A 370 65.68 11.52 12.89
N PRO A 371 65.20 11.58 11.65
CA PRO A 371 66.00 10.99 10.57
C PRO A 371 67.42 11.58 10.50
N LYS A 372 67.53 12.89 10.69
CA LYS A 372 68.84 13.57 10.73
C LYS A 372 69.68 13.03 11.85
N GLU A 373 69.10 12.83 13.03
CA GLU A 373 69.87 12.26 14.14
C GLU A 373 70.40 10.86 13.85
N VAL A 374 69.56 10.02 13.25
CA VAL A 374 70.00 8.65 12.96
C VAL A 374 71.16 8.69 11.96
N ALA A 375 71.06 9.54 10.92
CA ALA A 375 72.12 9.66 9.93
C ALA A 375 73.41 10.28 10.42
N SER A 376 73.31 11.08 11.48
CA SER A 376 74.46 11.72 12.16
C SER A 376 75.11 10.86 13.20
N ALA A 377 74.56 9.69 13.50
CA ALA A 377 75.26 8.82 14.43
C ALA A 377 76.60 8.39 13.82
N LYS A 378 77.58 8.14 14.67
CA LYS A 378 78.96 7.89 14.20
C LYS A 378 79.34 6.51 14.74
N PRO A 379 78.81 5.44 14.12
CA PRO A 379 79.11 4.10 14.54
C PRO A 379 80.57 3.80 14.54
N LYS A 380 81.11 3.28 15.67
CA LYS A 380 82.56 3.16 15.89
C LYS A 380 82.94 1.82 15.28
N VAL A 381 83.06 1.83 13.98
CA VAL A 381 83.31 0.70 13.07
C VAL A 381 83.60 1.51 11.76
N LEU A 382 84.45 0.95 10.91
CA LEU A 382 84.74 1.59 9.65
C LEU A 382 83.59 1.32 8.66
N LEU A 383 83.02 2.35 8.04
CA LEU A 383 81.98 2.17 7.03
C LEU A 383 82.28 2.65 5.62
N ASP A 384 82.01 1.79 4.65
CA ASP A 384 82.10 2.09 3.20
C ASP A 384 80.97 3.04 2.74
N VAL A 385 79.73 2.88 3.27
CA VAL A 385 78.60 3.66 2.85
C VAL A 385 78.24 4.74 3.90
N LYS A 386 78.08 5.97 3.44
CA LYS A 386 77.48 7.05 4.23
C LYS A 386 76.01 7.08 3.85
N LEU A 387 75.08 7.21 4.82
CA LEU A 387 73.65 7.40 4.48
C LEU A 387 73.27 8.80 4.88
N LYS A 388 72.32 9.43 4.20
CA LYS A 388 71.89 10.82 4.42
C LYS A 388 70.56 10.76 5.22
N ALA A 389 70.16 11.87 5.83
CA ALA A 389 68.86 11.95 6.54
C ALA A 389 67.64 11.49 5.69
N GLU A 390 67.62 11.87 4.41
CA GLU A 390 66.60 11.55 3.39
C GLU A 390 66.36 10.03 3.27
N ASP A 391 67.37 9.25 3.64
CA ASP A 391 67.35 7.81 3.54
C ASP A 391 66.63 7.10 4.69
N PHE A 392 66.38 7.76 5.82
CA PHE A 392 65.77 7.15 6.98
C PHE A 392 64.35 7.63 7.18
N ILE A 393 63.49 6.72 7.64
CA ILE A 393 62.21 7.07 8.21
C ILE A 393 62.19 6.64 9.66
N VAL A 394 61.70 7.52 10.52
CA VAL A 394 61.60 7.31 11.92
C VAL A 394 60.14 7.52 12.32
N ASP A 395 59.51 6.45 12.77
CA ASP A 395 58.09 6.47 13.05
C ASP A 395 57.95 6.30 14.56
N VAL A 396 57.39 7.29 15.22
CA VAL A 396 57.18 7.28 16.63
C VAL A 396 55.69 6.96 16.89
N ILE A 397 55.43 5.93 17.67
CA ILE A 397 54.08 5.52 17.94
C ILE A 397 53.77 5.60 19.42
N ASN A 398 52.70 6.35 19.73
CA ASN A 398 52.26 6.50 21.12
C ASN A 398 51.25 5.41 21.45
N MET A 399 51.65 4.42 22.24
CA MET A 399 50.83 3.30 22.64
C MET A 399 50.32 3.60 24.08
N ASP A 400 49.01 3.58 24.25
CA ASP A 400 48.42 3.77 25.55
C ASP A 400 47.07 3.03 25.71
N TYR A 401 46.43 3.22 26.87
CA TYR A 401 45.14 2.67 27.18
C TYR A 401 44.01 3.70 26.90
N GLY A 402 44.28 4.60 25.96
CA GLY A 402 43.32 5.56 25.42
C GLY A 402 43.22 6.88 26.16
N MET A 403 43.95 7.08 27.24
CA MET A 403 43.90 8.31 28.03
C MET A 403 45.28 8.74 28.49
N GLN A 404 46.21 8.75 27.56
CA GLN A 404 47.63 9.14 27.77
C GLN A 404 48.15 8.31 28.93
N GLU A 405 48.63 8.94 30.00
CA GLU A 405 49.20 8.21 31.14
C GLU A 405 48.20 7.60 32.12
N LYS A 406 46.94 7.96 31.98
CA LYS A 406 45.92 7.52 32.92
C LYS A 406 45.40 6.10 32.68
N ASN A 407 45.07 5.47 33.82
CA ASN A 407 44.36 4.20 33.88
C ASN A 407 42.88 4.47 33.65
N PRO A 408 42.35 4.02 32.52
CA PRO A 408 40.94 4.27 32.27
C PRO A 408 39.98 3.61 33.25
N ILE A 409 40.42 2.53 33.89
CA ILE A 409 39.60 1.88 34.87
C ILE A 409 39.39 2.74 36.11
N ASP A 410 40.27 3.71 36.36
CA ASP A 410 40.03 4.71 37.41
C ASP A 410 38.88 5.64 37.06
N HIS A 411 38.43 5.67 35.81
CA HIS A 411 37.30 6.48 35.38
C HIS A 411 36.08 5.66 35.01
N VAL A 412 35.96 4.48 35.58
CA VAL A 412 34.80 3.62 35.43
C VAL A 412 34.19 3.47 36.79
N SER A 413 32.88 3.35 36.82
CA SER A 413 32.14 3.05 38.02
C SER A 413 31.48 1.68 37.92
N PHE A 414 31.32 1.07 39.10
CA PHE A 414 30.80 -0.28 39.27
C PHE A 414 29.66 -0.34 40.23
N TYR A 415 28.89 -1.40 40.20
CA TYR A 415 27.87 -1.65 41.23
C TYR A 415 27.98 -3.09 41.68
N CYS A 416 27.48 -3.35 42.86
CA CYS A 416 27.45 -4.67 43.53
C CYS A 416 26.06 -5.22 43.51
N LYS A 417 26.00 -6.55 43.57
CA LYS A 417 24.74 -7.27 43.44
C LYS A 417 23.76 -6.91 44.61
N THR A 418 24.30 -6.66 45.80
CA THR A 418 23.44 -6.34 46.94
C THR A 418 22.93 -4.88 47.00
N ALA A 419 23.50 -3.97 46.22
CA ALA A 419 23.01 -2.58 46.10
C ALA A 419 23.19 -2.05 44.67
N PRO A 420 22.33 -2.50 43.76
CA PRO A 420 22.57 -2.19 42.35
C PRO A 420 22.42 -0.73 41.90
N ASN A 421 21.86 0.16 42.76
CA ASN A 421 21.83 1.58 42.39
C ASN A 421 22.97 2.39 42.92
N ARG A 422 23.82 1.75 43.72
CA ARG A 422 24.92 2.41 44.34
C ARG A 422 26.29 2.20 43.61
N ALA A 423 26.80 3.28 43.04
CA ALA A 423 28.05 3.25 42.31
C ALA A 423 29.24 3.23 43.24
N ILE A 424 30.27 2.47 42.88
CA ILE A 424 31.52 2.41 43.65
C ILE A 424 32.69 2.46 42.72
N ARG A 425 33.87 2.70 43.30
CA ARG A 425 35.15 2.71 42.58
C ARG A 425 35.88 1.46 42.98
N ILE A 426 36.67 0.96 42.03
CA ILE A 426 37.56 -0.16 42.31
C ILE A 426 38.93 0.23 41.79
N THR A 427 39.92 0.19 42.68
CA THR A 427 41.29 0.62 42.34
C THR A 427 42.04 -0.58 41.82
N LYS A 428 43.15 -0.28 41.22
CA LYS A 428 43.99 -1.33 40.61
C LYS A 428 44.46 -2.39 41.62
N ASN A 429 44.89 -1.95 42.78
CA ASN A 429 45.29 -2.85 43.87
C ASN A 429 44.19 -3.74 44.42
N GLN A 430 42.94 -3.35 44.25
CA GLN A 430 41.84 -4.23 44.58
C GLN A 430 41.63 -5.32 43.55
N VAL A 431 42.35 -5.29 42.42
CA VAL A 431 42.14 -6.30 41.40
C VAL A 431 43.27 -7.28 41.35
N SER A 432 44.49 -6.82 41.11
CA SER A 432 45.62 -7.72 40.85
C SER A 432 46.94 -6.95 40.83
N GLN A 433 47.98 -7.64 41.24
CA GLN A 433 49.34 -7.21 41.15
C GLN A 433 49.98 -7.48 39.82
N LEU A 434 49.31 -8.24 38.95
CA LEU A 434 49.90 -8.59 37.68
C LEU A 434 49.46 -7.65 36.59
N LEU A 435 48.86 -6.52 36.91
CA LEU A 435 48.38 -5.59 35.91
C LEU A 435 49.54 -4.67 35.49
N PRO A 436 49.39 -3.92 34.40
CA PRO A 436 50.44 -2.93 34.08
C PRO A 436 50.78 -1.91 35.16
N GLU A 437 52.01 -1.47 35.21
CA GLU A 437 52.38 -0.38 36.22
C GLU A 437 52.26 0.99 35.54
N LYS A 438 52.34 1.01 34.21
CA LYS A 438 52.19 2.21 33.40
C LYS A 438 51.16 1.93 32.29
N PHE A 439 50.58 3.01 31.77
CA PHE A 439 49.53 2.97 30.78
C PHE A 439 49.83 3.66 29.46
N ALA A 440 51.08 4.19 29.32
CA ALA A 440 51.53 4.84 28.09
C ALA A 440 52.99 4.55 27.87
N GLU A 441 53.38 4.43 26.61
CA GLU A 441 54.74 4.23 26.22
C GLU A 441 54.89 4.64 24.75
N GLN A 442 56.12 4.74 24.30
CA GLN A 442 56.43 5.12 22.94
C GLN A 442 57.27 4.04 22.30
N LEU A 443 56.93 3.70 21.06
CA LEU A 443 57.73 2.85 20.25
C LEU A 443 58.28 3.67 19.12
N ILE A 444 59.52 3.36 18.78
CA ILE A 444 60.22 4.05 17.71
C ILE A 444 60.67 3.00 16.70
N ARG A 445 60.19 3.09 15.47
CA ARG A 445 60.60 2.23 14.41
C ARG A 445 61.42 3.03 13.42
N VAL A 446 62.48 2.42 12.93
CA VAL A 446 63.36 3.03 11.96
C VAL A 446 63.42 2.15 10.74
N TYR A 447 63.35 2.79 9.59
CA TYR A 447 63.41 2.16 8.31
C TYR A 447 64.39 2.91 7.40
N CYS A 448 64.87 2.19 6.40
CA CYS A 448 65.79 2.72 5.43
C CYS A 448 65.20 2.63 4.04
N LYS A 449 65.23 3.72 3.30
CA LYS A 449 64.81 3.77 1.90
C LYS A 449 65.78 3.12 0.93
N LYS A 450 67.02 2.89 1.30
CA LYS A 450 67.96 2.23 0.41
C LYS A 450 68.00 0.77 0.82
N VAL A 451 67.71 -0.09 -0.14
CA VAL A 451 67.37 -1.51 0.12
C VAL A 451 68.49 -2.47 -0.20
N ASP A 452 69.55 -2.05 -0.89
CA ASP A 452 70.68 -2.94 -1.18
C ASP A 452 71.38 -3.44 0.08
N ARG A 453 72.07 -4.58 0.00
CA ARG A 453 72.67 -5.22 1.16
C ARG A 453 73.68 -4.34 1.91
N LYS A 454 74.46 -3.54 1.21
CA LYS A 454 75.45 -2.71 1.88
C LYS A 454 74.81 -1.52 2.64
N SER A 455 73.83 -0.87 2.01
CA SER A 455 73.09 0.19 2.66
C SER A 455 72.36 -0.30 3.92
N LEU A 456 71.85 -1.51 3.86
CA LEU A 456 71.09 -2.07 4.92
C LEU A 456 71.95 -2.45 6.10
N TYR A 457 73.12 -3.02 5.82
CA TYR A 457 74.14 -3.24 6.85
C TYR A 457 74.50 -1.94 7.57
N ALA A 458 74.72 -0.88 6.78
CA ALA A 458 75.08 0.42 7.34
C ALA A 458 73.95 0.99 8.17
N ALA A 459 72.72 0.94 7.64
CA ALA A 459 71.51 1.45 8.37
C ALA A 459 71.38 0.78 9.74
N ARG A 460 71.67 -0.51 9.84
CA ARG A 460 71.66 -1.17 11.13
C ARG A 460 72.70 -0.65 12.11
N GLN A 461 73.87 -0.28 11.60
CA GLN A 461 74.90 0.27 12.47
C GLN A 461 74.53 1.65 12.94
N TYR A 462 74.04 2.52 12.06
CA TYR A 462 73.60 3.83 12.46
C TYR A 462 72.50 3.74 13.50
N PHE A 463 71.56 2.84 13.27
CA PHE A 463 70.40 2.67 14.13
C PHE A 463 70.80 2.25 15.53
N VAL A 464 71.60 1.20 15.63
CA VAL A 464 71.96 0.71 16.95
C VAL A 464 72.84 1.74 17.70
N GLN A 465 73.70 2.43 16.96
CA GLN A 465 74.54 3.46 17.56
C GLN A 465 73.66 4.59 18.07
N TRP A 466 72.68 4.99 17.28
CA TRP A 466 71.72 6.03 17.71
C TRP A 466 71.00 5.65 18.99
N CYS A 467 70.52 4.42 19.07
CA CYS A 467 69.92 3.92 20.29
C CYS A 467 70.87 4.07 21.48
N ALA A 468 72.10 3.61 21.34
CA ALA A 468 73.15 3.76 22.38
C ALA A 468 73.36 5.24 22.75
N ASP A 469 73.51 6.11 21.75
CA ASP A 469 73.72 7.53 21.99
C ASP A 469 72.56 8.17 22.74
N ARG A 470 71.31 7.82 22.44
CA ARG A 470 70.12 8.45 23.06
C ARG A 470 69.72 7.75 24.37
N ASN A 471 70.41 6.69 24.70
CA ASN A 471 70.09 5.90 25.88
C ASN A 471 68.68 5.25 25.79
N PHE A 472 68.36 4.78 24.60
CA PHE A 472 67.16 4.01 24.33
C PHE A 472 67.41 2.54 24.60
N THR A 473 66.35 1.75 24.56
CA THR A 473 66.48 0.32 24.89
C THR A 473 67.23 -0.38 23.76
N LYS A 474 67.91 -1.43 24.12
CA LYS A 474 68.67 -2.18 23.17
C LYS A 474 67.73 -2.90 22.19
N PRO A 475 67.92 -2.71 20.91
CA PRO A 475 67.07 -3.47 19.98
C PRO A 475 67.19 -4.96 20.23
N GLN A 476 66.09 -5.65 20.05
CA GLN A 476 65.99 -7.09 20.38
C GLN A 476 67.04 -7.96 19.69
N ASP A 477 67.30 -7.64 18.43
CA ASP A 477 68.30 -8.31 17.62
C ASP A 477 69.65 -7.57 17.59
N GLY A 478 69.84 -6.63 18.51
CA GLY A 478 71.02 -5.76 18.50
C GLY A 478 72.36 -6.46 18.41
N ASP A 479 72.54 -7.53 19.19
CA ASP A 479 73.80 -8.26 19.20
C ASP A 479 74.09 -8.96 17.86
N VAL A 480 73.02 -9.28 17.12
CA VAL A 480 73.17 -9.92 15.84
C VAL A 480 73.35 -8.93 14.69
N ILE A 481 72.56 -7.88 14.64
CA ILE A 481 72.66 -6.94 13.51
C ILE A 481 73.82 -5.96 13.70
N ALA A 482 74.23 -5.68 14.94
CA ALA A 482 75.37 -4.78 15.15
C ALA A 482 76.28 -5.30 16.28
N PRO A 483 76.92 -6.47 16.05
CA PRO A 483 77.79 -7.10 17.06
C PRO A 483 78.96 -6.23 17.53
N LEU A 484 79.46 -5.35 16.67
CA LEU A 484 80.56 -4.46 17.10
C LEU A 484 80.10 -3.24 17.82
N ILE A 485 78.80 -2.93 17.83
CA ILE A 485 78.29 -1.70 18.45
C ILE A 485 77.80 -1.98 19.86
N THR A 486 77.06 -3.06 20.07
CA THR A 486 76.43 -3.32 21.38
C THR A 486 77.37 -3.50 22.59
N PRO A 487 78.62 -4.01 22.40
CA PRO A 487 79.54 -4.03 23.58
C PRO A 487 79.94 -2.66 24.15
N GLN A 488 79.98 -1.60 23.32
CA GLN A 488 80.30 -0.21 23.75
C GLN A 488 79.38 0.35 24.86
N LYS A 489 78.20 -0.23 25.07
CA LYS A 489 77.20 0.37 25.95
C LYS A 489 77.09 -0.46 27.25
N LYS A 490 77.62 0.14 28.35
CA LYS A 490 77.73 -0.49 29.68
C LYS A 490 76.36 -1.06 30.13
N GLU A 491 75.30 -0.25 30.04
CA GLU A 491 73.93 -0.69 30.51
C GLU A 491 73.26 -1.85 29.70
N TRP A 492 73.88 -2.30 28.59
CA TRP A 492 73.32 -3.38 27.72
C TRP A 492 73.78 -4.83 28.02
N ASN A 493 74.88 -4.98 28.76
CA ASN A 493 75.59 -6.26 28.86
C ASN A 493 75.11 -7.10 30.04
N ASP B 7 65.08 -14.47 -1.88
CA ASP B 7 65.82 -15.70 -1.43
C ASP B 7 64.96 -16.71 -0.62
N THR B 8 64.14 -16.30 0.34
CA THR B 8 63.62 -17.31 1.32
C THR B 8 62.07 -17.32 1.49
N MET B 9 61.56 -18.39 2.14
CA MET B 9 60.10 -18.64 2.25
C MET B 9 59.40 -17.47 3.04
N LYS B 10 58.17 -17.13 2.72
CA LYS B 10 57.40 -16.18 3.54
C LYS B 10 56.22 -16.89 4.13
N VAL B 11 55.83 -16.49 5.31
CA VAL B 11 54.62 -16.95 5.92
C VAL B 11 53.59 -15.84 5.85
N ILE B 12 52.36 -16.21 5.54
CA ILE B 12 51.29 -15.25 5.50
C ILE B 12 50.06 -15.77 6.24
N ASN B 13 49.43 -14.89 7.01
CA ASN B 13 48.30 -15.26 7.84
C ASN B 13 47.02 -14.99 7.11
N ASP B 14 46.32 -16.03 6.77
CA ASP B 14 44.98 -16.00 6.17
C ASP B 14 43.93 -16.42 7.20
N PRO B 15 42.81 -15.70 7.32
CA PRO B 15 41.83 -16.12 8.34
C PRO B 15 41.15 -17.48 8.04
N ILE B 16 41.12 -17.97 6.82
CA ILE B 16 40.51 -19.24 6.59
C ILE B 16 41.50 -20.37 6.85
N HIS B 17 42.70 -20.31 6.27
CA HIS B 17 43.61 -21.44 6.35
C HIS B 17 44.69 -21.28 7.42
N GLY B 18 44.78 -20.15 8.11
CA GLY B 18 45.85 -19.95 9.08
C GLY B 18 47.16 -19.47 8.38
N HIS B 19 48.27 -19.82 8.99
CA HIS B 19 49.59 -19.43 8.54
C HIS B 19 50.04 -20.32 7.42
N ILE B 20 50.10 -19.79 6.22
CA ILE B 20 50.54 -20.53 5.09
C ILE B 20 51.92 -20.12 4.56
N GLU B 21 52.64 -21.10 4.06
CA GLU B 21 54.02 -20.91 3.67
C GLU B 21 54.07 -20.73 2.19
N LEU B 22 54.77 -19.69 1.77
CA LEU B 22 54.96 -19.44 0.36
C LEU B 22 56.43 -19.56 -0.02
N HIS B 23 56.71 -20.51 -0.89
CA HIS B 23 58.02 -20.68 -1.48
C HIS B 23 58.40 -19.35 -2.24
N PRO B 24 59.70 -19.05 -2.29
CA PRO B 24 60.10 -17.77 -2.86
C PRO B 24 59.73 -17.58 -4.35
N LEU B 25 59.58 -18.64 -5.11
CA LEU B 25 59.13 -18.52 -6.46
C LEU B 25 57.66 -18.03 -6.49
N LEU B 26 56.84 -18.49 -5.55
CA LEU B 26 55.47 -18.01 -5.48
C LEU B 26 55.41 -16.56 -5.08
N VAL B 27 56.27 -16.17 -4.16
CA VAL B 27 56.36 -14.79 -3.71
C VAL B 27 56.72 -13.88 -4.91
N ARG B 28 57.68 -14.29 -5.75
CA ARG B 28 58.01 -13.50 -6.97
C ARG B 28 56.84 -13.33 -7.89
N ILE B 29 56.02 -14.37 -8.04
CA ILE B 29 54.82 -14.28 -8.89
C ILE B 29 53.74 -13.35 -8.30
N ILE B 30 53.57 -13.45 -7.01
CA ILE B 30 52.57 -12.64 -6.27
C ILE B 30 52.91 -11.18 -6.30
N ASP B 31 54.20 -10.88 -6.24
CA ASP B 31 54.60 -9.48 -6.15
C ASP B 31 54.84 -8.88 -7.53
N THR B 32 53.78 -8.90 -8.35
CA THR B 32 53.75 -8.33 -9.66
C THR B 32 52.47 -7.53 -9.80
N PRO B 33 52.45 -6.56 -10.71
CA PRO B 33 51.20 -5.87 -10.95
C PRO B 33 50.06 -6.75 -11.41
N GLN B 34 50.39 -7.82 -12.12
CA GLN B 34 49.38 -8.68 -12.68
C GLN B 34 48.69 -9.52 -11.61
N PHE B 35 49.39 -9.88 -10.55
CA PHE B 35 48.80 -10.61 -9.46
C PHE B 35 48.09 -9.68 -8.46
N GLN B 36 48.77 -8.59 -8.09
CA GLN B 36 48.26 -7.66 -7.15
C GLN B 36 46.98 -6.98 -7.58
N ARG B 37 46.77 -6.89 -8.89
CA ARG B 37 45.48 -6.51 -9.48
C ARG B 37 44.30 -7.19 -8.78
N LEU B 38 44.46 -8.44 -8.37
CA LEU B 38 43.35 -9.18 -7.80
C LEU B 38 42.89 -8.65 -6.44
N ARG B 39 43.67 -7.77 -5.83
CA ARG B 39 43.22 -7.05 -4.69
C ARG B 39 42.07 -6.07 -4.95
N TYR B 40 41.80 -5.75 -6.20
CA TYR B 40 40.84 -4.72 -6.55
C TYR B 40 39.69 -5.33 -7.35
N ILE B 41 39.43 -6.61 -7.17
CA ILE B 41 38.31 -7.31 -7.77
C ILE B 41 37.60 -8.13 -6.73
N LYS B 42 36.39 -7.71 -6.36
CA LYS B 42 35.59 -8.42 -5.38
C LYS B 42 35.22 -9.82 -5.84
N GLN B 43 35.41 -10.79 -4.94
CA GLN B 43 35.08 -12.18 -5.25
C GLN B 43 33.63 -12.32 -5.67
N LEU B 44 32.72 -11.71 -4.91
CA LEU B 44 31.29 -11.91 -5.12
C LEU B 44 30.59 -10.77 -5.85
N GLY B 45 31.37 -9.83 -6.36
CA GLY B 45 30.84 -8.69 -7.10
C GLY B 45 29.73 -7.96 -6.44
N GLY B 46 28.57 -7.91 -7.10
CA GLY B 46 27.41 -7.22 -6.58
C GLY B 46 26.90 -7.81 -5.29
N GLY B 47 27.27 -9.03 -4.97
CA GLY B 47 26.93 -9.60 -3.70
C GLY B 47 27.35 -8.81 -2.47
N TYR B 48 28.41 -8.04 -2.55
CA TYR B 48 28.83 -7.14 -1.47
C TYR B 48 27.76 -6.11 -1.16
N TYR B 49 26.94 -5.75 -2.14
CA TYR B 49 25.91 -4.75 -1.98
C TYR B 49 24.65 -5.36 -1.34
N VAL B 50 24.70 -6.65 -0.99
CA VAL B 50 23.66 -7.33 -0.30
C VAL B 50 24.13 -7.94 1.03
N PHE B 51 25.27 -8.59 0.99
CA PHE B 51 25.96 -9.19 2.14
C PHE B 51 27.17 -8.32 2.47
N PRO B 52 27.07 -7.46 3.49
CA PRO B 52 28.17 -6.50 3.69
C PRO B 52 29.44 -7.08 4.22
N GLY B 53 29.40 -8.32 4.71
CA GLY B 53 30.66 -8.95 5.05
C GLY B 53 31.48 -9.44 3.86
N ALA B 54 30.86 -9.50 2.67
CA ALA B 54 31.52 -10.04 1.50
C ALA B 54 32.32 -8.98 0.76
N SER B 55 33.29 -8.46 1.49
CA SER B 55 34.25 -7.47 1.01
C SER B 55 35.48 -8.17 0.41
N HIS B 56 35.57 -9.48 0.51
CA HIS B 56 36.79 -10.16 0.07
C HIS B 56 37.02 -10.10 -1.45
N ASN B 57 38.29 -10.07 -1.80
CA ASN B 57 38.74 -9.94 -3.16
C ASN B 57 39.36 -11.25 -3.67
N ARG B 58 39.58 -11.29 -4.97
CA ARG B 58 40.14 -12.47 -5.63
C ARG B 58 41.53 -12.79 -5.23
N PHE B 59 42.27 -11.77 -4.78
CA PHE B 59 43.64 -11.96 -4.30
C PHE B 59 43.73 -13.03 -3.21
N GLU B 60 42.98 -12.85 -2.16
CA GLU B 60 43.05 -13.79 -1.02
C GLU B 60 42.46 -15.18 -1.36
N HIS B 61 41.46 -15.25 -2.20
CA HIS B 61 40.99 -16.54 -2.72
C HIS B 61 42.10 -17.24 -3.45
N SER B 62 42.85 -16.49 -4.26
CA SER B 62 43.93 -17.08 -5.04
C SER B 62 45.02 -17.64 -4.19
N LEU B 63 45.41 -16.92 -3.12
CA LEU B 63 46.37 -17.48 -2.15
C LEU B 63 45.86 -18.80 -1.58
N GLY B 64 44.59 -18.80 -1.19
CA GLY B 64 44.00 -19.99 -0.62
C GLY B 64 43.98 -21.17 -1.56
N VAL B 65 43.65 -20.95 -2.83
CA VAL B 65 43.62 -22.06 -3.76
C VAL B 65 45.05 -22.57 -4.00
N GLY B 66 46.03 -21.66 -4.05
CA GLY B 66 47.41 -22.09 -4.16
C GLY B 66 47.84 -22.98 -3.01
N TYR B 67 47.47 -22.56 -1.82
CA TYR B 67 47.79 -23.29 -0.62
C TYR B 67 47.13 -24.68 -0.62
N LEU B 68 45.84 -24.74 -0.88
CA LEU B 68 45.15 -26.04 -0.86
C LEU B 68 45.63 -26.97 -1.95
N ALA B 69 45.97 -26.41 -3.09
CA ALA B 69 46.45 -27.22 -4.16
C ALA B 69 47.73 -27.92 -3.70
N GLY B 70 48.61 -27.15 -3.07
CA GLY B 70 49.77 -27.72 -2.45
C GLY B 70 49.50 -28.76 -1.38
N CYS B 71 48.50 -28.55 -0.49
CA CYS B 71 48.16 -29.56 0.52
C CYS B 71 47.75 -30.84 -0.13
N LEU B 72 46.90 -30.78 -1.15
CA LEU B 72 46.38 -32.01 -1.70
C LEU B 72 47.53 -32.82 -2.41
N VAL B 73 48.32 -32.15 -3.21
CA VAL B 73 49.37 -32.84 -3.93
C VAL B 73 50.44 -33.36 -2.96
N HIS B 74 50.82 -32.61 -1.90
CA HIS B 74 51.73 -33.10 -0.86
C HIS B 74 51.15 -34.31 -0.18
N ALA B 75 49.88 -34.26 0.22
CA ALA B 75 49.30 -35.40 0.90
C ALA B 75 49.32 -36.67 0.02
N LEU B 76 49.04 -36.53 -1.27
CA LEU B 76 49.10 -37.67 -2.14
C LEU B 76 50.50 -38.25 -2.25
N GLY B 77 51.49 -37.35 -2.35
CA GLY B 77 52.90 -37.75 -2.44
C GLY B 77 53.43 -38.45 -1.21
N GLU B 78 53.03 -37.99 -0.03
CA GLU B 78 53.41 -38.61 1.22
C GLU B 78 52.85 -39.98 1.39
N LYS B 79 51.57 -40.18 1.09
CA LYS B 79 50.92 -41.49 1.24
C LYS B 79 51.34 -42.50 0.18
N GLN B 80 51.67 -42.02 -1.01
CA GLN B 80 51.93 -42.88 -2.17
C GLN B 80 53.22 -42.42 -2.91
N PRO B 81 54.39 -42.71 -2.32
CA PRO B 81 55.69 -42.38 -2.97
C PRO B 81 55.85 -42.97 -4.36
N GLU B 82 55.18 -44.09 -4.62
CA GLU B 82 55.21 -44.70 -5.95
C GLU B 82 54.66 -43.86 -7.06
N LEU B 83 53.91 -42.81 -6.74
CA LEU B 83 53.38 -41.90 -7.79
C LEU B 83 54.51 -41.02 -8.35
N GLN B 84 55.59 -40.85 -7.60
CA GLN B 84 56.77 -40.06 -8.07
C GLN B 84 56.40 -38.60 -8.24
N ILE B 85 55.62 -38.05 -7.32
CA ILE B 85 55.36 -36.68 -7.24
C ILE B 85 56.65 -35.99 -6.84
N SER B 86 57.15 -35.09 -7.67
CA SER B 86 58.41 -34.36 -7.39
C SER B 86 58.09 -32.99 -6.78
N GLU B 87 59.10 -32.35 -6.23
CA GLU B 87 59.00 -30.98 -5.75
C GLU B 87 58.65 -30.04 -6.87
N ARG B 88 59.14 -30.33 -8.05
CA ARG B 88 58.78 -29.57 -9.20
C ARG B 88 57.25 -29.63 -9.49
N ASP B 89 56.67 -30.82 -9.42
CA ASP B 89 55.23 -30.98 -9.58
C ASP B 89 54.46 -30.19 -8.54
N VAL B 90 54.90 -30.25 -7.31
CA VAL B 90 54.27 -29.54 -6.22
C VAL B 90 54.25 -28.02 -6.52
N LEU B 91 55.39 -27.46 -6.91
CA LEU B 91 55.45 -26.05 -7.22
C LEU B 91 54.57 -25.67 -8.39
N CYS B 92 54.55 -26.50 -9.42
CA CYS B 92 53.70 -26.22 -10.54
C CYS B 92 52.20 -26.21 -10.18
N VAL B 93 51.78 -27.15 -9.35
CA VAL B 93 50.41 -27.22 -8.87
C VAL B 93 50.08 -25.97 -7.98
N GLN B 94 50.99 -25.58 -7.11
CA GLN B 94 50.83 -24.36 -6.33
C GLN B 94 50.67 -23.13 -7.20
N ILE B 95 51.50 -23.03 -8.22
CA ILE B 95 51.49 -21.83 -9.08
C ILE B 95 50.17 -21.79 -9.83
N ALA B 96 49.72 -22.93 -10.32
CA ALA B 96 48.44 -23.01 -11.00
C ALA B 96 47.28 -22.60 -10.09
N GLY B 97 47.29 -23.07 -8.88
CA GLY B 97 46.27 -22.66 -7.91
C GLY B 97 46.30 -21.16 -7.62
N LEU B 98 47.49 -20.65 -7.48
CA LEU B 98 47.70 -19.24 -7.27
C LEU B 98 47.23 -18.37 -8.42
N CYS B 99 47.44 -18.84 -9.65
CA CYS B 99 47.21 -18.02 -10.84
C CYS B 99 45.87 -18.33 -11.55
N HIS B 100 45.09 -19.25 -11.02
CA HIS B 100 43.92 -19.77 -11.70
C HIS B 100 42.86 -18.76 -12.02
N ASP B 101 42.80 -17.71 -11.21
CA ASP B 101 41.75 -16.67 -11.38
C ASP B 101 42.30 -15.32 -11.78
N LEU B 102 43.50 -15.31 -12.32
CA LEU B 102 44.08 -14.04 -12.84
C LEU B 102 43.22 -13.35 -13.90
N GLY B 103 42.41 -14.09 -14.63
CA GLY B 103 41.61 -13.54 -15.70
C GLY B 103 40.27 -12.92 -15.31
N HIS B 104 39.89 -12.96 -14.03
CA HIS B 104 38.65 -12.34 -13.67
C HIS B 104 38.69 -10.86 -13.95
N GLY B 105 37.54 -10.34 -14.32
CA GLY B 105 37.39 -8.92 -14.57
C GLY B 105 36.62 -8.28 -13.45
N PRO B 106 36.34 -6.98 -13.60
CA PRO B 106 35.58 -6.21 -12.61
C PRO B 106 34.33 -6.94 -12.16
N PHE B 107 34.17 -7.05 -10.86
CA PHE B 107 33.03 -7.72 -10.23
C PHE B 107 32.92 -9.19 -10.57
N SER B 108 34.03 -9.80 -10.95
CA SER B 108 34.13 -11.24 -11.10
C SER B 108 33.07 -11.82 -12.07
N ALA B 109 32.13 -12.64 -11.58
CA ALA B 109 31.20 -13.34 -12.45
C ALA B 109 30.36 -12.44 -13.34
N MET B 110 30.11 -11.23 -12.89
CA MET B 110 29.50 -10.23 -13.70
C MET B 110 30.18 -10.01 -15.04
N PHE B 111 31.50 -9.97 -15.05
CA PHE B 111 32.24 -9.55 -16.21
C PHE B 111 32.18 -10.61 -17.32
N ASP B 112 32.45 -11.88 -16.97
CA ASP B 112 32.36 -12.95 -17.96
C ASP B 112 30.96 -13.58 -18.12
N GLY B 113 30.11 -13.43 -17.12
CA GLY B 113 28.73 -13.96 -17.17
C GLY B 113 27.75 -13.00 -17.81
N ARG B 114 27.94 -11.68 -17.68
CA ARG B 114 26.94 -10.71 -18.17
C ARG B 114 27.53 -9.72 -19.16
N PHE B 115 28.59 -9.02 -18.81
CA PHE B 115 29.09 -7.93 -19.63
C PHE B 115 29.69 -8.36 -20.95
N ILE B 116 30.71 -9.22 -20.93
CA ILE B 116 31.32 -9.64 -22.20
C ILE B 116 30.33 -10.33 -23.17
N PRO B 117 29.49 -11.23 -22.70
CA PRO B 117 28.51 -11.79 -23.61
C PRO B 117 27.58 -10.77 -24.28
N LEU B 118 27.22 -9.70 -23.58
CA LEU B 118 26.42 -8.63 -24.18
C LEU B 118 27.23 -7.70 -25.04
N ALA B 119 28.45 -7.37 -24.63
CA ALA B 119 29.24 -6.36 -25.30
C ALA B 119 29.89 -6.93 -26.54
N ARG B 120 30.25 -8.20 -26.51
CA ARG B 120 30.92 -8.92 -27.58
C ARG B 120 30.38 -10.30 -27.83
N PRO B 121 29.15 -10.38 -28.35
CA PRO B 121 28.49 -11.68 -28.51
C PRO B 121 29.16 -12.61 -29.52
N GLU B 122 29.99 -12.09 -30.41
CA GLU B 122 30.76 -12.94 -31.33
C GLU B 122 31.88 -13.79 -30.63
N VAL B 123 32.50 -13.32 -29.53
CA VAL B 123 33.63 -14.07 -28.91
C VAL B 123 33.11 -15.12 -27.96
N LYS B 124 33.89 -16.16 -27.73
CA LYS B 124 33.55 -17.17 -26.70
C LYS B 124 34.72 -16.92 -25.74
N TRP B 125 34.44 -16.19 -24.67
CA TRP B 125 35.43 -15.83 -23.69
C TRP B 125 35.00 -16.26 -22.30
N THR B 126 35.99 -16.71 -21.53
CA THR B 126 35.84 -17.05 -20.12
C THR B 126 37.01 -16.43 -19.34
N HIS B 127 36.78 -16.20 -18.04
CA HIS B 127 37.86 -15.72 -17.20
C HIS B 127 39.05 -16.70 -17.22
N GLU B 128 38.77 -17.99 -17.38
CA GLU B 128 39.86 -18.98 -17.44
C GLU B 128 40.81 -18.73 -18.61
N GLN B 129 40.27 -18.39 -19.78
CA GLN B 129 41.12 -17.98 -20.90
C GLN B 129 41.88 -16.74 -20.53
N GLY B 130 41.21 -15.78 -19.89
CA GLY B 130 41.92 -14.65 -19.39
C GLY B 130 43.06 -15.01 -18.46
N SER B 131 42.86 -16.01 -17.59
CA SER B 131 43.89 -16.35 -16.61
C SER B 131 45.18 -16.85 -17.32
N VAL B 132 44.99 -17.62 -18.35
CA VAL B 132 46.10 -18.16 -19.15
C VAL B 132 46.86 -17.02 -19.85
N MET B 133 46.15 -16.09 -20.46
CA MET B 133 46.78 -14.98 -21.13
C MET B 133 47.46 -14.09 -20.10
N MET B 134 46.79 -13.83 -18.97
CA MET B 134 47.38 -12.98 -17.96
C MET B 134 48.64 -13.63 -17.33
N PHE B 135 48.61 -14.91 -17.13
CA PHE B 135 49.75 -15.64 -16.66
C PHE B 135 51.01 -15.51 -17.59
N GLU B 136 50.79 -15.71 -18.86
CA GLU B 136 51.78 -15.48 -19.90
C GLU B 136 52.37 -14.07 -19.80
N HIS B 137 51.49 -13.07 -19.70
CA HIS B 137 51.94 -11.70 -19.58
C HIS B 137 52.67 -11.44 -18.27
N LEU B 138 52.21 -12.04 -17.17
CA LEU B 138 52.90 -11.94 -15.86
C LEU B 138 54.35 -12.49 -15.96
N ILE B 139 54.47 -13.67 -16.51
CA ILE B 139 55.76 -14.33 -16.66
C ILE B 139 56.70 -13.50 -17.53
N ASN B 140 56.22 -13.10 -18.69
CA ASN B 140 57.08 -12.44 -19.67
C ASN B 140 57.48 -11.03 -19.27
N SER B 141 56.63 -10.31 -18.59
CA SER B 141 56.96 -8.97 -18.25
C SER B 141 57.63 -8.81 -16.89
N ASN B 142 57.82 -9.88 -16.13
CA ASN B 142 58.51 -9.76 -14.84
C ASN B 142 59.73 -10.66 -14.73
N GLY B 143 60.22 -11.19 -15.83
CA GLY B 143 61.44 -12.01 -15.81
C GLY B 143 61.35 -13.27 -14.97
N ILE B 144 60.19 -13.93 -14.97
CA ILE B 144 59.99 -15.06 -14.10
C ILE B 144 60.62 -16.35 -14.65
N LYS B 145 60.79 -16.50 -15.96
CA LYS B 145 61.36 -17.76 -16.49
C LYS B 145 62.72 -18.18 -15.88
N PRO B 146 63.69 -17.25 -15.81
CA PRO B 146 64.97 -17.62 -15.15
C PRO B 146 64.81 -18.00 -13.69
N VAL B 147 63.85 -17.39 -13.00
CA VAL B 147 63.62 -17.70 -11.59
C VAL B 147 63.03 -19.11 -11.48
N MET B 148 62.14 -19.46 -12.39
CA MET B 148 61.64 -20.83 -12.42
C MET B 148 62.78 -21.87 -12.60
N GLU B 149 63.67 -21.58 -13.53
CA GLU B 149 64.85 -22.42 -13.80
C GLU B 149 65.73 -22.54 -12.55
N GLN B 150 65.95 -21.44 -11.87
CA GLN B 150 66.68 -21.47 -10.64
C GLN B 150 66.10 -22.48 -9.63
N TYR B 151 64.78 -22.70 -9.59
CA TYR B 151 64.20 -23.64 -8.65
C TYR B 151 63.85 -24.99 -9.24
N GLY B 152 64.39 -25.33 -10.40
CA GLY B 152 64.23 -26.69 -10.86
C GLY B 152 63.11 -26.89 -11.85
N LEU B 153 62.40 -25.83 -12.22
CA LEU B 153 61.32 -25.96 -13.18
C LEU B 153 61.88 -25.87 -14.58
N ILE B 154 61.15 -26.46 -15.54
CA ILE B 154 61.53 -26.39 -16.92
C ILE B 154 60.44 -25.64 -17.67
N PRO B 155 60.66 -24.36 -17.95
CA PRO B 155 59.58 -23.53 -18.42
C PRO B 155 58.83 -23.95 -19.67
N GLU B 156 59.46 -24.54 -20.70
CA GLU B 156 58.71 -24.97 -21.91
C GLU B 156 57.55 -25.90 -21.42
N GLU B 157 57.92 -26.94 -20.72
CA GLU B 157 56.97 -27.93 -20.22
C GLU B 157 56.05 -27.38 -19.10
N ASP B 158 56.60 -26.68 -18.12
CA ASP B 158 55.88 -26.40 -16.91
C ASP B 158 54.85 -25.24 -17.03
N ILE B 159 55.16 -24.24 -17.84
CA ILE B 159 54.22 -23.17 -18.17
C ILE B 159 53.02 -23.77 -18.86
N CYS B 160 53.25 -24.63 -19.80
CA CYS B 160 52.18 -25.33 -20.46
C CYS B 160 51.32 -26.14 -19.47
N PHE B 161 51.98 -26.91 -18.59
CA PHE B 161 51.27 -27.66 -17.52
C PHE B 161 50.38 -26.76 -16.66
N ILE B 162 50.93 -25.62 -16.23
CA ILE B 162 50.23 -24.68 -15.38
C ILE B 162 48.98 -24.15 -16.10
N LYS B 163 49.13 -23.74 -17.37
CA LYS B 163 48.03 -23.27 -18.13
C LYS B 163 46.93 -24.31 -18.34
N GLU B 164 47.34 -25.53 -18.64
CA GLU B 164 46.41 -26.63 -18.82
C GLU B 164 45.64 -26.98 -17.57
N GLN B 165 46.25 -26.83 -16.41
CA GLN B 165 45.57 -27.04 -15.14
C GLN B 165 44.44 -26.01 -15.00
N ILE B 166 44.66 -24.80 -15.48
CA ILE B 166 43.69 -23.72 -15.29
C ILE B 166 42.53 -23.82 -16.27
N VAL B 167 42.83 -24.01 -17.55
CA VAL B 167 41.86 -23.92 -18.59
C VAL B 167 41.49 -25.23 -19.25
N GLY B 168 42.20 -26.33 -18.98
CA GLY B 168 42.03 -27.57 -19.73
C GLY B 168 42.97 -27.60 -20.93
N PRO B 169 42.75 -28.56 -21.84
CA PRO B 169 43.62 -28.71 -23.06
C PRO B 169 43.61 -27.44 -23.92
N LEU B 170 44.73 -26.99 -24.47
CA LEU B 170 44.88 -25.66 -25.14
C LEU B 170 44.58 -25.42 -26.66
N LEU B 178 42.79 -40.39 -27.44
CA LEU B 178 44.17 -39.87 -27.28
C LEU B 178 44.25 -39.00 -25.97
N TRP B 179 45.48 -38.74 -25.52
CA TRP B 179 45.75 -37.98 -24.27
C TRP B 179 46.02 -36.56 -24.75
N PRO B 180 45.15 -35.61 -24.32
CA PRO B 180 45.20 -34.30 -24.88
C PRO B 180 46.11 -33.30 -24.22
N TYR B 181 46.87 -33.68 -23.22
CA TYR B 181 47.69 -32.74 -22.47
C TYR B 181 49.13 -32.93 -22.85
N LYS B 182 49.88 -31.82 -22.91
CA LYS B 182 51.28 -31.84 -23.14
C LYS B 182 52.16 -31.64 -21.91
N GLY B 183 51.62 -31.03 -20.86
CA GLY B 183 52.46 -30.63 -19.74
C GLY B 183 52.89 -31.77 -18.86
N ARG B 184 52.04 -32.77 -18.73
CA ARG B 184 52.33 -33.95 -17.96
C ARG B 184 51.66 -35.14 -18.63
N PRO B 185 52.25 -36.34 -18.46
CA PRO B 185 51.68 -37.54 -19.12
C PRO B 185 50.54 -38.14 -18.31
N GLU B 186 49.93 -39.21 -18.86
CA GLU B 186 48.81 -39.94 -18.25
C GLU B 186 49.18 -40.57 -16.92
N ASN B 187 50.44 -40.95 -16.71
CA ASN B 187 50.73 -41.53 -15.40
C ASN B 187 50.75 -40.43 -14.30
N LYS B 188 50.56 -39.18 -14.71
CA LYS B 188 50.36 -38.09 -13.75
C LYS B 188 49.03 -37.33 -13.93
N SER B 189 48.01 -38.00 -14.50
CA SER B 189 46.74 -37.37 -14.82
C SER B 189 46.07 -36.80 -13.61
N PHE B 190 46.23 -37.45 -12.47
CA PHE B 190 45.74 -36.95 -11.23
C PHE B 190 46.14 -35.51 -10.90
N LEU B 191 47.27 -35.05 -11.40
CA LEU B 191 47.68 -33.69 -11.19
C LEU B 191 46.73 -32.68 -11.83
N TYR B 192 46.02 -33.06 -12.88
CA TYR B 192 45.04 -32.18 -13.47
C TYR B 192 43.67 -32.14 -12.73
N GLU B 193 43.55 -32.87 -11.66
CA GLU B 193 42.33 -32.97 -10.91
C GLU B 193 42.35 -32.13 -9.62
N ILE B 194 43.35 -31.29 -9.43
CA ILE B 194 43.56 -30.55 -8.21
C ILE B 194 42.95 -29.18 -8.27
N VAL B 195 43.37 -28.38 -9.23
CA VAL B 195 42.94 -27.00 -9.30
C VAL B 195 41.60 -26.79 -9.96
N SER B 196 41.39 -27.47 -11.07
CA SER B 196 40.14 -27.41 -11.81
C SER B 196 39.86 -28.78 -12.39
N ASN B 197 38.96 -29.51 -11.80
CA ASN B 197 38.76 -30.91 -12.11
C ASN B 197 37.70 -31.00 -13.23
N LYS B 198 38.16 -31.29 -14.45
CA LYS B 198 37.25 -31.37 -15.60
C LYS B 198 36.45 -32.68 -15.66
N ARG B 199 36.83 -33.69 -14.95
CA ARG B 199 36.10 -34.95 -14.95
C ARG B 199 34.81 -34.77 -14.08
N ASN B 200 34.92 -34.20 -12.89
CA ASN B 200 33.77 -34.14 -12.02
C ASN B 200 33.55 -32.88 -11.18
N GLY B 201 34.44 -31.90 -11.27
CA GLY B 201 34.34 -30.65 -10.53
C GLY B 201 34.79 -30.71 -9.07
N ILE B 202 35.26 -31.84 -8.59
CA ILE B 202 35.75 -31.92 -7.23
C ILE B 202 37.17 -31.40 -7.14
N ASP B 203 37.33 -30.14 -6.84
CA ASP B 203 38.62 -29.47 -6.87
C ASP B 203 38.77 -28.48 -5.66
N VAL B 204 40.01 -28.08 -5.44
CA VAL B 204 40.39 -27.26 -4.31
C VAL B 204 39.91 -25.83 -4.48
N ASP B 205 39.57 -25.41 -5.70
CA ASP B 205 38.98 -24.11 -5.90
C ASP B 205 37.67 -24.00 -5.17
N LYS B 206 36.81 -24.99 -5.33
CA LYS B 206 35.56 -25.05 -4.61
C LYS B 206 35.79 -25.06 -3.10
N TRP B 207 36.78 -25.81 -2.64
CA TRP B 207 36.97 -25.90 -1.19
C TRP B 207 37.38 -24.58 -0.59
N ASP B 208 38.24 -23.83 -1.29
CA ASP B 208 38.57 -22.51 -0.77
C ASP B 208 37.34 -21.59 -0.79
N TYR B 209 36.61 -21.50 -1.90
CA TYR B 209 35.54 -20.52 -1.95
C TYR B 209 34.39 -20.89 -1.03
N PHE B 210 34.08 -22.18 -0.85
CA PHE B 210 33.08 -22.55 0.17
C PHE B 210 33.43 -21.97 1.52
N ALA B 211 34.65 -22.20 1.95
CA ALA B 211 35.09 -21.80 3.26
C ALA B 211 35.19 -20.30 3.38
N ARG B 212 35.78 -19.67 2.37
CA ARG B 212 36.03 -18.24 2.45
C ARG B 212 34.72 -17.44 2.27
N ASP B 213 33.92 -17.80 1.28
CA ASP B 213 32.66 -17.11 1.09
C ASP B 213 31.80 -17.21 2.33
N CYS B 214 31.68 -18.41 2.92
CA CYS B 214 30.88 -18.56 4.10
C CYS B 214 31.34 -17.70 5.28
N HIS B 215 32.63 -17.69 5.53
CA HIS B 215 33.24 -16.88 6.59
C HIS B 215 32.84 -15.42 6.44
N HIS B 216 32.80 -14.93 5.20
CA HIS B 216 32.50 -13.51 4.97
C HIS B 216 31.01 -13.23 4.83
N LEU B 217 30.24 -14.15 4.26
CA LEU B 217 28.85 -13.95 4.06
C LEU B 217 28.07 -13.99 5.38
N GLY B 218 28.51 -14.78 6.34
CA GLY B 218 27.71 -15.08 7.54
C GLY B 218 26.73 -16.20 7.32
N ILE B 219 27.15 -17.18 6.55
CA ILE B 219 26.44 -18.45 6.35
C ILE B 219 27.44 -19.51 6.58
N GLN B 220 27.05 -20.63 7.14
CA GLN B 220 28.08 -21.54 7.66
C GLN B 220 28.35 -22.68 6.66
N ASN B 221 29.68 -22.97 6.56
CA ASN B 221 30.07 -24.04 5.63
C ASN B 221 29.82 -25.49 6.18
N ASN B 222 29.04 -26.39 5.59
CA ASN B 222 29.12 -27.82 6.10
C ASN B 222 29.99 -28.90 5.39
N PHE B 223 30.81 -28.53 4.43
CA PHE B 223 31.73 -29.45 3.78
C PHE B 223 33.10 -29.44 4.45
N ASP B 224 33.61 -30.63 4.75
CA ASP B 224 34.94 -30.75 5.39
C ASP B 224 35.99 -31.25 4.37
N TYR B 225 36.72 -30.32 3.81
CA TYR B 225 37.69 -30.59 2.78
C TYR B 225 38.89 -31.34 3.36
N LYS B 226 39.24 -31.06 4.60
CA LYS B 226 40.35 -31.76 5.23
C LYS B 226 40.09 -33.21 5.40
N ARG B 227 38.86 -33.55 5.71
CA ARG B 227 38.49 -34.96 5.75
C ARG B 227 38.64 -35.60 4.38
N PHE B 228 38.17 -34.92 3.35
CA PHE B 228 38.32 -35.47 2.01
C PHE B 228 39.81 -35.74 1.66
N ILE B 229 40.69 -34.81 2.01
CA ILE B 229 42.10 -34.98 1.74
C ILE B 229 42.68 -36.18 2.46
N LYS B 230 42.32 -36.39 3.72
CA LYS B 230 42.78 -37.56 4.42
C LYS B 230 42.40 -38.87 3.75
N PHE B 231 41.23 -38.95 3.13
CA PHE B 231 40.77 -40.18 2.56
C PHE B 231 41.04 -40.29 1.04
N ALA B 232 41.77 -39.36 0.45
CA ALA B 232 41.95 -39.37 -0.99
C ALA B 232 43.15 -40.25 -1.31
N ARG B 233 43.02 -41.05 -2.38
CA ARG B 233 44.10 -41.89 -2.90
C ARG B 233 44.11 -41.82 -4.39
N VAL B 234 45.25 -42.14 -4.99
CA VAL B 234 45.29 -42.34 -6.44
C VAL B 234 45.23 -43.83 -6.75
N CYS B 235 44.35 -44.20 -7.67
CA CYS B 235 44.18 -45.56 -8.14
C CYS B 235 44.08 -45.55 -9.68
N GLU B 236 44.39 -46.70 -10.27
CA GLU B 236 44.25 -46.89 -11.70
C GLU B 236 42.78 -47.05 -12.07
N VAL B 237 42.31 -46.22 -13.01
CA VAL B 237 40.92 -46.31 -13.54
C VAL B 237 41.06 -46.21 -15.05
N ASP B 238 40.57 -47.23 -15.78
CA ASP B 238 40.71 -47.34 -17.28
C ASP B 238 42.07 -46.85 -17.80
N ASN B 239 43.18 -47.34 -17.23
CA ASN B 239 44.55 -46.97 -17.70
C ASN B 239 45.06 -45.52 -17.45
N GLU B 240 44.36 -44.75 -16.60
CA GLU B 240 44.89 -43.47 -16.08
C GLU B 240 44.98 -43.55 -14.55
N LEU B 241 46.01 -42.93 -13.99
CA LEU B 241 46.05 -42.73 -12.56
C LEU B 241 45.17 -41.55 -12.12
N ARG B 242 44.08 -41.82 -11.36
CA ARG B 242 43.13 -40.77 -10.91
C ARG B 242 42.91 -40.71 -9.40
N ILE B 243 42.48 -39.56 -8.94
CA ILE B 243 42.15 -39.36 -7.54
C ILE B 243 40.85 -40.08 -7.26
N CYS B 244 40.86 -40.97 -6.27
CA CYS B 244 39.66 -41.64 -5.78
C CYS B 244 39.41 -41.31 -4.31
N ALA B 245 38.17 -41.44 -3.92
CA ALA B 245 37.73 -41.19 -2.54
C ALA B 245 37.38 -42.51 -1.89
N ARG B 246 37.49 -42.60 -0.55
CA ARG B 246 36.95 -43.77 0.14
C ARG B 246 35.48 -43.93 -0.16
N ASP B 247 35.05 -45.17 -0.31
CA ASP B 247 33.65 -45.51 -0.52
C ASP B 247 32.67 -44.80 0.42
N LYS B 248 32.95 -44.81 1.69
CA LYS B 248 32.04 -44.27 2.70
C LYS B 248 31.97 -42.71 2.67
N GLU B 249 32.86 -42.02 1.96
CA GLU B 249 32.75 -40.62 1.69
C GLU B 249 31.69 -40.25 0.61
N VAL B 250 31.04 -41.22 -0.04
CA VAL B 250 30.16 -40.88 -1.15
C VAL B 250 29.01 -39.90 -0.73
N GLY B 251 28.44 -40.11 0.42
CA GLY B 251 27.47 -39.21 1.04
C GLY B 251 27.95 -37.79 1.16
N ASN B 252 29.20 -37.66 1.60
CA ASN B 252 29.84 -36.35 1.77
C ASN B 252 30.02 -35.64 0.42
N LEU B 253 30.25 -36.40 -0.66
CA LEU B 253 30.36 -35.78 -1.98
C LEU B 253 29.06 -35.31 -2.54
N TYR B 254 28.01 -36.08 -2.36
CA TYR B 254 26.67 -35.58 -2.68
C TYR B 254 26.41 -34.30 -1.88
N ASP B 255 26.75 -34.31 -0.61
CA ASP B 255 26.60 -33.11 0.22
C ASP B 255 27.40 -31.93 -0.26
N MET B 256 28.60 -32.19 -0.78
CA MET B 256 29.41 -31.12 -1.37
C MET B 256 28.65 -30.35 -2.46
N PHE B 257 28.05 -31.09 -3.39
CA PHE B 257 27.34 -30.43 -4.50
C PHE B 257 26.05 -29.80 -4.02
N HIS B 258 25.43 -30.40 -3.00
CA HIS B 258 24.26 -29.81 -2.40
C HIS B 258 24.61 -28.46 -1.76
N THR B 259 25.75 -28.39 -1.07
CA THR B 259 26.22 -27.13 -0.53
C THR B 259 26.49 -26.11 -1.61
N ARG B 260 27.12 -26.53 -2.69
CA ARG B 260 27.38 -25.60 -3.78
C ARG B 260 26.05 -24.98 -4.25
N ASN B 261 25.04 -25.81 -4.47
CA ASN B 261 23.75 -25.37 -4.98
C ASN B 261 23.09 -24.43 -3.99
N SER B 262 23.23 -24.76 -2.71
CA SER B 262 22.67 -23.97 -1.66
C SER B 262 23.34 -22.59 -1.51
N LEU B 263 24.64 -22.51 -1.73
CA LEU B 263 25.33 -21.22 -1.76
C LEU B 263 24.93 -20.38 -2.98
N HIS B 264 24.72 -21.02 -4.13
CA HIS B 264 24.13 -20.28 -5.24
C HIS B 264 22.72 -19.76 -4.95
N ARG B 265 21.89 -20.56 -4.32
CA ARG B 265 20.53 -20.10 -3.95
C ARG B 265 20.51 -18.98 -2.91
N ARG B 266 21.29 -19.11 -1.87
CA ARG B 266 21.23 -18.18 -0.79
C ARG B 266 22.01 -16.91 -1.08
N ALA B 267 23.13 -17.01 -1.79
CA ALA B 267 24.00 -15.87 -1.92
C ALA B 267 24.35 -15.49 -3.36
N TYR B 268 24.99 -16.37 -4.08
CA TYR B 268 25.55 -15.95 -5.36
C TYR B 268 24.48 -15.55 -6.39
N GLN B 269 23.33 -16.21 -6.40
CA GLN B 269 22.23 -15.83 -7.25
C GLN B 269 21.13 -15.09 -6.51
N HIS B 270 21.44 -14.44 -5.40
CA HIS B 270 20.48 -13.64 -4.71
C HIS B 270 19.95 -12.64 -5.71
N LYS B 271 18.64 -12.49 -5.73
CA LYS B 271 17.99 -11.69 -6.76
C LYS B 271 18.43 -10.24 -6.81
N VAL B 272 18.79 -9.66 -5.68
CA VAL B 272 19.24 -8.30 -5.66
C VAL B 272 20.72 -8.23 -5.98
N GLY B 273 21.53 -9.19 -5.49
CA GLY B 273 22.92 -9.25 -5.94
C GLY B 273 22.98 -9.30 -7.47
N ASN B 274 22.18 -10.13 -8.06
CA ASN B 274 22.16 -10.21 -9.50
C ASN B 274 21.69 -8.90 -10.22
N ILE B 275 20.72 -8.20 -9.67
CA ILE B 275 20.24 -7.01 -10.30
C ILE B 275 21.25 -5.90 -10.21
N ILE B 276 22.04 -5.90 -9.12
CA ILE B 276 23.10 -4.93 -9.03
C ILE B 276 24.20 -5.22 -10.07
N ASP B 277 24.57 -6.48 -10.22
CA ASP B 277 25.48 -6.91 -11.27
C ASP B 277 24.95 -6.48 -12.69
N THR B 278 23.63 -6.63 -12.89
CA THR B 278 22.99 -6.26 -14.12
C THR B 278 23.07 -4.73 -14.35
N MET B 279 22.81 -3.95 -13.30
CA MET B 279 22.91 -2.51 -13.39
C MET B 279 24.30 -2.03 -13.68
N ILE B 280 25.27 -2.63 -13.00
CA ILE B 280 26.68 -2.25 -13.25
C ILE B 280 27.05 -2.58 -14.70
N THR B 281 26.61 -3.74 -15.17
CA THR B 281 26.81 -4.14 -16.56
C THR B 281 26.22 -3.12 -17.55
N ASP B 282 25.02 -2.72 -17.27
CA ASP B 282 24.34 -1.67 -18.04
C ASP B 282 25.13 -0.35 -18.10
N ALA B 283 25.62 0.09 -16.94
CA ALA B 283 26.45 1.27 -16.88
C ALA B 283 27.74 1.08 -17.69
N PHE B 284 28.36 -0.10 -17.60
CA PHE B 284 29.54 -0.37 -18.37
C PHE B 284 29.24 -0.34 -19.88
N LEU B 285 28.12 -0.93 -20.32
CA LEU B 285 27.73 -0.86 -21.73
C LEU B 285 27.55 0.63 -22.20
N LYS B 286 26.99 1.47 -21.35
CA LYS B 286 26.86 2.86 -21.66
C LYS B 286 28.12 3.66 -21.58
N ALA B 287 29.12 3.18 -20.85
CA ALA B 287 30.39 3.88 -20.76
C ALA B 287 31.42 3.43 -21.78
N ASP B 288 31.15 2.30 -22.41
CA ASP B 288 32.15 1.58 -23.20
C ASP B 288 32.73 2.40 -24.35
N ASP B 289 31.91 3.21 -25.02
CA ASP B 289 32.43 4.07 -26.13
C ASP B 289 33.34 5.18 -25.65
N TYR B 290 33.34 5.53 -24.36
CA TYR B 290 33.99 6.75 -23.91
C TYR B 290 35.20 6.52 -22.98
N ILE B 291 35.36 5.33 -22.45
CA ILE B 291 36.47 5.07 -21.58
C ILE B 291 37.62 4.50 -22.37
N GLU B 292 38.81 4.99 -22.04
CA GLU B 292 40.04 4.64 -22.75
C GLU B 292 40.92 3.96 -21.72
N ILE B 293 41.42 2.80 -22.08
CA ILE B 293 42.39 2.13 -21.25
C ILE B 293 43.60 1.91 -22.12
N THR B 294 44.75 2.35 -21.65
CA THR B 294 45.97 2.23 -22.45
C THR B 294 46.61 0.84 -22.29
N GLY B 295 46.88 0.20 -23.40
CA GLY B 295 47.53 -1.08 -23.46
C GLY B 295 48.91 -0.99 -24.09
N ALA B 296 49.35 -2.08 -24.71
CA ALA B 296 50.70 -2.24 -25.23
C ALA B 296 50.90 -1.31 -26.42
N GLY B 297 52.09 -0.71 -26.47
CA GLY B 297 52.49 0.24 -27.47
C GLY B 297 51.63 1.49 -27.46
N GLY B 298 51.06 1.84 -26.31
CA GLY B 298 50.12 2.97 -26.21
C GLY B 298 48.74 2.87 -26.90
N LYS B 299 48.40 1.74 -27.58
CA LYS B 299 47.05 1.53 -28.14
C LYS B 299 45.93 1.67 -27.10
N LYS B 300 44.77 2.11 -27.57
CA LYS B 300 43.67 2.42 -26.70
C LYS B 300 42.64 1.32 -26.81
N TYR B 301 42.20 0.85 -25.65
CA TYR B 301 41.20 -0.19 -25.57
C TYR B 301 39.99 0.35 -24.83
N ARG B 302 38.90 -0.32 -25.04
CA ARG B 302 37.68 -0.05 -24.29
C ARG B 302 37.53 -1.14 -23.20
N ILE B 303 36.53 -0.95 -22.35
CA ILE B 303 36.20 -1.95 -21.35
C ILE B 303 36.00 -3.31 -21.97
N SER B 304 35.27 -3.35 -23.10
CA SER B 304 34.95 -4.57 -23.79
C SER B 304 36.11 -5.12 -24.59
N THR B 305 37.12 -4.31 -24.89
CA THR B 305 38.24 -4.83 -25.67
C THR B 305 39.50 -5.04 -24.88
N ALA B 306 39.55 -4.56 -23.64
CA ALA B 306 40.73 -4.78 -22.81
C ALA B 306 41.07 -6.25 -22.62
N ILE B 307 40.09 -7.17 -22.78
CA ILE B 307 40.38 -8.58 -22.77
C ILE B 307 41.34 -9.07 -23.88
N ASP B 308 41.59 -8.22 -24.87
CA ASP B 308 42.45 -8.57 -26.00
C ASP B 308 43.91 -8.21 -25.77
N ASP B 309 44.21 -7.43 -24.73
CA ASP B 309 45.54 -6.96 -24.48
C ASP B 309 45.79 -6.91 -22.97
N MET B 310 46.67 -7.78 -22.50
CA MET B 310 46.85 -7.98 -21.08
C MET B 310 47.42 -6.79 -20.37
N GLU B 311 48.15 -5.94 -21.06
CA GLU B 311 48.63 -4.71 -20.44
C GLU B 311 47.48 -3.75 -20.10
N ALA B 312 46.51 -3.65 -21.01
CA ALA B 312 45.30 -2.91 -20.70
C ALA B 312 44.48 -3.61 -19.59
N TYR B 313 44.30 -4.89 -19.72
CA TYR B 313 43.45 -5.64 -18.80
C TYR B 313 43.98 -5.58 -17.36
N THR B 314 45.29 -5.48 -17.23
CA THR B 314 45.95 -5.29 -15.97
C THR B 314 45.37 -4.12 -15.18
N LYS B 315 44.95 -3.08 -15.89
CA LYS B 315 44.42 -1.88 -15.29
C LYS B 315 42.93 -1.82 -15.25
N LEU B 316 42.25 -2.93 -15.55
CA LEU B 316 40.80 -2.99 -15.54
C LEU B 316 40.34 -3.78 -14.31
N THR B 317 39.84 -3.07 -13.29
CA THR B 317 39.43 -3.66 -12.04
C THR B 317 38.15 -2.98 -11.59
N ASP B 318 37.69 -3.27 -10.38
CA ASP B 318 36.47 -2.61 -9.85
C ASP B 318 36.58 -1.10 -9.82
N ASN B 319 37.77 -0.57 -9.79
CA ASN B 319 38.01 0.89 -9.89
C ASN B 319 37.26 1.56 -11.04
N ILE B 320 37.00 0.85 -12.12
CA ILE B 320 36.28 1.44 -13.24
C ILE B 320 34.88 1.95 -12.81
N PHE B 321 34.26 1.26 -11.86
CA PHE B 321 33.00 1.69 -11.27
C PHE B 321 33.13 3.10 -10.72
N LEU B 322 34.14 3.32 -9.89
CA LEU B 322 34.34 4.62 -9.31
C LEU B 322 34.84 5.70 -10.32
N GLU B 323 35.64 5.31 -11.28
CA GLU B 323 36.03 6.19 -12.39
C GLU B 323 34.75 6.70 -13.11
N ILE B 324 33.80 5.83 -13.39
CA ILE B 324 32.55 6.28 -13.96
C ILE B 324 31.74 7.14 -12.95
N LEU B 325 31.61 6.67 -11.72
CA LEU B 325 30.79 7.36 -10.76
C LEU B 325 31.27 8.82 -10.48
N TYR B 326 32.57 9.01 -10.44
CA TYR B 326 33.16 10.29 -10.11
C TYR B 326 33.44 11.12 -11.34
N SER B 327 33.14 10.65 -12.55
CA SER B 327 33.44 11.41 -13.74
C SER B 327 32.55 12.66 -13.81
N THR B 328 33.03 13.61 -14.64
CA THR B 328 32.28 14.82 -15.00
C THR B 328 32.00 14.96 -16.47
N ASP B 329 32.71 14.22 -17.30
CA ASP B 329 32.47 14.17 -18.74
C ASP B 329 30.98 14.00 -19.06
N PRO B 330 30.38 14.92 -19.84
CA PRO B 330 28.96 14.79 -20.22
C PRO B 330 28.62 13.52 -20.95
N LYS B 331 29.58 12.98 -21.67
CA LYS B 331 29.36 11.74 -22.40
C LYS B 331 29.10 10.51 -21.48
N LEU B 332 29.63 10.55 -20.26
CA LEU B 332 29.42 9.52 -19.29
C LEU B 332 28.22 9.74 -18.41
N LYS B 333 27.42 10.75 -18.69
CA LYS B 333 26.24 11.05 -17.89
C LYS B 333 25.29 9.85 -17.79
N ASP B 334 24.97 9.17 -18.87
CA ASP B 334 24.02 8.08 -18.77
C ASP B 334 24.55 6.90 -17.89
N ALA B 335 25.81 6.55 -18.07
CA ALA B 335 26.46 5.50 -17.28
C ALA B 335 26.49 5.91 -15.79
N ARG B 336 26.90 7.13 -15.55
CA ARG B 336 26.97 7.70 -14.23
C ARG B 336 25.65 7.71 -13.50
N GLU B 337 24.57 8.00 -14.21
CA GLU B 337 23.23 8.00 -13.61
C GLU B 337 22.78 6.61 -13.17
N ILE B 338 23.17 5.58 -13.92
CA ILE B 338 22.84 4.20 -13.47
C ILE B 338 23.57 3.89 -12.17
N LEU B 339 24.84 4.27 -12.07
CA LEU B 339 25.59 4.03 -10.85
C LEU B 339 25.06 4.86 -9.69
N LYS B 340 24.63 6.08 -9.95
CA LYS B 340 23.91 6.87 -8.92
C LYS B 340 22.65 6.19 -8.44
N GLN B 341 21.91 5.56 -9.32
CA GLN B 341 20.75 4.82 -8.93
C GLN B 341 21.12 3.66 -7.93
N ILE B 342 22.26 2.99 -8.15
CA ILE B 342 22.74 1.99 -7.22
C ILE B 342 22.97 2.60 -5.84
N GLU B 343 23.65 3.74 -5.80
CA GLU B 343 23.99 4.34 -4.52
C GLU B 343 22.77 4.84 -3.72
N TYR B 344 21.73 5.31 -4.41
CA TYR B 344 20.48 5.74 -3.76
C TYR B 344 19.55 4.58 -3.55
N ARG B 345 19.95 3.35 -3.97
CA ARG B 345 19.14 2.17 -3.89
C ARG B 345 17.81 2.30 -4.67
N ASN B 346 17.82 3.03 -5.81
CA ASN B 346 16.73 3.05 -6.71
C ASN B 346 16.99 1.96 -7.77
N LEU B 347 16.87 0.72 -7.35
CA LEU B 347 17.25 -0.42 -8.13
C LEU B 347 16.10 -0.85 -9.01
N PHE B 348 16.41 -1.51 -10.13
CA PHE B 348 15.33 -2.17 -10.88
C PHE B 348 14.63 -3.12 -9.88
N LYS B 349 13.31 -3.24 -9.99
CA LYS B 349 12.53 -3.96 -8.96
C LYS B 349 12.27 -5.38 -9.36
N TYR B 350 12.52 -6.27 -8.43
CA TYR B 350 12.19 -7.64 -8.51
C TYR B 350 10.68 -7.85 -8.57
N VAL B 351 10.22 -8.58 -9.55
CA VAL B 351 8.81 -8.89 -9.73
C VAL B 351 8.55 -10.32 -9.26
N GLY B 352 9.39 -11.26 -9.64
CA GLY B 352 9.26 -12.62 -9.16
C GLY B 352 10.12 -13.65 -9.84
N GLU B 353 9.92 -14.90 -9.46
CA GLU B 353 10.68 -16.01 -9.89
C GLU B 353 9.73 -17.15 -10.31
N THR B 354 10.13 -17.87 -11.34
CA THR B 354 9.38 -19.02 -11.82
C THR B 354 10.37 -20.01 -12.43
N GLN B 355 9.90 -21.19 -12.78
CA GLN B 355 10.69 -22.20 -13.49
C GLN B 355 9.89 -22.82 -14.62
N PRO B 356 10.54 -23.29 -15.68
CA PRO B 356 9.83 -24.13 -16.63
C PRO B 356 9.38 -25.42 -16.04
N THR B 357 8.44 -26.05 -16.67
CA THR B 357 7.78 -27.30 -16.23
C THR B 357 8.03 -28.30 -17.34
N GLY B 358 7.88 -29.57 -17.03
CA GLY B 358 7.84 -30.62 -18.06
C GLY B 358 9.18 -30.77 -18.74
N GLN B 359 9.17 -30.82 -20.06
CA GLN B 359 10.34 -31.09 -20.84
C GLN B 359 11.02 -29.76 -21.31
N ILE B 360 10.37 -28.65 -20.98
CA ILE B 360 10.73 -27.33 -21.51
C ILE B 360 12.09 -26.88 -20.95
N LYS B 361 12.98 -26.47 -21.84
CA LYS B 361 14.27 -25.93 -21.58
C LYS B 361 14.39 -24.67 -22.38
N ILE B 362 14.72 -23.56 -21.74
CA ILE B 362 14.84 -22.30 -22.42
C ILE B 362 16.25 -22.18 -22.93
N LYS B 363 16.42 -21.97 -24.22
CA LYS B 363 17.72 -22.01 -24.90
C LYS B 363 18.26 -20.61 -24.89
N ARG B 364 19.57 -20.50 -24.88
CA ARG B 364 20.26 -19.19 -24.85
C ARG B 364 19.84 -18.22 -26.00
N GLU B 365 19.57 -18.76 -27.20
CA GLU B 365 19.11 -17.97 -28.38
C GLU B 365 17.80 -17.26 -28.10
N ASP B 366 16.96 -17.82 -27.20
CA ASP B 366 15.68 -17.25 -26.87
C ASP B 366 15.64 -16.24 -25.73
N TYR B 367 16.75 -16.03 -25.03
CA TYR B 367 16.77 -15.13 -23.87
C TYR B 367 16.29 -13.74 -24.21
N GLU B 368 16.83 -13.19 -25.29
CA GLU B 368 16.50 -11.85 -25.74
C GLU B 368 15.01 -11.69 -26.09
N SER B 369 14.31 -12.72 -26.50
CA SER B 369 12.90 -12.60 -26.85
C SER B 369 11.93 -12.56 -25.62
N LEU B 370 12.43 -12.90 -24.41
CA LEU B 370 11.54 -13.11 -23.25
C LEU B 370 10.89 -11.82 -22.67
N PRO B 371 11.63 -10.70 -22.61
CA PRO B 371 10.97 -9.49 -22.19
C PRO B 371 9.74 -9.13 -23.09
N LYS B 372 9.88 -9.34 -24.40
CA LYS B 372 8.79 -9.14 -25.33
C LYS B 372 7.60 -10.05 -24.99
N GLU B 373 7.87 -11.30 -24.67
CA GLU B 373 6.76 -12.20 -24.28
C GLU B 373 6.04 -11.75 -23.02
N VAL B 374 6.80 -11.28 -22.03
CA VAL B 374 6.18 -10.85 -20.78
C VAL B 374 5.26 -9.65 -21.06
N ALA B 375 5.74 -8.70 -21.87
CA ALA B 375 5.00 -7.49 -22.21
C ALA B 375 3.78 -7.74 -23.11
N SER B 376 3.80 -8.85 -23.85
CA SER B 376 2.69 -9.31 -24.68
C SER B 376 1.66 -10.12 -23.96
N ALA B 377 1.89 -10.48 -22.72
CA ALA B 377 0.85 -11.20 -21.99
C ALA B 377 -0.37 -10.24 -21.81
N LYS B 378 -1.55 -10.81 -21.73
CA LYS B 378 -2.79 -10.02 -21.67
C LYS B 378 -3.53 -10.36 -20.40
N PRO B 379 -3.06 -9.90 -19.26
CA PRO B 379 -3.74 -10.15 -18.01
C PRO B 379 -5.16 -9.54 -18.05
N LYS B 380 -6.18 -10.29 -17.66
CA LYS B 380 -7.56 -9.82 -17.63
C LYS B 380 -7.76 -9.07 -16.32
N VAL B 381 -7.22 -7.85 -16.27
CA VAL B 381 -7.16 -7.05 -15.07
C VAL B 381 -7.17 -5.63 -15.57
N LEU B 382 -7.81 -4.73 -14.85
CA LEU B 382 -7.75 -3.31 -15.23
C LEU B 382 -6.41 -2.72 -14.81
N LEU B 383 -5.71 -2.12 -15.75
CA LEU B 383 -4.36 -1.52 -15.52
C LEU B 383 -4.35 -0.09 -16.03
N ASP B 384 -3.90 0.88 -15.21
CA ASP B 384 -3.59 2.24 -15.67
C ASP B 384 -2.40 2.38 -16.60
N VAL B 385 -1.33 1.62 -16.28
CA VAL B 385 -0.07 1.71 -17.06
C VAL B 385 0.07 0.44 -17.91
N LYS B 386 0.36 0.63 -19.19
CA LYS B 386 0.82 -0.44 -20.10
C LYS B 386 2.36 -0.43 -20.03
N LEU B 387 2.99 -1.59 -19.99
CA LEU B 387 4.45 -1.67 -19.97
C LEU B 387 4.94 -2.25 -21.27
N LYS B 388 6.12 -1.84 -21.71
CA LYS B 388 6.69 -2.21 -23.02
C LYS B 388 7.78 -3.28 -22.72
N ALA B 389 8.25 -3.99 -23.75
CA ALA B 389 9.33 -4.95 -23.59
C ALA B 389 10.60 -4.40 -22.88
N GLU B 390 11.00 -3.19 -23.22
CA GLU B 390 12.19 -2.42 -22.73
C GLU B 390 12.11 -2.26 -21.18
N ASP B 391 10.91 -2.37 -20.61
CA ASP B 391 10.70 -2.23 -19.20
C ASP B 391 10.98 -3.49 -18.36
N PHE B 392 11.07 -4.65 -19.00
CA PHE B 392 11.30 -5.88 -18.28
C PHE B 392 12.71 -6.39 -18.49
N ILE B 393 13.24 -6.96 -17.43
CA ILE B 393 14.49 -7.74 -17.48
C ILE B 393 14.07 -9.18 -17.11
N VAL B 394 14.52 -10.12 -17.94
CA VAL B 394 14.30 -11.51 -17.71
C VAL B 394 15.62 -12.22 -17.64
N ASP B 395 15.94 -12.75 -16.45
CA ASP B 395 17.27 -13.26 -16.16
C ASP B 395 17.05 -14.77 -16.00
N VAL B 396 17.69 -15.56 -16.82
CA VAL B 396 17.56 -16.99 -16.81
C VAL B 396 18.85 -17.56 -16.16
N ILE B 397 18.71 -18.33 -15.12
CA ILE B 397 19.85 -18.90 -14.45
C ILE B 397 19.84 -20.41 -14.49
N ASN B 398 20.92 -20.98 -15.02
CA ASN B 398 21.08 -22.44 -15.14
C ASN B 398 21.75 -22.97 -13.88
N MET B 399 21.00 -23.64 -13.02
CA MET B 399 21.46 -24.19 -11.76
C MET B 399 21.68 -25.70 -11.95
N ASP B 400 22.88 -26.15 -11.67
CA ASP B 400 23.22 -27.56 -11.80
C ASP B 400 24.28 -28.04 -10.80
N TYR B 401 24.68 -29.30 -10.93
CA TYR B 401 25.74 -29.89 -10.12
C TYR B 401 27.07 -29.85 -10.87
N GLY B 402 27.23 -28.90 -11.76
CA GLY B 402 28.48 -28.59 -12.46
C GLY B 402 28.71 -29.30 -13.77
N MET B 403 27.81 -30.20 -14.19
CA MET B 403 27.98 -30.96 -15.43
C MET B 403 26.66 -31.09 -16.16
N GLN B 404 25.98 -29.98 -16.33
CA GLN B 404 24.68 -29.87 -17.03
C GLN B 404 23.74 -30.88 -16.40
N GLU B 405 23.18 -31.79 -17.17
CA GLU B 405 22.23 -32.77 -16.64
C GLU B 405 22.83 -33.95 -15.88
N LYS B 406 24.12 -34.12 -15.97
CA LYS B 406 24.80 -35.28 -15.39
C LYS B 406 25.03 -35.15 -13.87
N ASN B 407 24.98 -36.32 -13.24
CA ASN B 407 25.36 -36.58 -11.87
C ASN B 407 26.85 -36.67 -11.81
N PRO B 408 27.51 -35.70 -11.17
CA PRO B 408 28.96 -35.77 -11.13
C PRO B 408 29.50 -36.96 -10.33
N ILE B 409 28.71 -37.48 -9.41
CA ILE B 409 29.14 -38.63 -8.64
C ILE B 409 29.25 -39.89 -9.53
N ASP B 410 28.56 -39.92 -10.68
CA ASP B 410 28.80 -41.00 -11.63
C ASP B 410 30.17 -40.89 -12.30
N HIS B 411 30.89 -39.77 -12.14
CA HIS B 411 32.22 -39.60 -12.68
C HIS B 411 33.29 -39.52 -11.60
N VAL B 412 33.02 -40.12 -10.45
CA VAL B 412 33.99 -40.22 -9.36
C VAL B 412 34.26 -41.70 -9.19
N SER B 413 35.48 -42.02 -8.82
CA SER B 413 35.86 -43.36 -8.46
C SER B 413 36.17 -43.45 -6.95
N PHE B 414 35.87 -44.62 -6.40
CA PHE B 414 36.00 -44.90 -4.99
C PHE B 414 36.86 -46.12 -4.73
N TYR B 415 37.37 -46.24 -3.53
CA TYR B 415 38.05 -47.44 -3.11
C TYR B 415 37.51 -47.89 -1.77
N CYS B 416 37.68 -49.17 -1.49
CA CYS B 416 37.28 -49.84 -0.23
C CYS B 416 38.46 -50.12 0.59
N LYS B 417 38.20 -50.18 1.91
CA LYS B 417 39.27 -50.39 2.88
C LYS B 417 40.02 -51.74 2.65
N THR B 418 39.30 -52.77 2.24
CA THR B 418 39.94 -54.10 2.03
C THR B 418 40.74 -54.26 0.72
N ALA B 419 40.57 -53.35 -0.25
CA ALA B 419 41.42 -53.33 -1.46
C ALA B 419 41.67 -51.90 -1.93
N PRO B 420 42.57 -51.20 -1.24
CA PRO B 420 42.71 -49.76 -1.51
C PRO B 420 43.26 -49.33 -2.87
N ASN B 421 43.82 -50.24 -3.66
CA ASN B 421 44.28 -49.92 -5.01
C ASN B 421 43.27 -50.22 -6.08
N ARG B 422 42.14 -50.77 -5.70
CA ARG B 422 41.11 -51.12 -6.63
C ARG B 422 39.93 -50.07 -6.66
N ALA B 423 39.84 -49.36 -7.78
CA ALA B 423 38.80 -48.41 -8.01
C ALA B 423 37.45 -49.05 -8.33
N ILE B 424 36.37 -48.49 -7.82
CA ILE B 424 35.02 -48.98 -8.09
C ILE B 424 34.08 -47.80 -8.32
N ARG B 425 32.88 -48.11 -8.84
CA ARG B 425 31.84 -47.14 -9.04
C ARG B 425 30.77 -47.38 -8.01
N ILE B 426 30.08 -46.29 -7.65
CA ILE B 426 28.96 -46.32 -6.77
C ILE B 426 27.84 -45.51 -7.41
N THR B 427 26.68 -46.13 -7.64
CA THR B 427 25.56 -45.49 -8.30
C THR B 427 24.69 -44.85 -7.27
N LYS B 428 23.83 -43.97 -7.74
CA LYS B 428 22.97 -43.22 -6.85
C LYS B 428 22.06 -44.08 -5.97
N ASN B 429 21.47 -45.11 -6.57
CA ASN B 429 20.67 -46.09 -5.82
C ASN B 429 21.40 -46.89 -4.75
N GLN B 430 22.70 -47.02 -4.89
CA GLN B 430 23.48 -47.62 -3.82
C GLN B 430 23.69 -46.68 -2.64
N VAL B 431 23.29 -45.42 -2.76
CA VAL B 431 23.53 -44.47 -1.65
C VAL B 431 22.25 -44.17 -0.90
N SER B 432 21.25 -43.65 -1.58
CA SER B 432 20.04 -43.12 -0.91
C SER B 432 18.96 -42.83 -1.93
N GLN B 433 17.75 -42.99 -1.50
CA GLN B 433 16.53 -42.64 -2.21
C GLN B 433 16.16 -41.17 -1.95
N LEU B 434 16.82 -40.50 -1.03
CA LEU B 434 16.49 -39.13 -0.74
C LEU B 434 17.33 -38.13 -1.51
N LEU B 435 18.09 -38.58 -2.50
CA LEU B 435 18.96 -37.70 -3.24
C LEU B 435 18.14 -37.04 -4.37
N PRO B 436 18.65 -35.99 -5.00
CA PRO B 436 17.96 -35.41 -6.14
C PRO B 436 17.62 -36.38 -7.29
N GLU B 437 16.49 -36.15 -7.96
CA GLU B 437 16.13 -37.02 -9.14
C GLU B 437 16.72 -36.40 -10.42
N LYS B 438 16.98 -35.09 -10.40
CA LYS B 438 17.56 -34.36 -11.50
C LYS B 438 18.74 -33.53 -10.94
N PHE B 439 19.63 -33.16 -11.82
CA PHE B 439 20.85 -32.43 -11.53
C PHE B 439 21.00 -31.07 -12.22
N ALA B 440 19.96 -30.64 -12.95
CA ALA B 440 19.94 -29.34 -13.61
C ALA B 440 18.53 -28.81 -13.61
N GLU B 441 18.40 -27.50 -13.53
CA GLU B 441 17.13 -26.82 -13.63
C GLU B 441 17.40 -25.37 -13.99
N GLN B 442 16.34 -24.64 -14.33
CA GLN B 442 16.43 -23.24 -14.70
C GLN B 442 15.55 -22.41 -13.82
N LEU B 443 16.07 -21.28 -13.39
CA LEU B 443 15.31 -20.29 -12.67
C LEU B 443 15.20 -19.09 -13.53
N ILE B 444 14.02 -18.49 -13.49
CA ILE B 444 13.70 -17.34 -14.31
C ILE B 444 13.28 -16.22 -13.34
N ARG B 445 14.05 -15.13 -13.30
CA ARG B 445 13.73 -13.99 -12.51
C ARG B 445 13.31 -12.88 -13.47
N VAL B 446 12.26 -12.16 -13.06
CA VAL B 446 11.78 -11.04 -13.81
C VAL B 446 11.84 -9.83 -12.95
N TYR B 447 12.29 -8.75 -13.55
CA TYR B 447 12.40 -7.46 -12.92
C TYR B 447 11.79 -6.39 -13.85
N CYS B 448 11.43 -5.28 -13.23
CA CYS B 448 10.88 -4.15 -13.91
C CYS B 448 11.80 -2.95 -13.69
N LYS B 449 12.15 -2.29 -14.78
CA LYS B 449 12.92 -1.05 -14.75
C LYS B 449 12.16 0.18 -14.31
N LYS B 450 10.84 0.16 -14.30
CA LYS B 450 10.09 1.29 -13.81
C LYS B 450 9.73 0.97 -12.35
N VAL B 451 10.11 1.88 -11.47
CA VAL B 451 10.14 1.62 -10.03
C VAL B 451 8.98 2.12 -9.20
N ASP B 452 8.17 3.00 -9.76
CA ASP B 452 6.94 3.45 -9.09
C ASP B 452 5.97 2.27 -8.78
N ARG B 453 5.13 2.48 -7.77
CA ARG B 453 4.20 1.49 -7.28
C ARG B 453 3.19 1.04 -8.31
N LYS B 454 2.75 1.90 -9.21
CA LYS B 454 1.75 1.53 -10.19
C LYS B 454 2.37 0.64 -11.30
N SER B 455 3.55 0.96 -11.77
CA SER B 455 4.27 0.13 -12.71
C SER B 455 4.54 -1.28 -12.17
N LEU B 456 4.86 -1.33 -10.88
CA LEU B 456 5.21 -2.54 -10.22
C LEU B 456 3.97 -3.45 -10.06
N TYR B 457 2.83 -2.87 -9.71
CA TYR B 457 1.58 -3.59 -9.69
C TYR B 457 1.27 -4.21 -11.09
N ALA B 458 1.45 -3.41 -12.12
CA ALA B 458 1.20 -3.86 -13.47
C ALA B 458 2.18 -4.99 -13.87
N ALA B 459 3.44 -4.79 -13.59
CA ALA B 459 4.51 -5.81 -13.88
C ALA B 459 4.17 -7.14 -13.25
N ARG B 460 3.64 -7.14 -12.03
CA ARG B 460 3.21 -8.39 -11.42
C ARG B 460 2.09 -9.07 -12.16
N GLN B 461 1.16 -8.30 -12.73
CA GLN B 461 0.06 -8.90 -13.48
C GLN B 461 0.57 -9.50 -14.77
N TYR B 462 1.41 -8.78 -15.52
CA TYR B 462 1.99 -9.35 -16.72
C TYR B 462 2.78 -10.61 -16.43
N PHE B 463 3.55 -10.57 -15.37
CA PHE B 463 4.43 -11.66 -14.99
C PHE B 463 3.66 -12.89 -14.66
N VAL B 464 2.66 -12.78 -13.77
CA VAL B 464 1.93 -13.97 -13.38
C VAL B 464 1.13 -14.51 -14.55
N GLN B 465 0.59 -13.62 -15.38
CA GLN B 465 -0.13 -14.07 -16.58
C GLN B 465 0.81 -14.82 -17.52
N TRP B 466 1.99 -14.29 -17.71
CA TRP B 466 3.02 -14.97 -18.55
C TRP B 466 3.36 -16.35 -18.03
N CYS B 467 3.55 -16.47 -16.70
CA CYS B 467 3.79 -17.78 -16.11
C CYS B 467 2.62 -18.72 -16.43
N ALA B 468 1.38 -18.30 -16.22
CA ALA B 468 0.19 -19.08 -16.59
C ALA B 468 0.18 -19.47 -18.05
N ASP B 469 0.44 -18.51 -18.93
CA ASP B 469 0.45 -18.76 -20.37
C ASP B 469 1.50 -19.77 -20.78
N ARG B 470 2.71 -19.74 -20.19
CA ARG B 470 3.83 -20.63 -20.59
C ARG B 470 3.78 -21.96 -19.82
N ASN B 471 2.83 -22.08 -18.90
CA ASN B 471 2.75 -23.25 -18.04
C ASN B 471 4.03 -23.44 -17.16
N PHE B 472 4.52 -22.32 -16.66
CA PHE B 472 5.60 -22.30 -15.70
C PHE B 472 5.05 -22.50 -14.30
N THR B 473 5.92 -22.67 -13.33
CA THR B 473 5.48 -22.92 -11.97
C THR B 473 4.86 -21.65 -11.41
N LYS B 474 3.91 -21.84 -10.49
CA LYS B 474 3.25 -20.74 -9.91
C LYS B 474 4.22 -19.96 -9.01
N PRO B 475 4.32 -18.64 -9.23
CA PRO B 475 5.18 -17.90 -8.30
C PRO B 475 4.69 -18.08 -6.86
N GLN B 476 5.64 -18.13 -5.94
CA GLN B 476 5.33 -18.46 -4.53
C GLN B 476 4.30 -17.54 -3.89
N ASP B 477 4.39 -16.27 -4.22
CA ASP B 477 3.49 -15.23 -3.77
C ASP B 477 2.37 -14.92 -4.79
N GLY B 478 2.18 -15.80 -5.77
CA GLY B 478 1.20 -15.55 -6.83
C GLY B 478 -0.18 -15.12 -6.43
N ASP B 479 -0.74 -15.81 -5.44
CA ASP B 479 -2.09 -15.52 -4.93
C ASP B 479 -2.20 -14.15 -4.32
N VAL B 480 -1.10 -13.65 -3.79
CA VAL B 480 -1.08 -12.35 -3.14
C VAL B 480 -0.77 -11.24 -4.11
N ILE B 481 0.21 -11.38 -4.99
CA ILE B 481 0.56 -10.28 -5.90
C ILE B 481 -0.39 -10.20 -7.09
N ALA B 482 -1.01 -11.32 -7.48
CA ALA B 482 -1.97 -11.29 -8.59
C ALA B 482 -3.21 -12.13 -8.30
N PRO B 483 -3.99 -11.73 -7.28
CA PRO B 483 -5.22 -12.47 -6.86
C PRO B 483 -6.28 -12.64 -7.96
N LEU B 484 -6.33 -11.74 -8.91
CA LEU B 484 -7.29 -11.86 -10.01
C LEU B 484 -6.79 -12.76 -11.13
N ILE B 485 -5.50 -13.12 -11.15
CA ILE B 485 -4.93 -13.90 -12.24
C ILE B 485 -4.87 -15.36 -11.88
N THR B 486 -4.42 -15.68 -10.66
CA THR B 486 -4.17 -17.10 -10.29
C THR B 486 -5.39 -18.03 -10.27
N PRO B 487 -6.63 -17.55 -10.04
CA PRO B 487 -7.81 -18.45 -10.19
C PRO B 487 -8.03 -19.03 -11.60
N GLN B 488 -7.62 -18.33 -12.68
CA GLN B 488 -7.66 -18.85 -14.07
C GLN B 488 -6.98 -20.22 -14.29
N LYS B 489 -6.08 -20.61 -13.44
CA LYS B 489 -5.20 -21.76 -13.64
C LYS B 489 -5.53 -22.84 -12.66
N LYS B 490 -6.27 -23.88 -13.10
CA LYS B 490 -6.85 -24.95 -12.22
C LYS B 490 -5.71 -25.62 -11.41
N GLU B 491 -4.62 -26.00 -12.12
CA GLU B 491 -3.46 -26.74 -11.54
C GLU B 491 -2.64 -25.94 -10.48
N TRP B 492 -2.99 -24.68 -10.23
CA TRP B 492 -2.44 -23.85 -9.13
C TRP B 492 -3.48 -23.95 -7.94
N ASP C 7 15.37 -15.94 44.39
CA ASP C 7 14.66 -14.61 44.20
C ASP C 7 15.22 -13.63 43.14
N THR C 8 16.45 -13.78 42.59
CA THR C 8 16.81 -12.93 41.43
C THR C 8 17.19 -13.73 40.14
N MET C 9 17.18 -13.06 38.98
CA MET C 9 17.54 -13.73 37.68
C MET C 9 19.01 -14.26 37.71
N LYS C 10 19.33 -15.35 37.07
CA LYS C 10 20.72 -15.77 36.91
C LYS C 10 21.08 -15.69 35.44
N VAL C 11 22.29 -15.35 35.19
CA VAL C 11 22.88 -15.45 33.90
C VAL C 11 23.81 -16.65 33.86
N ILE C 12 23.72 -17.37 32.74
CA ILE C 12 24.58 -18.54 32.52
C ILE C 12 25.22 -18.49 31.16
N ASN C 13 26.53 -18.77 31.10
CA ASN C 13 27.28 -18.71 29.86
C ASN C 13 27.29 -20.10 29.23
N ASP C 14 26.63 -20.20 28.10
CA ASP C 14 26.60 -21.40 27.26
C ASP C 14 27.45 -21.16 26.00
N PRO C 15 28.31 -22.10 25.59
CA PRO C 15 29.07 -21.82 24.37
C PRO C 15 28.27 -21.76 23.09
N ILE C 16 27.10 -22.31 23.01
CA ILE C 16 26.32 -22.22 21.78
C ILE C 16 25.55 -20.89 21.76
N HIS C 17 24.80 -20.60 22.81
CA HIS C 17 23.88 -19.45 22.79
C HIS C 17 24.44 -18.19 23.46
N GLY C 18 25.59 -18.25 24.10
CA GLY C 18 26.10 -17.10 24.85
C GLY C 18 25.50 -16.98 26.23
N HIS C 19 25.40 -15.76 26.71
CA HIS C 19 24.89 -15.46 28.05
C HIS C 19 23.41 -15.47 28.05
N ILE C 20 22.83 -16.46 28.69
CA ILE C 20 21.41 -16.59 28.77
C ILE C 20 20.82 -16.32 30.15
N GLU C 21 19.63 -15.74 30.14
CA GLU C 21 19.03 -15.26 31.39
C GLU C 21 18.03 -16.24 31.83
N LEU C 22 18.10 -16.62 33.08
CA LEU C 22 17.15 -17.56 33.67
C LEU C 22 16.35 -16.90 34.78
N HIS C 23 15.06 -16.80 34.56
CA HIS C 23 14.13 -16.31 35.57
C HIS C 23 14.22 -17.20 36.85
N PRO C 24 14.00 -16.63 38.01
CA PRO C 24 14.18 -17.40 39.24
C PRO C 24 13.27 -18.64 39.37
N LEU C 25 12.10 -18.66 38.73
CA LEU C 25 11.28 -19.84 38.72
C LEU C 25 11.99 -20.96 37.94
N LEU C 26 12.68 -20.63 36.87
CA LEU C 26 13.41 -21.65 36.13
C LEU C 26 14.58 -22.18 36.93
N VAL C 27 15.23 -21.28 37.65
CA VAL C 27 16.35 -21.65 38.51
C VAL C 27 15.86 -22.64 39.56
N ARG C 28 14.71 -22.42 40.18
CA ARG C 28 14.16 -23.36 41.17
C ARG C 28 13.93 -24.73 40.56
N ILE C 29 13.45 -24.79 39.34
CA ILE C 29 13.22 -26.05 38.66
C ILE C 29 14.54 -26.79 38.31
N ILE C 30 15.51 -26.05 37.88
CA ILE C 30 16.84 -26.58 37.51
C ILE C 30 17.57 -27.14 38.69
N ASP C 31 17.42 -26.49 39.81
CA ASP C 31 18.18 -26.90 41.01
C ASP C 31 17.43 -27.95 41.83
N THR C 32 17.14 -29.07 41.17
CA THR C 32 16.48 -30.20 41.77
C THR C 32 17.23 -31.44 41.32
N PRO C 33 17.12 -32.53 42.11
CA PRO C 33 17.73 -33.76 41.67
C PRO C 33 17.22 -34.27 40.34
N GLN C 34 15.96 -34.00 40.04
CA GLN C 34 15.35 -34.52 38.84
C GLN C 34 15.88 -33.84 37.59
N PHE C 35 16.22 -32.56 37.68
CA PHE C 35 16.81 -31.83 36.56
C PHE C 35 18.31 -32.09 36.43
N GLN C 36 19.01 -32.03 37.55
CA GLN C 36 20.43 -32.23 37.58
C GLN C 36 20.87 -33.62 37.12
N ARG C 37 20.00 -34.60 37.26
CA ARG C 37 20.15 -35.91 36.67
C ARG C 37 20.63 -35.85 35.21
N LEU C 38 20.15 -34.86 34.47
CA LEU C 38 20.50 -34.76 33.06
C LEU C 38 21.98 -34.48 32.78
N ARG C 39 22.71 -34.08 33.81
CA ARG C 39 24.12 -33.97 33.71
C ARG C 39 24.85 -35.31 33.51
N TYR C 40 24.18 -36.42 33.75
CA TYR C 40 24.83 -37.72 33.76
C TYR C 40 24.27 -38.64 32.67
N ILE C 41 23.71 -38.02 31.63
CA ILE C 41 23.22 -38.72 30.47
C ILE C 41 23.73 -38.03 29.22
N LYS C 42 24.62 -38.73 28.50
CA LYS C 42 25.18 -38.20 27.27
C LYS C 42 24.10 -37.99 26.21
N GLN C 43 24.14 -36.83 25.57
CA GLN C 43 23.22 -36.51 24.49
C GLN C 43 23.27 -37.57 23.40
N LEU C 44 24.49 -37.94 22.97
CA LEU C 44 24.62 -38.82 21.82
C LEU C 44 24.90 -40.30 22.14
N GLY C 45 24.84 -40.63 23.40
CA GLY C 45 25.13 -41.97 23.87
C GLY C 45 26.43 -42.57 23.38
N GLY C 46 26.31 -43.69 22.66
CA GLY C 46 27.50 -44.37 22.21
C GLY C 46 28.28 -43.56 21.17
N GLY C 47 27.68 -42.50 20.61
CA GLY C 47 28.40 -41.66 19.74
C GLY C 47 29.70 -41.06 20.31
N TYR C 48 29.77 -40.85 21.63
CA TYR C 48 30.98 -40.37 22.26
C TYR C 48 32.15 -41.33 22.04
N TYR C 49 31.88 -42.61 21.85
CA TYR C 49 32.90 -43.61 21.64
C TYR C 49 33.39 -43.65 20.19
N VAL C 50 32.86 -42.76 19.35
CA VAL C 50 33.32 -42.59 17.99
C VAL C 50 33.80 -41.15 17.70
N PHE C 51 33.03 -40.18 18.18
CA PHE C 51 33.34 -38.77 18.12
C PHE C 51 33.74 -38.28 19.50
N PRO C 52 35.05 -38.14 19.75
CA PRO C 52 35.47 -37.85 21.14
C PRO C 52 35.16 -36.48 21.63
N GLY C 53 34.77 -35.56 20.75
CA GLY C 53 34.26 -34.31 21.25
C GLY C 53 32.86 -34.33 21.80
N ALA C 54 32.12 -35.42 21.56
CA ALA C 54 30.70 -35.51 21.91
C ALA C 54 30.49 -36.00 23.30
N SER C 55 31.06 -35.25 24.23
CA SER C 55 30.95 -35.49 25.66
C SER C 55 29.71 -34.79 26.26
N HIS C 56 29.00 -34.04 25.49
CA HIS C 56 27.91 -33.22 26.05
C HIS C 56 26.71 -34.05 26.54
N ASN C 57 26.08 -33.52 27.58
CA ASN C 57 24.97 -34.18 28.26
C ASN C 57 23.65 -33.48 28.02
N ARG C 58 22.58 -34.14 28.37
CA ARG C 58 21.24 -33.63 28.14
C ARG C 58 20.93 -32.39 28.91
N PHE C 59 21.62 -32.19 30.03
CA PHE C 59 21.47 -30.99 30.85
C PHE C 59 21.63 -29.70 30.04
N GLU C 60 22.74 -29.57 29.40
CA GLU C 60 23.03 -28.32 28.65
C GLU C 60 22.16 -28.18 27.39
N HIS C 61 21.78 -29.30 26.73
CA HIS C 61 20.82 -29.26 25.67
C HIS C 61 19.48 -28.69 26.20
N SER C 62 19.08 -29.12 27.39
CA SER C 62 17.83 -28.70 27.97
C SER C 62 17.81 -27.22 28.29
N LEU C 63 18.90 -26.70 28.81
CA LEU C 63 19.01 -25.24 29.02
C LEU C 63 18.85 -24.50 27.69
N GLY C 64 19.53 -25.00 26.66
CA GLY C 64 19.44 -24.40 25.37
C GLY C 64 18.05 -24.39 24.76
N VAL C 65 17.31 -25.48 24.90
CA VAL C 65 15.98 -25.50 24.38
C VAL C 65 15.07 -24.56 25.16
N GLY C 66 15.25 -24.49 26.46
CA GLY C 66 14.52 -23.51 27.27
C GLY C 66 14.76 -22.07 26.80
N TYR C 67 16.02 -21.76 26.53
CA TYR C 67 16.40 -20.47 26.09
C TYR C 67 15.81 -20.15 24.74
N LEU C 68 15.96 -21.05 23.76
CA LEU C 68 15.42 -20.78 22.43
C LEU C 68 13.92 -20.69 22.41
N ALA C 69 13.29 -21.48 23.23
CA ALA C 69 11.85 -21.42 23.31
C ALA C 69 11.42 -20.01 23.73
N GLY C 70 12.10 -19.51 24.74
CA GLY C 70 11.93 -18.14 25.17
C GLY C 70 12.24 -17.09 24.09
N CYS C 71 13.31 -17.25 23.29
CA CYS C 71 13.59 -16.31 22.21
C CYS C 71 12.49 -16.31 21.22
N LEU C 72 11.99 -17.46 20.81
CA LEU C 72 10.98 -17.47 19.76
C LEU C 72 9.67 -16.81 20.26
N VAL C 73 9.21 -17.17 21.44
CA VAL C 73 7.95 -16.60 21.94
C VAL C 73 8.12 -15.09 22.22
N HIS C 74 9.26 -14.62 22.76
CA HIS C 74 9.54 -13.18 22.89
C HIS C 74 9.53 -12.50 21.56
N ALA C 75 10.20 -13.06 20.57
CA ALA C 75 10.25 -12.39 19.26
C ALA C 75 8.83 -12.26 18.66
N LEU C 76 7.98 -13.27 18.81
CA LEU C 76 6.64 -13.21 18.31
C LEU C 76 5.85 -12.09 19.03
N GLY C 77 6.01 -12.01 20.34
CA GLY C 77 5.36 -11.00 21.18
C GLY C 77 5.77 -9.57 20.84
N GLU C 78 7.02 -9.34 20.59
CA GLU C 78 7.56 -8.03 20.22
C GLU C 78 7.01 -7.60 18.84
N LYS C 79 7.03 -8.48 17.85
CA LYS C 79 6.57 -8.13 16.52
C LYS C 79 5.07 -8.02 16.37
N GLN C 80 4.32 -8.76 17.19
CA GLN C 80 2.87 -8.85 17.09
C GLN C 80 2.23 -8.72 18.47
N PRO C 81 2.20 -7.49 19.01
CA PRO C 81 1.55 -7.25 20.34
C PRO C 81 0.07 -7.66 20.36
N GLU C 82 -0.58 -7.67 19.21
CA GLU C 82 -1.96 -8.09 19.11
C GLU C 82 -2.22 -9.51 19.54
N LEU C 83 -1.16 -10.37 19.57
CA LEU C 83 -1.34 -11.75 19.97
C LEU C 83 -1.58 -11.83 21.52
N GLN C 84 -1.17 -10.80 22.27
CA GLN C 84 -1.36 -10.76 23.71
C GLN C 84 -0.66 -11.94 24.44
N ILE C 85 0.61 -12.13 24.01
CA ILE C 85 1.44 -13.09 24.66
C ILE C 85 1.77 -12.46 26.03
N SER C 86 1.47 -13.18 27.11
CA SER C 86 1.73 -12.69 28.46
C SER C 86 3.06 -13.21 28.97
N GLU C 87 3.55 -12.62 30.04
CA GLU C 87 4.74 -13.12 30.75
C GLU C 87 4.51 -14.52 31.25
N ARG C 88 3.32 -14.82 31.64
CA ARG C 88 2.98 -16.15 32.04
C ARG C 88 3.15 -17.18 30.88
N ASP C 89 2.69 -16.84 29.69
CA ASP C 89 2.85 -17.69 28.54
C ASP C 89 4.36 -17.93 28.25
N VAL C 90 5.14 -16.85 28.32
CA VAL C 90 6.56 -16.95 28.07
C VAL C 90 7.20 -17.93 29.06
N LEU C 91 6.92 -17.80 30.35
CA LEU C 91 7.48 -18.68 31.34
C LEU C 91 7.07 -20.10 31.16
N CYS C 92 5.81 -20.34 30.82
CA CYS C 92 5.38 -21.69 30.56
C CYS C 92 6.09 -22.34 29.37
N VAL C 93 6.30 -21.58 28.31
CA VAL C 93 7.03 -22.08 27.15
C VAL C 93 8.51 -22.35 27.51
N GLN C 94 9.14 -21.45 28.29
CA GLN C 94 10.50 -21.70 28.76
C GLN C 94 10.58 -22.97 29.62
N ILE C 95 9.61 -23.19 30.49
CA ILE C 95 9.63 -24.33 31.38
C ILE C 95 9.51 -25.61 30.58
N ALA C 96 8.60 -25.59 29.60
CA ALA C 96 8.45 -26.72 28.73
C ALA C 96 9.73 -27.05 27.96
N GLY C 97 10.38 -26.03 27.44
CA GLY C 97 11.67 -26.22 26.76
C GLY C 97 12.74 -26.80 27.66
N LEU C 98 12.78 -26.27 28.83
CA LEU C 98 13.72 -26.73 29.85
C LEU C 98 13.49 -28.17 30.27
N CYS C 99 12.23 -28.59 30.36
CA CYS C 99 11.89 -29.91 30.91
C CYS C 99 11.55 -30.96 29.86
N HIS C 100 11.64 -30.63 28.59
CA HIS C 100 11.15 -31.46 27.51
C HIS C 100 11.90 -32.80 27.43
N ASP C 101 13.14 -32.87 27.91
CA ASP C 101 13.92 -34.09 27.79
C ASP C 101 14.23 -34.74 29.13
N LEU C 102 13.48 -34.37 30.16
CA LEU C 102 13.67 -35.00 31.46
C LEU C 102 13.54 -36.52 31.48
N GLY C 103 12.80 -37.09 30.55
CA GLY C 103 12.57 -38.51 30.50
C GLY C 103 13.63 -39.39 29.84
N HIS C 104 14.67 -38.80 29.27
CA HIS C 104 15.69 -39.64 28.65
C HIS C 104 16.33 -40.53 29.68
N GLY C 105 16.70 -41.71 29.19
CA GLY C 105 17.40 -42.67 30.02
C GLY C 105 18.85 -42.77 29.65
N PRO C 106 19.56 -43.69 30.28
CA PRO C 106 20.99 -43.91 30.01
C PRO C 106 21.30 -43.99 28.51
N PHE C 107 22.28 -43.20 28.10
CA PHE C 107 22.66 -43.13 26.69
C PHE C 107 21.58 -42.66 25.72
N SER C 108 20.60 -41.93 26.26
CA SER C 108 19.60 -41.24 25.46
C SER C 108 18.89 -42.14 24.46
N ALA C 109 19.04 -41.93 23.16
CA ALA C 109 18.15 -42.64 22.18
C ALA C 109 18.27 -44.16 22.25
N MET C 110 19.41 -44.65 22.69
CA MET C 110 19.59 -46.03 22.94
C MET C 110 18.54 -46.61 23.89
N PHE C 111 18.21 -45.88 24.96
CA PHE C 111 17.36 -46.42 26.00
C PHE C 111 15.91 -46.60 25.52
N ASP C 112 15.32 -45.58 24.88
CA ASP C 112 13.95 -45.70 24.38
C ASP C 112 13.86 -46.28 22.96
N GLY C 113 14.93 -46.21 22.18
CA GLY C 113 14.97 -46.71 20.81
C GLY C 113 15.35 -48.18 20.73
N ARG C 114 16.19 -48.67 21.66
CA ARG C 114 16.69 -50.08 21.57
C ARG C 114 16.34 -50.89 22.82
N PHE C 115 16.72 -50.43 23.98
CA PHE C 115 16.61 -51.23 25.17
C PHE C 115 15.16 -51.50 25.63
N ILE C 116 14.37 -50.45 25.87
CA ILE C 116 13.02 -50.67 26.33
C ILE C 116 12.14 -51.53 25.36
N PRO C 117 12.21 -51.25 24.04
CA PRO C 117 11.50 -52.12 23.14
C PRO C 117 11.84 -53.58 23.20
N LEU C 118 13.11 -53.90 23.43
CA LEU C 118 13.57 -55.27 23.57
C LEU C 118 13.25 -55.85 24.95
N ALA C 119 13.37 -55.05 26.00
CA ALA C 119 13.23 -55.56 27.35
C ALA C 119 11.79 -55.72 27.75
N ARG C 120 10.94 -54.84 27.23
CA ARG C 120 9.50 -54.79 27.55
C ARG C 120 8.67 -54.55 26.33
N PRO C 121 8.60 -55.55 25.43
CA PRO C 121 7.90 -55.38 24.15
C PRO C 121 6.43 -55.13 24.26
N GLU C 122 5.80 -55.46 25.38
CA GLU C 122 4.38 -55.15 25.58
C GLU C 122 4.09 -53.61 25.75
N VAL C 123 5.00 -52.80 26.36
CA VAL C 123 4.69 -51.38 26.63
C VAL C 123 4.96 -50.50 25.42
N LYS C 124 4.31 -49.37 25.35
CA LYS C 124 4.59 -48.38 24.29
C LYS C 124 5.12 -47.24 25.16
N TRP C 125 6.44 -47.10 25.20
CA TRP C 125 7.08 -46.06 25.99
C TRP C 125 7.98 -45.19 25.12
N THR C 126 8.01 -43.90 25.41
CA THR C 126 8.89 -42.93 24.82
C THR C 126 9.49 -42.04 25.93
N HIS C 127 10.68 -41.47 25.66
CA HIS C 127 11.28 -40.57 26.60
C HIS C 127 10.34 -39.38 26.87
N GLU C 128 9.55 -38.97 25.88
CA GLU C 128 8.60 -37.87 26.08
C GLU C 128 7.56 -38.18 27.16
N GLN C 129 7.05 -39.39 27.20
CA GLN C 129 6.19 -39.80 28.32
C GLN C 129 6.96 -39.74 29.62
N GLY C 130 8.20 -40.22 29.59
CA GLY C 130 9.04 -40.09 30.74
C GLY C 130 9.20 -38.62 31.18
N SER C 131 9.32 -37.69 30.23
CA SER C 131 9.54 -36.31 30.59
C SER C 131 8.33 -35.72 31.38
N VAL C 132 7.16 -36.08 30.95
CA VAL C 132 5.91 -35.67 31.61
C VAL C 132 5.82 -36.24 33.03
N MET C 133 6.13 -37.50 33.19
CA MET C 133 6.09 -38.13 34.52
C MET C 133 7.19 -37.54 35.38
N MET C 134 8.37 -37.35 34.83
CA MET C 134 9.47 -36.79 35.61
C MET C 134 9.20 -35.33 36.03
N PHE C 135 8.60 -34.58 35.14
CA PHE C 135 8.18 -33.23 35.46
C PHE C 135 7.19 -33.16 36.66
N GLU C 136 6.17 -33.99 36.61
CA GLU C 136 5.21 -34.17 37.69
C GLU C 136 5.94 -34.49 39.01
N HIS C 137 6.87 -35.45 38.97
CA HIS C 137 7.61 -35.80 40.16
C HIS C 137 8.54 -34.67 40.63
N LEU C 138 9.16 -33.93 39.69
CA LEU C 138 9.97 -32.77 40.03
C LEU C 138 9.13 -31.68 40.77
N ILE C 139 7.99 -31.35 40.20
CA ILE C 139 7.09 -30.35 40.77
C ILE C 139 6.64 -30.76 42.16
N ASN C 140 6.15 -31.97 42.28
CA ASN C 140 5.53 -32.42 43.54
C ASN C 140 6.52 -32.64 44.66
N SER C 141 7.71 -33.08 44.35
CA SER C 141 8.64 -33.33 45.41
C SER C 141 9.56 -32.15 45.73
N ASN C 142 9.44 -31.02 45.04
CA ASN C 142 10.28 -29.86 45.37
C ASN C 142 9.44 -28.61 45.69
N GLY C 143 8.15 -28.76 45.93
CA GLY C 143 7.29 -27.66 46.32
C GLY C 143 7.20 -26.53 45.29
N ILE C 144 7.17 -26.87 44.00
CA ILE C 144 7.26 -25.87 42.96
C ILE C 144 5.91 -25.14 42.73
N LYS C 145 4.77 -25.76 43.00
CA LYS C 145 3.48 -25.08 42.73
C LYS C 145 3.29 -23.72 43.40
N PRO C 146 3.60 -23.58 44.69
CA PRO C 146 3.55 -22.22 45.30
C PRO C 146 4.48 -21.23 44.67
N VAL C 147 5.63 -21.69 44.20
CA VAL C 147 6.59 -20.78 43.55
C VAL C 147 6.02 -20.33 42.21
N MET C 148 5.38 -21.23 41.49
CA MET C 148 4.70 -20.85 40.26
C MET C 148 3.65 -19.76 40.51
N GLU C 149 2.85 -19.95 41.55
CA GLU C 149 1.80 -18.97 41.94
C GLU C 149 2.43 -17.62 42.27
N GLN C 150 3.52 -17.64 43.03
CA GLN C 150 4.21 -16.42 43.33
C GLN C 150 4.55 -15.61 42.07
N TYR C 151 4.85 -16.25 40.93
CA TYR C 151 5.21 -15.50 39.72
C TYR C 151 4.10 -15.40 38.71
N GLY C 152 2.87 -15.63 39.09
CA GLY C 152 1.76 -15.31 38.18
C GLY C 152 1.25 -16.48 37.40
N LEU C 153 1.81 -17.68 37.62
CA LEU C 153 1.31 -18.86 36.92
C LEU C 153 0.13 -19.45 37.67
N ILE C 154 -0.71 -20.18 36.98
CA ILE C 154 -1.84 -20.87 37.57
C ILE C 154 -1.63 -22.37 37.41
N PRO C 155 -1.15 -23.05 38.43
CA PRO C 155 -0.73 -24.42 38.25
C PRO C 155 -1.74 -25.43 37.68
N GLU C 156 -3.02 -25.35 37.98
CA GLU C 156 -4.02 -26.29 37.42
C GLU C 156 -3.88 -26.22 35.86
N GLU C 157 -4.04 -25.00 35.34
CA GLU C 157 -3.95 -24.75 33.91
C GLU C 157 -2.55 -24.95 33.31
N ASP C 158 -1.53 -24.41 33.98
CA ASP C 158 -0.23 -24.27 33.35
C ASP C 158 0.59 -25.57 33.34
N ILE C 159 0.46 -26.42 34.35
CA ILE C 159 1.07 -27.72 34.37
C ILE C 159 0.56 -28.55 33.19
N CYS C 160 -0.75 -28.52 33.02
CA CYS C 160 -1.34 -29.18 31.90
C CYS C 160 -0.76 -28.63 30.54
N PHE C 161 -0.73 -27.30 30.42
CA PHE C 161 -0.13 -26.67 29.22
C PHE C 161 1.32 -27.13 28.94
N ILE C 162 2.13 -27.13 29.98
CA ILE C 162 3.52 -27.52 29.90
C ILE C 162 3.66 -28.98 29.42
N LYS C 163 2.90 -29.86 29.99
CA LYS C 163 2.92 -31.25 29.60
C LYS C 163 2.46 -31.47 28.18
N GLU C 164 1.40 -30.78 27.77
CA GLU C 164 0.92 -30.87 26.40
C GLU C 164 1.96 -30.38 25.38
N GLN C 165 2.74 -29.37 25.74
CA GLN C 165 3.79 -28.89 24.86
C GLN C 165 4.85 -29.99 24.66
N ILE C 166 5.09 -30.78 25.70
CA ILE C 166 6.15 -31.79 25.68
C ILE C 166 5.73 -33.04 24.91
N VAL C 167 4.54 -33.55 25.21
CA VAL C 167 4.12 -34.84 24.73
C VAL C 167 2.97 -34.79 23.73
N GLY C 168 2.34 -33.65 23.50
CA GLY C 168 1.15 -33.57 22.69
C GLY C 168 -0.12 -33.70 23.50
N PRO C 169 -1.28 -33.70 22.82
CA PRO C 169 -2.59 -33.73 23.50
C PRO C 169 -2.76 -34.95 24.41
N LEU C 178 -12.27 -31.48 16.61
CA LEU C 178 -12.27 -30.21 17.33
C LEU C 178 -10.94 -29.88 18.03
N TRP C 179 -10.87 -29.05 19.07
CA TRP C 179 -9.60 -28.54 19.63
C TRP C 179 -9.21 -29.46 20.76
N PRO C 180 -8.09 -30.17 20.63
CA PRO C 180 -7.76 -31.21 21.59
C PRO C 180 -6.96 -30.77 22.79
N TYR C 181 -6.64 -29.51 22.98
CA TYR C 181 -5.77 -29.10 24.07
C TYR C 181 -6.59 -28.43 25.13
N LYS C 182 -6.21 -28.60 26.37
CA LYS C 182 -6.84 -27.96 27.50
C LYS C 182 -6.06 -26.84 28.11
N GLY C 183 -4.75 -26.78 27.92
CA GLY C 183 -3.91 -25.82 28.66
C GLY C 183 -4.05 -24.41 28.14
N ARG C 184 -4.33 -24.27 26.85
CA ARG C 184 -4.52 -22.97 26.23
C ARG C 184 -5.54 -23.14 25.13
N PRO C 185 -6.27 -22.05 24.81
CA PRO C 185 -7.25 -22.10 23.72
C PRO C 185 -6.61 -21.91 22.35
N GLU C 186 -7.46 -22.01 21.31
CA GLU C 186 -7.06 -21.90 19.92
C GLU C 186 -6.37 -20.65 19.51
N ASN C 187 -6.74 -19.55 20.14
CA ASN C 187 -6.12 -18.28 19.82
C ASN C 187 -4.66 -18.24 20.31
N LYS C 188 -4.21 -19.28 21.01
CA LYS C 188 -2.82 -19.44 21.36
C LYS C 188 -2.16 -20.73 20.87
N SER C 189 -2.69 -21.28 19.79
CA SER C 189 -2.22 -22.57 19.25
C SER C 189 -0.77 -22.53 18.85
N PHE C 190 -0.32 -21.37 18.36
CA PHE C 190 1.05 -21.16 18.04
C PHE C 190 2.03 -21.47 19.16
N LEU C 191 1.59 -21.34 20.42
CA LEU C 191 2.45 -21.68 21.50
C LEU C 191 2.79 -23.14 21.56
N TYR C 192 1.96 -24.01 20.99
CA TYR C 192 2.28 -25.43 20.95
C TYR C 192 3.27 -25.85 19.85
N GLU C 193 3.71 -24.89 19.06
CA GLU C 193 4.60 -25.14 17.94
C GLU C 193 6.06 -24.77 18.23
N ILE C 194 6.41 -24.47 19.48
CA ILE C 194 7.72 -23.95 19.80
C ILE C 194 8.68 -25.06 20.21
N VAL C 195 8.32 -25.82 21.21
CA VAL C 195 9.16 -26.80 21.80
C VAL C 195 9.18 -28.12 21.02
N SER C 196 7.99 -28.61 20.65
CA SER C 196 7.85 -29.82 19.94
C SER C 196 6.68 -29.63 18.98
N ASN C 197 7.01 -29.47 17.71
CA ASN C 197 6.01 -29.10 16.73
C ASN C 197 5.42 -30.36 16.13
N LYS C 198 4.18 -30.70 16.51
CA LYS C 198 3.55 -31.94 16.00
C LYS C 198 3.06 -31.84 14.56
N ARG C 199 2.86 -30.66 14.06
CA ARG C 199 2.35 -30.47 12.72
C ARG C 199 3.50 -30.74 11.70
N ASN C 200 4.71 -30.21 11.93
CA ASN C 200 5.74 -30.38 10.94
C ASN C 200 7.17 -30.65 11.44
N GLY C 201 7.40 -30.66 12.75
CA GLY C 201 8.70 -30.88 13.32
C GLY C 201 9.63 -29.68 13.34
N ILE C 202 9.20 -28.52 12.90
CA ILE C 202 10.07 -27.35 12.92
C ILE C 202 9.99 -26.70 14.29
N ASP C 203 10.92 -27.09 15.16
CA ASP C 203 10.91 -26.70 16.54
C ASP C 203 12.33 -26.34 17.07
N VAL C 204 12.35 -25.68 18.21
CA VAL C 204 13.55 -25.13 18.75
C VAL C 204 14.43 -26.26 19.36
N ASP C 205 13.86 -27.43 19.60
CA ASP C 205 14.65 -28.57 20.01
C ASP C 205 15.65 -28.94 18.96
N LYS C 206 15.20 -29.05 17.72
CA LYS C 206 16.08 -29.30 16.59
C LYS C 206 17.17 -28.23 16.48
N TRP C 207 16.77 -26.99 16.65
CA TRP C 207 17.77 -25.90 16.46
C TRP C 207 18.85 -25.96 17.51
N ASP C 208 18.51 -26.28 18.74
CA ASP C 208 19.56 -26.43 19.73
C ASP C 208 20.45 -27.62 19.40
N TYR C 209 19.89 -28.80 19.12
CA TYR C 209 20.75 -29.94 18.95
C TYR C 209 21.59 -29.86 17.68
N PHE C 210 21.06 -29.27 16.60
CA PHE C 210 21.91 -29.03 15.41
C PHE C 210 23.17 -28.26 15.81
N ALA C 211 22.99 -27.16 16.49
CA ALA C 211 24.09 -26.28 16.82
C ALA C 211 25.02 -26.91 17.85
N ARG C 212 24.44 -27.52 18.87
CA ARG C 212 25.24 -28.04 19.96
C ARG C 212 25.98 -29.35 19.53
N ASP C 213 25.27 -30.25 18.86
CA ASP C 213 25.91 -31.44 18.37
C ASP C 213 27.03 -31.12 17.43
N CYS C 214 26.81 -30.21 16.49
CA CYS C 214 27.86 -29.83 15.55
C CYS C 214 29.11 -29.28 16.24
N HIS C 215 28.91 -28.39 17.19
CA HIS C 215 30.01 -27.78 17.95
C HIS C 215 30.87 -28.86 18.60
N HIS C 216 30.24 -29.91 19.10
CA HIS C 216 30.97 -30.98 19.79
C HIS C 216 31.47 -32.09 18.86
N LEU C 217 30.74 -32.38 17.81
CA LEU C 217 31.12 -33.42 16.90
C LEU C 217 32.32 -33.03 16.03
N GLY C 218 32.45 -31.75 15.72
CA GLY C 218 33.47 -31.29 14.74
C GLY C 218 32.96 -31.38 13.33
N ILE C 219 31.68 -31.13 13.16
CA ILE C 219 31.03 -31.02 11.85
C ILE C 219 30.24 -29.76 11.92
N GLN C 220 30.17 -29.01 10.84
CA GLN C 220 29.71 -27.64 10.97
C GLN C 220 28.18 -27.54 10.62
N ASN C 221 27.53 -26.69 11.45
CA ASN C 221 26.09 -26.51 11.26
C ASN C 221 25.73 -25.56 10.05
N ASN C 222 24.99 -25.97 8.99
CA ASN C 222 24.54 -24.93 8.04
C ASN C 222 23.11 -24.30 8.11
N PHE C 223 22.35 -24.61 9.14
CA PHE C 223 21.04 -24.02 9.30
C PHE C 223 21.12 -22.81 10.23
N ASP C 224 20.51 -21.69 9.80
CA ASP C 224 20.51 -20.45 10.56
C ASP C 224 19.13 -20.24 11.28
N TYR C 225 19.06 -20.65 12.53
CA TYR C 225 17.90 -20.61 13.32
C TYR C 225 17.54 -19.18 13.66
N LYS C 226 18.52 -18.34 13.88
CA LYS C 226 18.24 -16.94 14.20
C LYS C 226 17.59 -16.24 13.08
N ARG C 227 17.99 -16.56 11.86
CA ARG C 227 17.31 -16.00 10.70
C ARG C 227 15.86 -16.47 10.67
N PHE C 228 15.62 -17.73 10.93
CA PHE C 228 14.24 -18.21 10.94
C PHE C 228 13.38 -17.46 11.97
N ILE C 229 13.92 -17.22 13.14
CA ILE C 229 13.21 -16.48 14.19
C ILE C 229 12.88 -15.09 13.74
N LYS C 230 13.81 -14.39 13.11
CA LYS C 230 13.51 -13.08 12.61
C LYS C 230 12.34 -13.03 11.64
N PHE C 231 12.18 -14.04 10.81
CA PHE C 231 11.18 -14.02 9.80
C PHE C 231 9.90 -14.79 10.20
N ALA C 232 9.78 -15.25 11.44
CA ALA C 232 8.64 -16.02 11.83
C ALA C 232 7.51 -15.05 12.24
N ARG C 233 6.29 -15.36 11.82
CA ARG C 233 5.08 -14.59 12.19
C ARG C 233 3.96 -15.52 12.48
N VAL C 234 2.99 -15.06 13.24
CA VAL C 234 1.76 -15.83 13.45
C VAL C 234 0.68 -15.29 12.51
N CYS C 235 0.02 -16.20 11.81
CA CYS C 235 -1.07 -15.92 10.89
C CYS C 235 -2.22 -16.92 11.14
N GLU C 236 -3.42 -16.49 10.77
CA GLU C 236 -4.58 -17.37 10.82
C GLU C 236 -4.53 -18.41 9.68
N VAL C 237 -4.61 -19.68 10.02
CA VAL C 237 -4.64 -20.80 9.07
C VAL C 237 -5.77 -21.73 9.51
N ASP C 238 -6.76 -21.94 8.64
CA ASP C 238 -8.01 -22.71 8.93
C ASP C 238 -8.54 -22.48 10.36
N ASN C 239 -8.72 -21.23 10.77
CA ASN C 239 -9.29 -20.91 12.13
C ASN C 239 -8.41 -21.16 13.37
N GLU C 240 -7.12 -21.42 13.19
CA GLU C 240 -6.13 -21.40 14.30
C GLU C 240 -5.05 -20.37 14.01
N LEU C 241 -4.58 -19.70 15.04
CA LEU C 241 -3.37 -18.91 14.95
C LEU C 241 -2.09 -19.82 14.95
N ARG C 242 -1.35 -19.88 13.84
CA ARG C 242 -0.13 -20.71 13.68
C ARG C 242 1.14 -19.91 13.27
N ILE C 243 2.29 -20.49 13.56
CA ILE C 243 3.56 -19.92 13.19
C ILE C 243 3.73 -20.15 11.70
N CYS C 244 3.98 -19.06 10.96
CA CYS C 244 4.36 -19.13 9.57
C CYS C 244 5.71 -18.54 9.30
N ALA C 245 6.34 -18.97 8.23
CA ALA C 245 7.65 -18.47 7.80
C ALA C 245 7.51 -17.60 6.59
N ARG C 246 8.44 -16.67 6.35
CA ARG C 246 8.44 -15.94 5.07
C ARG C 246 8.54 -16.91 3.93
N ASP C 247 7.81 -16.63 2.86
CA ASP C 247 7.87 -17.40 1.65
C ASP C 247 9.30 -17.76 1.18
N LYS C 248 10.18 -16.77 1.13
CA LYS C 248 11.51 -16.97 0.57
C LYS C 248 12.43 -17.82 1.52
N GLU C 249 12.06 -18.07 2.74
CA GLU C 249 12.70 -19.06 3.60
C GLU C 249 12.41 -20.54 3.24
N VAL C 250 11.54 -20.82 2.27
CA VAL C 250 11.15 -22.23 2.01
C VAL C 250 12.38 -23.13 1.68
N GLY C 251 13.29 -22.62 0.88
CA GLY C 251 14.56 -23.28 0.59
C GLY C 251 15.36 -23.61 1.82
N ASN C 252 15.41 -22.67 2.78
CA ASN C 252 16.10 -22.88 4.02
C ASN C 252 15.47 -24.01 4.85
N LEU C 253 14.15 -24.17 4.78
CA LEU C 253 13.49 -25.25 5.48
C LEU C 253 13.73 -26.62 4.89
N TYR C 254 13.73 -26.70 3.58
CA TYR C 254 14.18 -27.94 2.92
C TYR C 254 15.60 -28.25 3.36
N ASP C 255 16.47 -27.23 3.39
CA ASP C 255 17.83 -27.44 3.87
C ASP C 255 17.91 -27.89 5.31
N MET C 256 17.02 -27.37 6.15
CA MET C 256 16.96 -27.80 7.55
C MET C 256 16.78 -29.34 7.66
N PHE C 257 15.82 -29.90 6.92
CA PHE C 257 15.58 -31.33 7.02
C PHE C 257 16.70 -32.13 6.34
N HIS C 258 17.29 -31.54 5.29
CA HIS C 258 18.45 -32.15 4.68
C HIS C 258 19.61 -32.25 5.67
N THR C 259 19.83 -31.20 6.44
CA THR C 259 20.85 -31.18 7.48
C THR C 259 20.55 -32.23 8.55
N ARG C 260 19.29 -32.32 8.97
CA ARG C 260 18.95 -33.33 9.95
C ARG C 260 19.36 -34.73 9.44
N ASN C 261 19.00 -35.03 8.18
CA ASN C 261 19.30 -36.32 7.58
C ASN C 261 20.79 -36.55 7.47
N SER C 262 21.51 -35.51 7.14
CA SER C 262 22.93 -35.54 7.01
C SER C 262 23.67 -35.76 8.38
N LEU C 263 23.15 -35.17 9.45
CA LEU C 263 23.66 -35.45 10.76
C LEU C 263 23.35 -36.89 11.24
N HIS C 264 22.19 -37.43 10.88
CA HIS C 264 21.95 -38.85 11.11
C HIS C 264 22.92 -39.74 10.32
N ARG C 265 23.19 -39.43 9.07
CA ARG C 265 24.13 -40.25 8.26
C ARG C 265 25.57 -40.16 8.76
N ARG C 266 26.04 -38.96 9.09
CA ARG C 266 27.39 -38.82 9.49
C ARG C 266 27.66 -39.23 10.92
N ALA C 267 26.72 -38.96 11.81
CA ALA C 267 27.00 -39.09 13.24
C ALA C 267 26.06 -39.98 13.99
N TYR C 268 24.80 -39.63 14.04
CA TYR C 268 23.91 -40.33 14.93
C TYR C 268 23.71 -41.80 14.55
N GLN C 269 23.69 -42.13 13.26
CA GLN C 269 23.62 -43.48 12.80
C GLN C 269 24.96 -44.04 12.30
N HIS C 270 26.06 -43.47 12.77
CA HIS C 270 27.35 -43.98 12.42
C HIS C 270 27.36 -45.48 12.74
N LYS C 271 27.85 -46.29 11.85
CA LYS C 271 27.76 -47.74 12.02
C LYS C 271 28.42 -48.27 13.29
N VAL C 272 29.53 -47.63 13.72
CA VAL C 272 30.17 -48.07 14.92
C VAL C 272 29.51 -47.46 16.15
N GLY C 273 29.06 -46.21 16.08
CA GLY C 273 28.29 -45.66 17.18
C GLY C 273 27.07 -46.53 17.45
N ASN C 274 26.38 -46.96 16.40
CA ASN C 274 25.26 -47.86 16.62
C ASN C 274 25.60 -49.21 17.19
N ILE C 275 26.73 -49.80 16.80
CA ILE C 275 27.08 -51.09 17.33
C ILE C 275 27.48 -50.97 18.79
N ILE C 276 28.04 -49.83 19.18
CA ILE C 276 28.33 -49.62 20.57
C ILE C 276 27.03 -49.50 21.38
N ASP C 277 26.07 -48.71 20.88
CA ASP C 277 24.72 -48.64 21.47
C ASP C 277 24.07 -50.04 21.59
N THR C 278 24.25 -50.86 20.56
CA THR C 278 23.74 -52.21 20.55
C THR C 278 24.40 -53.08 21.60
N MET C 279 25.72 -52.97 21.72
CA MET C 279 26.46 -53.73 22.72
C MET C 279 26.05 -53.31 24.13
N ILE C 280 25.93 -52.01 24.37
CA ILE C 280 25.51 -51.55 25.68
C ILE C 280 24.11 -52.06 26.00
N THR C 281 23.23 -51.99 25.01
CA THR C 281 21.86 -52.53 25.14
C THR C 281 21.86 -54.01 25.50
N ASP C 282 22.67 -54.75 24.82
CA ASP C 282 22.87 -56.16 25.09
C ASP C 282 23.33 -56.45 26.51
N ALA C 283 24.33 -55.69 26.97
CA ALA C 283 24.76 -55.77 28.36
C ALA C 283 23.66 -55.42 29.32
N PHE C 284 22.88 -54.40 29.02
CA PHE C 284 21.75 -54.04 29.89
C PHE C 284 20.71 -55.17 29.93
N LEU C 285 20.39 -55.78 28.78
CA LEU C 285 19.48 -56.92 28.75
C LEU C 285 19.99 -58.12 29.60
N LYS C 286 21.30 -58.34 29.59
CA LYS C 286 21.88 -59.39 30.40
C LYS C 286 21.99 -59.01 31.86
N ALA C 287 21.96 -57.71 32.20
CA ALA C 287 22.03 -57.31 33.57
C ALA C 287 20.63 -57.14 34.22
N ASP C 288 19.61 -57.05 33.39
CA ASP C 288 18.31 -56.56 33.79
C ASP C 288 17.65 -57.38 34.92
N ASP C 289 17.81 -58.71 34.89
CA ASP C 289 17.23 -59.57 35.91
C ASP C 289 17.91 -59.37 37.28
N TYR C 290 19.11 -58.80 37.35
CA TYR C 290 19.90 -58.81 38.54
C TYR C 290 20.15 -57.47 39.20
N ILE C 291 19.92 -56.37 38.51
CA ILE C 291 20.20 -55.08 39.11
C ILE C 291 18.93 -54.54 39.77
N GLU C 292 19.10 -53.98 40.93
CA GLU C 292 18.05 -53.48 41.79
C GLU C 292 18.19 -52.01 41.94
N ILE C 293 17.14 -51.29 41.67
CA ILE C 293 17.12 -49.87 41.87
C ILE C 293 15.98 -49.55 42.80
N THR C 294 16.27 -48.84 43.86
CA THR C 294 15.26 -48.50 44.85
C THR C 294 14.41 -47.30 44.46
N GLY C 295 13.11 -47.46 44.47
CA GLY C 295 12.14 -46.44 44.19
C GLY C 295 11.34 -46.04 45.43
N ALA C 296 10.11 -45.58 45.19
CA ALA C 296 9.22 -45.03 46.22
C ALA C 296 8.80 -46.13 47.17
N GLY C 297 8.77 -45.78 48.45
CA GLY C 297 8.42 -46.68 49.55
C GLY C 297 9.38 -47.84 49.65
N GLY C 298 10.63 -47.67 49.23
CA GLY C 298 11.60 -48.78 49.18
C GLY C 298 11.40 -49.94 48.19
N LYS C 299 10.34 -49.93 47.36
CA LYS C 299 10.16 -50.93 46.27
C LYS C 299 11.36 -51.04 45.34
N LYS C 300 11.58 -52.24 44.82
CA LYS C 300 12.72 -52.55 44.01
C LYS C 300 12.32 -52.65 42.57
N TYR C 301 13.08 -51.96 41.71
CA TYR C 301 12.82 -51.95 40.30
C TYR C 301 14.02 -52.50 39.58
N ARG C 302 13.82 -52.87 38.33
CA ARG C 302 14.86 -53.22 37.41
C ARG C 302 15.16 -52.06 36.47
N ILE C 303 16.22 -52.19 35.69
CA ILE C 303 16.56 -51.20 34.67
C ILE C 303 15.35 -50.94 33.76
N SER C 304 14.68 -52.02 33.33
CA SER C 304 13.55 -51.94 32.48
C SER C 304 12.27 -51.51 33.15
N THR C 305 12.20 -51.60 34.46
CA THR C 305 10.96 -51.18 35.16
C THR C 305 11.09 -49.86 35.89
N ALA C 306 12.30 -49.33 36.01
CA ALA C 306 12.49 -48.02 36.64
C ALA C 306 11.70 -46.91 35.97
N ILE C 307 11.35 -47.08 34.68
CA ILE C 307 10.45 -46.15 34.00
C ILE C 307 9.04 -46.06 34.60
N ASP C 308 8.69 -46.95 35.51
CA ASP C 308 7.37 -46.97 36.15
C ASP C 308 7.34 -46.15 37.43
N ASP C 309 8.51 -45.74 37.95
CA ASP C 309 8.58 -45.07 39.22
C ASP C 309 9.70 -43.99 39.19
N MET C 310 9.29 -42.74 39.21
CA MET C 310 10.19 -41.65 38.95
C MET C 310 11.28 -41.48 40.02
N GLU C 311 11.02 -41.94 41.22
CA GLU C 311 12.05 -41.92 42.24
C GLU C 311 13.21 -42.90 41.91
N ALA C 312 12.86 -44.08 41.41
CA ALA C 312 13.87 -45.00 40.91
C ALA C 312 14.57 -44.43 39.66
N TYR C 313 13.78 -43.92 38.73
CA TYR C 313 14.31 -43.48 37.47
C TYR C 313 15.29 -42.31 37.64
N THR C 314 15.06 -41.51 38.65
CA THR C 314 15.95 -40.44 39.02
C THR C 314 17.38 -40.90 39.20
N LYS C 315 17.57 -42.12 39.65
CA LYS C 315 18.88 -42.68 39.89
C LYS C 315 19.40 -43.56 38.78
N LEU C 316 18.72 -43.57 37.65
CA LEU C 316 19.15 -44.37 36.50
C LEU C 316 19.77 -43.46 35.42
N THR C 317 21.09 -43.46 35.29
CA THR C 317 21.84 -42.61 34.40
C THR C 317 22.96 -43.44 33.77
N ASP C 318 23.84 -42.78 33.04
CA ASP C 318 24.97 -43.48 32.41
C ASP C 318 25.87 -44.21 33.42
N ASN C 319 25.83 -43.80 34.67
CA ASN C 319 26.52 -44.52 35.75
C ASN C 319 26.32 -46.06 35.73
N ILE C 320 25.13 -46.50 35.28
CA ILE C 320 24.85 -47.93 35.27
C ILE C 320 25.89 -48.69 34.43
N PHE C 321 26.42 -48.08 33.39
CA PHE C 321 27.49 -48.64 32.58
C PHE C 321 28.66 -49.03 33.46
N LEU C 322 29.14 -48.06 34.25
CA LEU C 322 30.25 -48.34 35.11
C LEU C 322 29.95 -49.27 36.30
N GLU C 323 28.74 -49.18 36.83
CA GLU C 323 28.26 -50.10 37.86
C GLU C 323 28.34 -51.54 37.32
N ILE C 324 27.92 -51.79 36.10
CA ILE C 324 28.07 -53.10 35.51
C ILE C 324 29.54 -53.43 35.24
N LEU C 325 30.29 -52.50 34.64
CA LEU C 325 31.67 -52.79 34.31
C LEU C 325 32.53 -53.17 35.54
N TYR C 326 32.30 -52.51 36.67
CA TYR C 326 33.10 -52.71 37.87
C TYR C 326 32.51 -53.75 38.78
N SER C 327 31.38 -54.38 38.42
CA SER C 327 30.76 -55.33 39.33
C SER C 327 31.59 -56.57 39.50
N THR C 328 31.31 -57.30 40.57
CA THR C 328 31.95 -58.62 40.84
C THR C 328 30.95 -59.77 40.94
N ASP C 329 29.66 -59.45 41.12
CA ASP C 329 28.60 -60.44 41.14
C ASP C 329 28.72 -61.42 39.95
N PRO C 330 28.77 -62.73 40.18
CA PRO C 330 28.85 -63.69 39.06
C PRO C 330 27.68 -63.63 38.10
N LYS C 331 26.54 -63.22 38.60
CA LYS C 331 25.36 -63.10 37.76
C LYS C 331 25.47 -62.01 36.68
N LEU C 332 26.30 -60.99 36.91
CA LEU C 332 26.54 -59.94 35.96
C LEU C 332 27.71 -60.23 35.06
N LYS C 333 28.31 -61.42 35.13
CA LYS C 333 29.45 -61.75 34.33
C LYS C 333 29.24 -61.55 32.84
N ASP C 334 28.13 -62.05 32.29
CA ASP C 334 27.94 -61.88 30.86
C ASP C 334 27.80 -60.41 30.41
N ALA C 335 27.07 -59.64 31.15
CA ALA C 335 26.88 -58.21 30.90
C ALA C 335 28.22 -57.48 30.98
N ARG C 336 28.96 -57.75 32.05
CA ARG C 336 30.25 -57.19 32.29
C ARG C 336 31.26 -57.50 31.19
N GLU C 337 31.21 -58.72 30.63
CA GLU C 337 32.13 -59.09 29.57
C GLU C 337 31.85 -58.32 28.27
N ILE C 338 30.58 -58.04 28.00
CA ILE C 338 30.26 -57.23 26.83
C ILE C 338 30.83 -55.81 27.00
N LEU C 339 30.70 -55.23 28.18
CA LEU C 339 31.24 -53.88 28.39
C LEU C 339 32.75 -53.89 28.36
N LYS C 340 33.39 -54.95 28.87
CA LYS C 340 34.85 -55.10 28.69
C LYS C 340 35.26 -55.14 27.24
N GLN C 341 34.49 -55.79 26.41
CA GLN C 341 34.79 -55.84 25.01
C GLN C 341 34.75 -54.38 24.38
N ILE C 342 33.82 -53.53 24.82
CA ILE C 342 33.81 -52.17 24.39
C ILE C 342 35.10 -51.45 24.76
N GLU C 343 35.53 -51.60 26.00
CA GLU C 343 36.71 -50.86 26.44
C GLU C 343 38.01 -51.32 25.77
N TYR C 344 38.11 -52.60 25.41
CA TYR C 344 39.29 -53.10 24.67
C TYR C 344 39.10 -52.94 23.17
N ARG C 345 37.98 -52.36 22.74
CA ARG C 345 37.66 -52.21 21.35
C ARG C 345 37.56 -53.57 20.56
N ASN C 346 37.09 -54.60 21.21
CA ASN C 346 36.76 -55.85 20.53
C ASN C 346 35.27 -55.83 20.18
N LEU C 347 34.95 -55.01 19.19
CA LEU C 347 33.52 -54.73 18.87
C LEU C 347 33.00 -55.75 17.90
N PHE C 348 31.68 -55.95 17.92
CA PHE C 348 31.08 -56.76 16.83
C PHE C 348 31.48 -56.06 15.51
N LYS C 349 31.77 -56.82 14.47
CA LYS C 349 32.31 -56.26 13.24
C LYS C 349 31.26 -55.96 12.18
N TYR C 350 31.35 -54.77 11.65
CA TYR C 350 30.53 -54.35 10.55
C TYR C 350 30.82 -55.17 9.27
N VAL C 351 29.78 -55.73 8.68
CA VAL C 351 29.89 -56.51 7.46
C VAL C 351 29.46 -55.66 6.26
N GLY C 352 28.35 -54.93 6.39
CA GLY C 352 27.93 -54.05 5.32
C GLY C 352 26.54 -53.47 5.48
N GLU C 353 26.15 -52.72 4.45
CA GLU C 353 24.91 -51.98 4.43
C GLU C 353 24.21 -52.23 3.11
N THR C 354 22.89 -52.31 3.18
CA THR C 354 22.07 -52.41 1.97
C THR C 354 20.73 -51.71 2.24
N GLN C 355 19.90 -51.63 1.21
CA GLN C 355 18.54 -51.05 1.33
C GLN C 355 17.55 -51.90 0.57
N PRO C 356 16.29 -51.92 1.03
CA PRO C 356 15.24 -52.52 0.20
C PRO C 356 15.05 -51.80 -1.10
N THR C 357 14.45 -52.48 -2.05
CA THR C 357 14.22 -51.97 -3.40
C THR C 357 12.73 -51.95 -3.61
N GLY C 358 12.28 -51.18 -4.59
CA GLY C 358 10.87 -51.20 -4.97
C GLY C 358 10.00 -50.61 -3.89
N GLN C 359 8.89 -51.29 -3.62
CA GLN C 359 7.91 -50.76 -2.66
C GLN C 359 8.11 -51.46 -1.29
N ILE C 360 9.13 -52.32 -1.20
CA ILE C 360 9.31 -53.20 -0.05
C ILE C 360 9.67 -52.37 1.21
N LYS C 361 8.97 -52.66 2.31
CA LYS C 361 9.23 -52.06 3.61
C LYS C 361 9.41 -53.19 4.61
N ILE C 362 10.47 -53.15 5.38
CA ILE C 362 10.66 -54.10 6.44
C ILE C 362 9.95 -53.61 7.68
N LYS C 363 9.07 -54.38 8.24
CA LYS C 363 8.17 -53.98 9.33
C LYS C 363 8.86 -54.38 10.60
N ARG C 364 8.62 -53.63 11.66
CA ARG C 364 9.22 -53.89 12.98
C ARG C 364 9.04 -55.38 13.49
N GLU C 365 7.89 -56.00 13.21
CA GLU C 365 7.59 -57.41 13.59
C GLU C 365 8.60 -58.40 12.96
N ASP C 366 9.16 -58.02 11.81
CA ASP C 366 10.11 -58.88 11.09
C ASP C 366 11.58 -58.71 11.46
N TYR C 367 11.92 -57.71 12.27
CA TYR C 367 13.33 -57.46 12.63
C TYR C 367 13.98 -58.66 13.24
N GLU C 368 13.31 -59.29 14.22
CA GLU C 368 13.88 -60.43 14.92
C GLU C 368 14.21 -61.61 13.98
N SER C 369 13.47 -61.78 12.90
CA SER C 369 13.71 -62.93 12.00
C SER C 369 14.92 -62.76 11.03
N LEU C 370 15.47 -61.53 10.94
CA LEU C 370 16.47 -61.24 9.88
C LEU C 370 17.85 -61.91 10.06
N PRO C 371 18.36 -61.98 11.29
CA PRO C 371 19.62 -62.72 11.45
C PRO C 371 19.49 -64.20 10.98
N LYS C 372 18.34 -64.82 11.23
CA LYS C 372 18.06 -66.17 10.76
C LYS C 372 18.09 -66.22 9.24
N GLU C 373 17.49 -65.23 8.58
CA GLU C 373 17.53 -65.22 7.12
C GLU C 373 18.94 -65.11 6.57
N VAL C 374 19.77 -64.25 7.19
CA VAL C 374 21.13 -64.08 6.70
C VAL C 374 21.89 -65.40 6.84
N ALA C 375 21.74 -66.08 7.98
CA ALA C 375 22.42 -67.35 8.24
C ALA C 375 21.92 -68.51 7.38
N SER C 376 20.70 -68.42 6.89
CA SER C 376 20.09 -69.38 5.95
C SER C 376 20.42 -69.15 4.51
N ALA C 377 21.07 -68.07 4.17
CA ALA C 377 21.46 -67.89 2.79
C ALA C 377 22.49 -68.96 2.41
N LYS C 378 22.52 -69.33 1.14
CA LYS C 378 23.39 -70.42 0.68
C LYS C 378 24.31 -69.91 -0.38
N PRO C 379 25.33 -69.15 0.01
CA PRO C 379 26.30 -68.63 -0.99
C PRO C 379 27.00 -69.83 -1.65
N LYS C 380 27.10 -69.86 -2.97
CA LYS C 380 27.71 -70.99 -3.70
C LYS C 380 29.20 -70.67 -3.77
N VAL C 381 29.86 -70.87 -2.64
CA VAL C 381 31.25 -70.46 -2.42
C VAL C 381 31.76 -71.43 -1.38
N LEU C 382 33.05 -71.78 -1.45
CA LEU C 382 33.64 -72.64 -0.43
C LEU C 382 33.88 -71.84 0.84
N LEU C 383 33.36 -72.33 1.97
CA LEU C 383 33.48 -71.64 3.27
C LEU C 383 34.09 -72.50 4.36
N ASP C 384 35.02 -71.94 5.10
CA ASP C 384 35.71 -72.67 6.22
C ASP C 384 34.80 -72.84 7.45
N VAL C 385 34.05 -71.81 7.77
CA VAL C 385 33.16 -71.72 8.93
C VAL C 385 31.71 -71.70 8.44
N LYS C 386 30.80 -72.42 9.09
CA LYS C 386 29.34 -72.18 8.99
C LYS C 386 28.98 -71.22 10.14
N LEU C 387 28.14 -70.22 9.90
CA LEU C 387 27.74 -69.27 10.95
C LEU C 387 26.28 -69.51 11.28
N LYS C 388 25.88 -69.28 12.54
CA LYS C 388 24.52 -69.51 13.01
C LYS C 388 23.80 -68.14 13.08
N ALA C 389 22.48 -68.13 13.20
CA ALA C 389 21.72 -66.88 13.38
C ALA C 389 22.24 -65.95 14.51
N GLU C 390 22.60 -66.56 15.66
CA GLU C 390 23.09 -65.90 16.90
C GLU C 390 24.36 -65.07 16.61
N ASP C 391 25.07 -65.39 15.53
CA ASP C 391 26.28 -64.71 15.14
C ASP C 391 26.07 -63.38 14.40
N PHE C 392 24.87 -63.11 13.89
CA PHE C 392 24.61 -61.92 13.12
C PHE C 392 23.75 -60.94 13.90
N ILE C 393 24.03 -59.66 13.70
CA ILE C 393 23.12 -58.58 14.08
C ILE C 393 22.67 -57.89 12.82
N VAL C 394 21.37 -57.63 12.74
CA VAL C 394 20.78 -56.92 11.64
C VAL C 394 20.06 -55.70 12.22
N ASP C 395 20.55 -54.51 11.88
CA ASP C 395 20.06 -53.28 12.43
C ASP C 395 19.34 -52.55 11.31
N VAL C 396 18.06 -52.31 11.46
CA VAL C 396 17.27 -51.63 10.47
C VAL C 396 17.01 -50.21 10.91
N ILE C 397 17.36 -49.25 10.09
CA ILE C 397 17.19 -47.85 10.45
C ILE C 397 16.26 -47.14 9.49
N ASN C 398 15.24 -46.53 10.05
CA ASN C 398 14.25 -45.73 9.34
C ASN C 398 14.73 -44.30 9.25
N MET C 399 15.14 -43.87 8.07
CA MET C 399 15.59 -42.51 7.80
C MET C 399 14.46 -41.77 7.11
N ASP C 400 14.01 -40.66 7.68
CA ASP C 400 13.00 -39.83 7.07
C ASP C 400 13.13 -38.33 7.42
N TYR C 401 12.19 -37.53 6.94
CA TYR C 401 12.11 -36.11 7.20
C TYR C 401 11.13 -35.83 8.37
N GLY C 402 10.98 -36.81 9.25
CA GLY C 402 10.27 -36.69 10.51
C GLY C 402 8.80 -36.99 10.50
N MET C 403 8.23 -37.31 9.35
CA MET C 403 6.80 -37.57 9.18
C MET C 403 6.59 -38.75 8.23
N GLN C 404 7.31 -39.84 8.45
CA GLN C 404 7.25 -41.07 7.67
C GLN C 404 7.42 -40.71 6.20
N GLU C 405 6.49 -41.03 5.33
CA GLU C 405 6.57 -40.78 3.91
C GLU C 405 6.27 -39.31 3.49
N LYS C 406 5.74 -38.51 4.40
CA LYS C 406 5.31 -37.19 4.05
C LYS C 406 6.45 -36.14 4.00
N ASN C 407 6.26 -35.18 3.11
CA ASN C 407 7.03 -33.97 3.00
C ASN C 407 6.53 -32.99 4.07
N PRO C 408 7.36 -32.71 5.08
CA PRO C 408 6.90 -31.82 6.11
C PRO C 408 6.68 -30.38 5.63
N ILE C 409 7.32 -29.97 4.55
CA ILE C 409 7.09 -28.66 4.01
C ILE C 409 5.65 -28.49 3.48
N ASP C 410 4.97 -29.61 3.14
CA ASP C 410 3.55 -29.53 2.83
C ASP C 410 2.69 -29.20 4.05
N HIS C 411 3.25 -29.27 5.26
CA HIS C 411 2.53 -28.91 6.48
C HIS C 411 3.08 -27.66 7.15
N VAL C 412 3.67 -26.79 6.35
CA VAL C 412 4.11 -25.47 6.80
C VAL C 412 3.31 -24.44 6.08
N SER C 413 3.04 -23.35 6.76
CA SER C 413 2.42 -22.18 6.17
C SER C 413 3.45 -21.02 6.06
N PHE C 414 3.28 -20.21 5.02
CA PHE C 414 4.14 -19.11 4.69
C PHE C 414 3.38 -17.81 4.54
N TYR C 415 4.08 -16.71 4.59
CA TYR C 415 3.51 -15.44 4.22
C TYR C 415 4.40 -14.69 3.30
N CYS C 416 3.81 -13.76 2.57
CA CYS C 416 4.48 -12.87 1.59
C CYS C 416 4.60 -11.49 2.18
N LYS C 417 5.63 -10.80 1.72
CA LYS C 417 5.98 -9.48 2.22
C LYS C 417 4.82 -8.45 1.98
N THR C 418 4.11 -8.61 0.85
CA THR C 418 3.04 -7.66 0.53
C THR C 418 1.69 -7.93 1.25
N ALA C 419 1.51 -9.08 1.88
CA ALA C 419 0.35 -9.31 2.78
C ALA C 419 0.74 -10.20 3.96
N PRO C 420 1.41 -9.62 4.93
CA PRO C 420 2.02 -10.44 5.99
C PRO C 420 1.09 -11.16 6.95
N ASN C 421 -0.20 -10.86 6.96
CA ASN C 421 -1.19 -11.59 7.76
C ASN C 421 -1.90 -12.69 7.02
N ARG C 422 -1.58 -12.88 5.78
CA ARG C 422 -2.19 -13.86 4.95
C ARG C 422 -1.29 -15.12 4.70
N ALA C 423 -1.72 -16.24 5.29
CA ALA C 423 -1.02 -17.52 5.10
C ALA C 423 -1.21 -18.14 3.73
N ILE C 424 -0.16 -18.76 3.21
CA ILE C 424 -0.21 -19.46 1.92
C ILE C 424 0.54 -20.78 2.01
N ARG C 425 0.39 -21.63 1.00
CA ARG C 425 1.07 -22.88 0.86
C ARG C 425 2.03 -22.77 -0.27
N ILE C 426 3.10 -23.53 -0.19
CA ILE C 426 4.10 -23.62 -1.24
C ILE C 426 4.42 -25.08 -1.46
N THR C 427 4.25 -25.57 -2.68
CA THR C 427 4.43 -26.97 -3.03
C THR C 427 5.89 -27.14 -3.45
N LYS C 428 6.29 -28.41 -3.48
CA LYS C 428 7.63 -28.76 -3.83
C LYS C 428 8.07 -28.28 -5.21
N ASN C 429 7.18 -28.45 -6.19
CA ASN C 429 7.42 -27.96 -7.54
C ASN C 429 7.56 -26.43 -7.68
N GLN C 430 7.02 -25.69 -6.73
CA GLN C 430 7.27 -24.27 -6.71
C GLN C 430 8.66 -23.90 -6.22
N VAL C 431 9.42 -24.88 -5.72
CA VAL C 431 10.70 -24.54 -5.09
C VAL C 431 11.88 -24.95 -6.03
N SER C 432 11.96 -26.24 -6.34
CA SER C 432 13.12 -26.77 -7.02
C SER C 432 12.87 -28.18 -7.51
N GLN C 433 13.45 -28.49 -8.65
CA GLN C 433 13.47 -29.84 -9.19
C GLN C 433 14.63 -30.66 -8.62
N LEU C 434 15.53 -30.05 -7.86
CA LEU C 434 16.65 -30.76 -7.32
C LEU C 434 16.39 -31.28 -5.92
N LEU C 435 15.18 -31.24 -5.44
CA LEU C 435 14.88 -31.68 -4.09
C LEU C 435 14.65 -33.20 -4.09
N PRO C 436 14.60 -33.82 -2.92
CA PRO C 436 14.26 -35.25 -2.90
C PRO C 436 12.92 -35.65 -3.53
N GLU C 437 12.82 -36.82 -4.12
CA GLU C 437 11.55 -37.31 -4.69
C GLU C 437 10.81 -38.13 -3.65
N LYS C 438 11.53 -38.67 -2.66
CA LYS C 438 10.95 -39.42 -1.55
C LYS C 438 11.50 -38.85 -0.23
N PHE C 439 10.80 -39.10 0.85
CA PHE C 439 11.07 -38.57 2.15
C PHE C 439 11.32 -39.61 3.27
N ALA C 440 11.34 -40.89 2.90
CA ALA C 440 11.57 -41.99 3.81
C ALA C 440 12.31 -43.08 3.09
N GLU C 441 13.20 -43.75 3.80
CA GLU C 441 13.93 -44.89 3.30
C GLU C 441 14.41 -45.71 4.49
N GLN C 442 14.88 -46.91 4.19
CA GLN C 442 15.39 -47.82 5.23
C GLN C 442 16.79 -48.23 4.90
N LEU C 443 17.65 -48.25 5.88
CA LEU C 443 19.01 -48.73 5.76
C LEU C 443 19.09 -49.97 6.64
N ILE C 444 19.83 -50.97 6.16
CA ILE C 444 20.02 -52.19 6.84
C ILE C 444 21.49 -52.44 7.01
N ARG C 445 21.95 -52.52 8.25
CA ARG C 445 23.34 -52.80 8.54
C ARG C 445 23.41 -54.19 9.14
N VAL C 446 24.41 -54.93 8.73
CA VAL C 446 24.66 -56.27 9.21
C VAL C 446 26.04 -56.31 9.82
N TYR C 447 26.10 -56.95 10.98
CA TYR C 447 27.33 -57.11 11.72
C TYR C 447 27.47 -58.58 12.17
N CYS C 448 28.69 -58.96 12.46
CA CYS C 448 29.00 -60.28 12.88
C CYS C 448 29.66 -60.24 14.26
N LYS C 449 29.19 -61.06 15.16
CA LYS C 449 29.80 -61.23 16.49
C LYS C 449 31.08 -62.05 16.47
N LYS C 450 31.38 -62.80 15.44
CA LYS C 450 32.63 -63.55 15.38
C LYS C 450 33.61 -62.75 14.55
N VAL C 451 34.75 -62.45 15.15
CA VAL C 451 35.66 -61.38 14.63
C VAL C 451 36.87 -61.88 13.88
N ASP C 452 37.18 -63.15 13.97
CA ASP C 452 38.36 -63.71 13.27
C ASP C 452 38.22 -63.60 11.75
N ARG C 453 39.34 -63.62 11.02
CA ARG C 453 39.35 -63.46 9.58
C ARG C 453 38.52 -64.41 8.78
N LYS C 454 38.47 -65.66 9.20
CA LYS C 454 37.66 -66.66 8.46
C LYS C 454 36.15 -66.46 8.66
N SER C 455 35.75 -66.18 9.88
CA SER C 455 34.34 -65.87 10.18
C SER C 455 33.85 -64.63 9.41
N LEU C 456 34.74 -63.65 9.29
CA LEU C 456 34.43 -62.41 8.66
C LEU C 456 34.29 -62.56 7.15
N TYR C 457 35.19 -63.34 6.56
CA TYR C 457 35.06 -63.71 5.15
C TYR C 457 33.71 -64.40 4.89
N ALA C 458 33.37 -65.35 5.75
CA ALA C 458 32.11 -66.07 5.61
C ALA C 458 30.90 -65.13 5.75
N ALA C 459 30.93 -64.31 6.79
CA ALA C 459 29.83 -63.33 7.03
C ALA C 459 29.59 -62.44 5.80
N ARG C 460 30.64 -62.00 5.12
CA ARG C 460 30.47 -61.25 3.91
C ARG C 460 29.78 -62.02 2.79
N GLN C 461 30.06 -63.32 2.68
CA GLN C 461 29.43 -64.14 1.65
C GLN C 461 27.95 -64.35 1.98
N TYR C 462 27.60 -64.65 3.23
CA TYR C 462 26.22 -64.81 3.59
C TYR C 462 25.44 -63.49 3.34
N PHE C 463 26.08 -62.38 3.73
CA PHE C 463 25.46 -61.09 3.62
C PHE C 463 25.15 -60.73 2.17
N VAL C 464 26.15 -60.83 1.30
CA VAL C 464 25.92 -60.43 -0.08
C VAL C 464 24.93 -61.37 -0.77
N GLN C 465 24.98 -62.65 -0.43
CA GLN C 465 24.00 -63.61 -0.97
C GLN C 465 22.59 -63.25 -0.51
N TRP C 466 22.46 -62.92 0.75
CA TRP C 466 21.16 -62.47 1.30
C TRP C 466 20.60 -61.25 0.58
N CYS C 467 21.46 -60.27 0.35
CA CYS C 467 21.07 -59.09 -0.43
C CYS C 467 20.53 -59.51 -1.82
N ALA C 468 21.29 -60.36 -2.53
CA ALA C 468 20.87 -60.90 -3.83
C ALA C 468 19.52 -61.64 -3.73
N ASP C 469 19.37 -62.51 -2.73
CA ASP C 469 18.14 -63.27 -2.55
C ASP C 469 16.94 -62.38 -2.28
N ARG C 470 17.09 -61.29 -1.50
CA ARG C 470 15.94 -60.42 -1.12
C ARG C 470 15.73 -59.31 -2.15
N ASN C 471 16.58 -59.24 -3.15
CA ASN C 471 16.50 -58.19 -4.14
C ASN C 471 16.74 -56.78 -3.56
N PHE C 472 17.67 -56.71 -2.63
CA PHE C 472 18.13 -55.47 -2.03
C PHE C 472 19.23 -54.86 -2.88
N THR C 473 19.64 -53.65 -2.55
CA THR C 473 20.64 -52.97 -3.34
C THR C 473 22.00 -53.65 -3.14
N LYS C 474 22.83 -53.54 -4.15
CA LYS C 474 24.14 -54.10 -4.09
C LYS C 474 24.98 -53.31 -3.07
N PRO C 475 25.57 -54.01 -2.09
CA PRO C 475 26.48 -53.28 -1.22
C PRO C 475 27.56 -52.57 -2.02
N GLN C 476 27.94 -51.41 -1.54
CA GLN C 476 28.90 -50.53 -2.21
C GLN C 476 30.24 -51.22 -2.51
N ASP C 477 30.70 -52.02 -1.57
CA ASP C 477 31.92 -52.80 -1.72
C ASP C 477 31.68 -54.25 -2.18
N GLY C 478 30.46 -54.52 -2.68
CA GLY C 478 30.06 -55.88 -3.01
C GLY C 478 31.00 -56.67 -3.91
N ASP C 479 31.48 -56.02 -4.97
CA ASP C 479 32.38 -56.69 -5.93
C ASP C 479 33.74 -57.05 -5.30
N VAL C 480 34.13 -56.31 -4.26
CA VAL C 480 35.38 -56.53 -3.58
C VAL C 480 35.25 -57.57 -2.45
N ILE C 481 34.21 -57.46 -1.62
CA ILE C 481 34.09 -58.38 -0.49
C ILE C 481 33.49 -59.74 -0.92
N ALA C 482 32.71 -59.77 -1.99
CA ALA C 482 32.14 -61.05 -2.46
C ALA C 482 32.18 -61.15 -3.99
N PRO C 483 33.40 -61.17 -4.58
CA PRO C 483 33.56 -61.21 -6.06
C PRO C 483 32.88 -62.43 -6.74
N LEU C 484 32.74 -63.53 -6.05
CA LEU C 484 32.11 -64.71 -6.61
C LEU C 484 30.59 -64.67 -6.51
N ILE C 485 30.01 -63.75 -5.71
CA ILE C 485 28.58 -63.72 -5.48
C ILE C 485 27.91 -62.70 -6.40
N THR C 486 28.50 -61.51 -6.53
CA THR C 486 27.86 -60.42 -7.27
C THR C 486 27.58 -60.63 -8.78
N PRO C 487 28.39 -61.47 -9.50
CA PRO C 487 28.03 -61.77 -10.92
C PRO C 487 26.69 -62.52 -11.11
N GLN C 488 26.25 -63.33 -10.13
CA GLN C 488 24.96 -64.06 -10.18
C GLN C 488 23.71 -63.17 -10.43
N LYS C 489 23.80 -61.87 -10.12
CA LYS C 489 22.61 -61.02 -10.03
C LYS C 489 22.61 -60.03 -11.22
N LYS C 490 21.72 -60.29 -12.20
CA LYS C 490 21.63 -59.56 -13.48
C LYS C 490 21.49 -58.04 -13.21
N GLU C 491 20.57 -57.65 -12.30
CA GLU C 491 20.29 -56.25 -11.91
C GLU C 491 21.48 -55.42 -11.33
N TRP C 492 22.63 -56.07 -11.05
CA TRP C 492 23.83 -55.42 -10.47
C TRP C 492 24.88 -54.84 -11.48
N THR D 8 47.06 -50.84 10.70
CA THR D 8 47.08 -49.56 9.91
C THR D 8 46.62 -48.30 10.78
N MET D 9 46.89 -47.10 10.27
CA MET D 9 46.58 -45.84 10.96
C MET D 9 45.01 -45.71 11.18
N LYS D 10 44.56 -45.09 12.26
CA LYS D 10 43.17 -44.69 12.36
C LYS D 10 43.07 -43.18 12.32
N VAL D 11 42.01 -42.69 11.75
CA VAL D 11 41.68 -41.32 11.78
C VAL D 11 40.58 -41.06 12.80
N ILE D 12 40.73 -39.98 13.55
CA ILE D 12 39.72 -39.58 14.49
C ILE D 12 39.41 -38.09 14.37
N ASN D 13 38.14 -37.75 14.43
CA ASN D 13 37.69 -36.38 14.25
C ASN D 13 37.53 -35.76 15.61
N ASP D 14 38.39 -34.82 15.90
CA ASP D 14 38.37 -33.97 17.10
C ASP D 14 37.85 -32.57 16.74
N PRO D 15 36.92 -32.01 17.53
CA PRO D 15 36.45 -30.66 17.13
C PRO D 15 37.50 -29.56 17.25
N ILE D 16 38.56 -29.71 18.03
CA ILE D 16 39.54 -28.67 18.11
C ILE D 16 40.55 -28.81 16.95
N HIS D 17 41.13 -29.98 16.78
CA HIS D 17 42.22 -30.14 15.82
C HIS D 17 41.80 -30.69 14.48
N GLY D 18 40.54 -31.10 14.30
CA GLY D 18 40.10 -31.73 13.05
C GLY D 18 40.49 -33.22 13.03
N HIS D 19 40.71 -33.72 11.82
CA HIS D 19 40.94 -35.14 11.59
C HIS D 19 42.38 -35.43 11.87
N ILE D 20 42.64 -36.18 12.94
CA ILE D 20 43.96 -36.53 13.27
C ILE D 20 44.25 -38.02 13.09
N GLU D 21 45.50 -38.30 12.77
CA GLU D 21 45.95 -39.63 12.47
C GLU D 21 46.56 -40.21 13.69
N LEU D 22 46.18 -41.44 13.97
CA LEU D 22 46.76 -42.20 15.07
C LEU D 22 47.50 -43.42 14.53
N HIS D 23 48.80 -43.43 14.76
CA HIS D 23 49.63 -44.58 14.46
C HIS D 23 49.09 -45.83 15.23
N PRO D 24 49.23 -47.02 14.66
CA PRO D 24 48.64 -48.19 15.32
C PRO D 24 49.18 -48.50 16.70
N LEU D 25 50.40 -48.12 17.02
CA LEU D 25 50.91 -48.24 18.36
C LEU D 25 50.13 -47.35 19.33
N LEU D 26 49.75 -46.16 18.90
CA LEU D 26 48.96 -45.27 19.73
C LEU D 26 47.57 -45.83 19.95
N VAL D 27 47.01 -46.40 18.91
CA VAL D 27 45.68 -47.01 18.99
C VAL D 27 45.71 -48.16 20.04
N ARG D 28 46.78 -49.01 20.03
CA ARG D 28 46.88 -50.06 21.05
C ARG D 28 46.94 -49.51 22.46
N ILE D 29 47.63 -48.40 22.65
CA ILE D 29 47.70 -47.77 23.97
C ILE D 29 46.33 -47.17 24.41
N ILE D 30 45.64 -46.57 23.48
CA ILE D 30 44.35 -45.94 23.73
C ILE D 30 43.30 -46.96 24.10
N ASP D 31 43.35 -48.11 23.46
CA ASP D 31 42.33 -49.10 23.66
C ASP D 31 42.64 -50.04 24.82
N THR D 32 42.83 -49.44 26.01
CA THR D 32 43.08 -50.12 27.24
C THR D 32 42.21 -49.55 28.31
N PRO D 33 41.93 -50.30 29.37
CA PRO D 33 41.16 -49.72 30.48
C PRO D 33 41.84 -48.54 31.11
N GLN D 34 43.17 -48.51 31.11
CA GLN D 34 43.90 -47.46 31.76
C GLN D 34 43.75 -46.12 31.02
N PHE D 35 43.67 -46.17 29.69
CA PHE D 35 43.49 -44.97 28.91
C PHE D 35 42.01 -44.56 28.83
N GLN D 36 41.12 -45.51 28.61
CA GLN D 36 39.72 -45.28 28.50
C GLN D 36 39.10 -44.71 29.77
N ARG D 37 39.71 -45.00 30.90
CA ARG D 37 39.41 -44.33 32.17
C ARG D 37 39.27 -42.81 32.02
N LEU D 38 40.09 -42.22 31.17
CA LEU D 38 40.09 -40.78 31.01
C LEU D 38 38.80 -40.20 30.42
N ARG D 39 37.96 -41.05 29.87
CA ARG D 39 36.66 -40.65 29.48
C ARG D 39 35.72 -40.30 30.62
N TYR D 40 36.08 -40.64 31.85
CA TYR D 40 35.19 -40.49 32.98
C TYR D 40 35.79 -39.53 34.01
N ILE D 41 36.68 -38.65 33.57
CA ILE D 41 37.28 -37.62 34.40
C ILE D 41 37.16 -36.29 33.65
N LYS D 42 36.32 -35.40 34.17
CA LYS D 42 36.14 -34.09 33.60
C LYS D 42 37.42 -33.27 33.65
N GLN D 43 37.75 -32.63 32.54
CA GLN D 43 38.92 -31.77 32.49
C GLN D 43 38.86 -30.68 33.55
N LEU D 44 37.69 -30.03 33.67
CA LEU D 44 37.59 -28.88 34.56
C LEU D 44 36.87 -29.13 35.86
N GLY D 45 36.66 -30.39 36.19
CA GLY D 45 36.00 -30.79 37.45
C GLY D 45 34.74 -30.02 37.77
N GLY D 46 34.78 -29.32 38.93
CA GLY D 46 33.63 -28.59 39.38
C GLY D 46 33.25 -27.44 38.46
N GLY D 47 34.16 -27.04 37.58
CA GLY D 47 33.83 -26.04 36.61
C GLY D 47 32.62 -26.33 35.73
N TYR D 48 32.32 -27.61 35.48
CA TYR D 48 31.14 -27.98 34.73
C TYR D 48 29.86 -27.53 35.42
N TYR D 49 29.89 -27.37 36.75
CA TYR D 49 28.73 -26.96 37.50
C TYR D 49 28.53 -25.46 37.49
N VAL D 50 29.39 -24.74 36.76
CA VAL D 50 29.25 -23.31 36.54
C VAL D 50 29.20 -22.95 35.06
N PHE D 51 30.03 -23.57 34.25
CA PHE D 51 30.07 -23.43 32.81
C PHE D 51 29.53 -24.72 32.19
N PRO D 52 28.27 -24.72 31.76
CA PRO D 52 27.67 -26.01 31.32
C PRO D 52 28.18 -26.56 30.05
N GLY D 53 28.91 -25.76 29.27
CA GLY D 53 29.59 -26.35 28.12
C GLY D 53 30.80 -27.16 28.44
N ALA D 54 31.33 -27.05 29.66
CA ALA D 54 32.57 -27.72 30.04
C ALA D 54 32.35 -29.13 30.51
N SER D 55 31.79 -29.90 29.61
CA SER D 55 31.53 -31.32 29.79
C SER D 55 32.75 -32.18 29.34
N HIS D 56 33.76 -31.55 28.78
CA HIS D 56 34.84 -32.33 28.17
C HIS D 56 35.72 -33.08 29.23
N ASN D 57 36.21 -34.22 28.83
CA ASN D 57 36.98 -35.10 29.67
C ASN D 57 38.46 -35.15 29.28
N ARG D 58 39.26 -35.75 30.14
CA ARG D 58 40.69 -35.84 29.95
C ARG D 58 41.10 -36.67 28.79
N PHE D 59 40.24 -37.60 28.38
CA PHE D 59 40.46 -38.42 27.23
C PHE D 59 40.77 -37.61 25.96
N GLU D 60 39.86 -36.73 25.61
CA GLU D 60 40.03 -35.94 24.39
C GLU D 60 41.17 -34.90 24.48
N HIS D 61 41.40 -34.34 25.66
CA HIS D 61 42.58 -33.50 25.88
C HIS D 61 43.86 -34.31 25.59
N SER D 62 43.88 -35.55 26.07
CA SER D 62 45.06 -36.40 25.89
C SER D 62 45.33 -36.71 24.44
N LEU D 63 44.28 -37.02 23.67
CA LEU D 63 44.47 -37.19 22.22
C LEU D 63 45.09 -35.93 21.58
N GLY D 64 44.54 -34.77 21.96
CA GLY D 64 45.01 -33.50 21.45
C GLY D 64 46.46 -33.22 21.77
N VAL D 65 46.89 -33.50 22.98
CA VAL D 65 48.27 -33.26 23.34
C VAL D 65 49.18 -34.22 22.58
N GLY D 66 48.75 -35.47 22.40
CA GLY D 66 49.53 -36.38 21.59
C GLY D 66 49.72 -35.89 20.16
N TYR D 67 48.63 -35.40 19.60
CA TYR D 67 48.63 -34.88 18.25
C TYR D 67 49.56 -33.68 18.12
N LEU D 68 49.40 -32.69 19.01
CA LEU D 68 50.24 -31.49 18.92
C LEU D 68 51.71 -31.78 19.17
N ALA D 69 51.97 -32.71 20.05
CA ALA D 69 53.34 -33.09 20.33
C ALA D 69 53.98 -33.60 19.05
N GLY D 70 53.24 -34.47 18.35
CA GLY D 70 53.66 -34.92 17.05
C GLY D 70 53.82 -33.81 16.00
N CYS D 71 52.92 -32.82 15.95
CA CYS D 71 53.09 -31.72 14.99
C CYS D 71 54.36 -30.96 15.28
N LEU D 72 54.65 -30.65 16.54
CA LEU D 72 55.80 -29.82 16.83
C LEU D 72 57.11 -30.60 16.47
N VAL D 73 57.23 -31.83 16.89
CA VAL D 73 58.44 -32.57 16.61
C VAL D 73 58.59 -32.84 15.08
N HIS D 74 57.52 -33.15 14.34
CA HIS D 74 57.58 -33.26 12.89
C HIS D 74 58.03 -31.96 12.26
N ALA D 75 57.46 -30.83 12.68
CA ALA D 75 57.84 -29.57 12.07
C ALA D 75 59.35 -29.27 12.29
N LEU D 76 59.87 -29.57 13.46
CA LEU D 76 61.28 -29.36 13.72
C LEU D 76 62.15 -30.24 12.82
N GLY D 77 61.74 -31.50 12.67
CA GLY D 77 62.46 -32.46 11.84
C GLY D 77 62.48 -32.11 10.36
N GLU D 78 61.38 -31.61 9.84
CA GLU D 78 61.28 -31.16 8.46
C GLU D 78 62.14 -29.96 8.19
N LYS D 79 62.14 -28.96 9.05
CA LYS D 79 62.92 -27.74 8.83
C LYS D 79 64.43 -27.95 9.06
N GLN D 80 64.80 -28.86 9.95
CA GLN D 80 66.17 -29.06 10.37
C GLN D 80 66.55 -30.56 10.39
N PRO D 81 66.74 -31.15 9.20
CA PRO D 81 67.15 -32.58 9.11
C PRO D 81 68.45 -32.88 9.84
N GLU D 82 69.31 -31.89 10.00
CA GLU D 82 70.55 -32.05 10.74
C GLU D 82 70.36 -32.43 12.20
N LEU D 83 69.18 -32.21 12.76
CA LEU D 83 68.91 -32.65 14.15
C LEU D 83 68.80 -34.18 14.27
N GLN D 84 68.52 -34.85 13.16
CA GLN D 84 68.40 -36.35 13.14
C GLN D 84 67.26 -36.83 14.01
N ILE D 85 66.12 -36.15 13.92
CA ILE D 85 64.93 -36.60 14.58
C ILE D 85 64.48 -37.85 13.79
N SER D 86 64.35 -38.97 14.47
CA SER D 86 63.92 -40.22 13.84
C SER D 86 62.44 -40.44 14.01
N GLU D 87 61.88 -41.39 13.27
CA GLU D 87 60.50 -41.81 13.43
C GLU D 87 60.28 -42.37 14.83
N ARG D 88 61.27 -43.01 15.38
CA ARG D 88 61.20 -43.46 16.72
C ARG D 88 61.03 -42.31 17.75
N ASP D 89 61.79 -41.25 17.58
CA ASP D 89 61.68 -40.07 18.44
C ASP D 89 60.25 -39.48 18.33
N VAL D 90 59.73 -39.38 17.11
CA VAL D 90 58.41 -38.86 16.90
C VAL D 90 57.36 -39.69 17.66
N LEU D 91 57.41 -41.00 17.54
CA LEU D 91 56.49 -41.85 18.26
C LEU D 91 56.60 -41.75 19.74
N CYS D 92 57.81 -41.68 20.25
CA CYS D 92 57.99 -41.51 21.68
C CYS D 92 57.40 -40.20 22.20
N VAL D 93 57.58 -39.11 21.46
CA VAL D 93 57.00 -37.84 21.83
C VAL D 93 55.44 -37.89 21.76
N GLN D 94 54.89 -38.51 20.73
CA GLN D 94 53.44 -38.69 20.64
C GLN D 94 52.90 -39.52 21.82
N ILE D 95 53.62 -40.56 22.19
CA ILE D 95 53.15 -41.43 23.27
C ILE D 95 53.16 -40.66 24.58
N ALA D 96 54.22 -39.90 24.80
CA ALA D 96 54.30 -39.07 25.98
C ALA D 96 53.16 -38.04 26.04
N GLY D 97 52.87 -37.41 24.94
CA GLY D 97 51.73 -36.47 24.87
C GLY D 97 50.40 -37.15 25.14
N LEU D 98 50.23 -38.32 24.57
CA LEU D 98 49.05 -39.11 24.79
C LEU D 98 48.85 -39.54 26.26
N CYS D 99 49.95 -39.89 26.90
CA CYS D 99 49.88 -40.49 28.23
C CYS D 99 50.20 -39.55 29.40
N HIS D 100 50.43 -38.26 29.09
CA HIS D 100 50.91 -37.31 30.05
C HIS D 100 49.94 -37.07 31.19
N ASP D 101 48.63 -37.28 30.96
CA ASP D 101 47.64 -36.97 31.99
C ASP D 101 46.93 -38.23 32.50
N LEU D 102 47.54 -39.39 32.28
CA LEU D 102 46.96 -40.61 32.82
C LEU D 102 46.76 -40.64 34.33
N GLY D 103 47.51 -39.86 35.06
CA GLY D 103 47.44 -39.84 36.50
C GLY D 103 46.39 -38.95 37.14
N HIS D 104 45.61 -38.20 36.35
CA HIS D 104 44.59 -37.37 36.96
C HIS D 104 43.58 -38.25 37.69
N GLY D 105 43.08 -37.67 38.78
CA GLY D 105 42.05 -38.34 39.53
C GLY D 105 40.70 -37.71 39.32
N PRO D 106 39.71 -38.19 40.01
CA PRO D 106 38.33 -37.63 39.94
C PRO D 106 38.32 -36.12 40.02
N PHE D 107 37.67 -35.49 39.09
CA PHE D 107 37.56 -34.03 39.01
C PHE D 107 38.88 -33.33 38.78
N SER D 108 39.88 -34.06 38.27
CA SER D 108 41.13 -33.48 37.84
C SER D 108 41.82 -32.66 38.93
N ALA D 109 41.95 -31.29 38.75
CA ALA D 109 42.78 -30.54 39.68
C ALA D 109 42.31 -30.59 41.13
N MET D 110 41.04 -30.83 41.34
CA MET D 110 40.51 -31.06 42.64
C MET D 110 41.24 -32.17 43.40
N PHE D 111 41.54 -33.27 42.71
CA PHE D 111 42.03 -34.46 43.37
C PHE D 111 43.46 -34.26 43.89
N ASP D 112 44.36 -33.74 43.04
CA ASP D 112 45.73 -33.49 43.49
C ASP D 112 45.95 -32.13 44.13
N GLY D 113 45.08 -31.17 43.86
CA GLY D 113 45.18 -29.80 44.45
C GLY D 113 44.50 -29.68 45.79
N ARG D 114 43.42 -30.44 46.06
CA ARG D 114 42.65 -30.26 47.31
C ARG D 114 42.54 -31.54 48.10
N PHE D 115 42.06 -32.63 47.49
CA PHE D 115 41.76 -33.82 48.24
C PHE D 115 43.00 -34.54 48.82
N ILE D 116 43.95 -34.92 47.96
CA ILE D 116 45.11 -35.63 48.48
C ILE D 116 45.92 -34.83 49.53
N PRO D 117 46.17 -33.53 49.31
CA PRO D 117 46.85 -32.78 50.34
C PRO D 117 46.16 -32.76 51.70
N LEU D 118 44.82 -32.76 51.73
CA LEU D 118 44.08 -32.82 52.97
C LEU D 118 43.98 -34.22 53.52
N ALA D 119 43.84 -35.23 52.67
CA ALA D 119 43.64 -36.59 53.14
C ALA D 119 44.93 -37.22 53.59
N ARG D 120 46.03 -36.85 52.95
CA ARG D 120 47.36 -37.42 53.20
C ARG D 120 48.44 -36.36 53.20
N PRO D 121 48.44 -35.51 54.23
CA PRO D 121 49.38 -34.37 54.25
C PRO D 121 50.83 -34.75 54.34
N GLU D 122 51.15 -35.97 54.75
CA GLU D 122 52.55 -36.45 54.76
C GLU D 122 53.14 -36.66 53.31
N VAL D 123 52.33 -37.06 52.30
CA VAL D 123 52.90 -37.41 50.96
C VAL D 123 53.06 -36.16 50.10
N LYS D 124 53.96 -36.21 49.13
CA LYS D 124 54.06 -35.15 48.13
C LYS D 124 53.66 -35.95 46.89
N TRP D 125 52.41 -35.75 46.45
CA TRP D 125 51.92 -36.39 45.23
C TRP D 125 51.43 -35.38 44.20
N THR D 126 51.64 -35.68 42.94
CA THR D 126 51.12 -34.95 41.79
C THR D 126 50.53 -35.94 40.78
N HIS D 127 49.58 -35.45 40.00
CA HIS D 127 49.04 -36.29 38.91
C HIS D 127 50.13 -36.74 37.97
N GLU D 128 51.17 -35.94 37.79
CA GLU D 128 52.29 -36.34 36.89
C GLU D 128 52.98 -37.60 37.38
N GLN D 129 53.19 -37.72 38.69
CA GLN D 129 53.70 -38.98 39.24
C GLN D 129 52.72 -40.09 38.94
N GLY D 130 51.43 -39.83 39.15
CA GLY D 130 50.44 -40.78 38.80
C GLY D 130 50.51 -41.20 37.31
N SER D 131 50.79 -40.25 36.41
CA SER D 131 50.79 -40.56 35.00
C SER D 131 51.92 -41.57 34.64
N VAL D 132 53.05 -41.41 35.28
CA VAL D 132 54.20 -42.28 35.08
C VAL D 132 53.89 -43.69 35.60
N MET D 133 53.30 -43.79 36.77
CA MET D 133 52.96 -45.09 37.31
C MET D 133 51.86 -45.72 36.47
N MET D 134 50.87 -44.93 36.06
CA MET D 134 49.79 -45.50 35.27
C MET D 134 50.26 -45.95 33.89
N PHE D 135 51.17 -45.22 33.30
CA PHE D 135 51.79 -45.61 32.07
C PHE D 135 52.50 -47.00 32.14
N GLU D 136 53.31 -47.15 33.18
CA GLU D 136 53.99 -48.40 33.50
C GLU D 136 52.92 -49.55 33.59
N HIS D 137 51.86 -49.31 34.35
CA HIS D 137 50.84 -50.32 34.53
C HIS D 137 50.08 -50.61 33.20
N LEU D 138 49.81 -49.55 32.39
CA LEU D 138 49.18 -49.73 31.10
C LEU D 138 50.06 -50.63 30.17
N ILE D 139 51.34 -50.31 30.09
CA ILE D 139 52.28 -51.07 29.27
C ILE D 139 52.36 -52.53 29.72
N ASN D 140 52.54 -52.74 31.00
CA ASN D 140 52.78 -54.08 31.52
C ASN D 140 51.57 -54.98 31.46
N SER D 141 50.39 -54.44 31.66
CA SER D 141 49.24 -55.25 31.67
C SER D 141 48.55 -55.41 30.33
N ASN D 142 49.02 -54.76 29.28
CA ASN D 142 48.37 -54.90 27.96
C ASN D 142 49.38 -55.35 26.90
N GLY D 143 50.53 -55.89 27.29
CA GLY D 143 51.49 -56.41 26.34
C GLY D 143 52.03 -55.42 25.33
N ILE D 144 52.24 -54.19 25.73
CA ILE D 144 52.64 -53.15 24.79
C ILE D 144 54.13 -53.18 24.47
N LYS D 145 55.00 -53.66 25.36
CA LYS D 145 56.46 -53.64 25.03
C LYS D 145 56.86 -54.33 23.70
N PRO D 146 56.33 -55.57 23.43
CA PRO D 146 56.66 -56.16 22.14
C PRO D 146 56.11 -55.36 20.96
N VAL D 147 54.99 -54.68 21.14
CA VAL D 147 54.42 -53.90 20.06
C VAL D 147 55.30 -52.67 19.81
N MET D 148 55.84 -52.08 20.86
CA MET D 148 56.82 -51.01 20.69
C MET D 148 58.03 -51.46 19.85
N GLU D 149 58.57 -52.63 20.19
CA GLU D 149 59.66 -53.23 19.43
C GLU D 149 59.33 -53.46 17.97
N GLN D 150 58.14 -53.96 17.71
CA GLN D 150 57.68 -54.12 16.36
C GLN D 150 57.78 -52.82 15.53
N TYR D 151 57.59 -51.65 16.13
CA TYR D 151 57.65 -50.39 15.40
C TYR D 151 58.94 -49.62 15.57
N GLY D 152 59.99 -50.27 16.04
CA GLY D 152 61.30 -49.62 15.98
C GLY D 152 61.71 -49.00 17.29
N LEU D 153 60.90 -49.11 18.32
CA LEU D 153 61.26 -48.53 19.61
C LEU D 153 62.11 -49.51 20.40
N ILE D 154 62.89 -49.01 21.33
CA ILE D 154 63.68 -49.80 22.23
C ILE D 154 63.20 -49.59 23.64
N PRO D 155 62.38 -50.48 24.17
CA PRO D 155 61.70 -50.19 25.43
C PRO D 155 62.56 -49.86 26.64
N GLU D 156 63.75 -50.43 26.83
CA GLU D 156 64.64 -50.09 27.95
C GLU D 156 64.82 -48.54 27.94
N GLU D 157 65.34 -48.04 26.81
CA GLU D 157 65.57 -46.60 26.62
C GLU D 157 64.30 -45.76 26.52
N ASP D 158 63.32 -46.20 25.74
CA ASP D 158 62.22 -45.34 25.34
C ASP D 158 61.15 -45.17 26.40
N ILE D 159 60.88 -46.18 27.21
CA ILE D 159 59.98 -46.09 28.35
C ILE D 159 60.50 -45.04 29.32
N CYS D 160 61.79 -45.11 29.59
CA CYS D 160 62.41 -44.12 30.42
C CYS D 160 62.28 -42.71 29.81
N PHE D 161 62.59 -42.57 28.52
CA PHE D 161 62.40 -41.28 27.81
C PHE D 161 60.97 -40.72 27.94
N ILE D 162 59.99 -41.57 27.73
CA ILE D 162 58.58 -41.20 27.81
C ILE D 162 58.22 -40.70 29.19
N LYS D 163 58.64 -41.42 30.20
CA LYS D 163 58.41 -41.02 31.58
C LYS D 163 59.06 -39.71 31.94
N GLU D 164 60.29 -39.55 31.52
CA GLU D 164 61.04 -38.32 31.77
C GLU D 164 60.39 -37.09 31.09
N GLN D 165 59.78 -37.29 29.93
CA GLN D 165 59.09 -36.21 29.26
C GLN D 165 57.88 -35.78 30.12
N ILE D 166 57.24 -36.73 30.78
CA ILE D 166 56.04 -36.44 31.54
C ILE D 166 56.32 -35.79 32.89
N VAL D 167 57.26 -36.32 33.63
CA VAL D 167 57.48 -35.96 35.00
C VAL D 167 58.82 -35.25 35.25
N GLY D 168 59.72 -35.18 34.28
CA GLY D 168 61.08 -34.70 34.52
C GLY D 168 62.03 -35.81 34.90
N PRO D 169 63.27 -35.48 35.32
CA PRO D 169 64.30 -36.49 35.64
C PRO D 169 63.83 -37.45 36.74
N LEU D 170 64.10 -38.75 36.64
CA LEU D 170 63.55 -39.78 37.61
C LEU D 170 64.33 -40.20 38.92
N LEU D 178 75.54 -31.13 35.35
CA LEU D 178 75.56 -32.38 34.58
C LEU D 178 74.19 -32.61 33.89
N TRP D 179 74.11 -33.64 33.05
CA TRP D 179 72.89 -33.94 32.24
C TRP D 179 72.11 -34.97 32.98
N PRO D 180 70.90 -34.61 33.43
CA PRO D 180 70.16 -35.52 34.33
C PRO D 180 69.26 -36.55 33.66
N TYR D 181 69.23 -36.64 32.36
CA TYR D 181 68.26 -37.53 31.68
C TYR D 181 68.99 -38.73 31.15
N LYS D 182 68.32 -39.86 31.18
CA LYS D 182 68.84 -41.10 30.63
C LYS D 182 68.23 -41.49 29.29
N GLY D 183 67.03 -41.02 28.98
CA GLY D 183 66.30 -41.53 27.83
C GLY D 183 66.85 -41.02 26.50
N ARG D 184 67.37 -39.82 26.51
CA ARG D 184 67.99 -39.23 25.34
C ARG D 184 69.16 -38.39 25.80
N PRO D 185 70.19 -38.27 24.94
CA PRO D 185 71.33 -37.38 25.27
C PRO D 185 71.06 -35.92 25.01
N GLU D 186 72.03 -35.08 25.35
CA GLU D 186 71.98 -33.62 25.21
C GLU D 186 71.71 -33.10 23.84
N ASN D 187 72.20 -33.79 22.84
CA ASN D 187 71.97 -33.37 21.46
C ASN D 187 70.49 -33.57 21.07
N LYS D 188 69.68 -34.16 21.96
CA LYS D 188 68.24 -34.22 21.77
C LYS D 188 67.41 -33.62 22.89
N SER D 189 68.00 -32.65 23.62
CA SER D 189 67.35 -32.04 24.78
C SER D 189 66.06 -31.36 24.41
N PHE D 190 66.00 -30.80 23.21
CA PHE D 190 64.80 -30.19 22.71
C PHE D 190 63.56 -31.09 22.75
N LEU D 191 63.77 -32.41 22.68
CA LEU D 191 62.66 -33.30 22.77
C LEU D 191 61.98 -33.28 24.13
N TYR D 192 62.67 -32.89 25.18
CA TYR D 192 62.06 -32.77 26.48
C TYR D 192 61.24 -31.45 26.70
N GLU D 193 61.20 -30.61 25.70
CA GLU D 193 60.56 -29.33 25.78
C GLU D 193 59.18 -29.31 25.08
N ILE D 194 58.66 -30.48 24.65
CA ILE D 194 57.47 -30.51 23.85
C ILE D 194 56.22 -30.71 24.69
N VAL D 195 56.20 -31.78 25.47
CA VAL D 195 55.05 -32.16 26.23
C VAL D 195 54.86 -31.38 27.53
N SER D 196 55.95 -31.26 28.28
CA SER D 196 55.99 -30.58 29.54
C SER D 196 57.34 -29.88 29.65
N ASN D 197 57.33 -28.58 29.48
CA ASN D 197 58.57 -27.84 29.39
C ASN D 197 58.95 -27.35 30.79
N LYS D 198 59.95 -27.98 31.38
CA LYS D 198 60.38 -27.62 32.74
C LYS D 198 61.20 -26.31 32.80
N ARG D 199 61.75 -25.87 31.70
CA ARG D 199 62.56 -24.66 31.68
C ARG D 199 61.62 -23.44 31.74
N ASN D 200 60.55 -23.40 30.95
CA ASN D 200 59.71 -22.22 30.92
C ASN D 200 58.20 -22.40 30.84
N GLY D 201 57.70 -23.63 30.75
CA GLY D 201 56.30 -23.91 30.66
C GLY D 201 55.68 -23.75 29.28
N ILE D 202 56.46 -23.42 28.25
CA ILE D 202 55.91 -23.28 26.93
C ILE D 202 55.83 -24.64 26.26
N ASP D 203 54.66 -25.28 26.37
CA ASP D 203 54.50 -26.64 25.93
C ASP D 203 53.12 -26.87 25.25
N VAL D 204 53.01 -27.99 24.56
CA VAL D 204 51.85 -28.27 23.77
C VAL D 204 50.65 -28.63 24.61
N ASP D 205 50.88 -29.00 25.87
CA ASP D 205 49.79 -29.25 26.81
C ASP D 205 48.96 -27.99 26.99
N LYS D 206 49.62 -26.88 27.24
CA LYS D 206 48.94 -25.60 27.33
C LYS D 206 48.18 -25.26 26.07
N TRP D 207 48.79 -25.50 24.94
CA TRP D 207 48.14 -25.12 23.67
C TRP D 207 46.87 -25.92 23.43
N ASP D 208 46.86 -27.19 23.78
CA ASP D 208 45.63 -27.94 23.64
C ASP D 208 44.59 -27.43 24.63
N TYR D 209 44.92 -27.26 25.92
CA TYR D 209 43.89 -26.91 26.86
C TYR D 209 43.38 -25.50 26.66
N PHE D 210 44.22 -24.56 26.24
CA PHE D 210 43.71 -23.23 25.87
C PHE D 210 42.59 -23.35 24.84
N ALA D 211 42.89 -24.04 23.76
CA ALA D 211 41.95 -24.13 22.66
C ALA D 211 40.70 -24.93 23.04
N ARG D 212 40.91 -26.05 23.70
CA ARG D 212 39.80 -26.94 24.01
C ARG D 212 38.91 -26.35 25.13
N ASP D 213 39.53 -25.86 26.21
CA ASP D 213 38.75 -25.25 27.25
C ASP D 213 37.93 -24.08 26.74
N CYS D 214 38.55 -23.22 25.95
CA CYS D 214 37.81 -22.06 25.40
C CYS D 214 36.61 -22.47 24.54
N HIS D 215 36.81 -23.43 23.67
CA HIS D 215 35.72 -23.96 22.81
C HIS D 215 34.53 -24.41 23.66
N HIS D 216 34.80 -25.02 24.80
CA HIS D 216 33.74 -25.56 25.65
C HIS D 216 33.20 -24.57 26.66
N LEU D 217 34.05 -23.68 27.18
CA LEU D 217 33.63 -22.73 28.14
C LEU D 217 32.76 -21.63 27.53
N GLY D 218 32.98 -21.29 26.26
CA GLY D 218 32.32 -20.16 25.62
C GLY D 218 33.06 -18.84 25.91
N ILE D 219 34.39 -18.95 25.99
CA ILE D 219 35.30 -17.83 26.13
C ILE D 219 36.33 -18.02 25.06
N GLN D 220 36.80 -16.96 24.47
CA GLN D 220 37.51 -17.14 23.20
C GLN D 220 39.06 -17.15 23.42
N ASN D 221 39.67 -18.08 22.65
CA ASN D 221 41.11 -18.20 22.78
C ASN D 221 41.92 -17.09 21.98
N ASN D 222 42.76 -16.23 22.56
CA ASN D 222 43.65 -15.41 21.64
C ASN D 222 45.13 -15.82 21.36
N PHE D 223 45.55 -17.00 21.77
CA PHE D 223 46.90 -17.46 21.50
C PHE D 223 46.89 -18.37 20.25
N ASP D 224 47.81 -18.09 19.32
CA ASP D 224 47.93 -18.85 18.10
C ASP D 224 49.15 -19.83 18.14
N TYR D 225 48.88 -21.07 18.50
CA TYR D 225 49.87 -22.07 18.68
C TYR D 225 50.49 -22.46 17.32
N LYS D 226 49.70 -22.45 16.27
CA LYS D 226 50.18 -22.79 14.96
C LYS D 226 51.18 -21.83 14.47
N ARG D 227 50.97 -20.56 14.76
CA ARG D 227 51.97 -19.58 14.42
C ARG D 227 53.28 -19.87 15.19
N PHE D 228 53.18 -20.17 16.47
CA PHE D 228 54.38 -20.48 17.22
C PHE D 228 55.17 -21.65 16.62
N ILE D 229 54.46 -22.71 16.21
CA ILE D 229 55.12 -23.87 15.60
C ILE D 229 55.85 -23.49 14.34
N LYS D 230 55.25 -22.67 13.48
CA LYS D 230 55.95 -22.24 12.30
C LYS D 230 57.23 -21.54 12.56
N PHE D 231 57.33 -20.76 13.63
CA PHE D 231 58.50 -19.96 13.90
C PHE D 231 59.47 -20.64 14.88
N ALA D 232 59.24 -21.90 15.27
CA ALA D 232 60.08 -22.51 16.27
C ALA D 232 61.30 -23.14 15.53
N ARG D 233 62.49 -23.00 16.10
CA ARG D 233 63.71 -23.66 15.64
C ARG D 233 64.50 -24.19 16.79
N VAL D 234 65.38 -25.13 16.50
CA VAL D 234 66.32 -25.58 17.52
C VAL D 234 67.67 -24.90 17.29
N CYS D 235 68.24 -24.34 18.34
CA CYS D 235 69.56 -23.69 18.34
C CYS D 235 70.35 -24.17 19.57
N GLU D 236 71.66 -24.03 19.48
CA GLU D 236 72.55 -24.32 20.59
C GLU D 236 72.46 -23.19 21.63
N VAL D 237 72.17 -23.56 22.88
CA VAL D 237 72.12 -22.63 24.02
C VAL D 237 72.89 -23.31 25.14
N ASP D 238 73.94 -22.66 25.68
CA ASP D 238 74.81 -23.24 26.76
C ASP D 238 75.11 -24.72 26.56
N ASN D 239 75.56 -25.13 25.35
CA ASN D 239 75.92 -26.56 25.09
C ASN D 239 74.79 -27.61 25.01
N GLU D 240 73.54 -27.18 24.95
CA GLU D 240 72.38 -28.08 24.68
C GLU D 240 71.66 -27.56 23.44
N LEU D 241 71.14 -28.45 22.63
CA LEU D 241 70.19 -28.11 21.59
C LEU D 241 68.77 -27.85 22.18
N ARG D 242 68.28 -26.61 22.13
CA ARG D 242 66.95 -26.20 22.67
C ARG D 242 66.02 -25.53 21.65
N ILE D 243 64.74 -25.56 21.95
CA ILE D 243 63.74 -24.91 21.15
C ILE D 243 63.85 -23.43 21.39
N CYS D 244 64.01 -22.66 20.30
CA CYS D 244 63.93 -21.22 20.34
C CYS D 244 62.82 -20.69 19.48
N ALA D 245 62.34 -19.50 19.81
CA ALA D 245 61.30 -18.80 19.07
C ALA D 245 61.89 -17.66 18.30
N ARG D 246 61.25 -17.24 17.19
CA ARG D 246 61.66 -16.00 16.55
C ARG D 246 61.56 -14.86 17.52
N ASP D 247 62.53 -13.94 17.46
CA ASP D 247 62.54 -12.74 18.27
C ASP D 247 61.19 -12.00 18.32
N LYS D 248 60.59 -11.79 17.16
CA LYS D 248 59.36 -11.00 17.05
C LYS D 248 58.13 -11.71 17.70
N GLU D 249 58.19 -12.98 18.02
CA GLU D 249 57.18 -13.66 18.79
C GLU D 249 57.20 -13.35 20.31
N VAL D 250 58.16 -12.56 20.81
CA VAL D 250 58.26 -12.35 22.27
C VAL D 250 56.96 -11.77 22.87
N GLY D 251 56.37 -10.82 22.20
CA GLY D 251 55.07 -10.25 22.59
C GLY D 251 53.97 -11.29 22.70
N ASN D 252 53.95 -12.22 21.75
CA ASN D 252 52.98 -13.28 21.74
C ASN D 252 53.18 -14.24 22.93
N LEU D 253 54.42 -14.44 23.37
CA LEU D 253 54.67 -15.28 24.53
C LEU D 253 54.24 -14.65 25.83
N TYR D 254 54.49 -13.36 25.99
CA TYR D 254 53.91 -12.64 27.12
C TYR D 254 52.39 -12.77 27.09
N ASP D 255 51.80 -12.61 25.92
CA ASP D 255 50.34 -12.81 25.80
C ASP D 255 49.89 -14.20 26.14
N MET D 256 50.68 -15.19 25.79
CA MET D 256 50.35 -16.58 26.17
C MET D 256 50.15 -16.72 27.69
N PHE D 257 51.07 -16.21 28.48
CA PHE D 257 50.96 -16.35 29.93
C PHE D 257 49.86 -15.44 30.48
N HIS D 258 49.64 -14.30 29.83
CA HIS D 258 48.54 -13.45 30.19
C HIS D 258 47.19 -14.17 29.97
N THR D 259 47.06 -14.89 28.85
CA THR D 259 45.90 -15.69 28.60
C THR D 259 45.72 -16.79 29.63
N ARG D 260 46.81 -17.46 29.98
CA ARG D 260 46.70 -18.49 31.00
C ARG D 260 46.12 -17.91 32.29
N ASN D 261 46.64 -16.77 32.72
CA ASN D 261 46.22 -16.12 33.95
C ASN D 261 44.76 -15.70 33.84
N SER D 262 44.38 -15.22 32.69
CA SER D 262 43.03 -14.81 32.43
C SER D 262 42.02 -15.97 32.43
N LEU D 263 42.41 -17.11 31.92
CA LEU D 263 41.58 -18.31 32.03
C LEU D 263 41.45 -18.83 33.46
N HIS D 264 42.53 -18.73 34.24
CA HIS D 264 42.39 -19.03 35.68
C HIS D 264 41.44 -18.04 36.38
N ARG D 265 41.53 -16.76 36.08
CA ARG D 265 40.62 -15.77 36.71
C ARG D 265 39.16 -15.94 36.31
N ARG D 266 38.90 -16.14 35.03
CA ARG D 266 37.55 -16.23 34.58
C ARG D 266 36.91 -17.56 34.81
N ALA D 267 37.67 -18.64 34.71
CA ALA D 267 37.07 -19.98 34.71
C ALA D 267 37.61 -20.93 35.73
N TYR D 268 38.88 -21.25 35.66
CA TYR D 268 39.40 -22.33 36.49
C TYR D 268 39.33 -22.01 37.99
N GLN D 269 39.55 -20.76 38.38
CA GLN D 269 39.41 -20.34 39.75
C GLN D 269 38.13 -19.56 40.01
N HIS D 270 37.11 -19.77 39.20
CA HIS D 270 35.83 -19.15 39.46
C HIS D 270 35.43 -19.56 40.89
N LYS D 271 34.99 -18.63 41.66
CA LYS D 271 34.74 -18.84 43.08
C LYS D 271 33.70 -19.89 43.37
N VAL D 272 32.71 -20.09 42.51
CA VAL D 272 31.75 -21.13 42.72
C VAL D 272 32.25 -22.45 42.20
N GLY D 273 32.95 -22.44 41.07
CA GLY D 273 33.60 -23.69 40.64
C GLY D 273 34.49 -24.23 41.74
N ASN D 274 35.27 -23.37 42.36
CA ASN D 274 36.11 -23.82 43.44
C ASN D 274 35.35 -24.33 44.69
N ILE D 275 34.23 -23.72 45.04
CA ILE D 275 33.51 -24.18 46.19
C ILE D 275 32.85 -25.51 45.91
N ILE D 276 32.47 -25.75 44.65
CA ILE D 276 31.96 -27.05 44.31
C ILE D 276 33.06 -28.11 44.45
N ASP D 277 34.24 -27.82 43.91
CA ASP D 277 35.42 -28.68 44.09
C ASP D 277 35.68 -28.96 45.62
N THR D 278 35.56 -27.91 46.44
CA THR D 278 35.72 -28.01 47.87
C THR D 278 34.67 -28.90 48.50
N MET D 279 33.42 -28.75 48.11
CA MET D 279 32.34 -29.59 48.61
C MET D 279 32.52 -31.03 48.23
N ILE D 280 32.89 -31.28 46.98
CA ILE D 280 33.14 -32.66 46.56
C ILE D 280 34.29 -33.26 47.37
N THR D 281 35.33 -32.48 47.57
CA THR D 281 36.48 -32.87 48.40
C THR D 281 36.05 -33.24 49.80
N ASP D 282 35.22 -32.41 50.39
CA ASP D 282 34.63 -32.67 51.69
C ASP D 282 33.86 -33.99 51.74
N ALA D 283 33.01 -34.23 50.76
CA ALA D 283 32.29 -35.48 50.65
C ALA D 283 33.25 -36.65 50.52
N PHE D 284 34.30 -36.51 49.72
CA PHE D 284 35.29 -37.56 49.60
C PHE D 284 36.00 -37.83 50.94
N LEU D 285 36.39 -36.79 51.67
CA LEU D 285 36.99 -36.96 53.00
C LEU D 285 36.02 -37.71 53.97
N LYS D 286 34.73 -37.43 53.89
CA LYS D 286 33.75 -38.13 54.66
C LYS D 286 33.45 -39.52 54.21
N ALA D 287 33.73 -39.84 52.95
CA ALA D 287 33.48 -41.20 52.44
C ALA D 287 34.73 -42.10 52.55
N ASP D 288 35.89 -41.49 52.78
CA ASP D 288 37.16 -42.14 52.58
C ASP D 288 37.37 -43.37 53.43
N ASP D 289 36.90 -43.33 54.69
CA ASP D 289 37.06 -44.47 55.61
C ASP D 289 36.18 -45.65 55.18
N TYR D 290 35.17 -45.47 54.32
CA TYR D 290 34.16 -46.50 54.08
C TYR D 290 34.13 -47.08 52.68
N ILE D 291 34.82 -46.49 51.73
CA ILE D 291 34.82 -47.03 50.38
C ILE D 291 36.04 -47.93 50.22
N GLU D 292 35.83 -49.08 49.62
CA GLU D 292 36.92 -50.07 49.42
C GLU D 292 37.15 -50.25 47.96
N ILE D 293 38.37 -50.14 47.54
CA ILE D 293 38.70 -50.33 46.15
C ILE D 293 39.75 -51.37 46.06
N THR D 294 39.50 -52.40 45.29
CA THR D 294 40.40 -53.57 45.18
C THR D 294 41.52 -53.26 44.18
N GLY D 295 42.76 -53.44 44.61
CA GLY D 295 43.92 -53.28 43.80
C GLY D 295 44.62 -54.62 43.53
N ALA D 296 45.91 -54.57 43.28
CA ALA D 296 46.73 -55.70 42.83
C ALA D 296 46.91 -56.62 44.04
N GLY D 297 46.88 -57.92 43.71
CA GLY D 297 47.00 -58.98 44.69
C GLY D 297 45.83 -58.98 45.65
N GLY D 298 44.65 -58.44 45.23
CA GLY D 298 43.51 -58.27 46.12
C GLY D 298 43.58 -57.33 47.34
N LYS D 299 44.68 -56.58 47.51
CA LYS D 299 44.80 -55.52 48.57
C LYS D 299 43.68 -54.50 48.48
N LYS D 300 43.31 -53.95 49.62
CA LYS D 300 42.18 -53.03 49.68
C LYS D 300 42.66 -51.64 49.89
N TYR D 301 42.17 -50.72 49.08
CA TYR D 301 42.61 -49.34 49.16
C TYR D 301 41.40 -48.46 49.42
N ARG D 302 41.67 -47.27 49.88
CA ARG D 302 40.68 -46.22 50.02
C ARG D 302 40.86 -45.22 48.86
N ILE D 303 39.97 -44.25 48.77
CA ILE D 303 40.06 -43.20 47.78
C ILE D 303 41.40 -42.49 47.89
N SER D 304 41.86 -42.21 49.10
CA SER D 304 43.10 -41.53 49.36
C SER D 304 44.31 -42.40 49.18
N THR D 305 44.14 -43.72 49.19
CA THR D 305 45.30 -44.59 49.01
C THR D 305 45.38 -45.25 47.67
N ALA D 306 44.33 -45.18 46.88
CA ALA D 306 44.34 -45.77 45.52
C ALA D 306 45.46 -45.23 44.66
N ILE D 307 45.98 -44.03 44.95
CA ILE D 307 47.15 -43.50 44.27
C ILE D 307 48.43 -44.34 44.47
N ASP D 308 48.41 -45.31 45.38
CA ASP D 308 49.56 -46.15 45.64
C ASP D 308 49.58 -47.42 44.78
N ASP D 309 48.49 -47.71 44.08
CA ASP D 309 48.35 -48.91 43.31
C ASP D 309 47.47 -48.68 42.08
N MET D 310 48.09 -48.79 40.92
CA MET D 310 47.45 -48.39 39.67
C MET D 310 46.28 -49.27 39.29
N GLU D 311 46.25 -50.49 39.74
CA GLU D 311 45.08 -51.32 39.49
C GLU D 311 43.83 -50.82 40.22
N ALA D 312 44.03 -50.38 41.46
CA ALA D 312 42.95 -49.74 42.18
C ALA D 312 42.56 -48.37 41.49
N TYR D 313 43.60 -47.59 41.21
CA TYR D 313 43.39 -46.26 40.73
C TYR D 313 42.65 -46.25 39.37
N THR D 314 42.86 -47.29 38.59
CA THR D 314 42.18 -47.48 37.35
C THR D 314 40.66 -47.38 37.48
N LYS D 315 40.14 -47.80 38.62
CA LYS D 315 38.72 -47.81 38.87
C LYS D 315 38.19 -46.61 39.63
N LEU D 316 39.05 -45.62 39.86
CA LEU D 316 38.63 -44.40 40.53
C LEU D 316 38.46 -43.23 39.54
N THR D 317 37.22 -42.84 39.28
CA THR D 317 36.89 -41.79 38.30
C THR D 317 35.80 -40.90 38.88
N ASP D 318 35.30 -39.97 38.13
CA ASP D 318 34.15 -39.12 38.57
C ASP D 318 32.93 -39.92 38.98
N ASN D 319 32.78 -41.10 38.48
CA ASN D 319 31.70 -42.04 38.88
C ASN D 319 31.61 -42.20 40.41
N ILE D 320 32.71 -42.05 41.14
CA ILE D 320 32.65 -42.16 42.59
C ILE D 320 31.65 -41.14 43.18
N PHE D 321 31.49 -39.98 42.57
CA PHE D 321 30.51 -38.98 42.95
C PHE D 321 29.11 -39.60 42.95
N LEU D 322 28.75 -40.24 41.85
CA LEU D 322 27.44 -40.85 41.74
C LEU D 322 27.28 -42.12 42.61
N GLU D 323 28.34 -42.90 42.76
CA GLU D 323 28.36 -44.04 43.68
C GLU D 323 28.01 -43.55 45.10
N ILE D 324 28.61 -42.44 45.55
CA ILE D 324 28.26 -41.89 46.82
C ILE D 324 26.84 -41.32 46.82
N LEU D 325 26.48 -40.54 45.81
CA LEU D 325 25.16 -39.91 45.79
C LEU D 325 24.01 -40.92 45.80
N TYR D 326 24.17 -42.04 45.13
CA TYR D 326 23.13 -43.04 45.02
C TYR D 326 23.20 -44.09 46.10
N SER D 327 24.20 -44.03 47.00
CA SER D 327 24.32 -45.09 48.00
C SER D 327 23.16 -45.01 49.00
N THR D 328 22.99 -46.12 49.72
CA THR D 328 22.05 -46.22 50.86
C THR D 328 22.73 -46.58 52.16
N ASP D 329 23.96 -47.08 52.10
CA ASP D 329 24.77 -47.36 53.28
C ASP D 329 24.73 -46.20 54.28
N PRO D 330 24.32 -46.47 55.55
CA PRO D 330 24.29 -45.40 56.57
C PRO D 330 25.63 -44.75 56.84
N LYS D 331 26.70 -45.49 56.64
CA LYS D 331 28.02 -44.93 56.83
C LYS D 331 28.39 -43.79 55.86
N LEU D 332 27.80 -43.81 54.68
CA LEU D 332 28.03 -42.79 53.67
C LEU D 332 27.03 -41.65 53.77
N LYS D 333 26.17 -41.65 54.79
CA LYS D 333 25.18 -40.60 54.96
C LYS D 333 25.77 -39.18 54.95
N ASP D 334 26.83 -38.95 55.66
CA ASP D 334 27.41 -37.65 55.79
C ASP D 334 27.94 -37.13 54.40
N ALA D 335 28.65 -38.00 53.67
CA ALA D 335 29.19 -37.70 52.38
C ALA D 335 28.07 -37.46 51.39
N ARG D 336 27.07 -38.33 51.40
CA ARG D 336 25.90 -38.24 50.56
C ARG D 336 25.15 -36.95 50.73
N GLU D 337 25.03 -36.47 51.97
CA GLU D 337 24.29 -35.23 52.23
C GLU D 337 25.02 -34.01 51.64
N ILE D 338 26.35 -34.03 51.64
CA ILE D 338 27.09 -32.94 50.99
C ILE D 338 26.82 -32.91 49.48
N LEU D 339 26.81 -34.08 48.86
CA LEU D 339 26.55 -34.14 47.42
C LEU D 339 25.09 -33.76 47.12
N LYS D 340 24.15 -34.13 47.98
CA LYS D 340 22.78 -33.61 47.86
C LYS D 340 22.67 -32.11 47.94
N GLN D 341 23.46 -31.51 48.80
CA GLN D 341 23.50 -30.07 48.86
C GLN D 341 23.95 -29.43 47.52
N ILE D 342 24.94 -30.06 46.85
CA ILE D 342 25.38 -29.61 45.54
C ILE D 342 24.18 -29.62 44.55
N GLU D 343 23.45 -30.72 44.52
CA GLU D 343 22.37 -30.82 43.56
C GLU D 343 21.19 -29.88 43.78
N TYR D 344 20.91 -29.53 45.02
CA TYR D 344 19.89 -28.51 45.35
C TYR D 344 20.44 -27.10 45.28
N ARG D 345 21.75 -26.96 44.99
CA ARG D 345 22.44 -25.70 45.02
C ARG D 345 22.39 -25.01 46.37
N ASN D 346 22.41 -25.77 47.47
CA ASN D 346 22.60 -25.22 48.80
C ASN D 346 24.11 -25.30 49.07
N LEU D 347 24.84 -24.43 48.40
CA LEU D 347 26.26 -24.41 48.40
C LEU D 347 26.77 -23.61 49.58
N PHE D 348 28.00 -23.92 50.02
CA PHE D 348 28.66 -23.00 50.96
C PHE D 348 28.65 -21.61 50.26
N LYS D 349 28.43 -20.52 50.99
CA LYS D 349 28.22 -19.21 50.38
C LYS D 349 29.49 -18.42 50.30
N TYR D 350 29.74 -17.88 49.11
CA TYR D 350 30.79 -16.94 48.91
C TYR D 350 30.56 -15.65 49.70
N VAL D 351 31.56 -15.26 50.48
CA VAL D 351 31.48 -14.04 51.28
C VAL D 351 32.30 -12.96 50.60
N GLY D 352 33.48 -13.28 50.12
CA GLY D 352 34.28 -12.30 49.35
C GLY D 352 35.71 -12.76 49.08
N GLU D 353 36.44 -11.86 48.49
CA GLU D 353 37.78 -12.04 48.01
C GLU D 353 38.64 -10.88 48.47
N THR D 354 39.88 -11.19 48.80
CA THR D 354 40.86 -10.19 49.17
C THR D 354 42.24 -10.69 48.75
N GLN D 355 43.24 -9.82 48.87
CA GLN D 355 44.64 -10.19 48.60
C GLN D 355 45.54 -9.61 49.68
N PRO D 356 46.70 -10.23 49.93
CA PRO D 356 47.69 -9.59 50.79
C PRO D 356 48.20 -8.31 50.13
N THR D 357 48.81 -7.49 50.93
CA THR D 357 49.36 -6.18 50.55
C THR D 357 50.86 -6.22 50.73
N GLY D 358 51.55 -5.40 49.99
CA GLY D 358 52.99 -5.27 50.17
C GLY D 358 53.75 -6.57 49.84
N GLN D 359 54.64 -6.98 50.72
CA GLN D 359 55.50 -8.10 50.49
C GLN D 359 54.96 -9.28 51.31
N ILE D 360 53.77 -9.16 51.91
CA ILE D 360 53.17 -10.23 52.71
C ILE D 360 52.82 -11.44 51.84
N LYS D 361 53.21 -12.62 52.30
CA LYS D 361 52.92 -13.90 51.71
C LYS D 361 52.28 -14.76 52.77
N ILE D 362 51.17 -15.39 52.43
CA ILE D 362 50.59 -16.40 53.31
C ILE D 362 51.24 -17.72 53.00
N LYS D 363 51.85 -18.36 54.01
CA LYS D 363 52.62 -19.59 53.84
C LYS D 363 51.70 -20.73 54.01
N ARG D 364 51.99 -21.83 53.30
CA ARG D 364 51.14 -23.04 53.35
C ARG D 364 50.88 -23.57 54.81
N GLU D 365 51.87 -23.48 55.69
CA GLU D 365 51.77 -23.91 57.12
C GLU D 365 50.68 -23.14 57.87
N ASP D 366 50.40 -21.93 57.44
CA ASP D 366 49.37 -21.07 58.06
C ASP D 366 47.95 -21.21 57.54
N TYR D 367 47.74 -21.94 56.45
CA TYR D 367 46.39 -22.08 55.86
C TYR D 367 45.37 -22.59 56.85
N GLU D 368 45.71 -23.65 57.56
CA GLU D 368 44.80 -24.25 58.52
C GLU D 368 44.34 -23.29 59.62
N SER D 369 45.19 -22.32 60.00
CA SER D 369 44.80 -21.40 61.08
C SER D 369 43.85 -20.24 60.65
N LEU D 370 43.63 -20.05 59.34
CA LEU D 370 42.91 -18.86 58.85
C LEU D 370 41.41 -18.82 59.16
N PRO D 371 40.70 -19.97 59.06
CA PRO D 371 39.30 -19.92 59.49
C PRO D 371 39.14 -19.46 60.97
N LYS D 372 40.05 -19.90 61.83
CA LYS D 372 40.07 -19.47 63.23
C LYS D 372 40.30 -17.97 63.32
N GLU D 373 41.22 -17.43 62.53
CA GLU D 373 41.42 -15.97 62.55
C GLU D 373 40.17 -15.19 62.12
N VAL D 374 39.49 -15.68 61.07
CA VAL D 374 38.30 -14.97 60.61
C VAL D 374 37.23 -14.97 61.72
N ALA D 375 37.04 -16.12 62.37
CA ALA D 375 36.06 -16.24 63.46
C ALA D 375 36.40 -15.48 64.73
N SER D 376 37.69 -15.21 64.93
CA SER D 376 38.21 -14.39 66.06
C SER D 376 38.20 -12.92 65.81
N ALA D 377 37.86 -12.47 64.60
CA ALA D 377 37.75 -11.05 64.40
C ALA D 377 36.62 -10.48 65.24
N LYS D 378 36.75 -9.24 65.64
CA LYS D 378 35.73 -8.62 66.55
C LYS D 378 35.18 -7.41 65.84
N PRO D 379 34.30 -7.61 64.84
CA PRO D 379 33.69 -6.48 64.16
C PRO D 379 32.83 -5.70 65.20
N LYS D 380 32.96 -4.37 65.23
CA LYS D 380 32.29 -3.56 66.27
C LYS D 380 30.91 -3.23 65.72
N VAL D 381 30.03 -4.21 65.72
CA VAL D 381 28.77 -4.18 64.99
C VAL D 381 27.87 -5.13 65.76
N LEU D 382 26.59 -4.82 65.83
CA LEU D 382 25.65 -5.71 66.50
C LEU D 382 25.34 -6.91 65.61
N LEU D 383 25.52 -8.11 66.14
CA LEU D 383 25.34 -9.37 65.39
C LEU D 383 24.39 -10.31 66.12
N ASP D 384 23.44 -10.90 65.38
CA ASP D 384 22.52 -11.92 65.95
C ASP D 384 23.19 -13.27 66.24
N VAL D 385 24.07 -13.69 65.36
CA VAL D 385 24.73 -15.02 65.39
C VAL D 385 26.22 -14.80 65.68
N LYS D 386 26.82 -15.62 66.54
CA LYS D 386 28.28 -15.78 66.61
C LYS D 386 28.64 -16.97 65.70
N LEU D 387 29.70 -16.87 64.92
CA LEU D 387 30.11 -17.99 64.02
C LEU D 387 31.40 -18.58 64.54
N LYS D 388 31.62 -19.87 64.36
CA LYS D 388 32.79 -20.59 64.87
C LYS D 388 33.78 -20.78 63.68
N ALA D 389 35.02 -21.14 63.97
CA ALA D 389 36.00 -21.45 62.95
C ALA D 389 35.54 -22.47 61.87
N GLU D 390 34.87 -23.53 62.31
CA GLU D 390 34.36 -24.68 61.48
C GLU D 390 33.36 -24.15 60.43
N ASP D 391 32.78 -22.96 60.65
CA ASP D 391 31.84 -22.37 59.74
C ASP D 391 32.46 -21.63 58.54
N PHE D 392 33.75 -21.33 58.56
CA PHE D 392 34.40 -20.61 57.49
C PHE D 392 35.30 -21.53 56.69
N ILE D 393 35.33 -21.26 55.38
CA ILE D 393 36.36 -21.80 54.49
C ILE D 393 37.17 -20.64 53.98
N VAL D 394 38.48 -20.79 54.04
CA VAL D 394 39.42 -19.80 53.56
C VAL D 394 40.30 -20.50 52.52
N ASP D 395 40.18 -20.08 51.27
CA ASP D 395 40.80 -20.77 50.16
C ASP D 395 41.85 -19.78 49.64
N VAL D 396 43.11 -20.18 49.68
CA VAL D 396 44.18 -19.34 49.25
C VAL D 396 44.65 -19.86 47.91
N ILE D 397 44.69 -19.02 46.90
CA ILE D 397 45.10 -19.43 45.57
C ILE D 397 46.31 -18.70 45.10
N ASN D 398 47.33 -19.49 44.72
CA ASN D 398 48.59 -18.94 44.22
C ASN D 398 48.51 -18.77 42.71
N MET D 399 48.41 -17.53 42.24
CA MET D 399 48.32 -17.19 40.85
C MET D 399 49.70 -16.70 40.38
N ASP D 400 50.24 -17.32 39.34
CA ASP D 400 51.50 -16.95 38.80
C ASP D 400 51.64 -17.25 37.30
N TYR D 401 52.85 -16.99 36.74
CA TYR D 401 53.16 -17.27 35.37
C TYR D 401 53.87 -18.61 35.21
N GLY D 402 53.61 -19.52 36.16
CA GLY D 402 54.06 -20.91 36.13
C GLY D 402 55.40 -21.19 36.76
N MET D 403 56.11 -20.18 37.26
CA MET D 403 57.45 -20.34 37.84
C MET D 403 57.60 -19.46 39.06
N GLN D 404 56.61 -19.52 39.95
CA GLN D 404 56.57 -18.76 41.21
C GLN D 404 56.80 -17.30 40.88
N GLU D 405 57.83 -16.67 41.45
CA GLU D 405 58.07 -15.25 41.26
C GLU D 405 58.75 -14.88 39.92
N LYS D 406 59.26 -15.89 39.21
CA LYS D 406 60.03 -15.66 38.02
C LYS D 406 59.19 -15.37 36.76
N ASN D 407 59.77 -14.53 35.91
CA ASN D 407 59.32 -14.25 34.57
C ASN D 407 59.77 -15.39 33.68
N PRO D 408 58.84 -16.18 33.17
CA PRO D 408 59.27 -17.30 32.34
C PRO D 408 59.91 -16.87 31.01
N ILE D 409 59.61 -15.65 30.54
CA ILE D 409 60.23 -15.17 29.35
C ILE D 409 61.74 -14.94 29.52
N ASP D 410 62.21 -14.77 30.76
CA ASP D 410 63.66 -14.77 31.00
C ASP D 410 64.29 -16.13 30.80
N HIS D 411 63.50 -17.20 30.68
CA HIS D 411 64.02 -18.54 30.43
C HIS D 411 63.66 -19.08 29.05
N VAL D 412 63.44 -18.15 28.11
CA VAL D 412 63.19 -18.50 26.72
C VAL D 412 64.36 -18.02 25.91
N SER D 413 64.70 -18.75 24.88
CA SER D 413 65.67 -18.30 23.90
C SER D 413 65.02 -17.95 22.56
N PHE D 414 65.57 -16.96 21.90
CA PHE D 414 65.09 -16.44 20.64
C PHE D 414 66.16 -16.44 19.57
N TYR D 415 65.74 -16.35 18.33
CA TYR D 415 66.67 -16.16 17.22
C TYR D 415 66.15 -15.07 16.34
N CYS D 416 67.06 -14.49 15.59
CA CYS D 416 66.79 -13.38 14.61
C CYS D 416 66.89 -13.87 13.23
N LYS D 417 66.16 -13.22 12.35
CA LYS D 417 66.04 -13.65 10.94
C LYS D 417 67.41 -13.67 10.23
N THR D 418 68.28 -12.72 10.56
CA THR D 418 69.61 -12.64 9.90
C THR D 418 70.67 -13.60 10.44
N ALA D 419 70.45 -14.26 11.60
CA ALA D 419 71.31 -15.34 12.08
C ALA D 419 70.51 -16.40 12.82
N PRO D 420 69.81 -17.25 12.05
CA PRO D 420 68.88 -18.16 12.67
C PRO D 420 69.42 -19.28 13.55
N ASN D 421 70.73 -19.53 13.55
CA ASN D 421 71.34 -20.50 14.45
C ASN D 421 71.90 -19.91 15.70
N ARG D 422 71.81 -18.61 15.84
CA ARG D 422 72.29 -17.93 16.99
C ARG D 422 71.19 -17.52 18.03
N ALA D 423 71.20 -18.19 19.17
CA ALA D 423 70.29 -17.94 20.26
C ALA D 423 70.59 -16.67 21.02
N ILE D 424 69.58 -15.92 21.40
CA ILE D 424 69.75 -14.69 22.18
C ILE D 424 68.69 -14.63 23.28
N ARG D 425 68.83 -13.70 24.20
CA ARG D 425 67.89 -13.42 25.26
C ARG D 425 67.25 -12.10 24.93
N ILE D 426 66.03 -11.91 25.41
CA ILE D 426 65.31 -10.68 25.33
C ILE D 426 64.73 -10.39 26.70
N THR D 427 65.05 -9.21 27.26
CA THR D 427 64.59 -8.84 28.60
C THR D 427 63.26 -8.13 28.46
N LYS D 428 62.60 -8.04 29.58
CA LYS D 428 61.29 -7.40 29.66
C LYS D 428 61.29 -5.95 29.18
N ASN D 429 62.28 -5.19 29.60
CA ASN D 429 62.46 -3.80 29.13
C ASN D 429 62.72 -3.63 27.63
N GLN D 430 63.20 -4.67 26.98
CA GLN D 430 63.30 -4.63 25.54
C GLN D 430 61.96 -4.83 24.85
N VAL D 431 60.90 -5.16 25.60
CA VAL D 431 59.61 -5.45 24.97
C VAL D 431 58.62 -4.32 25.18
N SER D 432 58.30 -4.00 26.43
CA SER D 432 57.19 -3.10 26.75
C SER D 432 57.20 -2.71 28.21
N GLN D 433 56.82 -1.48 28.47
CA GLN D 433 56.66 -0.95 29.82
C GLN D 433 55.24 -1.26 30.34
N LEU D 434 54.36 -1.80 29.50
CA LEU D 434 53.01 -2.10 29.94
C LEU D 434 52.86 -3.54 30.42
N LEU D 435 53.94 -4.26 30.60
CA LEU D 435 53.87 -5.64 31.02
C LEU D 435 53.78 -5.70 32.54
N PRO D 436 53.39 -6.82 33.14
CA PRO D 436 53.36 -6.89 34.60
C PRO D 436 54.70 -6.59 35.29
N GLU D 437 54.69 -6.06 36.48
CA GLU D 437 55.96 -5.81 37.26
C GLU D 437 56.26 -7.01 38.15
N LYS D 438 55.24 -7.80 38.46
CA LYS D 438 55.35 -9.01 39.26
C LYS D 438 54.65 -10.15 38.49
N PHE D 439 55.06 -11.36 38.82
CA PHE D 439 54.63 -12.59 38.20
C PHE D 439 53.95 -13.60 39.12
N ALA D 440 53.68 -13.22 40.37
CA ALA D 440 53.03 -14.07 41.37
C ALA D 440 52.23 -13.22 42.30
N GLU D 441 51.10 -13.72 42.76
CA GLU D 441 50.24 -13.09 43.71
C GLU D 441 49.35 -14.15 44.36
N GLN D 442 48.67 -13.75 45.45
CA GLN D 442 47.76 -14.65 46.14
C GLN D 442 46.38 -14.05 46.18
N LEU D 443 45.37 -14.89 45.94
CA LEU D 443 43.99 -14.52 46.16
C LEU D 443 43.45 -15.33 47.28
N ILE D 444 42.62 -14.69 48.09
CA ILE D 444 42.03 -15.30 49.24
C ILE D 444 40.53 -15.19 49.16
N ARG D 445 39.83 -16.32 49.07
CA ARG D 445 38.40 -16.35 49.03
C ARG D 445 37.91 -16.91 50.35
N VAL D 446 36.85 -16.28 50.90
CA VAL D 446 36.25 -16.74 52.10
C VAL D 446 34.80 -17.09 51.85
N TYR D 447 34.41 -18.22 52.41
CA TYR D 447 33.08 -18.70 52.29
C TYR D 447 32.54 -19.12 53.67
N CYS D 448 31.22 -19.17 53.79
CA CYS D 448 30.55 -19.55 55.00
C CYS D 448 29.70 -20.77 54.77
N LYS D 449 29.82 -21.79 55.60
CA LYS D 449 28.94 -22.97 55.56
C LYS D 449 27.53 -22.72 56.08
N LYS D 450 27.28 -21.66 56.82
CA LYS D 450 25.93 -21.37 57.28
C LYS D 450 25.32 -20.36 56.33
N VAL D 451 24.19 -20.72 55.77
CA VAL D 451 23.65 -20.05 54.56
C VAL D 451 22.48 -19.14 54.82
N ASP D 452 21.89 -19.18 56.00
CA ASP D 452 20.74 -18.29 56.31
C ASP D 452 21.12 -16.83 56.29
N ARG D 453 20.18 -15.93 56.10
CA ARG D 453 20.40 -14.50 55.98
C ARG D 453 21.18 -13.87 57.12
N LYS D 454 20.91 -14.28 58.36
CA LYS D 454 21.57 -13.67 59.49
C LYS D 454 23.03 -14.15 59.64
N SER D 455 23.30 -15.44 59.41
CA SER D 455 24.64 -15.95 59.39
C SER D 455 25.52 -15.30 58.31
N LEU D 456 24.89 -15.03 57.17
CA LEU D 456 25.58 -14.48 56.04
C LEU D 456 25.93 -13.02 56.27
N TYR D 457 25.00 -12.26 56.86
CA TYR D 457 25.30 -10.90 57.27
C TYR D 457 26.49 -10.87 58.26
N ALA D 458 26.47 -11.78 59.23
CA ALA D 458 27.54 -11.86 60.19
C ALA D 458 28.87 -12.23 59.54
N ALA D 459 28.85 -13.25 58.69
CA ALA D 459 30.08 -13.70 57.95
C ALA D 459 30.71 -12.53 57.19
N ARG D 460 29.91 -11.67 56.56
CA ARG D 460 30.46 -10.51 55.92
C ARG D 460 31.16 -9.53 56.85
N GLN D 461 30.63 -9.39 58.06
CA GLN D 461 31.25 -8.48 59.02
C GLN D 461 32.56 -9.06 59.53
N TYR D 462 32.60 -10.35 59.87
CA TYR D 462 33.83 -10.98 60.29
C TYR D 462 34.89 -10.89 59.20
N PHE D 463 34.48 -11.14 57.97
CA PHE D 463 35.37 -11.16 56.82
C PHE D 463 36.00 -9.82 56.60
N VAL D 464 35.20 -8.78 56.51
CA VAL D 464 35.75 -7.46 56.22
C VAL D 464 36.63 -6.98 57.37
N GLN D 465 36.23 -7.30 58.61
CA GLN D 465 37.05 -6.94 59.77
C GLN D 465 38.38 -7.65 59.72
N TRP D 466 38.36 -8.92 59.38
CA TRP D 466 39.61 -9.70 59.21
C TRP D 466 40.53 -9.09 58.16
N CYS D 467 39.98 -8.72 57.02
CA CYS D 467 40.76 -8.04 55.99
C CYS D 467 41.42 -6.76 56.58
N ALA D 468 40.64 -5.92 57.27
CA ALA D 468 41.18 -4.73 57.95
C ALA D 468 42.29 -5.08 58.95
N ASP D 469 42.05 -6.10 59.79
CA ASP D 469 43.00 -6.52 60.79
C ASP D 469 44.32 -6.99 60.15
N ARG D 470 44.28 -7.72 59.03
CA ARG D 470 45.48 -8.28 58.38
C ARG D 470 46.12 -7.35 57.40
N ASN D 471 45.52 -6.18 57.21
CA ASN D 471 46.02 -5.23 56.22
C ASN D 471 45.98 -5.79 54.78
N PHE D 472 44.92 -6.54 54.48
CA PHE D 472 44.63 -7.02 53.16
C PHE D 472 43.88 -5.97 52.37
N THR D 473 43.70 -6.20 51.09
CA THR D 473 43.02 -5.24 50.24
C THR D 473 41.55 -5.20 50.60
N LYS D 474 40.96 -4.03 50.39
CA LYS D 474 39.58 -3.85 50.66
C LYS D 474 38.77 -4.67 49.65
N PRO D 475 37.86 -5.52 50.16
CA PRO D 475 37.03 -6.23 49.21
C PRO D 475 36.29 -5.26 48.32
N GLN D 476 36.10 -5.67 47.07
CA GLN D 476 35.48 -4.77 46.06
C GLN D 476 34.10 -4.26 46.46
N ASP D 477 33.33 -5.11 47.09
CA ASP D 477 31.99 -4.72 47.59
C ASP D 477 32.01 -4.30 49.08
N GLY D 478 33.19 -4.04 49.64
CA GLY D 478 33.33 -3.82 51.06
C GLY D 478 32.42 -2.75 51.67
N ASP D 479 32.30 -1.61 50.99
CA ASP D 479 31.48 -0.51 51.49
C ASP D 479 30.00 -0.85 51.52
N VAL D 480 29.60 -1.80 50.66
CA VAL D 480 28.21 -2.20 50.59
C VAL D 480 27.89 -3.33 51.57
N ILE D 481 28.73 -4.35 51.64
CA ILE D 481 28.44 -5.47 52.54
C ILE D 481 28.78 -5.18 53.99
N ALA D 482 29.74 -4.29 54.23
CA ALA D 482 30.10 -3.94 55.63
C ALA D 482 30.34 -2.45 55.80
N PRO D 483 29.28 -1.63 55.59
CA PRO D 483 29.40 -0.14 55.67
C PRO D 483 29.91 0.40 57.01
N LEU D 484 29.67 -0.32 58.10
CA LEU D 484 30.13 0.16 59.39
C LEU D 484 31.57 -0.24 59.67
N ILE D 485 32.16 -1.14 58.86
CA ILE D 485 33.50 -1.64 59.13
C ILE D 485 34.53 -0.89 58.30
N THR D 486 34.25 -0.64 57.02
CA THR D 486 35.25 -0.04 56.12
C THR D 486 35.77 1.39 56.48
N PRO D 487 34.96 2.24 57.17
CA PRO D 487 35.53 3.53 57.62
C PRO D 487 36.66 3.44 58.66
N GLN D 488 36.70 2.39 59.48
CA GLN D 488 37.77 2.16 60.49
C GLN D 488 39.22 2.15 59.92
N LYS D 489 39.38 1.91 58.62
CA LYS D 489 40.70 1.58 58.06
C LYS D 489 41.17 2.75 57.19
N LYS D 490 42.16 3.49 57.70
CA LYS D 490 42.72 4.70 57.07
C LYS D 490 43.16 4.40 55.61
N GLU D 491 43.92 3.30 55.41
CA GLU D 491 44.44 2.88 54.07
C GLU D 491 43.38 2.57 52.96
N TRP D 492 42.07 2.56 53.32
CA TRP D 492 40.96 2.33 52.39
C TRP D 492 40.50 3.78 52.25
N ASP E 7 -1.85 9.19 -7.01
CA ASP E 7 -2.04 8.71 -8.40
C ASP E 7 -3.13 7.57 -8.56
N THR E 8 -4.34 7.86 -8.18
CA THR E 8 -5.52 7.06 -8.69
C THR E 8 -6.62 7.91 -9.40
N MET E 9 -7.49 7.26 -10.16
CA MET E 9 -8.61 7.94 -10.91
C MET E 9 -9.57 8.67 -9.94
N LYS E 10 -10.06 9.88 -10.24
CA LYS E 10 -11.01 10.53 -9.34
C LYS E 10 -12.31 10.68 -10.08
N VAL E 11 -13.41 10.57 -9.37
CA VAL E 11 -14.68 10.95 -9.87
C VAL E 11 -15.08 12.31 -9.32
N ILE E 12 -15.66 13.13 -10.18
CA ILE E 12 -16.08 14.47 -9.77
C ILE E 12 -17.48 14.76 -10.25
N ASN E 13 -18.30 15.36 -9.38
CA ASN E 13 -19.66 15.67 -9.73
C ASN E 13 -19.77 17.07 -10.23
N ASP E 14 -20.09 17.19 -11.49
CA ASP E 14 -20.39 18.47 -12.17
C ASP E 14 -21.90 18.58 -12.41
N PRO E 15 -22.52 19.72 -12.13
CA PRO E 15 -23.98 19.79 -12.40
C PRO E 15 -24.36 19.75 -13.86
N ILE E 16 -23.50 20.06 -14.80
CA ILE E 16 -23.87 19.99 -16.18
C ILE E 16 -23.69 18.54 -16.69
N HIS E 17 -22.53 17.94 -16.49
CA HIS E 17 -22.25 16.65 -17.09
C HIS E 17 -22.45 15.45 -16.16
N GLY E 18 -22.77 15.66 -14.88
CA GLY E 18 -22.86 14.56 -13.94
C GLY E 18 -21.50 14.10 -13.40
N HIS E 19 -21.41 12.84 -13.07
CA HIS E 19 -20.23 12.26 -12.49
C HIS E 19 -19.23 11.93 -13.58
N ILE E 20 -18.13 12.67 -13.61
CA ILE E 20 -17.12 12.42 -14.58
C ILE E 20 -15.83 11.88 -14.02
N GLU E 21 -15.15 11.11 -14.82
CA GLU E 21 -13.96 10.40 -14.38
C GLU E 21 -12.77 11.16 -14.85
N LEU E 22 -11.83 11.35 -13.93
CA LEU E 22 -10.59 12.02 -14.28
C LEU E 22 -9.43 11.03 -14.10
N HIS E 23 -8.77 10.73 -15.24
CA HIS E 23 -7.60 9.88 -15.23
C HIS E 23 -6.52 10.53 -14.31
N PRO E 24 -5.68 9.71 -13.67
CA PRO E 24 -4.74 10.30 -12.73
C PRO E 24 -3.74 11.31 -13.31
N LEU E 25 -3.43 11.24 -14.58
CA LEU E 25 -2.62 12.25 -15.22
C LEU E 25 -3.34 13.58 -15.24
N LEU E 26 -4.66 13.57 -15.47
CA LEU E 26 -5.43 14.80 -15.47
C LEU E 26 -5.48 15.38 -14.06
N VAL E 27 -5.63 14.52 -13.07
CA VAL E 27 -5.65 14.95 -11.68
C VAL E 27 -4.34 15.66 -11.33
N ARG E 28 -3.20 15.11 -11.75
CA ARG E 28 -1.91 15.77 -11.51
C ARG E 28 -1.84 17.14 -12.14
N ILE E 29 -2.38 17.29 -13.33
CA ILE E 29 -2.41 18.60 -14.00
C ILE E 29 -3.33 19.61 -13.29
N ILE E 30 -4.48 19.14 -12.86
CA ILE E 30 -5.48 19.96 -12.18
C ILE E 30 -4.98 20.48 -10.87
N ASP E 31 -4.22 19.65 -10.16
CA ASP E 31 -3.80 20.02 -8.82
C ASP E 31 -2.45 20.75 -8.84
N THR E 32 -2.45 21.87 -9.57
CA THR E 32 -1.32 22.76 -9.69
C THR E 32 -1.80 24.17 -9.49
N PRO E 33 -0.92 25.08 -9.05
CA PRO E 33 -1.33 26.48 -8.98
C PRO E 33 -1.82 27.06 -10.30
N GLN E 34 -1.26 26.59 -11.39
CA GLN E 34 -1.57 27.15 -12.69
C GLN E 34 -2.98 26.76 -13.15
N PHE E 35 -3.45 25.57 -12.77
CA PHE E 35 -4.79 25.15 -13.12
C PHE E 35 -5.83 25.70 -12.11
N GLN E 36 -5.52 25.62 -10.83
CA GLN E 36 -6.40 26.08 -9.79
C GLN E 36 -6.68 27.56 -9.85
N ARG E 37 -5.78 28.31 -10.42
CA ARG E 37 -5.99 29.72 -10.77
C ARG E 37 -7.35 29.94 -11.44
N LEU E 38 -7.79 28.99 -12.27
CA LEU E 38 -9.03 29.18 -13.00
C LEU E 38 -10.27 29.23 -12.11
N ARG E 39 -10.14 28.83 -10.85
CA ARG E 39 -11.17 29.02 -9.90
C ARG E 39 -11.47 30.48 -9.57
N TYR E 40 -10.59 31.40 -9.94
CA TYR E 40 -10.70 32.79 -9.51
C TYR E 40 -10.86 33.69 -10.72
N ILE E 41 -11.37 33.16 -11.82
CA ILE E 41 -11.65 33.91 -13.02
C ILE E 41 -13.07 33.58 -13.49
N LYS E 42 -13.99 34.52 -13.38
CA LYS E 42 -15.35 34.34 -13.80
C LYS E 42 -15.44 34.09 -15.29
N GLN E 43 -16.24 33.07 -15.67
CA GLN E 43 -16.44 32.76 -17.07
C GLN E 43 -16.98 33.95 -17.83
N LEU E 44 -17.98 34.63 -17.28
CA LEU E 44 -18.69 35.68 -18.01
C LEU E 44 -18.32 37.09 -17.60
N GLY E 45 -17.29 37.21 -16.77
CA GLY E 45 -16.81 38.51 -16.29
C GLY E 45 -17.90 39.39 -15.73
N GLY E 46 -18.04 40.57 -16.34
CA GLY E 46 -19.01 41.55 -15.91
C GLY E 46 -20.44 41.08 -16.03
N GLY E 47 -20.68 40.03 -16.81
CA GLY E 47 -21.99 39.46 -16.85
C GLY E 47 -22.61 39.05 -15.51
N TYR E 48 -21.78 38.67 -14.54
CA TYR E 48 -22.24 38.35 -13.19
C TYR E 48 -22.93 39.54 -12.52
N TYR E 49 -22.58 40.76 -12.92
CA TYR E 49 -23.14 41.95 -12.35
C TYR E 49 -24.48 42.33 -12.98
N VAL E 50 -24.94 41.48 -13.91
CA VAL E 50 -26.26 41.61 -14.50
C VAL E 50 -27.12 40.35 -14.30
N PHE E 51 -26.52 39.19 -14.49
CA PHE E 51 -27.12 37.89 -14.27
C PHE E 51 -26.50 37.27 -13.01
N PRO E 52 -27.18 37.34 -11.88
CA PRO E 52 -26.55 36.95 -10.64
C PRO E 52 -26.33 35.45 -10.47
N GLY E 53 -26.93 34.63 -11.31
CA GLY E 53 -26.58 33.25 -11.30
C GLY E 53 -25.24 32.91 -11.95
N ALA E 54 -24.67 33.86 -12.70
CA ALA E 54 -23.46 33.61 -13.47
C ALA E 54 -22.21 33.83 -12.64
N SER E 55 -22.12 33.08 -11.56
CA SER E 55 -20.99 33.09 -10.66
C SER E 55 -19.93 32.05 -11.11
N HIS E 56 -20.20 31.28 -12.13
CA HIS E 56 -19.28 30.22 -12.51
C HIS E 56 -17.93 30.71 -13.05
N ASN E 57 -16.91 29.93 -12.77
CA ASN E 57 -15.53 30.25 -13.13
C ASN E 57 -15.02 29.36 -14.23
N ARG E 58 -13.87 29.74 -14.76
CA ARG E 58 -13.24 29.00 -15.86
C ARG E 58 -12.81 27.64 -15.49
N PHE E 59 -12.54 27.41 -14.23
CA PHE E 59 -12.16 26.08 -13.71
C PHE E 59 -13.15 24.99 -14.13
N GLU E 60 -14.38 25.18 -13.76
CA GLU E 60 -15.41 24.17 -14.05
C GLU E 60 -15.74 24.03 -15.54
N HIS E 61 -15.68 25.14 -16.30
CA HIS E 61 -15.79 25.05 -17.74
C HIS E 61 -14.68 24.17 -18.30
N SER E 62 -13.45 24.35 -17.77
CA SER E 62 -12.30 23.61 -18.26
C SER E 62 -12.43 22.13 -18.02
N LEU E 63 -12.92 21.75 -16.81
CA LEU E 63 -13.19 20.32 -16.58
C LEU E 63 -14.20 19.77 -17.61
N GLY E 64 -15.25 20.53 -17.85
CA GLY E 64 -16.26 20.15 -18.79
C GLY E 64 -15.76 19.96 -20.21
N VAL E 65 -14.92 20.86 -20.68
CA VAL E 65 -14.41 20.74 -22.02
C VAL E 65 -13.46 19.51 -22.11
N GLY E 66 -12.68 19.27 -21.06
CA GLY E 66 -11.86 18.07 -21.02
C GLY E 66 -12.68 16.79 -21.11
N TYR E 67 -13.76 16.77 -20.37
CA TYR E 67 -14.65 15.63 -20.35
C TYR E 67 -15.29 15.41 -21.73
N LEU E 68 -15.85 16.46 -22.31
CA LEU E 68 -16.52 16.32 -23.60
C LEU E 68 -15.56 15.96 -24.71
N ALA E 69 -14.36 16.50 -24.63
CA ALA E 69 -13.37 16.15 -25.63
C ALA E 69 -13.12 14.67 -25.60
N GLY E 70 -12.97 14.13 -24.40
CA GLY E 70 -12.88 12.71 -24.20
C GLY E 70 -14.07 11.91 -24.70
N CYS E 71 -15.30 12.37 -24.47
CA CYS E 71 -16.48 11.67 -25.00
C CYS E 71 -16.45 11.62 -26.50
N LEU E 72 -16.14 12.72 -27.17
CA LEU E 72 -16.19 12.73 -28.61
C LEU E 72 -15.11 11.79 -29.21
N VAL E 73 -13.89 11.89 -28.73
CA VAL E 73 -12.83 11.05 -29.28
C VAL E 73 -13.08 9.56 -28.96
N HIS E 74 -13.57 9.21 -27.76
CA HIS E 74 -13.95 7.83 -27.45
C HIS E 74 -15.05 7.36 -28.37
N ALA E 75 -16.09 8.17 -28.58
CA ALA E 75 -17.16 7.74 -29.43
C ALA E 75 -16.68 7.45 -30.88
N LEU E 76 -15.79 8.28 -31.39
CA LEU E 76 -15.26 8.06 -32.72
C LEU E 76 -14.46 6.75 -32.78
N GLY E 77 -13.64 6.51 -31.76
CA GLY E 77 -12.82 5.31 -31.67
C GLY E 77 -13.61 4.01 -31.56
N GLU E 78 -14.69 4.03 -30.80
CA GLU E 78 -15.59 2.89 -30.67
C GLU E 78 -16.28 2.57 -31.95
N LYS E 79 -16.83 3.55 -32.65
CA LYS E 79 -17.58 3.30 -33.88
C LYS E 79 -16.68 2.95 -35.07
N GLN E 80 -15.46 3.45 -35.08
CA GLN E 80 -14.54 3.34 -36.23
C GLN E 80 -13.14 2.92 -35.76
N PRO E 81 -12.98 1.65 -35.35
CA PRO E 81 -11.64 1.12 -34.95
C PRO E 81 -10.57 1.28 -36.01
N GLU E 82 -10.96 1.36 -37.28
CA GLU E 82 -10.00 1.58 -38.36
C GLU E 82 -9.25 2.89 -38.28
N LEU E 83 -9.76 3.86 -37.51
CA LEU E 83 -9.06 5.14 -37.33
C LEU E 83 -7.81 4.98 -36.46
N GLN E 84 -7.75 3.91 -35.66
CA GLN E 84 -6.58 3.64 -34.80
C GLN E 84 -6.35 4.74 -33.77
N ILE E 85 -7.44 5.22 -33.17
CA ILE E 85 -7.36 6.14 -32.09
C ILE E 85 -6.82 5.33 -30.91
N SER E 86 -5.70 5.73 -30.34
CA SER E 86 -5.07 5.07 -29.21
C SER E 86 -5.47 5.70 -27.89
N GLU E 87 -5.17 5.02 -26.79
CA GLU E 87 -5.35 5.59 -25.46
C GLU E 87 -4.52 6.84 -25.28
N ARG E 88 -3.35 6.83 -25.88
CA ARG E 88 -2.53 8.00 -25.86
C ARG E 88 -3.21 9.23 -26.54
N ASP E 89 -3.81 9.01 -27.69
CA ASP E 89 -4.55 10.07 -28.36
C ASP E 89 -5.69 10.60 -27.50
N VAL E 90 -6.43 9.69 -26.88
CA VAL E 90 -7.53 10.07 -26.03
C VAL E 90 -7.03 10.99 -24.89
N LEU E 91 -5.96 10.60 -24.19
CA LEU E 91 -5.46 11.42 -23.13
C LEU E 91 -4.96 12.77 -23.59
N CYS E 92 -4.30 12.81 -24.72
CA CYS E 92 -3.87 14.07 -25.26
C CYS E 92 -5.02 15.01 -25.60
N VAL E 93 -6.09 14.48 -26.17
CA VAL E 93 -7.26 15.28 -26.47
C VAL E 93 -7.95 15.77 -25.15
N GLN E 94 -8.04 14.91 -24.14
CA GLN E 94 -8.54 15.33 -22.84
C GLN E 94 -7.73 16.44 -22.24
N ILE E 95 -6.41 16.33 -22.32
CA ILE E 95 -5.53 17.32 -21.68
C ILE E 95 -5.71 18.65 -22.39
N ALA E 96 -5.78 18.62 -23.72
CA ALA E 96 -6.01 19.81 -24.49
C ALA E 96 -7.36 20.49 -24.10
N GLY E 97 -8.39 19.70 -23.96
CA GLY E 97 -9.68 20.23 -23.51
C GLY E 97 -9.61 20.85 -22.12
N LEU E 98 -8.94 20.15 -21.24
CA LEU E 98 -8.75 20.62 -19.90
C LEU E 98 -7.97 21.94 -19.81
N CYS E 99 -6.95 22.06 -20.66
CA CYS E 99 -6.02 23.18 -20.57
C CYS E 99 -6.24 24.29 -21.57
N HIS E 100 -7.29 24.20 -22.37
CA HIS E 100 -7.53 25.09 -23.48
C HIS E 100 -7.73 26.53 -23.06
N ASP E 101 -8.21 26.75 -21.83
CA ASP E 101 -8.52 28.11 -21.38
C ASP E 101 -7.62 28.56 -20.24
N LEU E 102 -6.47 27.91 -20.08
CA LEU E 102 -5.55 28.35 -19.04
C LEU E 102 -5.06 29.78 -19.17
N GLY E 103 -5.08 30.34 -20.37
CA GLY E 103 -4.61 31.68 -20.61
C GLY E 103 -5.56 32.81 -20.36
N HIS E 104 -6.82 32.54 -19.98
CA HIS E 104 -7.72 33.64 -19.69
C HIS E 104 -7.19 34.46 -18.56
N GLY E 105 -7.45 35.74 -18.64
CA GLY E 105 -7.11 36.67 -17.61
C GLY E 105 -8.35 37.10 -16.85
N PRO E 106 -8.16 38.01 -15.90
CA PRO E 106 -9.25 38.53 -15.07
C PRO E 106 -10.47 38.91 -15.86
N PHE E 107 -11.61 38.40 -15.44
CA PHE E 107 -12.89 38.67 -16.13
C PHE E 107 -12.94 38.17 -17.57
N SER E 108 -12.11 37.20 -17.89
CA SER E 108 -12.18 36.47 -19.15
C SER E 108 -12.14 37.37 -20.36
N ALA E 109 -13.21 37.43 -21.16
CA ALA E 109 -13.20 38.14 -22.44
C ALA E 109 -12.82 39.61 -22.33
N MET E 110 -13.11 40.21 -21.20
CA MET E 110 -12.69 41.53 -20.91
C MET E 110 -11.17 41.74 -21.06
N PHE E 111 -10.40 40.78 -20.59
CA PHE E 111 -8.96 40.95 -20.49
C PHE E 111 -8.31 40.93 -21.88
N ASP E 112 -8.64 39.94 -22.73
CA ASP E 112 -8.07 39.89 -24.07
C ASP E 112 -8.87 40.69 -25.13
N GLY E 113 -10.13 40.97 -24.86
CA GLY E 113 -10.99 41.72 -25.78
C GLY E 113 -10.91 43.22 -25.57
N ARG E 114 -10.67 43.69 -24.32
CA ARG E 114 -10.72 45.14 -24.04
C ARG E 114 -9.41 45.64 -23.43
N PHE E 115 -8.96 45.05 -22.34
CA PHE E 115 -7.85 45.61 -21.61
C PHE E 115 -6.50 45.53 -22.34
N ILE E 116 -6.07 44.33 -22.74
CA ILE E 116 -4.79 44.23 -23.43
C ILE E 116 -4.71 45.05 -24.74
N PRO E 117 -5.72 45.03 -25.57
CA PRO E 117 -5.67 45.88 -26.76
C PRO E 117 -5.50 47.36 -26.46
N LEU E 118 -6.09 47.87 -25.38
CA LEU E 118 -5.92 49.25 -24.98
C LEU E 118 -4.61 49.50 -24.27
N ALA E 119 -4.16 48.57 -23.45
CA ALA E 119 -2.97 48.79 -22.62
C ALA E 119 -1.72 48.59 -23.42
N ARG E 120 -1.76 47.68 -24.39
CA ARG E 120 -0.59 47.31 -25.21
C ARG E 120 -0.97 47.12 -26.66
N PRO E 121 -1.28 48.24 -27.34
CA PRO E 121 -1.78 48.15 -28.71
C PRO E 121 -0.77 47.62 -29.71
N GLU E 122 0.51 47.64 -29.41
CA GLU E 122 1.52 47.03 -30.28
C GLU E 122 1.46 45.46 -30.35
N VAL E 123 1.06 44.75 -29.27
CA VAL E 123 1.09 43.26 -29.30
C VAL E 123 -0.15 42.68 -29.90
N LYS E 124 -0.06 41.48 -30.44
CA LYS E 124 -1.24 40.75 -30.94
C LYS E 124 -1.26 39.59 -29.93
N TRP E 125 -2.13 39.69 -28.96
CA TRP E 125 -2.25 38.66 -27.90
C TRP E 125 -3.68 38.16 -27.82
N THR E 126 -3.79 36.86 -27.57
CA THR E 126 -5.05 36.17 -27.31
C THR E 126 -4.90 35.26 -26.08
N HIS E 127 -6.02 34.99 -25.40
CA HIS E 127 -5.99 34.05 -24.31
C HIS E 127 -5.46 32.69 -24.77
N GLU E 128 -5.74 32.30 -26.02
CA GLU E 128 -5.24 31.03 -26.53
C GLU E 128 -3.72 30.96 -26.52
N GLN E 129 -3.03 32.04 -26.90
CA GLN E 129 -1.59 32.09 -26.77
C GLN E 129 -1.20 31.95 -25.31
N GLY E 130 -1.92 32.66 -24.45
CA GLY E 130 -1.70 32.48 -23.04
C GLY E 130 -1.86 31.04 -22.57
N SER E 131 -2.83 30.33 -23.11
CA SER E 131 -3.08 28.95 -22.67
C SER E 131 -1.87 28.03 -22.98
N VAL E 132 -1.29 28.24 -24.13
CA VAL E 132 -0.11 27.48 -24.57
C VAL E 132 1.09 27.79 -23.66
N MET E 133 1.32 29.06 -23.36
CA MET E 133 2.43 29.43 -22.51
C MET E 133 2.17 28.94 -21.11
N MET E 134 0.93 29.08 -20.62
CA MET E 134 0.66 28.63 -19.26
C MET E 134 0.75 27.12 -19.13
N PHE E 135 0.34 26.39 -20.15
CA PHE E 135 0.49 24.96 -20.18
C PHE E 135 1.98 24.49 -20.05
N GLU E 136 2.84 25.12 -20.86
CA GLU E 136 4.29 24.92 -20.79
C GLU E 136 4.80 25.16 -19.35
N HIS E 137 4.39 26.28 -18.74
CA HIS E 137 4.83 26.61 -17.41
C HIS E 137 4.25 25.61 -16.36
N LEU E 138 2.98 25.18 -16.56
CA LEU E 138 2.39 24.16 -15.68
C LEU E 138 3.21 22.84 -15.71
N ILE E 139 3.49 22.37 -16.92
CA ILE E 139 4.24 21.16 -17.11
C ILE E 139 5.63 21.24 -16.49
N ASN E 140 6.33 22.30 -16.79
CA ASN E 140 7.73 22.43 -16.39
C ASN E 140 7.92 22.66 -14.93
N SER E 141 7.02 23.36 -14.29
CA SER E 141 7.23 23.68 -12.89
C SER E 141 6.57 22.64 -11.96
N ASN E 142 5.85 21.63 -12.47
CA ASN E 142 5.25 20.65 -11.59
C ASN E 142 5.71 19.22 -11.90
N GLY E 143 6.78 19.05 -12.68
CA GLY E 143 7.30 17.72 -12.96
C GLY E 143 6.35 16.79 -13.67
N ILE E 144 5.57 17.31 -14.61
CA ILE E 144 4.55 16.53 -15.27
C ILE E 144 5.12 15.65 -16.38
N LYS E 145 6.23 15.99 -16.99
CA LYS E 145 6.79 15.12 -18.09
C LYS E 145 7.00 13.65 -17.72
N PRO E 146 7.63 13.36 -16.57
CA PRO E 146 7.76 11.94 -16.16
C PRO E 146 6.39 11.26 -15.93
N VAL E 147 5.40 12.02 -15.47
CA VAL E 147 4.09 11.45 -15.26
C VAL E 147 3.45 11.12 -16.59
N MET E 148 3.62 11.99 -17.57
CA MET E 148 3.16 11.69 -18.92
C MET E 148 3.76 10.38 -19.46
N GLU E 149 5.06 10.24 -19.30
CA GLU E 149 5.79 9.03 -19.73
C GLU E 149 5.27 7.81 -19.04
N GLN E 150 5.03 7.90 -17.74
CA GLN E 150 4.45 6.80 -17.00
C GLN E 150 3.16 6.29 -17.64
N TYR E 151 2.34 7.14 -18.26
CA TYR E 151 1.08 6.68 -18.87
C TYR E 151 1.13 6.53 -20.37
N GLY E 152 2.31 6.45 -20.95
CA GLY E 152 2.39 6.08 -22.37
C GLY E 152 2.51 7.26 -23.30
N LEU E 153 2.57 8.49 -22.78
CA LEU E 153 2.69 9.65 -23.64
C LEU E 153 4.15 9.89 -23.95
N ILE E 154 4.40 10.56 -25.07
CA ILE E 154 5.74 10.91 -25.49
C ILE E 154 5.83 12.43 -25.50
N PRO E 155 6.43 13.02 -24.48
CA PRO E 155 6.34 14.46 -24.34
C PRO E 155 6.83 15.33 -25.48
N GLU E 156 7.90 14.99 -26.21
CA GLU E 156 8.35 15.84 -27.35
C GLU E 156 7.14 16.01 -28.30
N GLU E 157 6.61 14.87 -28.76
CA GLU E 157 5.47 14.85 -29.68
C GLU E 157 4.16 15.38 -29.07
N ASP E 158 3.82 14.93 -27.87
CA ASP E 158 2.47 15.11 -27.37
C ASP E 158 2.19 16.50 -26.80
N ILE E 159 3.19 17.14 -26.20
CA ILE E 159 3.09 18.53 -25.77
C ILE E 159 2.82 19.42 -26.97
N CYS E 160 3.56 19.19 -28.01
CA CYS E 160 3.33 19.89 -29.26
C CYS E 160 1.90 19.67 -29.78
N PHE E 161 1.46 18.43 -29.82
CA PHE E 161 0.06 18.09 -30.22
C PHE E 161 -0.99 18.84 -29.40
N ILE E 162 -0.81 18.84 -28.09
CA ILE E 162 -1.73 19.50 -27.16
C ILE E 162 -1.80 20.99 -27.44
N LYS E 163 -0.64 21.62 -27.60
CA LYS E 163 -0.58 23.03 -27.92
C LYS E 163 -1.24 23.38 -29.23
N GLU E 164 -0.97 22.57 -30.24
CA GLU E 164 -1.55 22.80 -31.58
C GLU E 164 -3.08 22.67 -31.56
N GLN E 165 -3.61 21.77 -30.72
CA GLN E 165 -5.04 21.63 -30.61
C GLN E 165 -5.64 22.94 -30.03
N ILE E 166 -4.92 23.59 -29.14
CA ILE E 166 -5.44 24.74 -28.44
C ILE E 166 -5.38 26.00 -29.30
N VAL E 167 -4.22 26.24 -29.90
CA VAL E 167 -3.97 27.50 -30.56
C VAL E 167 -3.92 27.41 -32.09
N GLY E 168 -3.93 26.20 -32.68
CA GLY E 168 -3.69 26.05 -34.08
C GLY E 168 -2.19 25.90 -34.41
N PRO E 169 -1.89 25.78 -35.72
CA PRO E 169 -0.53 25.65 -36.19
C PRO E 169 0.05 26.99 -36.43
N LEU E 170 1.23 27.07 -37.10
CA LEU E 170 2.01 28.30 -37.42
C LEU E 170 1.89 28.61 -38.92
N LEU E 178 1.23 22.33 -47.80
CA LEU E 178 1.52 21.05 -47.17
C LEU E 178 0.87 20.91 -45.77
N TRP E 179 1.27 19.95 -44.93
CA TRP E 179 0.58 19.62 -43.67
C TRP E 179 1.31 20.39 -42.58
N PRO E 180 0.61 21.33 -41.92
CA PRO E 180 1.30 22.24 -41.03
C PRO E 180 1.46 21.80 -39.59
N TYR E 181 1.03 20.60 -39.22
CA TYR E 181 1.08 20.17 -37.84
C TYR E 181 2.20 19.19 -37.65
N LYS E 182 2.82 19.22 -36.51
CA LYS E 182 3.88 18.31 -36.14
C LYS E 182 3.46 17.26 -35.12
N GLY E 183 2.40 17.51 -34.34
CA GLY E 183 2.05 16.63 -33.25
C GLY E 183 1.43 15.33 -33.69
N ARG E 184 0.69 15.38 -34.78
CA ARG E 184 0.09 14.19 -35.34
C ARG E 184 0.11 14.33 -36.85
N PRO E 185 0.13 13.20 -37.57
CA PRO E 185 0.06 13.24 -39.04
C PRO E 185 -1.35 13.39 -39.58
N GLU E 186 -1.44 13.51 -40.91
CA GLU E 186 -2.70 13.71 -41.65
C GLU E 186 -3.80 12.72 -41.41
N ASN E 187 -3.37 11.47 -41.21
CA ASN E 187 -4.33 10.40 -40.97
C ASN E 187 -5.01 10.57 -39.60
N LYS E 188 -4.59 11.58 -38.79
CA LYS E 188 -5.28 11.93 -37.58
C LYS E 188 -5.75 13.37 -37.51
N SER E 189 -5.99 13.99 -38.65
CA SER E 189 -6.41 15.41 -38.74
C SER E 189 -7.67 15.68 -37.96
N PHE E 190 -8.57 14.74 -37.98
CA PHE E 190 -9.81 14.85 -37.21
C PHE E 190 -9.60 15.14 -35.73
N LEU E 191 -8.46 14.71 -35.16
CA LEU E 191 -8.20 15.01 -33.79
C LEU E 191 -8.05 16.49 -33.51
N TYR E 192 -7.67 17.29 -34.51
CA TYR E 192 -7.56 18.72 -34.33
C TYR E 192 -8.92 19.46 -34.42
N GLU E 193 -10.02 18.74 -34.62
CA GLU E 193 -11.32 19.31 -34.75
C GLU E 193 -12.19 19.15 -33.48
N ILE E 194 -11.64 18.73 -32.36
CA ILE E 194 -12.42 18.40 -31.20
C ILE E 194 -12.54 19.57 -30.22
N VAL E 195 -11.38 20.07 -29.80
CA VAL E 195 -11.32 21.12 -28.81
C VAL E 195 -11.56 22.51 -29.38
N SER E 196 -10.90 22.80 -30.50
CA SER E 196 -11.05 24.07 -31.16
C SER E 196 -11.01 23.84 -32.66
N ASN E 197 -12.17 23.92 -33.29
CA ASN E 197 -12.29 23.54 -34.68
C ASN E 197 -12.06 24.76 -35.55
N LYS E 198 -10.89 24.82 -36.20
CA LYS E 198 -10.55 26.01 -37.03
C LYS E 198 -11.26 26.03 -38.38
N ARG E 199 -11.77 24.92 -38.84
CA ARG E 199 -12.44 24.86 -40.11
C ARG E 199 -13.86 25.47 -39.98
N ASN E 200 -14.63 25.13 -38.94
CA ASN E 200 -15.99 25.62 -38.86
C ASN E 200 -16.51 26.05 -37.49
N GLY E 201 -15.71 25.91 -36.42
CA GLY E 201 -16.11 26.29 -35.11
C GLY E 201 -17.00 25.28 -34.36
N ILE E 202 -17.28 24.12 -34.96
CA ILE E 202 -18.10 23.15 -34.28
C ILE E 202 -17.22 22.32 -33.39
N ASP E 203 -17.17 22.73 -32.11
CA ASP E 203 -16.26 22.11 -31.15
C ASP E 203 -16.90 21.95 -29.77
N VAL E 204 -16.25 21.13 -28.95
CA VAL E 204 -16.78 20.76 -27.67
C VAL E 204 -16.68 21.92 -26.65
N ASP E 205 -15.84 22.92 -26.95
CA ASP E 205 -15.80 24.10 -26.12
C ASP E 205 -17.14 24.80 -26.12
N LYS E 206 -17.70 25.00 -27.30
CA LYS E 206 -19.01 25.61 -27.45
C LYS E 206 -20.06 24.79 -26.73
N TRP E 207 -19.99 23.46 -26.86
CA TRP E 207 -21.02 22.64 -26.25
C TRP E 207 -21.02 22.75 -24.74
N ASP E 208 -19.84 22.81 -24.13
CA ASP E 208 -19.82 22.99 -22.70
C ASP E 208 -20.35 24.38 -22.31
N TYR E 209 -19.89 25.45 -22.95
CA TYR E 209 -20.29 26.75 -22.48
C TYR E 209 -21.77 27.04 -22.77
N PHE E 210 -22.32 26.53 -23.86
CA PHE E 210 -23.79 26.65 -24.06
C PHE E 210 -24.53 26.11 -22.87
N ALA E 211 -24.20 24.86 -22.51
CA ALA E 211 -24.92 24.18 -21.45
C ALA E 211 -24.67 24.82 -20.09
N ARG E 212 -23.42 25.13 -19.82
CA ARG E 212 -23.06 25.67 -18.50
C ARG E 212 -23.55 27.11 -18.32
N ASP E 213 -23.31 27.96 -19.31
CA ASP E 213 -23.79 29.33 -19.23
C ASP E 213 -25.31 29.37 -19.07
N CYS E 214 -26.03 28.58 -19.85
CA CYS E 214 -27.48 28.55 -19.72
C CYS E 214 -27.97 28.15 -18.32
N HIS E 215 -27.38 27.10 -17.80
CA HIS E 215 -27.73 26.61 -16.44
C HIS E 215 -27.56 27.72 -15.41
N HIS E 216 -26.54 28.54 -15.56
CA HIS E 216 -26.26 29.61 -14.59
C HIS E 216 -26.99 30.92 -14.88
N LEU E 217 -27.17 31.24 -16.16
CA LEU E 217 -27.81 32.46 -16.51
C LEU E 217 -29.29 32.46 -16.24
N GLY E 218 -29.94 31.29 -16.32
CA GLY E 218 -31.40 31.20 -16.27
C GLY E 218 -32.03 31.44 -17.64
N ILE E 219 -31.33 31.00 -18.68
CA ILE E 219 -31.82 30.95 -20.04
C ILE E 219 -31.60 29.56 -20.51
N GLN E 220 -32.52 29.01 -21.28
CA GLN E 220 -32.47 27.56 -21.49
C GLN E 220 -31.75 27.22 -22.83
N ASN E 221 -30.95 26.16 -22.71
CA ASN E 221 -30.17 25.75 -23.89
C ASN E 221 -31.02 24.94 -24.92
N ASN E 222 -31.18 25.29 -26.19
CA ASN E 222 -31.79 24.30 -27.14
C ASN E 222 -30.91 23.41 -28.08
N PHE E 223 -29.61 23.40 -27.91
CA PHE E 223 -28.73 22.55 -28.69
C PHE E 223 -28.42 21.25 -27.95
N ASP E 224 -28.57 20.14 -28.63
CA ASP E 224 -28.28 18.81 -28.08
C ASP E 224 -26.95 18.23 -28.60
N TYR E 225 -25.92 18.42 -27.82
CA TYR E 225 -24.57 18.03 -28.14
C TYR E 225 -24.46 16.50 -28.13
N LYS E 226 -25.16 15.83 -27.25
CA LYS E 226 -25.11 14.40 -27.18
C LYS E 226 -25.64 13.75 -28.41
N ARG E 227 -26.68 14.34 -28.95
CA ARG E 227 -27.19 13.86 -30.24
C ARG E 227 -26.13 14.04 -31.33
N PHE E 228 -25.49 15.19 -31.35
CA PHE E 228 -24.44 15.40 -32.36
C PHE E 228 -23.33 14.34 -32.27
N ILE E 229 -22.91 14.01 -31.06
CA ILE E 229 -21.86 13.00 -30.87
C ILE E 229 -22.30 11.65 -31.39
N LYS E 230 -23.54 11.25 -31.13
CA LYS E 230 -24.00 9.99 -31.67
C LYS E 230 -23.95 9.90 -33.16
N PHE E 231 -24.18 11.01 -33.87
CA PHE E 231 -24.25 10.96 -35.32
C PHE E 231 -22.93 11.37 -35.98
N ALA E 232 -21.84 11.57 -35.23
CA ALA E 232 -20.62 12.06 -35.83
C ALA E 232 -19.84 10.83 -36.38
N ARG E 233 -19.22 11.00 -37.54
CA ARG E 233 -18.30 10.01 -38.12
C ARG E 233 -17.11 10.71 -38.72
N VAL E 234 -16.03 9.97 -38.93
CA VAL E 234 -14.92 10.46 -39.72
C VAL E 234 -15.01 9.90 -41.14
N CYS E 235 -14.88 10.78 -42.12
CA CYS E 235 -14.85 10.45 -43.54
C CYS E 235 -13.71 11.19 -44.22
N GLU E 236 -13.27 10.65 -45.36
CA GLU E 236 -12.29 11.33 -46.20
C GLU E 236 -12.95 12.51 -46.94
N VAL E 237 -12.37 13.69 -46.80
CA VAL E 237 -12.81 14.90 -47.50
C VAL E 237 -11.54 15.56 -48.06
N ASP E 238 -11.49 15.75 -49.40
CA ASP E 238 -10.30 16.31 -50.11
C ASP E 238 -8.98 15.80 -49.55
N ASN E 239 -8.82 14.46 -49.42
CA ASN E 239 -7.54 13.86 -48.93
C ASN E 239 -7.14 14.05 -47.44
N GLU E 240 -8.05 14.55 -46.59
CA GLU E 240 -7.87 14.51 -45.12
C GLU E 240 -9.02 13.72 -44.48
N LEU E 241 -8.71 13.02 -43.40
CA LEU E 241 -9.75 12.45 -42.57
C LEU E 241 -10.38 13.54 -41.63
N ARG E 242 -11.67 13.84 -41.84
CA ARG E 242 -12.41 14.85 -41.05
C ARG E 242 -13.69 14.35 -40.39
N ILE E 243 -14.09 15.04 -39.33
CA ILE E 243 -15.35 14.79 -38.67
C ILE E 243 -16.46 15.26 -39.53
N CYS E 244 -17.41 14.39 -39.84
CA CYS E 244 -18.64 14.73 -40.58
C CYS E 244 -19.88 14.41 -39.73
N ALA E 245 -20.96 15.10 -40.04
CA ALA E 245 -22.24 14.92 -39.38
C ALA E 245 -23.22 14.23 -40.31
N ARG E 246 -24.21 13.52 -39.78
CA ARG E 246 -25.30 13.02 -40.60
C ARG E 246 -25.98 14.16 -41.30
N ASP E 247 -26.37 13.92 -42.55
CA ASP E 247 -27.11 14.87 -43.35
C ASP E 247 -28.31 15.52 -42.61
N LYS E 248 -29.11 14.72 -41.95
CA LYS E 248 -30.33 15.23 -41.32
C LYS E 248 -30.05 16.12 -40.08
N GLU E 249 -28.83 16.14 -39.54
CA GLU E 249 -28.42 17.10 -38.53
C GLU E 249 -28.18 18.52 -39.04
N VAL E 250 -28.27 18.78 -40.35
CA VAL E 250 -27.87 20.12 -40.85
C VAL E 250 -28.70 21.25 -40.21
N GLY E 251 -30.01 21.03 -40.06
CA GLY E 251 -30.90 21.95 -39.36
C GLY E 251 -30.43 22.27 -37.95
N ASN E 252 -30.01 21.23 -37.23
CA ASN E 252 -29.53 21.38 -35.87
C ASN E 252 -28.24 22.21 -35.82
N LEU E 253 -27.38 22.13 -36.84
CA LEU E 253 -26.18 22.94 -36.88
C LEU E 253 -26.43 24.40 -37.14
N TYR E 254 -27.34 24.69 -38.04
CA TYR E 254 -27.80 26.07 -38.20
C TYR E 254 -28.35 26.57 -36.86
N ASP E 255 -29.15 25.76 -36.21
CA ASP E 255 -29.66 26.14 -34.87
C ASP E 255 -28.58 26.34 -33.85
N MET E 256 -27.53 25.55 -33.90
CA MET E 256 -26.40 25.75 -32.99
C MET E 256 -25.82 27.17 -33.08
N PHE E 257 -25.58 27.65 -34.32
CA PHE E 257 -25.01 28.99 -34.46
C PHE E 257 -26.04 30.07 -34.14
N HIS E 258 -27.32 29.77 -34.40
CA HIS E 258 -28.38 30.67 -34.01
C HIS E 258 -28.41 30.84 -32.48
N THR E 259 -28.27 29.73 -31.77
CA THR E 259 -28.17 29.76 -30.32
C THR E 259 -26.97 30.56 -29.83
N ARG E 260 -25.82 30.34 -30.46
CA ARG E 260 -24.64 31.10 -30.11
C ARG E 260 -24.93 32.61 -30.21
N ASN E 261 -25.51 33.02 -31.32
CA ASN E 261 -25.83 34.42 -31.57
C ASN E 261 -26.82 34.96 -30.57
N SER E 262 -27.78 34.14 -30.24
CA SER E 262 -28.80 34.47 -29.27
C SER E 262 -28.26 34.62 -27.85
N LEU E 263 -27.30 33.79 -27.47
CA LEU E 263 -26.62 33.97 -26.19
C LEU E 263 -25.75 35.22 -26.14
N HIS E 264 -25.09 35.56 -27.24
CA HIS E 264 -24.41 36.85 -27.32
C HIS E 264 -25.39 38.03 -27.18
N ARG E 265 -26.55 37.96 -27.86
CA ARG E 265 -27.52 39.06 -27.75
C ARG E 265 -28.14 39.20 -26.38
N ARG E 266 -28.53 38.10 -25.77
CA ARG E 266 -29.23 38.18 -24.51
C ARG E 266 -28.31 38.35 -23.35
N ALA E 267 -27.12 37.77 -23.40
CA ALA E 267 -26.28 37.74 -22.22
C ALA E 267 -24.88 38.31 -22.41
N TYR E 268 -24.08 37.69 -23.26
CA TYR E 268 -22.69 38.03 -23.29
C TYR E 268 -22.44 39.50 -23.74
N GLN E 269 -23.23 40.02 -24.66
CA GLN E 269 -23.14 41.39 -25.06
C GLN E 269 -24.23 42.27 -24.47
N HIS E 270 -24.77 41.89 -23.32
CA HIS E 270 -25.79 42.69 -22.69
C HIS E 270 -25.13 44.05 -22.47
N LYS E 271 -25.85 45.11 -22.76
CA LYS E 271 -25.30 46.45 -22.74
C LYS E 271 -24.73 46.88 -21.39
N VAL E 272 -25.31 46.41 -20.30
CA VAL E 272 -24.79 46.75 -18.98
C VAL E 272 -23.66 45.82 -18.60
N GLY E 273 -23.75 44.54 -18.95
CA GLY E 273 -22.60 43.65 -18.75
C GLY E 273 -21.36 44.23 -19.43
N ASN E 274 -21.53 44.70 -20.65
CA ASN E 274 -20.39 45.30 -21.34
C ASN E 274 -19.87 46.59 -20.71
N ILE E 275 -20.76 47.44 -20.17
CA ILE E 275 -20.28 48.66 -19.59
C ILE E 275 -19.58 48.39 -18.30
N ILE E 276 -19.98 47.34 -17.59
CA ILE E 276 -19.23 46.95 -16.40
C ILE E 276 -17.83 46.47 -16.76
N ASP E 277 -17.74 45.61 -17.77
CA ASP E 277 -16.43 45.17 -18.31
C ASP E 277 -15.56 46.41 -18.74
N THR E 278 -16.20 47.41 -19.36
CA THR E 278 -15.53 48.63 -19.75
C THR E 278 -15.04 49.42 -18.54
N MET E 279 -15.87 49.55 -17.51
CA MET E 279 -15.47 50.25 -16.31
C MET E 279 -14.35 49.55 -15.56
N ILE E 280 -14.42 48.22 -15.49
CA ILE E 280 -13.34 47.47 -14.86
C ILE E 280 -12.07 47.65 -15.64
N THR E 281 -12.16 47.60 -16.96
CA THR E 281 -11.00 47.84 -17.85
C THR E 281 -10.39 49.20 -17.60
N ASP E 282 -11.23 50.20 -17.50
CA ASP E 282 -10.81 51.55 -17.15
C ASP E 282 -10.06 51.64 -15.85
N ALA E 283 -10.61 51.02 -14.81
CA ALA E 283 -9.95 50.95 -13.51
C ALA E 283 -8.61 50.23 -13.63
N PHE E 284 -8.56 49.14 -14.38
CA PHE E 284 -7.29 48.46 -14.58
C PHE E 284 -6.28 49.32 -15.31
N LEU E 285 -6.66 50.04 -16.32
CA LEU E 285 -5.78 51.00 -17.01
C LEU E 285 -5.24 52.08 -16.05
N LYS E 286 -6.08 52.56 -15.14
CA LYS E 286 -5.63 53.50 -14.13
C LYS E 286 -4.79 52.91 -13.06
N ALA E 287 -4.90 51.60 -12.83
CA ALA E 287 -4.09 50.95 -11.78
C ALA E 287 -2.82 50.35 -12.33
N ASP E 288 -2.69 50.25 -13.64
CA ASP E 288 -1.63 49.51 -14.30
C ASP E 288 -0.21 50.07 -13.97
N ASP E 289 -0.10 51.39 -13.84
CA ASP E 289 1.17 52.01 -13.42
C ASP E 289 1.56 51.71 -12.00
N TYR E 290 0.66 51.24 -11.15
CA TYR E 290 0.90 51.19 -9.71
C TYR E 290 0.95 49.80 -9.12
N ILE E 291 0.42 48.79 -9.81
CA ILE E 291 0.36 47.47 -9.16
C ILE E 291 1.56 46.68 -9.64
N GLU E 292 2.14 45.95 -8.69
CA GLU E 292 3.37 45.18 -8.94
C GLU E 292 3.02 43.73 -8.76
N ILE E 293 3.37 42.92 -9.73
CA ILE E 293 3.15 41.52 -9.61
C ILE E 293 4.49 40.86 -9.81
N THR E 294 4.87 40.03 -8.86
CA THR E 294 6.19 39.39 -8.89
C THR E 294 6.17 38.15 -9.78
N GLY E 295 7.10 38.07 -10.71
CA GLY E 295 7.29 36.96 -11.59
C GLY E 295 8.60 36.27 -11.34
N ALA E 296 9.15 35.64 -12.38
CA ALA E 296 10.33 34.78 -12.27
C ALA E 296 11.56 35.61 -11.93
N GLY E 297 12.38 35.05 -11.05
CA GLY E 297 13.59 35.67 -10.54
C GLY E 297 13.30 36.95 -9.79
N GLY E 298 12.11 37.07 -9.18
CA GLY E 298 11.70 38.32 -8.52
C GLY E 298 11.42 39.58 -9.37
N LYS E 299 11.56 39.54 -10.70
CA LYS E 299 11.17 40.65 -11.60
C LYS E 299 9.73 41.10 -11.41
N LYS E 300 9.52 42.39 -11.66
CA LYS E 300 8.24 43.02 -11.38
C LYS E 300 7.53 43.27 -12.67
N TYR E 301 6.25 42.88 -12.70
CA TYR E 301 5.43 43.06 -13.87
C TYR E 301 4.26 43.91 -13.47
N ARG E 302 3.63 44.46 -14.48
CA ARG E 302 2.37 45.15 -14.31
C ARG E 302 1.22 44.21 -14.79
N ILE E 303 -0.01 44.65 -14.59
CA ILE E 303 -1.16 43.94 -15.06
C ILE E 303 -1.05 43.68 -16.56
N SER E 304 -0.64 44.69 -17.33
CA SER E 304 -0.51 44.59 -18.74
C SER E 304 0.72 43.82 -19.20
N THR E 305 1.71 43.63 -18.34
CA THR E 305 2.88 42.89 -18.77
C THR E 305 3.00 41.52 -18.18
N ALA E 306 2.14 41.18 -17.21
CA ALA E 306 2.14 39.83 -16.63
C ALA E 306 1.93 38.75 -17.67
N ILE E 307 1.32 39.06 -18.81
CA ILE E 307 1.22 38.14 -19.91
C ILE E 307 2.56 37.67 -20.51
N ASP E 308 3.65 38.32 -20.14
CA ASP E 308 4.98 37.99 -20.65
C ASP E 308 5.71 37.00 -19.77
N ASP E 309 5.22 36.77 -18.55
CA ASP E 309 5.87 35.87 -17.62
C ASP E 309 4.82 35.04 -16.84
N MET E 310 4.81 33.75 -17.11
CA MET E 310 3.74 32.89 -16.59
C MET E 310 3.73 32.76 -15.09
N GLU E 311 4.85 32.96 -14.46
CA GLU E 311 4.87 32.96 -12.98
C GLU E 311 4.10 34.15 -12.41
N ALA E 312 4.28 35.32 -13.02
CA ALA E 312 3.48 36.47 -12.67
C ALA E 312 1.98 36.25 -13.03
N TYR E 313 1.74 35.77 -14.22
CA TYR E 313 0.40 35.64 -14.72
C TYR E 313 -0.42 34.67 -13.87
N THR E 314 0.24 33.68 -13.32
CA THR E 314 -0.35 32.74 -12.39
C THR E 314 -1.08 33.42 -11.25
N LYS E 315 -0.58 34.56 -10.83
CA LYS E 315 -1.12 35.31 -9.70
C LYS E 315 -2.06 36.43 -10.13
N LEU E 316 -2.40 36.52 -11.41
CA LEU E 316 -3.27 37.54 -11.88
C LEU E 316 -4.70 36.97 -12.19
N THR E 317 -5.65 37.27 -11.32
CA THR E 317 -6.98 36.73 -11.39
C THR E 317 -7.96 37.86 -11.04
N ASP E 318 -9.25 37.54 -10.90
CA ASP E 318 -10.25 38.52 -10.53
C ASP E 318 -9.95 39.19 -9.21
N ASN E 319 -9.17 38.56 -8.34
CA ASN E 319 -8.69 39.20 -7.10
C ASN E 319 -8.15 40.61 -7.29
N ILE E 320 -7.57 40.91 -8.43
CA ILE E 320 -7.03 42.24 -8.67
C ILE E 320 -8.10 43.33 -8.52
N PHE E 321 -9.34 43.02 -8.89
CA PHE E 321 -10.48 43.90 -8.69
C PHE E 321 -10.57 44.30 -7.21
N LEU E 322 -10.60 43.32 -6.35
CA LEU E 322 -10.73 43.58 -4.93
C LEU E 322 -9.46 44.19 -4.30
N GLU E 323 -8.29 43.81 -4.78
CA GLU E 323 -7.04 44.45 -4.37
C GLU E 323 -7.11 45.96 -4.65
N ILE E 324 -7.60 46.35 -5.82
CA ILE E 324 -7.79 47.76 -6.09
C ILE E 324 -8.91 48.35 -5.20
N LEU E 325 -10.05 47.68 -5.12
CA LEU E 325 -11.19 48.23 -4.40
C LEU E 325 -10.87 48.49 -2.92
N TYR E 326 -10.12 47.58 -2.30
CA TYR E 326 -9.83 47.63 -0.89
C TYR E 326 -8.56 48.37 -0.60
N SER E 327 -7.85 48.89 -1.61
CA SER E 327 -6.60 49.60 -1.33
C SER E 327 -6.84 50.91 -0.57
N THR E 328 -5.79 51.39 0.07
CA THR E 328 -5.81 52.74 0.72
C THR E 328 -4.73 53.68 0.18
N ASP E 329 -3.73 53.13 -0.50
CA ASP E 329 -2.70 53.90 -1.15
C ASP E 329 -3.30 55.03 -2.01
N PRO E 330 -2.88 56.31 -1.76
CA PRO E 330 -3.38 57.42 -2.56
C PRO E 330 -3.12 57.30 -4.05
N LYS E 331 -2.04 56.60 -4.42
CA LYS E 331 -1.77 56.37 -5.82
C LYS E 331 -2.89 55.61 -6.62
N LEU E 332 -3.62 54.73 -5.92
CA LEU E 332 -4.69 53.99 -6.50
C LEU E 332 -6.04 54.63 -6.38
N LYS E 333 -6.09 55.86 -5.89
CA LYS E 333 -7.36 56.54 -5.72
C LYS E 333 -8.26 56.57 -6.98
N ASP E 334 -7.70 56.94 -8.12
CA ASP E 334 -8.54 57.06 -9.31
C ASP E 334 -9.12 55.70 -9.76
N ALA E 335 -8.29 54.65 -9.73
CA ALA E 335 -8.74 53.31 -10.08
C ALA E 335 -9.86 52.86 -9.10
N ARG E 336 -9.57 53.05 -7.81
CA ARG E 336 -10.49 52.69 -6.76
C ARG E 336 -11.85 53.37 -6.87
N GLU E 337 -11.85 54.65 -7.29
CA GLU E 337 -13.09 55.38 -7.42
C GLU E 337 -13.99 54.83 -8.55
N ILE E 338 -13.37 54.35 -9.64
CA ILE E 338 -14.16 53.72 -10.67
C ILE E 338 -14.84 52.45 -10.17
N LEU E 339 -14.11 51.64 -9.41
CA LEU E 339 -14.71 50.42 -8.84
C LEU E 339 -15.77 50.75 -7.81
N LYS E 340 -15.57 51.79 -7.02
CA LYS E 340 -16.65 52.26 -6.11
C LYS E 340 -17.91 52.67 -6.85
N GLN E 341 -17.74 53.29 -8.02
CA GLN E 341 -18.89 53.62 -8.81
C GLN E 341 -19.69 52.35 -9.25
N ILE E 342 -18.98 51.27 -9.57
CA ILE E 342 -19.62 50.02 -9.87
C ILE E 342 -20.48 49.55 -8.69
N GLU E 343 -19.91 49.57 -7.49
CA GLU E 343 -20.63 49.04 -6.35
C GLU E 343 -21.88 49.86 -5.95
N TYR E 344 -21.86 51.19 -6.18
CA TYR E 344 -23.03 52.03 -5.93
C TYR E 344 -23.97 52.04 -7.13
N ARG E 345 -23.60 51.33 -8.21
CA ARG E 345 -24.35 51.35 -9.45
C ARG E 345 -24.47 52.72 -10.09
N ASN E 346 -23.43 53.55 -9.95
CA ASN E 346 -23.35 54.82 -10.65
C ASN E 346 -22.52 54.53 -11.90
N LEU E 347 -23.14 53.83 -12.84
CA LEU E 347 -22.49 53.31 -13.99
C LEU E 347 -22.47 54.35 -15.09
N PHE E 348 -21.54 54.25 -16.02
CA PHE E 348 -21.67 55.00 -17.26
C PHE E 348 -23.07 54.64 -17.85
N LYS E 349 -23.82 55.61 -18.38
CA LYS E 349 -25.21 55.41 -18.76
C LYS E 349 -25.37 55.04 -20.20
N TYR E 350 -26.13 53.99 -20.44
CA TYR E 350 -26.48 53.59 -21.76
C TYR E 350 -27.39 54.64 -22.44
N VAL E 351 -26.99 55.06 -23.62
CA VAL E 351 -27.74 56.05 -24.38
C VAL E 351 -28.52 55.34 -25.48
N GLY E 352 -27.91 54.39 -26.17
CA GLY E 352 -28.64 53.60 -27.16
C GLY E 352 -27.74 52.74 -28.05
N GLU E 353 -28.41 52.11 -29.00
CA GLU E 353 -27.81 51.16 -29.89
C GLU E 353 -28.26 51.49 -31.31
N THR E 354 -27.34 51.30 -32.25
CA THR E 354 -27.65 51.48 -33.66
C THR E 354 -26.79 50.49 -34.46
N GLN E 355 -27.04 50.41 -35.76
CA GLN E 355 -26.23 49.59 -36.67
C GLN E 355 -25.95 50.38 -37.95
N PRO E 356 -24.81 50.09 -38.60
CA PRO E 356 -24.61 50.64 -39.93
C PRO E 356 -25.62 50.09 -40.92
N THR E 357 -25.76 50.79 -42.02
CA THR E 357 -26.75 50.48 -43.04
C THR E 357 -26.04 50.11 -44.31
N GLY E 358 -26.73 49.32 -45.12
CA GLY E 358 -26.17 48.88 -46.39
C GLY E 358 -25.02 47.90 -46.14
N GLN E 359 -23.94 48.08 -46.87
CA GLN E 359 -22.82 47.18 -46.81
C GLN E 359 -21.70 47.87 -46.00
N ILE E 360 -22.01 48.98 -45.32
CA ILE E 360 -21.01 49.77 -44.59
C ILE E 360 -20.42 48.96 -43.41
N LYS E 361 -19.08 48.97 -43.29
CA LYS E 361 -18.40 48.37 -42.16
C LYS E 361 -17.55 49.36 -41.43
N ILE E 362 -17.67 49.45 -40.12
CA ILE E 362 -16.81 50.29 -39.33
C ILE E 362 -15.55 49.52 -39.00
N LYS E 363 -14.39 50.05 -39.37
CA LYS E 363 -13.11 49.34 -39.26
C LYS E 363 -12.51 49.67 -37.93
N ARG E 364 -11.73 48.74 -37.41
CA ARG E 364 -11.08 48.89 -36.09
C ARG E 364 -10.25 50.22 -35.94
N GLU E 365 -9.58 50.67 -37.02
CA GLU E 365 -8.79 51.94 -37.03
C GLU E 365 -9.66 53.16 -36.70
N ASP E 366 -10.97 53.08 -37.01
CA ASP E 366 -11.90 54.18 -36.80
C ASP E 366 -12.60 54.23 -35.45
N TYR E 367 -12.45 53.18 -34.63
CA TYR E 367 -13.15 53.13 -33.33
C TYR E 367 -12.82 54.34 -32.46
N GLU E 368 -11.54 54.66 -32.34
CA GLU E 368 -11.11 55.76 -31.51
C GLU E 368 -11.71 57.13 -31.92
N SER E 369 -12.01 57.32 -33.19
CA SER E 369 -12.56 58.61 -33.65
C SER E 369 -14.07 58.82 -33.38
N LEU E 370 -14.78 57.74 -32.98
CA LEU E 370 -16.26 57.79 -32.91
C LEU E 370 -16.84 58.66 -31.77
N PRO E 371 -16.25 58.64 -30.59
CA PRO E 371 -16.73 59.57 -29.57
C PRO E 371 -16.67 61.04 -30.04
N LYS E 372 -15.61 61.41 -30.75
CA LYS E 372 -15.45 62.75 -31.29
C LYS E 372 -16.60 63.03 -32.28
N GLU E 373 -16.94 62.05 -33.14
CA GLU E 373 -18.03 62.28 -34.06
C GLU E 373 -19.37 62.51 -33.35
N VAL E 374 -19.64 61.73 -32.30
CA VAL E 374 -20.90 61.88 -31.59
C VAL E 374 -20.98 63.27 -30.96
N ALA E 375 -19.87 63.73 -30.36
CA ALA E 375 -19.83 65.05 -29.69
C ALA E 375 -19.89 66.21 -30.68
N SER E 376 -19.48 65.99 -31.93
CA SER E 376 -19.57 66.97 -33.02
C SER E 376 -20.90 67.04 -33.72
N ALA E 377 -21.81 66.13 -33.42
CA ALA E 377 -23.12 66.25 -34.02
C ALA E 377 -23.82 67.54 -33.52
N LYS E 378 -24.68 68.09 -34.34
CA LYS E 378 -25.33 69.37 -34.03
C LYS E 378 -26.81 69.21 -33.99
N PRO E 379 -27.34 68.58 -32.94
CA PRO E 379 -28.82 68.39 -32.85
C PRO E 379 -29.47 69.77 -32.78
N LYS E 380 -30.51 70.01 -33.58
CA LYS E 380 -31.22 71.31 -33.58
C LYS E 380 -32.28 71.19 -32.48
N VAL E 381 -31.82 71.30 -31.24
CA VAL E 381 -32.61 71.10 -30.05
C VAL E 381 -31.99 71.99 -29.00
N LEU E 382 -32.79 72.56 -28.10
CA LEU E 382 -32.23 73.38 -27.03
C LEU E 382 -31.62 72.47 -25.97
N LEU E 383 -30.35 72.70 -25.61
CA LEU E 383 -29.60 71.87 -24.65
C LEU E 383 -28.99 72.75 -23.56
N ASP E 384 -29.08 72.33 -22.31
CA ASP E 384 -28.42 73.01 -21.17
C ASP E 384 -26.88 72.80 -21.16
N VAL E 385 -26.42 71.60 -21.49
CA VAL E 385 -25.04 71.17 -21.36
C VAL E 385 -24.46 70.93 -22.77
N LYS E 386 -23.23 71.35 -23.02
CA LYS E 386 -22.44 70.87 -24.17
C LYS E 386 -21.60 69.69 -23.67
N LEU E 387 -21.49 68.60 -24.44
CA LEU E 387 -20.66 67.44 -23.99
C LEU E 387 -19.42 67.38 -24.85
N LYS E 388 -18.31 66.88 -24.30
CA LYS E 388 -17.05 66.75 -25.02
C LYS E 388 -16.92 65.26 -25.51
N ALA E 389 -15.99 65.00 -26.42
CA ALA E 389 -15.67 63.64 -26.83
C ALA E 389 -15.38 62.64 -25.67
N GLU E 390 -14.62 63.11 -24.66
CA GLU E 390 -14.17 62.36 -23.46
C GLU E 390 -15.39 61.82 -22.67
N ASP E 391 -16.57 62.44 -22.87
CA ASP E 391 -17.77 62.05 -22.19
C ASP E 391 -18.52 60.85 -22.80
N PHE E 392 -18.19 60.46 -24.03
CA PHE E 392 -18.88 59.38 -24.69
C PHE E 392 -18.00 58.14 -24.78
N ILE E 393 -18.65 56.97 -24.65
CA ILE E 393 -18.04 55.72 -25.03
C ILE E 393 -18.84 55.15 -26.18
N VAL E 394 -18.13 54.69 -27.20
CA VAL E 394 -18.75 54.06 -28.35
C VAL E 394 -18.17 52.67 -28.50
N ASP E 395 -19.00 51.66 -28.33
CA ASP E 395 -18.55 50.28 -28.23
C ASP E 395 -19.10 49.60 -29.49
N VAL E 396 -18.20 49.08 -30.31
CA VAL E 396 -18.57 48.46 -31.54
C VAL E 396 -18.45 46.95 -31.37
N ILE E 397 -19.50 46.21 -31.63
CA ILE E 397 -19.48 44.78 -31.48
C ILE E 397 -19.73 44.07 -32.79
N ASN E 398 -18.81 43.19 -33.14
CA ASN E 398 -18.90 42.37 -34.36
C ASN E 398 -19.61 41.07 -34.03
N MET E 399 -20.86 40.91 -34.46
CA MET E 399 -21.67 39.73 -34.23
C MET E 399 -21.66 38.89 -35.52
N ASP E 400 -21.27 37.64 -35.40
CA ASP E 400 -21.22 36.75 -36.54
C ASP E 400 -21.42 35.26 -36.15
N TYR E 401 -21.34 34.37 -37.14
CA TYR E 401 -21.43 32.94 -36.96
C TYR E 401 -20.03 32.30 -36.87
N GLY E 402 -19.06 33.10 -36.41
CA GLY E 402 -17.72 32.66 -36.08
C GLY E 402 -16.70 32.69 -37.19
N MET E 403 -17.08 33.06 -38.41
CA MET E 403 -16.15 33.13 -39.56
C MET E 403 -16.43 34.36 -40.38
N GLN E 404 -16.51 35.52 -39.72
CA GLN E 404 -16.76 36.83 -40.34
C GLN E 404 -17.99 36.70 -41.22
N GLU E 405 -17.92 36.98 -42.52
CA GLU E 405 -19.07 36.94 -43.40
C GLU E 405 -19.51 35.57 -43.86
N LYS E 406 -18.70 34.55 -43.61
CA LYS E 406 -18.97 33.21 -44.12
C LYS E 406 -19.98 32.43 -43.25
N ASN E 407 -20.73 31.61 -43.96
CA ASN E 407 -21.61 30.59 -43.46
C ASN E 407 -20.75 29.39 -43.05
N PRO E 408 -20.66 29.12 -41.75
CA PRO E 408 -19.84 27.99 -41.35
C PRO E 408 -20.37 26.62 -41.82
N ILE E 409 -21.65 26.53 -42.09
CA ILE E 409 -22.21 25.31 -42.60
C ILE E 409 -21.70 24.98 -44.02
N ASP E 410 -21.22 25.97 -44.76
CA ASP E 410 -20.50 25.71 -46.01
C ASP E 410 -19.16 25.03 -45.78
N HIS E 411 -18.65 25.00 -44.54
CA HIS E 411 -17.41 24.33 -44.21
C HIS E 411 -17.60 23.10 -43.34
N VAL E 412 -18.78 22.50 -43.43
CA VAL E 412 -19.08 21.24 -42.76
C VAL E 412 -19.31 20.21 -43.85
N SER E 413 -18.92 19.00 -43.55
CA SER E 413 -19.19 17.85 -44.39
C SER E 413 -20.19 16.92 -43.70
N PHE E 414 -21.04 16.29 -44.54
CA PHE E 414 -22.09 15.42 -44.11
C PHE E 414 -22.02 14.07 -44.76
N TYR E 415 -22.70 13.09 -44.18
CA TYR E 415 -22.81 11.80 -44.81
C TYR E 415 -24.27 11.38 -44.72
N CYS E 416 -24.65 10.47 -45.63
CA CYS E 416 -25.98 9.88 -45.76
C CYS E 416 -26.02 8.51 -45.24
N LYS E 417 -27.20 8.08 -44.80
CA LYS E 417 -27.37 6.76 -44.20
C LYS E 417 -26.98 5.61 -45.20
N THR E 418 -27.30 5.83 -46.47
CA THR E 418 -27.04 4.80 -47.50
C THR E 418 -25.58 4.73 -48.00
N ALA E 419 -24.74 5.74 -47.71
CA ALA E 419 -23.31 5.69 -48.01
C ALA E 419 -22.49 6.42 -46.91
N PRO E 420 -22.33 5.76 -45.77
CA PRO E 420 -21.76 6.50 -44.63
C PRO E 420 -20.30 6.91 -44.70
N ASN E 421 -19.53 6.40 -45.66
CA ASN E 421 -18.13 6.79 -45.86
C ASN E 421 -17.96 7.86 -46.88
N ARG E 422 -19.05 8.27 -47.52
CA ARG E 422 -18.99 9.29 -48.53
C ARG E 422 -19.43 10.69 -48.05
N ALA E 423 -18.48 11.60 -48.01
CA ALA E 423 -18.74 12.98 -47.58
C ALA E 423 -19.44 13.78 -48.65
N ILE E 424 -20.38 14.64 -48.28
CA ILE E 424 -21.08 15.52 -49.20
C ILE E 424 -21.21 16.90 -48.61
N ARG E 425 -21.57 17.86 -49.43
CA ARG E 425 -21.84 19.23 -49.03
C ARG E 425 -23.31 19.47 -49.11
N ILE E 426 -23.80 20.34 -48.25
CA ILE E 426 -25.20 20.76 -48.25
C ILE E 426 -25.22 22.28 -48.21
N THR E 427 -25.85 22.89 -49.21
CA THR E 427 -25.91 24.35 -49.31
C THR E 427 -27.13 24.82 -48.58
N LYS E 428 -27.14 26.09 -48.33
CA LYS E 428 -28.21 26.73 -47.57
C LYS E 428 -29.59 26.56 -48.22
N ASN E 429 -29.65 26.74 -49.54
CA ASN E 429 -30.89 26.51 -50.30
C ASN E 429 -31.42 25.08 -50.28
N GLN E 430 -30.57 24.11 -50.02
CA GLN E 430 -31.04 22.76 -49.81
C GLN E 430 -31.68 22.56 -48.42
N VAL E 431 -31.60 23.56 -47.54
CA VAL E 431 -32.12 23.38 -46.20
C VAL E 431 -33.43 24.15 -46.00
N SER E 432 -33.39 25.47 -46.19
CA SER E 432 -34.50 26.32 -45.81
C SER E 432 -34.33 27.73 -46.31
N GLN E 433 -35.44 28.35 -46.67
CA GLN E 433 -35.51 29.75 -47.03
C GLN E 433 -35.71 30.63 -45.82
N LEU E 434 -35.90 30.07 -44.64
CA LEU E 434 -36.07 30.87 -43.45
C LEU E 434 -34.77 31.10 -42.71
N LEU E 435 -33.63 30.78 -43.29
CA LEU E 435 -32.36 30.93 -42.64
C LEU E 435 -31.86 32.36 -42.84
N PRO E 436 -30.85 32.78 -42.08
CA PRO E 436 -30.31 34.14 -42.32
C PRO E 436 -29.77 34.37 -43.74
N GLU E 437 -29.84 35.60 -44.24
CA GLU E 437 -29.28 35.92 -45.58
C GLU E 437 -27.81 36.38 -45.43
N LYS E 438 -27.45 36.86 -44.25
CA LYS E 438 -26.11 37.29 -43.91
C LYS E 438 -25.70 36.63 -42.58
N PHE E 439 -24.39 36.56 -42.37
CA PHE E 439 -23.77 35.91 -41.26
C PHE E 439 -22.90 36.79 -40.36
N ALA E 440 -22.85 38.11 -40.66
CA ALA E 440 -22.13 39.08 -39.86
C ALA E 440 -22.85 40.39 -39.85
N GLU E 441 -22.74 41.11 -38.75
CA GLU E 441 -23.27 42.43 -38.59
C GLU E 441 -22.53 43.13 -37.45
N GLN E 442 -22.75 44.43 -37.32
CA GLN E 442 -22.14 45.23 -36.30
C GLN E 442 -23.19 45.93 -35.50
N LEU E 443 -22.99 45.95 -34.18
CA LEU E 443 -23.81 46.73 -33.28
C LEU E 443 -22.92 47.81 -32.72
N ILE E 444 -23.51 48.98 -32.54
CA ILE E 444 -22.83 50.11 -31.99
C ILE E 444 -23.61 50.59 -30.78
N ARG E 445 -23.01 50.54 -29.60
CA ARG E 445 -23.61 51.03 -28.38
C ARG E 445 -22.90 52.29 -27.95
N VAL E 446 -23.66 53.26 -27.49
CA VAL E 446 -23.14 54.53 -27.06
C VAL E 446 -23.57 54.75 -25.63
N TYR E 447 -22.62 55.20 -24.82
CA TYR E 447 -22.85 55.46 -23.43
C TYR E 447 -22.23 56.83 -23.09
N CYS E 448 -22.74 57.41 -21.99
CA CYS E 448 -22.27 58.67 -21.51
C CYS E 448 -21.70 58.53 -20.11
N LYS E 449 -20.51 59.06 -19.89
CA LYS E 449 -19.89 59.10 -18.57
C LYS E 449 -20.47 60.13 -17.62
N LYS E 450 -21.23 61.11 -18.10
CA LYS E 450 -21.87 62.05 -17.20
C LYS E 450 -23.30 61.58 -17.00
N VAL E 451 -23.65 61.37 -15.73
CA VAL E 451 -24.86 60.61 -15.36
C VAL E 451 -26.03 61.45 -14.91
N ASP E 452 -25.82 62.75 -14.66
CA ASP E 452 -26.93 63.63 -14.27
C ASP E 452 -28.00 63.74 -15.35
N ARG E 453 -29.24 64.09 -14.97
CA ARG E 453 -30.37 64.09 -15.88
C ARG E 453 -30.20 65.00 -17.10
N LYS E 454 -29.56 66.15 -16.93
CA LYS E 454 -29.41 67.07 -18.04
C LYS E 454 -28.34 66.60 -19.05
N SER E 455 -27.22 66.07 -18.57
CA SER E 455 -26.21 65.50 -19.44
C SER E 455 -26.76 64.31 -20.26
N LEU E 456 -27.60 63.52 -19.62
CA LEU E 456 -28.13 62.33 -20.21
C LEU E 456 -29.15 62.68 -21.31
N TYR E 457 -30.00 63.67 -21.05
CA TYR E 457 -30.89 64.20 -22.06
C TYR E 457 -30.09 64.70 -23.30
N ALA E 458 -29.02 65.43 -23.04
CA ALA E 458 -28.17 65.93 -24.10
C ALA E 458 -27.52 64.80 -24.89
N ALA E 459 -26.94 63.85 -24.17
CA ALA E 459 -26.28 62.68 -24.81
C ALA E 459 -27.23 61.95 -25.75
N ARG E 460 -28.52 61.80 -25.38
CA ARG E 460 -29.48 61.22 -26.29
C ARG E 460 -29.68 62.00 -27.57
N GLN E 461 -29.66 63.33 -27.47
CA GLN E 461 -29.85 64.17 -28.66
C GLN E 461 -28.63 64.06 -29.57
N TYR E 462 -27.41 64.14 -29.02
CA TYR E 462 -26.21 63.98 -29.84
C TYR E 462 -26.21 62.60 -30.54
N PHE E 463 -26.58 61.58 -29.78
CA PHE E 463 -26.56 60.22 -30.28
C PHE E 463 -27.54 60.03 -31.43
N VAL E 464 -28.78 60.43 -31.25
CA VAL E 464 -29.77 60.23 -32.31
C VAL E 464 -29.43 61.08 -33.54
N GLN E 465 -28.89 62.27 -33.33
CA GLN E 465 -28.47 63.12 -34.44
C GLN E 465 -27.34 62.47 -35.20
N TRP E 466 -26.39 61.92 -34.47
CA TRP E 466 -25.27 61.19 -35.09
C TRP E 466 -25.75 60.01 -35.94
N CYS E 467 -26.69 59.23 -35.41
CA CYS E 467 -27.29 58.14 -36.18
C CYS E 467 -27.89 58.68 -37.49
N ALA E 468 -28.69 59.74 -37.41
CA ALA E 468 -29.26 60.40 -38.60
C ALA E 468 -28.16 60.86 -39.57
N ASP E 469 -27.14 61.53 -39.07
CA ASP E 469 -26.04 62.03 -39.89
C ASP E 469 -25.29 60.89 -40.60
N ARG E 470 -25.06 59.74 -39.94
CA ARG E 470 -24.27 58.65 -40.53
C ARG E 470 -25.16 57.68 -41.33
N ASN E 471 -26.45 57.94 -41.34
CA ASN E 471 -27.40 57.06 -42.01
C ASN E 471 -27.43 55.63 -41.39
N PHE E 472 -27.33 55.58 -40.07
CA PHE E 472 -27.46 54.37 -39.30
C PHE E 472 -28.92 54.10 -39.00
N THR E 473 -29.21 52.93 -38.46
CA THR E 473 -30.59 52.56 -38.19
C THR E 473 -31.12 53.41 -37.04
N LYS E 474 -32.43 53.60 -37.07
CA LYS E 474 -33.08 54.39 -36.07
C LYS E 474 -33.05 53.67 -34.73
N PRO E 475 -32.54 54.34 -33.69
CA PRO E 475 -32.64 53.68 -32.38
C PRO E 475 -34.06 53.29 -32.04
N GLN E 476 -34.19 52.15 -31.39
CA GLN E 476 -35.52 51.55 -31.13
C GLN E 476 -36.45 52.47 -30.35
N ASP E 477 -35.90 53.21 -29.36
CA ASP E 477 -36.63 54.27 -28.56
C ASP E 477 -36.54 55.74 -29.22
N THR F 8 -37.70 53.62 -9.86
CA THR F 8 -38.75 52.60 -10.21
C THR F 8 -38.25 51.10 -10.05
N MET F 9 -39.20 50.16 -10.14
CA MET F 9 -38.97 48.74 -9.86
C MET F 9 -37.90 48.13 -10.85
N LYS F 10 -37.06 47.21 -10.40
CA LYS F 10 -36.15 46.51 -11.32
C LYS F 10 -36.52 45.04 -11.34
N VAL F 11 -36.38 44.43 -12.47
CA VAL F 11 -36.51 43.05 -12.63
C VAL F 11 -35.13 42.41 -12.78
N ILE F 12 -34.93 41.28 -12.12
CA ILE F 12 -33.68 40.55 -12.21
C ILE F 12 -33.90 39.07 -12.46
N ASN F 13 -33.13 38.49 -13.35
CA ASN F 13 -33.24 37.09 -13.70
C ASN F 13 -32.33 36.26 -12.87
N ASP F 14 -32.92 35.45 -12.02
CA ASP F 14 -32.26 34.44 -11.18
C ASP F 14 -32.54 33.05 -11.74
N PRO F 15 -31.52 32.18 -11.87
CA PRO F 15 -31.82 30.85 -12.42
C PRO F 15 -32.71 29.98 -11.52
N ILE F 16 -32.80 30.23 -10.23
CA ILE F 16 -33.63 29.42 -9.41
C ILE F 16 -35.08 29.93 -9.45
N HIS F 17 -35.29 31.20 -9.19
CA HIS F 17 -36.64 31.74 -9.06
C HIS F 17 -37.19 32.40 -10.33
N GLY F 18 -36.42 32.54 -11.38
CA GLY F 18 -36.83 33.30 -12.57
C GLY F 18 -36.74 34.80 -12.40
N HIS F 19 -37.66 35.50 -13.07
CA HIS F 19 -37.65 36.97 -13.08
C HIS F 19 -38.27 37.50 -11.83
N ILE F 20 -37.49 38.09 -10.98
CA ILE F 20 -37.98 38.65 -9.75
C ILE F 20 -37.96 40.17 -9.68
N GLU F 21 -38.94 40.70 -8.98
CA GLU F 21 -39.17 42.14 -8.98
C GLU F 21 -38.60 42.72 -7.73
N LEU F 22 -37.85 43.78 -7.87
CA LEU F 22 -37.31 44.49 -6.73
C LEU F 22 -37.86 45.92 -6.66
N HIS F 23 -38.60 46.20 -5.63
CA HIS F 23 -39.04 47.53 -5.28
C HIS F 23 -37.81 48.49 -5.16
N PRO F 24 -37.99 49.77 -5.50
CA PRO F 24 -36.85 50.66 -5.53
C PRO F 24 -36.14 50.85 -4.17
N LEU F 25 -36.82 50.70 -3.06
CA LEU F 25 -36.18 50.73 -1.78
C LEU F 25 -35.21 49.55 -1.62
N LEU F 26 -35.57 48.39 -2.14
CA LEU F 26 -34.66 47.25 -2.07
C LEU F 26 -33.46 47.46 -2.95
N VAL F 27 -33.68 48.05 -4.13
CA VAL F 27 -32.60 48.36 -5.04
C VAL F 27 -31.60 49.32 -4.37
N ARG F 28 -32.07 50.33 -3.66
CA ARG F 28 -31.16 51.27 -2.92
C ARG F 28 -30.33 50.53 -1.89
N ILE F 29 -30.92 49.57 -1.20
CA ILE F 29 -30.19 48.76 -0.22
C ILE F 29 -29.12 47.85 -0.88
N ILE F 30 -29.49 47.25 -1.99
CA ILE F 30 -28.63 46.34 -2.72
C ILE F 30 -27.43 47.05 -3.30
N ASP F 31 -27.63 48.26 -3.76
CA ASP F 31 -26.56 48.99 -4.42
C ASP F 31 -25.70 49.81 -3.43
N THR F 32 -25.14 49.09 -2.46
CA THR F 32 -24.27 49.64 -1.45
C THR F 32 -23.06 48.73 -1.34
N PRO F 33 -21.93 49.27 -0.87
CA PRO F 33 -20.79 48.39 -0.64
C PRO F 33 -21.05 47.28 0.35
N GLN F 34 -21.93 47.52 1.30
CA GLN F 34 -22.18 46.55 2.35
C GLN F 34 -22.97 45.34 1.82
N PHE F 35 -23.83 45.56 0.84
CA PHE F 35 -24.57 44.46 0.24
C PHE F 35 -23.77 43.75 -0.85
N GLN F 36 -23.12 44.55 -1.71
CA GLN F 36 -22.36 44.03 -2.79
C GLN F 36 -21.18 43.15 -2.34
N ARG F 37 -20.69 43.40 -1.15
CA ARG F 37 -19.72 42.56 -0.48
C ARG F 37 -20.11 41.04 -0.60
N LEU F 38 -21.40 40.74 -0.56
CA LEU F 38 -21.82 39.36 -0.58
C LEU F 38 -21.52 38.63 -1.86
N ARG F 39 -21.17 39.37 -2.93
CA ARG F 39 -20.69 38.78 -4.13
C ARG F 39 -19.34 38.08 -3.99
N TYR F 40 -18.62 38.31 -2.89
CA TYR F 40 -17.25 37.83 -2.76
C TYR F 40 -17.12 36.85 -1.60
N ILE F 41 -18.24 36.24 -1.22
CA ILE F 41 -18.28 35.22 -0.17
C ILE F 41 -19.06 34.01 -0.67
N LYS F 42 -18.36 32.91 -0.89
CA LYS F 42 -18.97 31.68 -1.36
C LYS F 42 -19.98 31.13 -0.36
N GLN F 43 -21.14 30.75 -0.86
CA GLN F 43 -22.20 30.17 -0.01
C GLN F 43 -21.69 28.96 0.75
N LEU F 44 -21.01 28.05 0.04
CA LEU F 44 -20.62 26.78 0.63
C LEU F 44 -19.17 26.67 1.02
N GLY F 45 -18.46 27.79 0.99
CA GLY F 45 -17.05 27.86 1.37
C GLY F 45 -16.19 26.81 0.74
N GLY F 46 -15.56 25.98 1.59
CA GLY F 46 -14.68 24.94 1.13
C GLY F 46 -15.39 23.89 0.26
N GLY F 47 -16.69 23.82 0.32
CA GLY F 47 -17.44 22.97 -0.54
C GLY F 47 -17.20 23.13 -2.03
N TYR F 48 -16.85 24.34 -2.47
CA TYR F 48 -16.50 24.59 -3.88
C TYR F 48 -15.28 23.77 -4.30
N TYR F 49 -14.40 23.42 -3.34
CA TYR F 49 -13.21 22.68 -3.62
C TYR F 49 -13.46 21.20 -3.70
N VAL F 50 -14.73 20.79 -3.57
CA VAL F 50 -15.16 19.41 -3.71
C VAL F 50 -16.21 19.26 -4.81
N PHE F 51 -17.19 20.17 -4.81
CA PHE F 51 -18.26 20.23 -5.78
C PHE F 51 -18.00 21.48 -6.67
N PRO F 52 -17.47 21.29 -7.87
CA PRO F 52 -17.05 22.46 -8.62
C PRO F 52 -18.16 23.31 -9.21
N GLY F 53 -19.38 22.83 -9.17
CA GLY F 53 -20.47 23.70 -9.54
C GLY F 53 -20.88 24.68 -8.45
N ALA F 54 -20.40 24.48 -7.21
CA ALA F 54 -20.78 25.32 -6.11
C ALA F 54 -19.94 26.60 -6.00
N SER F 55 -20.00 27.36 -7.06
CA SER F 55 -19.35 28.66 -7.15
C SER F 55 -20.24 29.79 -6.65
N HIS F 56 -21.48 29.48 -6.30
CA HIS F 56 -22.42 30.55 -5.94
C HIS F 56 -22.05 31.27 -4.62
N ASN F 57 -22.37 32.55 -4.58
CA ASN F 57 -22.06 33.44 -3.49
C ASN F 57 -23.30 33.84 -2.71
N ARG F 58 -23.08 34.45 -1.57
CA ARG F 58 -24.16 34.85 -0.67
C ARG F 58 -25.05 35.89 -1.21
N PHE F 59 -24.54 36.69 -2.15
CA PHE F 59 -25.30 37.72 -2.83
C PHE F 59 -26.61 37.17 -3.45
N GLU F 60 -26.45 36.20 -4.30
CA GLU F 60 -27.61 35.63 -4.99
C GLU F 60 -28.56 34.84 -4.08
N HIS F 61 -28.02 34.17 -3.06
CA HIS F 61 -28.85 33.55 -2.03
C HIS F 61 -29.72 34.65 -1.35
N SER F 62 -29.09 35.79 -1.05
CA SER F 62 -29.78 36.85 -0.35
C SER F 62 -30.91 37.45 -1.18
N LEU F 63 -30.68 37.64 -2.48
CA LEU F 63 -31.81 38.04 -3.35
C LEU F 63 -32.94 37.05 -3.32
N GLY F 64 -32.60 35.77 -3.40
CA GLY F 64 -33.60 34.73 -3.36
C GLY F 64 -34.41 34.71 -2.07
N VAL F 65 -33.76 34.89 -0.92
CA VAL F 65 -34.48 34.90 0.32
C VAL F 65 -35.39 36.12 0.41
N GLY F 66 -34.91 37.26 -0.07
CA GLY F 66 -35.77 38.46 -0.14
C GLY F 66 -37.02 38.21 -0.97
N TYR F 67 -36.83 37.57 -2.13
CA TYR F 67 -37.90 37.28 -3.02
C TYR F 67 -38.90 36.35 -2.40
N LEU F 68 -38.43 35.21 -1.84
CA LEU F 68 -39.35 34.24 -1.24
C LEU F 68 -40.07 34.80 -0.06
N ALA F 69 -39.41 35.63 0.71
CA ALA F 69 -40.05 36.22 1.85
C ALA F 69 -41.24 37.03 1.40
N GLY F 70 -41.03 37.82 0.35
CA GLY F 70 -42.10 38.53 -0.30
C GLY F 70 -43.21 37.66 -0.86
N CYS F 71 -42.90 36.52 -1.51
CA CYS F 71 -43.93 35.63 -2.02
C CYS F 71 -44.77 35.11 -0.87
N LEU F 72 -44.16 34.68 0.22
CA LEU F 72 -44.94 34.06 1.25
C LEU F 72 -45.89 35.11 1.92
N VAL F 73 -45.37 36.28 2.26
CA VAL F 73 -46.20 37.28 2.89
C VAL F 73 -47.29 37.78 1.93
N HIS F 74 -47.02 37.98 0.64
CA HIS F 74 -48.05 38.31 -0.35
C HIS F 74 -49.10 37.22 -0.43
N ALA F 75 -48.70 35.97 -0.51
CA ALA F 75 -49.69 34.90 -0.61
C ALA F 75 -50.61 34.87 0.62
N LEU F 76 -50.07 35.08 1.83
CA LEU F 76 -50.87 35.08 3.02
C LEU F 76 -51.88 36.25 2.98
N GLY F 77 -51.42 37.41 2.55
CA GLY F 77 -52.26 38.60 2.44
C GLY F 77 -53.36 38.50 1.45
N GLU F 78 -53.12 37.89 0.30
CA GLU F 78 -54.12 37.67 -0.72
C GLU F 78 -55.20 36.73 -0.23
N LYS F 79 -54.85 35.61 0.38
CA LYS F 79 -55.82 34.63 0.81
C LYS F 79 -56.63 35.06 2.07
N GLN F 80 -56.00 35.88 2.93
CA GLN F 80 -56.56 36.27 4.21
C GLN F 80 -56.42 37.78 4.43
N PRO F 81 -57.25 38.59 3.73
CA PRO F 81 -57.25 40.08 3.91
C PRO F 81 -57.47 40.50 5.36
N GLU F 82 -58.17 39.68 6.13
CA GLU F 82 -58.45 39.96 7.52
C GLU F 82 -57.21 40.05 8.39
N LEU F 83 -56.06 39.54 7.91
CA LEU F 83 -54.81 39.65 8.68
C LEU F 83 -54.28 41.09 8.67
N GLN F 84 -54.72 41.91 7.69
CA GLN F 84 -54.32 43.32 7.60
C GLN F 84 -52.81 43.47 7.35
N ILE F 85 -52.28 42.62 6.48
CA ILE F 85 -50.91 42.74 6.07
C ILE F 85 -50.84 44.01 5.19
N SER F 86 -50.01 44.96 5.57
CA SER F 86 -49.85 46.20 4.82
C SER F 86 -48.67 46.10 3.84
N GLU F 87 -48.59 47.04 2.91
CA GLU F 87 -47.43 47.18 2.04
C GLU F 87 -46.17 47.43 2.84
N ARG F 88 -46.31 48.15 3.92
CA ARG F 88 -45.20 48.34 4.80
C ARG F 88 -44.65 47.03 5.40
N ASP F 89 -45.55 46.17 5.85
CA ASP F 89 -45.16 44.86 6.36
C ASP F 89 -44.41 44.05 5.28
N VAL F 90 -44.95 44.06 4.07
CA VAL F 90 -44.36 43.34 2.99
C VAL F 90 -42.90 43.82 2.74
N LEU F 91 -42.70 45.14 2.67
CA LEU F 91 -41.38 45.66 2.45
C LEU F 91 -40.42 45.35 3.55
N CYS F 92 -40.89 45.41 4.79
CA CYS F 92 -40.04 45.06 5.90
C CYS F 92 -39.60 43.59 5.86
N VAL F 93 -40.51 42.69 5.52
CA VAL F 93 -40.17 41.29 5.39
C VAL F 93 -39.18 41.05 4.21
N GLN F 94 -39.38 41.72 3.08
CA GLN F 94 -38.43 41.63 1.98
C GLN F 94 -37.06 42.13 2.36
N ILE F 95 -37.00 43.23 3.10
CA ILE F 95 -35.72 43.80 3.47
C ILE F 95 -34.99 42.85 4.39
N ALA F 96 -35.72 42.28 5.34
CA ALA F 96 -35.16 41.33 6.27
C ALA F 96 -34.61 40.07 5.50
N GLY F 97 -35.35 39.59 4.54
CA GLY F 97 -34.89 38.49 3.72
C GLY F 97 -33.63 38.81 2.93
N LEU F 98 -33.65 39.97 2.37
CA LEU F 98 -32.51 40.47 1.62
C LEU F 98 -31.27 40.65 2.45
N CYS F 99 -31.42 41.11 3.70
CA CYS F 99 -30.28 41.48 4.52
C CYS F 99 -29.90 40.44 5.59
N HIS F 100 -30.57 39.30 5.60
CA HIS F 100 -30.45 38.34 6.67
C HIS F 100 -29.07 37.73 6.79
N ASP F 101 -28.32 37.70 5.69
CA ASP F 101 -27.01 37.06 5.69
C ASP F 101 -25.87 38.05 5.47
N LEU F 102 -26.14 39.33 5.68
CA LEU F 102 -25.08 40.33 5.56
C LEU F 102 -23.87 40.10 6.45
N GLY F 103 -24.03 39.41 7.56
CA GLY F 103 -22.96 39.17 8.49
C GLY F 103 -22.02 38.02 8.22
N HIS F 104 -22.25 37.23 7.18
CA HIS F 104 -21.33 36.13 6.92
C HIS F 104 -19.96 36.67 6.62
N GLY F 105 -18.97 35.92 7.03
CA GLY F 105 -17.60 36.21 6.77
C GLY F 105 -17.03 35.30 5.68
N PRO F 106 -15.73 35.41 5.42
CA PRO F 106 -15.05 34.61 4.43
C PRO F 106 -15.38 33.12 4.56
N PHE F 107 -15.76 32.53 3.45
CA PHE F 107 -16.15 31.11 3.39
C PHE F 107 -17.33 30.74 4.23
N SER F 108 -18.17 31.74 4.53
CA SER F 108 -19.46 31.52 5.17
C SER F 108 -19.35 30.72 6.47
N ALA F 109 -19.92 29.54 6.57
CA ALA F 109 -20.00 28.80 7.83
C ALA F 109 -18.68 28.54 8.50
N MET F 110 -17.63 28.43 7.70
CA MET F 110 -16.31 28.36 8.22
C MET F 110 -15.96 29.50 9.22
N PHE F 111 -16.36 30.71 8.89
CA PHE F 111 -15.92 31.88 9.63
C PHE F 111 -16.55 31.92 11.04
N ASP F 112 -17.86 31.75 11.12
CA ASP F 112 -18.51 31.73 12.47
C ASP F 112 -18.57 30.34 13.12
N GLY F 113 -18.41 29.27 12.35
CA GLY F 113 -18.45 27.90 12.87
C GLY F 113 -17.07 27.44 13.34
N ARG F 114 -15.99 27.89 12.70
CA ARG F 114 -14.63 27.37 13.01
C ARG F 114 -13.67 28.47 13.42
N PHE F 115 -13.50 29.50 12.61
CA PHE F 115 -12.46 30.47 12.86
C PHE F 115 -12.69 31.33 14.09
N ILE F 116 -13.79 32.05 14.16
CA ILE F 116 -14.04 32.90 15.32
C ILE F 116 -14.06 32.14 16.66
N PRO F 117 -14.71 31.01 16.75
CA PRO F 117 -14.64 30.25 18.01
C PRO F 117 -13.23 29.86 18.44
N LEU F 118 -12.34 29.57 17.50
CA LEU F 118 -10.95 29.29 17.83
C LEU F 118 -10.13 30.52 18.07
N ALA F 119 -10.37 31.59 17.35
CA ALA F 119 -9.54 32.78 17.46
C ALA F 119 -9.91 33.59 18.67
N ARG F 120 -11.21 33.60 19.01
CA ARG F 120 -11.78 34.42 20.08
C ARG F 120 -12.79 33.66 20.90
N PRO F 121 -12.32 32.66 21.68
CA PRO F 121 -13.24 31.80 22.41
C PRO F 121 -14.05 32.54 23.50
N GLU F 122 -13.62 33.71 23.94
CA GLU F 122 -14.38 34.49 24.90
C GLU F 122 -15.70 35.09 24.32
N VAL F 123 -15.77 35.44 23.02
CA VAL F 123 -16.98 36.08 22.44
C VAL F 123 -18.01 35.04 22.04
N LYS F 124 -19.26 35.43 22.02
CA LYS F 124 -20.35 34.55 21.56
C LYS F 124 -20.78 35.38 20.34
N TRP F 125 -20.33 34.95 19.17
CA TRP F 125 -20.61 35.65 17.93
C TRP F 125 -21.22 34.67 16.93
N THR F 126 -22.18 35.18 16.19
CA THR F 126 -22.83 34.51 15.07
C THR F 126 -22.91 35.45 13.87
N HIS F 127 -22.97 34.89 12.66
CA HIS F 127 -23.16 35.70 11.48
C HIS F 127 -24.46 36.50 11.61
N GLU F 128 -25.46 35.96 12.26
CA GLU F 128 -26.73 36.69 12.43
C GLU F 128 -26.55 38.00 13.21
N GLN F 129 -25.74 37.99 14.26
CA GLN F 129 -25.39 39.25 14.93
C GLN F 129 -24.65 40.16 13.99
N GLY F 130 -23.73 39.60 13.21
CA GLY F 130 -23.10 40.37 12.19
C GLY F 130 -24.07 40.98 11.21
N SER F 131 -25.13 40.25 10.84
CA SER F 131 -26.06 40.76 9.85
C SER F 131 -26.80 42.03 10.39
N VAL F 132 -27.14 41.99 11.64
CA VAL F 132 -27.78 43.13 12.33
C VAL F 132 -26.85 44.34 12.39
N MET F 133 -25.61 44.13 12.74
CA MET F 133 -24.64 45.24 12.82
C MET F 133 -24.38 45.75 11.42
N MET F 134 -24.21 44.85 10.46
CA MET F 134 -23.95 45.30 9.10
C MET F 134 -25.14 46.05 8.49
N PHE F 135 -26.34 45.60 8.79
CA PHE F 135 -27.53 46.32 8.38
C PHE F 135 -27.60 47.76 8.90
N GLU F 136 -27.36 47.92 10.18
CA GLU F 136 -27.23 49.24 10.84
C GLU F 136 -26.21 50.09 10.12
N HIS F 137 -25.03 49.55 9.85
CA HIS F 137 -23.98 50.29 9.15
C HIS F 137 -24.38 50.61 7.70
N LEU F 138 -25.06 49.67 7.02
CA LEU F 138 -25.56 49.91 5.64
C LEU F 138 -26.56 51.10 5.63
N ILE F 139 -27.53 51.06 6.53
CA ILE F 139 -28.53 52.10 6.64
C ILE F 139 -27.90 53.46 6.95
N ASN F 140 -27.05 53.50 7.94
CA ASN F 140 -26.50 54.76 8.42
C ASN F 140 -25.51 55.38 7.47
N SER F 141 -24.73 54.60 6.75
CA SER F 141 -23.76 55.17 5.89
C SER F 141 -24.25 55.39 4.45
N ASN F 142 -25.48 55.01 4.11
CA ASN F 142 -25.95 55.25 2.73
C ASN F 142 -27.25 56.07 2.72
N GLY F 143 -27.60 56.73 3.82
CA GLY F 143 -28.77 57.58 3.87
C GLY F 143 -30.10 56.89 3.58
N ILE F 144 -30.25 55.66 4.05
CA ILE F 144 -31.42 54.88 3.73
C ILE F 144 -32.65 55.26 4.57
N LYS F 145 -32.51 55.78 5.77
CA LYS F 145 -33.71 56.14 6.59
C LYS F 145 -34.72 57.08 5.91
N PRO F 146 -34.26 58.18 5.30
CA PRO F 146 -35.21 59.03 4.54
C PRO F 146 -35.88 58.29 3.38
N VAL F 147 -35.17 57.36 2.76
CA VAL F 147 -35.76 56.61 1.65
C VAL F 147 -36.83 55.68 2.17
N MET F 148 -36.59 55.07 3.33
CA MET F 148 -37.62 54.28 3.97
C MET F 148 -38.90 55.08 4.24
N GLU F 149 -38.71 56.28 4.80
CA GLU F 149 -39.83 57.22 5.09
C GLU F 149 -40.58 57.57 3.81
N GLN F 150 -39.86 57.85 2.74
CA GLN F 150 -40.49 58.11 1.46
C GLN F 150 -41.47 57.00 1.06
N TYR F 151 -41.20 55.72 1.40
CA TYR F 151 -42.10 54.65 0.98
C TYR F 151 -43.01 54.14 2.09
N GLY F 152 -43.18 54.92 3.15
CA GLY F 152 -44.21 54.57 4.11
C GLY F 152 -43.72 53.79 5.30
N LEU F 153 -42.42 53.55 5.40
CA LEU F 153 -41.88 52.84 6.55
C LEU F 153 -41.61 53.84 7.67
N ILE F 154 -41.62 53.34 8.89
CA ILE F 154 -41.36 54.16 10.07
C ILE F 154 -40.09 53.62 10.72
N PRO F 155 -38.96 54.28 10.51
CA PRO F 155 -37.70 53.70 10.89
C PRO F 155 -37.50 53.31 12.36
N GLU F 156 -38.03 54.05 13.34
CA GLU F 156 -37.85 53.65 14.77
C GLU F 156 -38.38 52.21 14.90
N GLU F 157 -39.65 52.04 14.53
CA GLU F 157 -40.33 50.73 14.60
C GLU F 157 -39.76 49.67 13.64
N ASP F 158 -39.56 50.03 12.37
CA ASP F 158 -39.34 49.04 11.34
C ASP F 158 -37.91 48.51 11.28
N ILE F 159 -36.92 49.33 11.62
CA ILE F 159 -35.54 48.86 11.76
C ILE F 159 -35.47 47.82 12.84
N CYS F 160 -36.11 48.08 13.96
CA CYS F 160 -36.18 47.12 15.02
C CYS F 160 -36.85 45.80 14.55
N PHE F 161 -38.02 45.93 13.88
CA PHE F 161 -38.71 44.74 13.29
C PHE F 161 -37.78 43.92 12.36
N ILE F 162 -37.08 44.60 11.48
CA ILE F 162 -36.18 43.96 10.51
C ILE F 162 -35.08 43.19 11.22
N LYS F 163 -34.46 43.83 12.21
CA LYS F 163 -33.42 43.20 12.97
C LYS F 163 -33.90 41.99 13.73
N GLU F 164 -35.06 42.12 14.36
CA GLU F 164 -35.67 41.02 15.10
C GLU F 164 -36.00 39.83 14.21
N GLN F 165 -36.39 40.07 12.98
CA GLN F 165 -36.65 38.98 12.05
C GLN F 165 -35.36 38.20 11.78
N ILE F 166 -34.23 38.91 11.74
CA ILE F 166 -32.96 38.31 11.38
C ILE F 166 -32.36 37.52 12.54
N VAL F 167 -32.31 38.13 13.71
CA VAL F 167 -31.58 37.58 14.83
C VAL F 167 -32.44 37.09 15.98
N GLY F 168 -33.76 37.35 15.96
CA GLY F 168 -34.61 37.09 17.11
C GLY F 168 -34.69 38.29 18.03
N PRO F 169 -35.27 38.11 19.22
CA PRO F 169 -35.41 39.17 20.24
C PRO F 169 -34.09 39.83 20.59
N LEU F 170 -34.02 41.16 20.72
CA LEU F 170 -32.73 41.91 20.92
C LEU F 170 -32.14 42.20 22.35
N LEU F 178 -43.98 36.64 28.70
CA LEU F 178 -44.14 37.93 28.05
C LEU F 178 -43.92 37.81 26.51
N TRP F 179 -44.25 38.88 25.77
CA TRP F 179 -44.03 38.94 24.29
C TRP F 179 -42.72 39.67 24.11
N PRO F 180 -41.71 38.98 23.55
CA PRO F 180 -40.36 39.56 23.56
C PRO F 180 -40.02 40.45 22.38
N TYR F 181 -40.94 40.72 21.47
CA TYR F 181 -40.65 41.51 20.30
C TYR F 181 -41.25 42.89 20.47
N LYS F 182 -40.55 43.90 19.97
CA LYS F 182 -41.05 45.25 19.89
C LYS F 182 -41.52 45.71 18.54
N GLY F 183 -41.05 45.09 17.48
CA GLY F 183 -41.28 45.64 16.10
C GLY F 183 -42.70 45.38 15.65
N ARG F 184 -43.32 44.29 16.05
CA ARG F 184 -44.67 43.93 15.64
C ARG F 184 -45.31 43.13 16.78
N PRO F 185 -46.63 43.23 16.90
CA PRO F 185 -47.33 42.55 18.04
C PRO F 185 -47.66 41.11 17.73
N GLU F 186 -48.25 40.40 18.65
CA GLU F 186 -48.66 39.00 18.52
C GLU F 186 -49.70 38.77 17.43
N ASN F 187 -50.52 39.74 17.13
CA ASN F 187 -51.48 39.52 16.04
C ASN F 187 -50.75 39.56 14.65
N LYS F 188 -49.44 39.84 14.66
CA LYS F 188 -48.62 39.73 13.49
C LYS F 188 -47.40 38.84 13.66
N SER F 189 -47.47 37.89 14.60
CA SER F 189 -46.34 37.02 14.96
C SER F 189 -45.94 36.19 13.76
N PHE F 190 -46.87 35.83 12.89
CA PHE F 190 -46.58 35.15 11.69
C PHE F 190 -45.50 35.80 10.82
N LEU F 191 -45.38 37.12 10.90
CA LEU F 191 -44.35 37.80 10.16
C LEU F 191 -42.94 37.43 10.64
N TYR F 192 -42.78 37.00 11.88
CA TYR F 192 -41.49 36.54 12.34
C TYR F 192 -41.13 35.10 11.95
N GLU F 193 -42.01 34.43 11.26
CA GLU F 193 -41.86 33.06 10.86
C GLU F 193 -41.45 32.89 9.39
N ILE F 194 -41.11 34.00 8.70
CA ILE F 194 -40.85 34.00 7.31
C ILE F 194 -39.40 33.82 7.01
N VAL F 195 -38.58 34.72 7.51
CA VAL F 195 -37.16 34.77 7.19
C VAL F 195 -36.33 33.76 8.01
N SER F 196 -36.56 33.76 9.32
CA SER F 196 -35.88 32.90 10.23
C SER F 196 -36.85 32.48 11.32
N ASN F 197 -37.35 31.26 11.24
CA ASN F 197 -38.45 30.82 12.07
C ASN F 197 -37.85 30.21 13.35
N LYS F 198 -37.95 30.94 14.46
CA LYS F 198 -37.38 30.46 15.73
C LYS F 198 -38.21 29.37 16.41
N ARG F 199 -39.46 29.23 16.06
CA ARG F 199 -40.30 28.21 16.66
C ARG F 199 -39.95 26.82 16.10
N ASN F 200 -39.80 26.69 14.77
CA ASN F 200 -39.57 25.37 14.21
C ASN F 200 -38.57 25.25 13.06
N GLY F 201 -37.99 26.36 12.59
CA GLY F 201 -37.04 26.36 11.51
C GLY F 201 -37.63 26.28 10.11
N ILE F 202 -38.95 26.26 9.97
CA ILE F 202 -39.55 26.22 8.64
C ILE F 202 -39.61 27.62 8.08
N ASP F 203 -38.59 27.99 7.30
CA ASP F 203 -38.45 29.33 6.78
C ASP F 203 -37.95 29.37 5.33
N VAL F 204 -38.10 30.52 4.72
CA VAL F 204 -37.81 30.70 3.32
C VAL F 204 -36.30 30.72 3.07
N ASP F 205 -35.47 30.91 4.09
CA ASP F 205 -34.06 30.78 3.95
C ASP F 205 -33.68 29.37 3.54
N LYS F 206 -34.22 28.40 4.24
CA LYS F 206 -34.03 27.00 3.87
C LYS F 206 -34.54 26.72 2.46
N TRP F 207 -35.67 27.26 2.10
CA TRP F 207 -36.22 26.95 0.77
C TRP F 207 -35.35 27.49 -0.33
N ASP F 208 -34.78 28.68 -0.16
CA ASP F 208 -33.87 29.14 -1.17
C ASP F 208 -32.61 28.30 -1.23
N TYR F 209 -31.96 28.01 -0.08
CA TYR F 209 -30.70 27.33 -0.17
C TYR F 209 -30.88 25.88 -0.60
N PHE F 210 -31.96 25.21 -0.24
CA PHE F 210 -32.21 23.85 -0.80
C PHE F 210 -32.16 23.90 -2.33
N ALA F 211 -32.95 24.81 -2.91
CA ALA F 211 -33.09 24.87 -4.34
C ALA F 211 -31.80 25.35 -5.01
N ARG F 212 -31.17 26.36 -4.44
CA ARG F 212 -30.01 26.96 -5.06
C ARG F 212 -28.78 26.05 -4.90
N ASP F 213 -28.55 25.54 -3.69
CA ASP F 213 -27.45 24.65 -3.48
C ASP F 213 -27.57 23.42 -4.40
N CYS F 214 -28.75 22.82 -4.48
CA CYS F 214 -28.92 21.67 -5.33
C CYS F 214 -28.61 21.94 -6.81
N HIS F 215 -29.12 23.04 -7.31
CA HIS F 215 -28.89 23.45 -8.73
C HIS F 215 -27.40 23.52 -9.00
N HIS F 216 -26.61 24.01 -8.04
CA HIS F 216 -25.19 24.18 -8.24
C HIS F 216 -24.36 22.94 -7.89
N LEU F 217 -24.78 22.19 -6.88
CA LEU F 217 -24.04 21.06 -6.46
C LEU F 217 -24.16 19.89 -7.46
N GLY F 218 -25.26 19.79 -8.15
CA GLY F 218 -25.56 18.61 -9.01
C GLY F 218 -26.20 17.49 -8.23
N ILE F 219 -27.01 17.86 -7.27
CA ILE F 219 -27.82 16.97 -6.44
C ILE F 219 -29.19 17.49 -6.47
N GLN F 220 -30.19 16.63 -6.49
CA GLN F 220 -31.51 17.13 -6.83
C GLN F 220 -32.36 17.41 -5.58
N ASN F 221 -33.08 18.56 -5.69
CA ASN F 221 -33.92 18.95 -4.55
C ASN F 221 -35.28 18.14 -4.48
N ASN F 222 -35.64 17.40 -3.44
CA ASN F 222 -37.00 16.85 -3.29
C ASN F 222 -38.14 17.62 -2.51
N PHE F 223 -37.86 18.80 -1.99
CA PHE F 223 -38.86 19.56 -1.27
C PHE F 223 -39.51 20.60 -2.19
N ASP F 224 -40.82 20.66 -2.19
CA ASP F 224 -41.60 21.61 -2.98
C ASP F 224 -42.12 22.81 -2.13
N TYR F 225 -41.38 23.90 -2.14
CA TYR F 225 -41.67 25.06 -1.34
C TYR F 225 -42.94 25.75 -1.86
N LYS F 226 -43.15 25.74 -3.16
CA LYS F 226 -44.31 26.36 -3.73
C LYS F 226 -45.58 25.69 -3.32
N ARG F 227 -45.53 24.36 -3.19
CA ARG F 227 -46.66 23.63 -2.66
C ARG F 227 -46.91 24.05 -1.22
N PHE F 228 -45.87 24.15 -0.42
CA PHE F 228 -46.07 24.57 0.97
C PHE F 228 -46.77 25.95 1.04
N ILE F 229 -46.35 26.89 0.20
CA ILE F 229 -46.94 28.23 0.19
C ILE F 229 -48.40 28.17 -0.17
N LYS F 230 -48.80 27.38 -1.16
CA LYS F 230 -50.18 27.24 -1.48
C LYS F 230 -51.04 26.78 -0.35
N PHE F 231 -50.54 25.90 0.51
CA PHE F 231 -51.34 25.33 1.55
C PHE F 231 -51.13 26.04 2.90
N ALA F 232 -50.40 27.14 2.96
CA ALA F 232 -50.13 27.78 4.23
C ALA F 232 -51.30 28.74 4.51
N ARG F 233 -51.69 28.76 5.80
CA ARG F 233 -52.70 29.70 6.31
C ARG F 233 -52.23 30.22 7.64
N VAL F 234 -52.75 31.36 8.04
CA VAL F 234 -52.54 31.85 9.38
C VAL F 234 -53.78 31.52 10.24
N CYS F 235 -53.54 30.95 11.40
CA CYS F 235 -54.57 30.61 12.39
C CYS F 235 -54.08 31.04 13.79
N GLU F 236 -55.01 31.20 14.69
CA GLU F 236 -54.75 31.45 16.09
C GLU F 236 -54.20 30.21 16.79
N VAL F 237 -53.05 30.37 17.43
CA VAL F 237 -52.42 29.32 18.25
C VAL F 237 -51.91 29.95 19.51
N ASP F 238 -52.25 29.49 20.70
CA ASP F 238 -51.71 29.95 22.03
C ASP F 238 -51.40 31.48 22.05
N ASN F 239 -52.45 32.28 21.84
CA ASN F 239 -52.27 33.78 21.91
C ASN F 239 -51.61 34.49 20.74
N GLU F 240 -51.17 33.81 19.67
CA GLU F 240 -50.58 34.48 18.51
C GLU F 240 -51.27 34.06 17.26
N LEU F 241 -51.31 34.94 16.27
CA LEU F 241 -51.57 34.51 14.87
C LEU F 241 -50.28 33.88 14.27
N ARG F 242 -50.30 32.58 13.96
CA ARG F 242 -49.14 31.81 13.38
C ARG F 242 -49.43 31.14 12.06
N ILE F 243 -48.37 30.85 11.32
CA ILE F 243 -48.49 30.16 10.05
C ILE F 243 -48.76 28.69 10.39
N CYS F 244 -49.82 28.14 9.81
CA CYS F 244 -50.14 26.75 9.87
C CYS F 244 -50.12 26.10 8.48
N ALA F 245 -49.85 24.80 8.44
CA ALA F 245 -49.86 24.03 7.23
C ALA F 245 -51.08 23.13 7.18
N ARG F 246 -51.54 22.75 5.98
CA ARG F 246 -52.59 21.73 5.90
C ARG F 246 -52.13 20.47 6.59
N ASP F 247 -53.03 19.81 7.28
CA ASP F 247 -52.78 18.54 7.92
C ASP F 247 -52.03 17.51 7.03
N LYS F 248 -52.50 17.34 5.81
CA LYS F 248 -51.96 16.29 4.94
C LYS F 248 -50.53 16.64 4.42
N GLU F 249 -50.05 17.88 4.55
CA GLU F 249 -48.69 18.23 4.32
C GLU F 249 -47.66 17.72 5.41
N VAL F 250 -48.12 17.11 6.49
CA VAL F 250 -47.20 16.78 7.58
C VAL F 250 -46.01 15.87 7.12
N GLY F 251 -46.30 14.91 6.29
CA GLY F 251 -45.32 14.05 5.64
C GLY F 251 -44.26 14.83 4.90
N ASN F 252 -44.69 15.84 4.16
CA ASN F 252 -43.82 16.69 3.39
C ASN F 252 -42.88 17.49 4.33
N LEU F 253 -43.34 17.88 5.50
CA LEU F 253 -42.49 18.57 6.46
C LEU F 253 -41.45 17.71 7.11
N TYR F 254 -41.82 16.48 7.46
CA TYR F 254 -40.81 15.50 7.89
C TYR F 254 -39.77 15.35 6.74
N ASP F 255 -40.23 15.22 5.52
CA ASP F 255 -39.33 15.14 4.39
C ASP F 255 -38.43 16.38 4.21
N MET F 256 -38.95 17.53 4.51
CA MET F 256 -38.15 18.75 4.48
C MET F 256 -36.90 18.66 5.38
N PHE F 257 -37.10 18.22 6.60
CA PHE F 257 -35.97 18.10 7.53
C PHE F 257 -35.06 16.92 7.13
N HIS F 258 -35.64 15.88 6.57
CA HIS F 258 -34.87 14.79 6.04
C HIS F 258 -33.96 15.26 4.90
N THR F 259 -34.49 16.08 4.02
CA THR F 259 -33.69 16.69 2.97
C THR F 259 -32.55 17.55 3.52
N ARG F 260 -32.87 18.36 4.53
CA ARG F 260 -31.85 19.17 5.13
C ARG F 260 -30.68 18.28 5.63
N ASN F 261 -31.02 17.21 6.33
CA ASN F 261 -30.04 16.31 6.92
C ASN F 261 -29.25 15.62 5.82
N SER F 262 -29.92 15.28 4.75
CA SER F 262 -29.30 14.63 3.63
C SER F 262 -28.33 15.55 2.86
N LEU F 263 -28.66 16.84 2.74
CA LEU F 263 -27.76 17.80 2.17
C LEU F 263 -26.53 18.04 3.05
N HIS F 264 -26.71 18.06 4.39
CA HIS F 264 -25.55 18.11 5.26
C HIS F 264 -24.66 16.87 5.12
N ARG F 265 -25.25 15.67 5.01
CA ARG F 265 -24.44 14.45 4.85
C ARG F 265 -23.69 14.39 3.52
N ARG F 266 -24.37 14.73 2.44
CA ARG F 266 -23.75 14.60 1.16
C ARG F 266 -22.84 15.71 0.79
N ALA F 267 -23.14 16.92 1.22
CA ALA F 267 -22.40 18.09 0.74
C ALA F 267 -21.83 18.96 1.81
N TYR F 268 -22.67 19.56 2.64
CA TYR F 268 -22.17 20.58 3.56
C TYR F 268 -21.16 20.04 4.57
N GLN F 269 -21.32 18.81 5.05
CA GLN F 269 -20.38 18.18 5.92
C GLN F 269 -19.51 17.12 5.23
N HIS F 270 -19.33 17.26 3.93
CA HIS F 270 -18.46 16.36 3.22
C HIS F 270 -17.11 16.40 3.90
N LYS F 271 -16.52 15.28 4.16
CA LYS F 271 -15.31 15.18 4.96
C LYS F 271 -14.11 15.99 4.37
N VAL F 272 -14.02 16.10 3.06
CA VAL F 272 -13.00 16.86 2.47
C VAL F 272 -13.39 18.36 2.39
N GLY F 273 -14.62 18.67 2.14
CA GLY F 273 -15.07 20.06 2.23
C GLY F 273 -14.76 20.63 3.62
N ASN F 274 -15.04 19.84 4.64
CA ASN F 274 -14.72 20.29 5.99
C ASN F 274 -13.22 20.45 6.26
N ILE F 275 -12.39 19.56 5.72
CA ILE F 275 -10.98 19.68 5.98
C ILE F 275 -10.41 20.87 5.26
N ILE F 276 -10.97 21.21 4.10
CA ILE F 276 -10.53 22.43 3.44
C ILE F 276 -10.88 23.67 4.27
N ASP F 277 -12.11 23.71 4.76
CA ASP F 277 -12.54 24.77 5.71
C ASP F 277 -11.58 24.85 6.95
N THR F 278 -11.18 23.69 7.46
CA THR F 278 -10.28 23.59 8.60
C THR F 278 -8.89 24.11 8.24
N MET F 279 -8.39 23.73 7.07
CA MET F 279 -7.10 24.24 6.62
C MET F 279 -7.09 25.74 6.40
N ILE F 280 -8.14 26.24 5.79
CA ILE F 280 -8.25 27.69 5.59
C ILE F 280 -8.27 28.40 6.97
N THR F 281 -9.03 27.85 7.88
CA THR F 281 -9.10 28.36 9.26
C THR F 281 -7.72 28.40 9.92
N ASP F 282 -6.99 27.32 9.77
CA ASP F 282 -5.62 27.22 10.23
C ASP F 282 -4.71 28.31 9.67
N ALA F 283 -4.78 28.49 8.35
CA ALA F 283 -4.05 29.55 7.71
C ALA F 283 -4.44 30.94 8.24
N PHE F 284 -5.74 31.15 8.45
CA PHE F 284 -6.19 32.41 9.00
C PHE F 284 -5.66 32.62 10.44
N LEU F 285 -5.68 31.58 11.28
CA LEU F 285 -5.11 31.67 12.62
C LEU F 285 -3.60 32.03 12.58
N LYS F 286 -2.86 31.47 11.62
CA LYS F 286 -1.48 31.81 11.46
C LYS F 286 -1.23 33.16 10.85
N ALA F 287 -2.20 33.73 10.15
CA ALA F 287 -2.05 35.05 9.55
C ALA F 287 -2.53 36.18 10.44
N ASP F 288 -3.32 35.83 11.46
CA ASP F 288 -4.13 36.79 12.18
C ASP F 288 -3.34 37.95 12.82
N ASP F 289 -2.17 37.62 13.37
CA ASP F 289 -1.31 38.65 14.01
C ASP F 289 -0.72 39.63 12.98
N TYR F 290 -0.72 39.32 11.70
CA TYR F 290 0.05 40.09 10.74
C TYR F 290 -0.78 40.84 9.69
N ILE F 291 -2.05 40.50 9.52
CA ILE F 291 -2.84 41.18 8.55
C ILE F 291 -3.57 42.37 9.16
N GLU F 292 -3.56 43.47 8.43
CA GLU F 292 -4.13 44.73 8.92
C GLU F 292 -5.29 45.07 8.01
N ILE F 293 -6.44 45.31 8.59
CA ILE F 293 -7.57 45.76 7.85
C ILE F 293 -8.00 47.09 8.44
N THR F 294 -8.13 48.08 7.61
CA THR F 294 -8.47 49.42 8.07
C THR F 294 -9.98 49.59 8.25
N GLY F 295 -10.38 50.04 9.42
CA GLY F 295 -11.75 50.32 9.77
C GLY F 295 -11.99 51.79 9.98
N ALA F 296 -12.96 52.13 10.82
CA ALA F 296 -13.44 53.50 11.02
C ALA F 296 -12.36 54.31 11.72
N GLY F 297 -12.22 55.56 11.26
CA GLY F 297 -11.24 56.52 11.70
C GLY F 297 -9.81 56.03 11.50
N GLY F 298 -9.58 55.22 10.49
CA GLY F 298 -8.26 54.61 10.26
C GLY F 298 -7.71 53.56 11.25
N LYS F 299 -8.45 53.20 12.33
CA LYS F 299 -8.05 52.09 13.23
C LYS F 299 -7.79 50.77 12.50
N LYS F 300 -6.88 49.99 13.05
CA LYS F 300 -6.43 48.77 12.43
C LYS F 300 -7.01 47.58 13.13
N TYR F 301 -7.56 46.66 12.34
CA TYR F 301 -8.18 45.47 12.87
C TYR F 301 -7.45 44.28 12.28
N ARG F 302 -7.64 43.17 12.94
CA ARG F 302 -7.17 41.88 12.44
C ARG F 302 -8.39 41.12 11.85
N ILE F 303 -8.11 39.99 11.24
CA ILE F 303 -9.16 39.13 10.72
C ILE F 303 -10.16 38.78 11.80
N SER F 304 -9.65 38.45 13.00
CA SER F 304 -10.49 38.05 14.12
C SER F 304 -11.17 39.22 14.79
N THR F 305 -10.68 40.46 14.58
CA THR F 305 -11.32 41.59 15.23
C THR F 305 -12.14 42.45 14.31
N ALA F 306 -12.05 42.22 13.01
CA ALA F 306 -12.88 43.00 12.06
C ALA F 306 -14.37 42.87 12.32
N ILE F 307 -14.81 41.81 13.00
CA ILE F 307 -16.19 41.71 13.42
C ILE F 307 -16.65 42.80 14.41
N ASP F 308 -15.72 43.57 14.95
CA ASP F 308 -16.02 44.63 15.91
C ASP F 308 -16.25 45.98 15.25
N ASP F 309 -15.94 46.10 13.95
CA ASP F 309 -16.09 47.35 13.24
C ASP F 309 -16.54 47.10 11.79
N MET F 310 -17.74 47.49 11.49
CA MET F 310 -18.39 47.15 10.23
C MET F 310 -17.72 47.75 9.02
N GLU F 311 -17.02 48.85 9.18
CA GLU F 311 -16.27 49.40 8.05
C GLU F 311 -15.09 48.51 7.68
N ALA F 312 -14.41 47.96 8.67
CA ALA F 312 -13.38 46.95 8.42
C ALA F 312 -13.99 45.65 7.86
N TYR F 313 -15.06 45.20 8.46
CA TYR F 313 -15.66 43.94 8.10
C TYR F 313 -16.18 43.96 6.66
N THR F 314 -16.59 45.13 6.20
CA THR F 314 -16.99 45.34 4.83
C THR F 314 -15.93 44.88 3.84
N LYS F 315 -14.68 44.97 4.21
CA LYS F 315 -13.56 44.62 3.36
C LYS F 315 -12.99 43.24 3.63
N LEU F 316 -13.66 42.46 4.46
CA LEU F 316 -13.20 41.12 4.77
C LEU F 316 -14.09 40.07 4.04
N THR F 317 -13.56 39.47 2.99
CA THR F 317 -14.27 38.55 2.13
C THR F 317 -13.32 37.40 1.76
N ASP F 318 -13.74 36.55 0.84
CA ASP F 318 -12.88 35.44 0.39
C ASP F 318 -11.55 35.90 -0.16
N ASN F 319 -11.46 37.15 -0.62
CA ASN F 319 -10.21 37.77 -1.06
C ASN F 319 -9.05 37.54 -0.07
N ILE F 320 -9.34 37.48 1.23
CA ILE F 320 -8.27 37.32 2.20
C ILE F 320 -7.46 36.04 1.93
N PHE F 321 -8.12 34.99 1.43
CA PHE F 321 -7.44 33.76 1.01
C PHE F 321 -6.31 34.09 0.01
N LEU F 322 -6.65 34.79 -1.03
CA LEU F 322 -5.70 35.14 -2.05
C LEU F 322 -4.65 36.17 -1.62
N GLU F 323 -5.04 37.12 -0.77
CA GLU F 323 -4.10 38.05 -0.14
C GLU F 323 -3.03 37.26 0.62
N ILE F 324 -3.41 36.24 1.38
CA ILE F 324 -2.42 35.41 2.03
C ILE F 324 -1.62 34.58 1.02
N LEU F 325 -2.31 33.93 0.08
CA LEU F 325 -1.63 33.04 -0.85
C LEU F 325 -0.55 33.77 -1.69
N TYR F 326 -0.84 35.01 -2.10
CA TYR F 326 0.04 35.75 -2.96
C TYR F 326 0.99 36.63 -2.19
N SER F 327 0.96 36.63 -0.85
CA SER F 327 1.84 37.50 -0.10
C SER F 327 3.31 37.06 -0.27
N THR F 328 4.20 38.00 0.06
CA THR F 328 5.65 37.75 0.15
C THR F 328 6.23 38.03 1.53
N ASP F 329 5.50 38.76 2.36
CA ASP F 329 5.87 39.00 3.75
C ASP F 329 6.35 37.72 4.45
N PRO F 330 7.57 37.71 5.01
CA PRO F 330 8.08 36.52 5.71
C PRO F 330 7.25 36.08 6.88
N LYS F 331 6.57 37.02 7.51
CA LYS F 331 5.73 36.70 8.63
C LYS F 331 4.49 35.85 8.28
N LEU F 332 4.03 35.93 7.04
CA LEU F 332 2.92 35.14 6.56
C LEU F 332 3.35 33.84 5.93
N LYS F 333 4.63 33.48 6.01
CA LYS F 333 5.11 32.25 5.44
C LYS F 333 4.32 31.00 5.89
N ASP F 334 4.10 30.86 7.18
CA ASP F 334 3.41 29.65 7.65
C ASP F 334 1.95 29.58 7.16
N ALA F 335 1.24 30.69 7.16
CA ALA F 335 -0.11 30.78 6.67
C ALA F 335 -0.15 30.43 5.18
N ARG F 336 0.74 31.06 4.43
CA ARG F 336 0.87 30.86 3.01
C ARG F 336 1.17 29.41 2.65
N GLU F 337 1.97 28.72 3.43
CA GLU F 337 2.29 27.32 3.16
C GLU F 337 1.07 26.40 3.33
N ILE F 338 0.20 26.72 4.29
CA ILE F 338 -1.06 25.95 4.40
C ILE F 338 -1.93 26.13 3.17
N LEU F 339 -2.02 27.35 2.69
CA LEU F 339 -2.81 27.60 1.44
C LEU F 339 -2.18 26.97 0.25
N LYS F 340 -0.88 26.97 0.18
CA LYS F 340 -0.17 26.19 -0.89
C LYS F 340 -0.50 24.73 -0.85
N GLN F 341 -0.60 24.16 0.34
CA GLN F 341 -0.96 22.78 0.45
C GLN F 341 -2.40 22.52 -0.13
N ILE F 342 -3.34 23.44 0.09
CA ILE F 342 -4.62 23.33 -0.51
C ILE F 342 -4.53 23.27 -2.06
N GLU F 343 -3.76 24.19 -2.63
CA GLU F 343 -3.72 24.25 -4.08
C GLU F 343 -3.03 23.04 -4.75
N TYR F 344 -2.05 22.42 -4.05
CA TYR F 344 -1.41 21.20 -4.56
C TYR F 344 -2.18 19.97 -4.14
N ARG F 345 -3.29 20.14 -3.42
CA ARG F 345 -4.08 19.04 -2.89
C ARG F 345 -3.26 18.11 -1.94
N ASN F 346 -2.35 18.70 -1.17
CA ASN F 346 -1.69 18.00 -0.12
C ASN F 346 -2.44 18.28 1.18
N LEU F 347 -3.61 17.71 1.29
CA LEU F 347 -4.56 18.00 2.31
C LEU F 347 -4.30 17.20 3.56
N PHE F 348 -4.68 17.72 4.74
CA PHE F 348 -4.71 16.88 5.92
C PHE F 348 -5.59 15.62 5.55
N LYS F 349 -5.21 14.46 6.03
CA LYS F 349 -5.77 13.18 5.54
C LYS F 349 -6.88 12.69 6.44
N TYR F 350 -7.98 12.35 5.84
CA TYR F 350 -9.07 11.71 6.51
C TYR F 350 -8.72 10.33 7.01
N VAL F 351 -8.95 10.09 8.28
CA VAL F 351 -8.63 8.80 8.91
C VAL F 351 -9.96 8.00 9.05
N GLY F 352 -11.01 8.64 9.53
CA GLY F 352 -12.29 7.98 9.65
C GLY F 352 -13.36 8.72 10.42
N GLU F 353 -14.49 8.06 10.57
CA GLU F 353 -15.67 8.62 11.18
C GLU F 353 -16.22 7.61 12.19
N THR F 354 -16.75 8.10 13.29
CA THR F 354 -17.42 7.30 14.29
C THR F 354 -18.49 8.14 14.98
N GLN F 355 -19.26 7.53 15.87
CA GLN F 355 -20.27 8.22 16.67
C GLN F 355 -20.26 7.74 18.09
N PRO F 356 -20.69 8.55 19.05
CA PRO F 356 -20.91 8.01 20.40
C PRO F 356 -22.08 7.03 20.39
N THR F 357 -22.18 6.25 21.41
CA THR F 357 -23.16 5.17 21.59
C THR F 357 -23.97 5.53 22.82
N GLY F 358 -25.13 4.95 22.91
CA GLY F 358 -25.95 5.12 24.11
C GLY F 358 -26.44 6.55 24.26
N GLN F 359 -26.36 7.06 25.48
CA GLN F 359 -26.90 8.38 25.78
C GLN F 359 -25.73 9.40 25.80
N ILE F 360 -24.52 8.95 25.46
CA ILE F 360 -23.30 9.74 25.63
C ILE F 360 -23.29 10.93 24.67
N LYS F 361 -22.97 12.11 25.18
CA LYS F 361 -22.92 13.33 24.39
C LYS F 361 -21.59 13.99 24.64
N ILE F 362 -20.85 14.32 23.60
CA ILE F 362 -19.61 15.03 23.76
C ILE F 362 -19.87 16.51 23.83
N LYS F 363 -19.40 17.15 24.88
CA LYS F 363 -19.71 18.57 25.16
C LYS F 363 -18.68 19.41 24.51
N ARG F 364 -19.07 20.61 24.10
CA ARG F 364 -18.17 21.54 23.42
C ARG F 364 -16.86 21.84 24.19
N GLU F 365 -16.91 21.90 25.53
CA GLU F 365 -15.74 22.14 26.41
C GLU F 365 -14.66 21.06 26.22
N ASP F 366 -15.08 19.85 25.84
CA ASP F 366 -14.19 18.71 25.69
C ASP F 366 -13.58 18.53 24.31
N TYR F 367 -14.02 19.29 23.30
CA TYR F 367 -13.51 19.14 21.94
C TYR F 367 -11.99 19.25 21.86
N GLU F 368 -11.45 20.29 22.47
CA GLU F 368 -10.02 20.55 22.49
C GLU F 368 -9.19 19.38 23.07
N SER F 369 -9.73 18.61 24.01
CA SER F 369 -8.96 17.52 24.62
C SER F 369 -8.91 16.21 23.77
N LEU F 370 -9.72 16.12 22.70
CA LEU F 370 -9.88 14.86 21.96
C LEU F 370 -8.66 14.41 21.12
N PRO F 371 -7.94 15.33 20.48
CA PRO F 371 -6.71 14.90 19.83
C PRO F 371 -5.72 14.24 20.80
N LYS F 372 -5.62 14.77 22.02
CA LYS F 372 -4.78 14.18 23.07
C LYS F 372 -5.26 12.78 23.38
N GLU F 373 -6.57 12.58 23.50
CA GLU F 373 -7.06 11.21 23.76
C GLU F 373 -6.72 10.24 22.65
N VAL F 374 -6.86 10.66 21.39
CA VAL F 374 -6.55 9.77 20.27
C VAL F 374 -5.08 9.36 20.31
N ALA F 375 -4.20 10.34 20.56
CA ALA F 375 -2.74 10.08 20.62
C ALA F 375 -2.32 9.25 21.83
N SER F 376 -3.11 9.27 22.88
CA SER F 376 -2.91 8.46 24.11
C SER F 376 -3.48 7.08 24.02
N ALA F 377 -4.21 6.75 22.97
CA ALA F 377 -4.65 5.38 22.83
C ALA F 377 -3.41 4.49 22.59
N LYS F 378 -3.50 3.24 23.02
CA LYS F 378 -2.34 2.34 22.96
C LYS F 378 -2.71 1.15 22.08
N PRO F 379 -2.75 1.33 20.76
CA PRO F 379 -3.06 0.25 19.87
C PRO F 379 -2.07 -0.88 20.01
N LYS F 380 -2.54 -2.13 20.17
CA LYS F 380 -1.66 -3.29 20.36
C LYS F 380 -1.30 -3.75 18.95
N VAL F 381 -0.40 -3.03 18.33
CA VAL F 381 0.00 -3.20 16.95
C VAL F 381 1.41 -2.68 16.89
N LEU F 382 2.27 -3.29 16.09
CA LEU F 382 3.60 -2.76 15.85
C LEU F 382 3.49 -1.56 14.88
N LEU F 383 4.05 -0.44 15.28
CA LEU F 383 4.04 0.81 14.51
C LEU F 383 5.42 1.37 14.29
N ASP F 384 5.75 1.74 13.03
CA ASP F 384 6.96 2.56 12.76
C ASP F 384 6.90 4.00 13.25
N VAL F 385 5.72 4.61 13.11
CA VAL F 385 5.54 6.03 13.52
C VAL F 385 4.73 6.11 14.81
N LYS F 386 5.22 6.84 15.80
CA LYS F 386 4.46 7.28 16.98
C LYS F 386 3.94 8.69 16.63
N LEU F 387 2.68 8.98 16.93
CA LEU F 387 2.06 10.26 16.59
C LEU F 387 1.76 11.01 17.84
N LYS F 388 1.79 12.33 17.83
CA LYS F 388 1.54 13.20 18.98
C LYS F 388 0.16 13.80 18.86
N ALA F 389 -0.36 14.39 19.94
CA ALA F 389 -1.68 15.09 19.87
C ALA F 389 -1.85 16.09 18.74
N GLU F 390 -0.80 16.90 18.50
CA GLU F 390 -0.70 18.00 17.49
C GLU F 390 -0.93 17.44 16.06
N ASP F 391 -0.73 16.14 15.88
CA ASP F 391 -0.91 15.49 14.60
C ASP F 391 -2.36 15.15 14.22
N PHE F 392 -3.28 15.16 15.21
CA PHE F 392 -4.65 14.79 14.93
C PHE F 392 -5.57 16.01 14.95
N ILE F 393 -6.55 15.97 14.08
CA ILE F 393 -7.71 16.86 14.15
C ILE F 393 -8.93 15.96 14.41
N VAL F 394 -9.73 16.39 15.37
CA VAL F 394 -10.95 15.71 15.75
C VAL F 394 -12.10 16.71 15.61
N ASP F 395 -12.98 16.45 14.67
CA ASP F 395 -14.00 17.42 14.26
C ASP F 395 -15.32 16.74 14.68
N VAL F 396 -16.04 17.37 15.57
CA VAL F 396 -17.28 16.84 16.07
C VAL F 396 -18.39 17.66 15.41
N ILE F 397 -19.31 16.98 14.76
CA ILE F 397 -20.40 17.67 14.09
C ILE F 397 -21.73 17.25 14.69
N ASN F 398 -22.50 18.24 15.09
CA ASN F 398 -23.83 18.06 15.64
C ASN F 398 -24.86 18.04 14.51
N MET F 399 -25.40 16.87 14.18
CA MET F 399 -26.39 16.70 13.14
C MET F 399 -27.77 16.57 13.85
N ASP F 400 -28.69 17.46 13.50
CA ASP F 400 -30.00 17.46 14.06
C ASP F 400 -31.07 18.00 13.08
N TYR F 401 -32.31 18.06 13.56
CA TYR F 401 -33.43 18.62 12.80
C TYR F 401 -33.68 20.07 13.22
N GLY F 402 -32.63 20.75 13.64
CA GLY F 402 -32.60 22.18 13.89
C GLY F 402 -32.99 22.66 15.25
N MET F 403 -33.35 21.78 16.15
CA MET F 403 -33.78 22.11 17.52
C MET F 403 -33.23 21.10 18.51
N GLN F 404 -31.95 20.82 18.41
CA GLN F 404 -31.21 19.89 19.28
C GLN F 404 -31.97 18.57 19.29
N GLU F 405 -32.39 18.08 20.44
CA GLU F 405 -33.08 16.80 20.57
C GLU F 405 -34.55 16.80 20.17
N LYS F 406 -35.13 17.96 19.98
CA LYS F 406 -36.57 18.07 19.73
C LYS F 406 -36.95 17.81 18.27
N ASN F 407 -38.12 17.24 18.13
CA ASN F 407 -38.87 17.07 16.90
C ASN F 407 -39.49 18.39 16.53
N PRO F 408 -39.01 19.03 15.46
CA PRO F 408 -39.61 20.31 15.11
C PRO F 408 -41.06 20.23 14.68
N ILE F 409 -41.50 19.08 14.21
CA ILE F 409 -42.88 18.91 13.84
C ILE F 409 -43.81 18.98 15.05
N ASP F 410 -43.31 18.72 16.26
CA ASP F 410 -44.10 18.99 17.46
C ASP F 410 -44.30 20.48 17.71
N HIS F 411 -43.60 21.35 17.02
CA HIS F 411 -43.79 22.80 17.12
C HIS F 411 -44.37 23.43 15.87
N VAL F 412 -45.10 22.64 15.11
CA VAL F 412 -45.80 23.10 13.91
C VAL F 412 -47.28 22.94 14.21
N SER F 413 -48.06 23.86 13.69
CA SER F 413 -49.50 23.78 13.76
C SER F 413 -50.09 23.53 12.38
N PHE F 414 -51.21 22.80 12.36
CA PHE F 414 -51.88 22.38 11.15
C PHE F 414 -53.34 22.76 11.16
N TYR F 415 -53.96 22.75 10.00
CA TYR F 415 -55.39 22.90 9.92
C TYR F 415 -55.95 21.83 9.00
N CYS F 416 -57.23 21.56 9.16
CA CYS F 416 -58.01 20.55 8.39
C CYS F 416 -58.93 21.27 7.43
N LYS F 417 -59.23 20.60 6.34
CA LYS F 417 -60.03 21.16 5.25
C LYS F 417 -61.45 21.58 5.76
N THR F 418 -62.02 20.80 6.71
CA THR F 418 -63.36 21.10 7.19
C THR F 418 -63.46 22.23 8.25
N ALA F 419 -62.33 22.65 8.83
CA ALA F 419 -62.28 23.82 9.71
C ALA F 419 -60.96 24.57 9.55
N PRO F 420 -60.84 25.34 8.46
CA PRO F 420 -59.53 25.92 8.13
C PRO F 420 -58.98 27.00 9.06
N ASN F 421 -59.79 27.53 9.97
CA ASN F 421 -59.38 28.52 10.95
C ASN F 421 -59.01 27.89 12.29
N ARG F 422 -59.12 26.60 12.41
CA ARG F 422 -58.84 25.91 13.63
C ARG F 422 -57.46 25.16 13.60
N ALA F 423 -56.51 25.64 14.36
CA ALA F 423 -55.22 24.99 14.51
C ALA F 423 -55.26 23.71 15.32
N ILE F 424 -54.51 22.70 14.90
CA ILE F 424 -54.40 21.43 15.64
C ILE F 424 -52.94 21.00 15.65
N ARG F 425 -52.64 20.00 16.47
CA ARG F 425 -51.31 19.39 16.57
C ARG F 425 -51.43 18.02 15.95
N ILE F 426 -50.33 17.55 15.41
CA ILE F 426 -50.17 16.21 14.92
C ILE F 426 -48.91 15.60 15.48
N THR F 427 -49.00 14.47 16.15
CA THR F 427 -47.87 13.79 16.77
C THR F 427 -47.27 12.85 15.75
N LYS F 428 -46.08 12.44 16.04
CA LYS F 428 -45.31 11.56 15.18
C LYS F 428 -46.01 10.22 14.93
N ASN F 429 -46.56 9.61 15.98
CA ASN F 429 -47.35 8.39 15.82
C ASN F 429 -48.63 8.50 14.95
N GLN F 430 -49.15 9.70 14.81
CA GLN F 430 -50.23 9.91 13.88
C GLN F 430 -49.77 9.95 12.44
N VAL F 431 -48.46 9.93 12.19
CA VAL F 431 -47.97 10.05 10.82
C VAL F 431 -47.45 8.72 10.30
N SER F 432 -46.45 8.16 10.96
CA SER F 432 -45.74 6.99 10.40
C SER F 432 -44.82 6.38 11.47
N GLN F 433 -44.68 5.09 11.42
CA GLN F 433 -43.75 4.34 12.20
C GLN F 433 -42.37 4.27 11.54
N LEU F 434 -42.23 4.76 10.31
CA LEU F 434 -40.96 4.72 9.64
C LEU F 434 -40.14 5.98 9.84
N LEU F 435 -40.53 6.87 10.73
CA LEU F 435 -39.85 8.12 10.90
C LEU F 435 -38.67 7.92 11.87
N PRO F 436 -37.76 8.88 11.96
CA PRO F 436 -36.67 8.73 12.97
C PRO F 436 -37.15 8.65 14.40
N GLU F 437 -36.45 7.93 15.27
CA GLU F 437 -36.82 7.85 16.71
C GLU F 437 -36.10 8.95 17.50
N LYS F 438 -35.00 9.43 16.96
CA LYS F 438 -34.21 10.52 17.52
C LYS F 438 -34.01 11.60 16.44
N PHE F 439 -33.73 12.79 16.88
CA PHE F 439 -33.59 13.97 16.07
C PHE F 439 -32.24 14.69 16.20
N ALA F 440 -31.30 14.12 16.95
CA ALA F 440 -29.96 14.63 17.08
C ALA F 440 -28.99 13.49 17.23
N GLU F 441 -27.80 13.69 16.71
CA GLU F 441 -26.69 12.78 16.86
C GLU F 441 -25.40 13.57 16.63
N GLN F 442 -24.28 12.93 16.92
CA GLN F 442 -22.96 13.52 16.71
C GLN F 442 -22.15 12.63 15.81
N LEU F 443 -21.49 13.23 14.87
CA LEU F 443 -20.50 12.54 14.03
C LEU F 443 -19.14 13.08 14.41
N ILE F 444 -18.20 12.18 14.49
CA ILE F 444 -16.85 12.49 14.87
C ILE F 444 -15.91 12.07 13.71
N ARG F 445 -15.25 13.02 13.10
CA ARG F 445 -14.28 12.78 12.08
C ARG F 445 -12.90 13.04 12.61
N VAL F 446 -11.99 12.15 12.28
CA VAL F 446 -10.59 12.25 12.67
C VAL F 446 -9.76 12.37 11.40
N TYR F 447 -8.82 13.28 11.44
CA TYR F 447 -7.89 13.51 10.39
C TYR F 447 -6.46 13.60 10.96
N CYS F 448 -5.48 13.35 10.10
CA CYS F 448 -4.10 13.37 10.46
C CYS F 448 -3.41 14.48 9.62
N LYS F 449 -2.67 15.34 10.30
CA LYS F 449 -1.89 16.38 9.67
C LYS F 449 -0.62 15.92 9.01
N LYS F 450 -0.15 14.72 9.29
CA LYS F 450 0.96 14.17 8.58
C LYS F 450 0.40 13.29 7.47
N VAL F 451 0.86 13.59 6.26
CA VAL F 451 0.21 13.13 5.02
C VAL F 451 0.86 11.90 4.36
N ASP F 452 2.07 11.54 4.79
CA ASP F 452 2.71 10.35 4.32
C ASP F 452 1.90 9.07 4.69
N ARG F 453 2.13 8.02 3.90
CA ARG F 453 1.38 6.79 4.01
C ARG F 453 1.65 6.08 5.30
N LYS F 454 2.84 6.22 5.90
CA LYS F 454 3.14 5.53 7.13
C LYS F 454 2.44 6.20 8.33
N SER F 455 2.43 7.51 8.38
CA SER F 455 1.67 8.26 9.40
C SER F 455 0.17 7.95 9.34
N LEU F 456 -0.34 7.78 8.14
CA LEU F 456 -1.74 7.54 7.91
C LEU F 456 -2.12 6.12 8.39
N TYR F 457 -1.29 5.14 8.09
CA TYR F 457 -1.46 3.80 8.62
C TYR F 457 -1.51 3.82 10.18
N ALA F 458 -0.55 4.57 10.77
CA ALA F 458 -0.48 4.64 12.22
C ALA F 458 -1.75 5.36 12.80
N ALA F 459 -2.09 6.46 12.17
CA ALA F 459 -3.31 7.24 12.56
C ALA F 459 -4.56 6.40 12.56
N ARG F 460 -4.71 5.50 11.60
CA ARG F 460 -5.84 4.57 11.61
C ARG F 460 -5.82 3.64 12.79
N GLN F 461 -4.65 3.20 13.23
CA GLN F 461 -4.57 2.29 14.36
C GLN F 461 -4.94 3.05 15.64
N TYR F 462 -4.41 4.25 15.85
CA TYR F 462 -4.74 5.02 17.02
C TYR F 462 -6.27 5.31 17.05
N PHE F 463 -6.80 5.67 15.90
CA PHE F 463 -8.19 6.04 15.75
C PHE F 463 -9.10 4.89 16.10
N VAL F 464 -8.88 3.72 15.51
CA VAL F 464 -9.79 2.61 15.77
C VAL F 464 -9.67 2.15 17.22
N GLN F 465 -8.45 2.21 17.77
CA GLN F 465 -8.25 1.86 19.18
C GLN F 465 -9.02 2.83 20.08
N TRP F 466 -8.94 4.11 19.76
CA TRP F 466 -9.67 5.13 20.50
C TRP F 466 -11.19 4.89 20.46
N CYS F 467 -11.71 4.57 19.29
CA CYS F 467 -13.12 4.21 19.16
C CYS F 467 -13.46 3.05 20.12
N ALA F 468 -12.68 1.98 20.07
CA ALA F 468 -12.85 0.82 20.97
C ALA F 468 -12.81 1.24 22.45
N ASP F 469 -11.81 2.04 22.82
CA ASP F 469 -11.64 2.49 24.19
C ASP F 469 -12.83 3.34 24.68
N ARG F 470 -13.39 4.21 23.84
CA ARG F 470 -14.48 5.12 24.24
C ARG F 470 -15.86 4.47 24.05
N ASN F 471 -15.89 3.27 23.51
CA ASN F 471 -17.13 2.61 23.24
C ASN F 471 -18.00 3.35 22.18
N PHE F 472 -17.32 3.86 21.17
CA PHE F 472 -17.94 4.47 20.01
C PHE F 472 -18.25 3.42 18.99
N THR F 473 -18.97 3.79 17.94
CA THR F 473 -19.35 2.83 16.93
C THR F 473 -18.15 2.43 16.13
N LYS F 474 -18.18 1.22 15.62
CA LYS F 474 -17.12 0.68 14.82
C LYS F 474 -17.10 1.49 13.49
N PRO F 475 -15.94 2.05 13.13
CA PRO F 475 -15.88 2.68 11.83
C PRO F 475 -16.27 1.72 10.72
N GLN F 476 -16.93 2.25 9.71
CA GLN F 476 -17.49 1.42 8.63
C GLN F 476 -16.43 0.52 7.93
N ASP F 477 -15.26 1.06 7.76
CA ASP F 477 -14.11 0.37 7.19
C ASP F 477 -13.17 -0.18 8.27
N GLY F 478 -13.60 -0.27 9.48
CA GLY F 478 -12.75 -0.68 10.63
C GLY F 478 -11.95 -1.96 10.44
N ASP F 479 -12.63 -2.99 9.95
CA ASP F 479 -12.00 -4.30 9.72
C ASP F 479 -10.94 -4.24 8.61
N VAL F 480 -11.07 -3.28 7.72
CA VAL F 480 -10.14 -3.10 6.61
C VAL F 480 -8.95 -2.21 7.00
N ILE F 481 -9.21 -1.08 7.65
CA ILE F 481 -8.12 -0.17 7.98
C ILE F 481 -7.35 -0.60 9.22
N ALA F 482 -8.00 -1.33 10.13
CA ALA F 482 -7.31 -1.80 11.33
C ALA F 482 -7.68 -3.23 11.68
N PRO F 483 -7.34 -4.20 10.78
CA PRO F 483 -7.73 -5.62 10.99
C PRO F 483 -7.19 -6.23 12.30
N LEU F 484 -6.05 -5.74 12.79
CA LEU F 484 -5.52 -6.31 14.02
C LEU F 484 -6.10 -5.64 15.25
N ILE F 485 -6.84 -4.55 15.12
CA ILE F 485 -7.43 -3.84 16.27
C ILE F 485 -8.84 -4.26 16.52
N THR F 486 -9.67 -4.37 15.48
CA THR F 486 -11.10 -4.63 15.67
C THR F 486 -11.50 -5.95 16.38
N PRO F 487 -10.70 -7.03 16.28
CA PRO F 487 -11.01 -8.23 17.12
C PRO F 487 -10.95 -8.03 18.64
N GLN F 488 -10.13 -7.11 19.14
CA GLN F 488 -9.99 -6.78 20.61
C GLN F 488 -11.29 -6.29 21.23
N LYS F 489 -12.30 -5.87 20.47
CA LYS F 489 -13.50 -5.27 21.01
C LYS F 489 -14.67 -6.28 20.88
N LYS F 490 -15.07 -6.84 22.05
CA LYS F 490 -16.11 -7.87 22.19
C LYS F 490 -17.42 -7.38 21.51
N GLU F 491 -17.85 -6.15 21.81
CA GLU F 491 -19.10 -5.55 21.25
C GLU F 491 -19.15 -5.31 19.73
N TRP F 492 -18.02 -5.53 18.99
CA TRP F 492 -17.93 -5.33 17.53
C TRP F 492 -17.97 -6.66 16.78
N ASN F 493 -18.77 -6.68 15.73
CA ASN F 493 -18.94 -7.88 14.91
C ASN F 493 -18.02 -7.76 13.69
N ASP F 494 -17.20 -8.78 13.38
CA ASP F 494 -16.28 -8.74 12.24
C ASP F 494 -16.89 -8.25 10.87
N THR G 8 -28.84 -2.70 -38.62
CA THR G 8 -27.94 -1.80 -37.80
C THR G 8 -28.72 -1.09 -36.60
N MET G 9 -27.96 -0.48 -35.68
CA MET G 9 -28.47 0.08 -34.43
C MET G 9 -29.54 1.20 -34.72
N LYS G 10 -30.56 1.35 -33.87
CA LYS G 10 -31.37 2.57 -33.90
C LYS G 10 -31.08 3.41 -32.68
N VAL G 11 -31.17 4.69 -32.87
CA VAL G 11 -31.13 5.63 -31.80
C VAL G 11 -32.53 6.13 -31.53
N ILE G 12 -32.86 6.24 -30.25
CA ILE G 12 -34.16 6.76 -29.85
C ILE G 12 -33.96 7.81 -28.75
N ASN G 13 -34.70 8.91 -28.85
CA ASN G 13 -34.63 9.98 -27.89
C ASN G 13 -35.69 9.79 -26.82
N ASP G 14 -35.23 9.49 -25.63
CA ASP G 14 -36.04 9.41 -24.42
C ASP G 14 -35.83 10.66 -23.55
N PRO G 15 -36.89 11.30 -23.06
CA PRO G 15 -36.61 12.49 -22.21
C PRO G 15 -35.93 12.22 -20.90
N ILE G 16 -35.96 11.04 -20.35
CA ILE G 16 -35.25 10.77 -19.11
C ILE G 16 -33.76 10.46 -19.42
N HIS G 17 -33.49 9.53 -20.28
CA HIS G 17 -32.13 9.04 -20.48
C HIS G 17 -31.39 9.67 -21.66
N GLY G 18 -32.05 10.48 -22.49
CA GLY G 18 -31.42 11.04 -23.66
C GLY G 18 -31.44 10.05 -24.83
N HIS G 19 -30.43 10.17 -25.69
CA HIS G 19 -30.35 9.39 -26.91
C HIS G 19 -29.80 8.02 -26.59
N ILE G 20 -30.61 7.00 -26.69
CA ILE G 20 -30.19 5.68 -26.40
C ILE G 20 -30.14 4.77 -27.63
N GLU G 21 -29.18 3.85 -27.58
CA GLU G 21 -28.92 3.00 -28.69
C GLU G 21 -29.57 1.69 -28.51
N LEU G 22 -30.25 1.23 -29.54
CA LEU G 22 -30.91 -0.06 -29.53
C LEU G 22 -30.31 -0.98 -30.56
N HIS G 23 -29.72 -2.07 -30.07
CA HIS G 23 -29.22 -3.12 -30.91
C HIS G 23 -30.33 -3.68 -31.80
N PRO G 24 -30.02 -4.12 -33.02
CA PRO G 24 -31.10 -4.54 -33.91
C PRO G 24 -31.93 -5.72 -33.42
N LEU G 25 -31.38 -6.59 -32.57
CA LEU G 25 -32.16 -7.64 -31.96
C LEU G 25 -33.22 -7.05 -31.04
N LEU G 26 -32.89 -5.99 -30.32
CA LEU G 26 -33.86 -5.33 -29.45
C LEU G 26 -34.96 -4.68 -30.28
N VAL G 27 -34.58 -4.07 -31.39
CA VAL G 27 -35.50 -3.43 -32.29
C VAL G 27 -36.53 -4.49 -32.82
N ARG G 28 -36.05 -5.68 -33.19
CA ARG G 28 -36.95 -6.75 -33.62
C ARG G 28 -37.94 -7.15 -32.54
N ILE G 29 -37.50 -7.20 -31.31
CA ILE G 29 -38.37 -7.52 -30.18
C ILE G 29 -39.43 -6.42 -29.92
N ILE G 30 -39.00 -5.17 -30.00
CA ILE G 30 -39.83 -4.02 -29.77
C ILE G 30 -40.91 -3.89 -30.79
N ASP G 31 -40.59 -4.22 -32.02
CA ASP G 31 -41.53 -4.03 -33.11
C ASP G 31 -42.42 -5.25 -33.31
N THR G 32 -43.15 -5.60 -32.26
CA THR G 32 -44.09 -6.70 -32.25
C THR G 32 -45.35 -6.25 -31.57
N PRO G 33 -46.48 -6.87 -31.86
CA PRO G 33 -47.68 -6.52 -31.15
C PRO G 33 -47.59 -6.69 -29.63
N GLN G 34 -46.82 -7.66 -29.19
CA GLN G 34 -46.73 -7.98 -27.79
C GLN G 34 -45.96 -6.91 -27.01
N PHE G 35 -44.98 -6.26 -27.64
CA PHE G 35 -44.25 -5.19 -26.99
C PHE G 35 -44.98 -3.84 -27.13
N GLN G 36 -45.49 -3.55 -28.33
CA GLN G 36 -46.16 -2.32 -28.59
C GLN G 36 -47.45 -2.15 -27.76
N ARG G 37 -48.04 -3.25 -27.35
CA ARG G 37 -49.10 -3.26 -26.38
C ARG G 37 -48.83 -2.34 -25.16
N LEU G 38 -47.56 -2.26 -24.76
CA LEU G 38 -47.23 -1.48 -23.58
C LEU G 38 -47.43 0.00 -23.75
N ARG G 39 -47.60 0.47 -24.98
CA ARG G 39 -48.02 1.82 -25.22
C ARG G 39 -49.41 2.16 -24.74
N TYR G 40 -50.22 1.19 -24.40
CA TYR G 40 -51.63 1.42 -24.08
C TYR G 40 -51.93 1.01 -22.64
N ILE G 41 -50.89 0.98 -21.79
CA ILE G 41 -51.03 0.71 -20.39
C ILE G 41 -50.30 1.78 -19.59
N LYS G 42 -51.04 2.62 -18.87
CA LYS G 42 -50.48 3.67 -18.08
C LYS G 42 -49.63 3.11 -16.95
N GLN G 43 -48.42 3.69 -16.79
CA GLN G 43 -47.54 3.28 -15.71
C GLN G 43 -48.21 3.40 -14.35
N LEU G 44 -48.86 4.55 -14.10
CA LEU G 44 -49.41 4.80 -12.76
C LEU G 44 -50.91 4.60 -12.63
N GLY G 45 -51.51 4.04 -13.64
CA GLY G 45 -52.96 3.73 -13.65
C GLY G 45 -53.83 4.91 -13.27
N GLY G 46 -54.59 4.72 -12.19
CA GLY G 46 -55.50 5.75 -11.74
C GLY G 46 -54.79 7.02 -11.26
N GLY G 47 -53.51 6.93 -11.01
CA GLY G 47 -52.76 8.11 -10.68
C GLY G 47 -52.83 9.25 -11.69
N TYR G 48 -53.00 8.94 -12.96
CA TYR G 48 -53.19 9.97 -14.01
C TYR G 48 -54.43 10.83 -13.74
N TYR G 49 -55.42 10.30 -13.02
CA TYR G 49 -56.63 11.03 -12.71
C TYR G 49 -56.45 11.94 -11.51
N VAL G 50 -55.25 11.98 -10.96
CA VAL G 50 -54.89 12.89 -9.88
C VAL G 50 -53.71 13.80 -10.24
N PHE G 51 -52.67 13.20 -10.86
CA PHE G 51 -51.52 13.90 -11.37
C PHE G 51 -51.59 13.92 -12.90
N PRO G 52 -51.99 15.02 -13.48
CA PRO G 52 -52.24 15.02 -14.93
C PRO G 52 -51.02 14.95 -15.80
N GLY G 53 -49.83 15.14 -15.23
CA GLY G 53 -48.65 14.89 -16.01
C GLY G 53 -48.31 13.42 -16.17
N ALA G 54 -48.95 12.54 -15.40
CA ALA G 54 -48.63 11.11 -15.39
C ALA G 54 -49.39 10.36 -16.44
N SER G 55 -49.17 10.78 -17.67
CA SER G 55 -49.73 10.14 -18.85
C SER G 55 -48.81 9.03 -19.38
N HIS G 56 -47.64 8.85 -18.79
CA HIS G 56 -46.66 7.91 -19.35
C HIS G 56 -47.13 6.44 -19.25
N ASN G 57 -46.71 5.66 -20.22
CA ASN G 57 -47.06 4.27 -20.35
C ASN G 57 -45.89 3.35 -20.09
N ARG G 58 -46.19 2.07 -19.96
CA ARG G 58 -45.20 1.05 -19.65
C ARG G 58 -44.18 0.86 -20.73
N PHE G 59 -44.54 1.19 -21.96
CA PHE G 59 -43.64 1.13 -23.10
C PHE G 59 -42.32 1.87 -22.87
N GLU G 60 -42.45 3.13 -22.56
CA GLU G 60 -41.24 3.96 -22.35
C GLU G 60 -40.45 3.58 -21.10
N HIS G 61 -41.14 3.18 -20.04
CA HIS G 61 -40.46 2.64 -18.86
C HIS G 61 -39.62 1.41 -19.25
N SER G 62 -40.20 0.55 -20.10
CA SER G 62 -39.53 -0.67 -20.50
C SER G 62 -38.27 -0.39 -21.31
N LEU G 63 -38.33 0.57 -22.23
CA LEU G 63 -37.11 0.98 -22.94
C LEU G 63 -36.03 1.46 -21.96
N GLY G 64 -36.45 2.28 -20.98
CA GLY G 64 -35.54 2.78 -20.01
C GLY G 64 -34.88 1.72 -19.16
N VAL G 65 -35.65 0.71 -18.73
CA VAL G 65 -35.08 -0.34 -17.92
C VAL G 65 -34.08 -1.16 -18.78
N GLY G 66 -34.42 -1.40 -20.04
CA GLY G 66 -33.50 -2.07 -20.92
C GLY G 66 -32.16 -1.33 -21.06
N TYR G 67 -32.27 -0.03 -21.23
CA TYR G 67 -31.13 0.82 -21.38
C TYR G 67 -30.26 0.82 -20.11
N LEU G 68 -30.87 1.03 -18.97
CA LEU G 68 -30.09 1.06 -17.71
C LEU G 68 -29.49 -0.28 -17.37
N ALA G 69 -30.18 -1.33 -17.69
CA ALA G 69 -29.64 -2.64 -17.44
C ALA G 69 -28.36 -2.82 -18.22
N GLY G 70 -28.39 -2.41 -19.49
CA GLY G 70 -27.20 -2.36 -20.30
C GLY G 70 -26.09 -1.46 -19.76
N CYS G 71 -26.41 -0.26 -19.24
CA CYS G 71 -25.37 0.59 -18.66
C CYS G 71 -24.72 -0.09 -17.50
N LEU G 72 -25.48 -0.70 -16.60
CA LEU G 72 -24.88 -1.28 -15.41
C LEU G 72 -23.94 -2.47 -15.81
N VAL G 73 -24.41 -3.36 -16.64
CA VAL G 73 -23.62 -4.51 -17.01
C VAL G 73 -22.35 -4.06 -17.82
N HIS G 74 -22.46 -3.08 -18.74
CA HIS G 74 -21.33 -2.54 -19.43
C HIS G 74 -20.33 -1.93 -18.45
N ALA G 75 -20.81 -1.12 -17.51
CA ALA G 75 -19.90 -0.50 -16.57
C ALA G 75 -19.12 -1.56 -15.74
N LEU G 76 -19.79 -2.62 -15.32
CA LEU G 76 -19.13 -3.66 -14.56
C LEU G 76 -18.06 -4.35 -15.40
N GLY G 77 -18.37 -4.63 -16.66
CA GLY G 77 -17.46 -5.26 -17.60
C GLY G 77 -16.23 -4.45 -17.92
N GLU G 78 -16.38 -3.15 -18.09
CA GLU G 78 -15.27 -2.24 -18.33
C GLU G 78 -14.34 -2.16 -17.13
N LYS G 79 -14.87 -2.00 -15.92
CA LYS G 79 -14.04 -1.86 -14.74
C LYS G 79 -13.38 -3.15 -14.28
N GLN G 80 -14.01 -4.30 -14.56
CA GLN G 80 -13.56 -5.60 -14.07
C GLN G 80 -13.56 -6.62 -15.22
N PRO G 81 -12.58 -6.53 -16.15
CA PRO G 81 -12.43 -7.49 -17.23
C PRO G 81 -12.33 -8.96 -16.76
N GLU G 82 -11.86 -9.18 -15.54
CA GLU G 82 -11.75 -10.50 -14.99
C GLU G 82 -13.08 -11.21 -14.83
N LEU G 83 -14.20 -10.48 -14.83
CA LEU G 83 -15.51 -11.10 -14.73
C LEU G 83 -15.88 -11.81 -16.05
N GLN G 84 -15.29 -11.41 -17.16
CA GLN G 84 -15.57 -12.00 -18.47
C GLN G 84 -17.03 -11.87 -18.90
N ILE G 85 -17.52 -10.65 -18.73
CA ILE G 85 -18.83 -10.30 -19.23
C ILE G 85 -18.71 -10.26 -20.75
N SER G 86 -19.51 -11.08 -21.43
CA SER G 86 -19.50 -11.13 -22.91
C SER G 86 -20.58 -10.23 -23.48
N GLU G 87 -20.49 -9.96 -24.78
CA GLU G 87 -21.53 -9.24 -25.51
C GLU G 87 -22.83 -10.00 -25.44
N ARG G 88 -22.77 -11.29 -25.44
CA ARG G 88 -23.94 -12.09 -25.27
C ARG G 88 -24.66 -11.84 -23.91
N ASP G 89 -23.88 -11.78 -22.83
CA ASP G 89 -24.43 -11.47 -21.53
C ASP G 89 -25.10 -10.07 -21.53
N VAL G 90 -24.45 -9.10 -22.12
CA VAL G 90 -24.98 -7.78 -22.22
C VAL G 90 -26.34 -7.76 -22.92
N LEU G 91 -26.44 -8.40 -24.08
CA LEU G 91 -27.70 -8.47 -24.80
C LEU G 91 -28.79 -9.15 -24.02
N CYS G 92 -28.46 -10.24 -23.35
CA CYS G 92 -29.45 -10.94 -22.58
C CYS G 92 -29.99 -10.09 -21.41
N VAL G 93 -29.11 -9.34 -20.74
CA VAL G 93 -29.52 -8.46 -19.69
C VAL G 93 -30.39 -7.29 -20.23
N GLN G 94 -30.01 -6.72 -21.38
CA GLN G 94 -30.83 -5.72 -22.02
C GLN G 94 -32.22 -6.23 -22.37
N ILE G 95 -32.28 -7.46 -22.91
CA ILE G 95 -33.56 -8.00 -23.33
C ILE G 95 -34.44 -8.20 -22.11
N ALA G 96 -33.87 -8.72 -21.04
CA ALA G 96 -34.61 -8.89 -19.80
C ALA G 96 -35.14 -7.55 -19.26
N GLY G 97 -34.34 -6.52 -19.29
CA GLY G 97 -34.79 -5.20 -18.88
C GLY G 97 -35.93 -4.67 -19.75
N LEU G 98 -35.76 -4.87 -21.04
CA LEU G 98 -36.76 -4.47 -22.00
C LEU G 98 -38.09 -5.20 -21.81
N CYS G 99 -38.02 -6.49 -21.49
CA CYS G 99 -39.23 -7.32 -21.47
C CYS G 99 -39.81 -7.58 -20.05
N HIS G 100 -39.20 -6.97 -19.03
CA HIS G 100 -39.51 -7.29 -17.66
C HIS G 100 -40.93 -6.96 -17.27
N ASP G 101 -41.55 -5.98 -17.96
CA ASP G 101 -42.91 -5.56 -17.61
C ASP G 101 -43.94 -5.88 -18.67
N LEU G 102 -43.62 -6.79 -19.54
CA LEU G 102 -44.61 -7.24 -20.56
C LEU G 102 -45.91 -7.76 -20.02
N GLY G 103 -45.90 -8.29 -18.81
CA GLY G 103 -47.09 -8.87 -18.20
C GLY G 103 -48.05 -7.94 -17.51
N HIS G 104 -47.75 -6.65 -17.42
CA HIS G 104 -48.71 -5.76 -16.78
C HIS G 104 -50.01 -5.75 -17.54
N GLY G 105 -51.07 -5.59 -16.79
CA GLY G 105 -52.40 -5.49 -17.34
C GLY G 105 -52.91 -4.06 -17.26
N PRO G 106 -54.14 -3.87 -17.67
CA PRO G 106 -54.77 -2.53 -17.65
C PRO G 106 -54.56 -1.80 -16.34
N PHE G 107 -54.09 -0.58 -16.44
CA PHE G 107 -53.82 0.26 -15.27
C PHE G 107 -52.77 -0.28 -14.33
N SER G 108 -51.90 -1.13 -14.86
CA SER G 108 -50.70 -1.59 -14.17
C SER G 108 -51.01 -2.18 -12.79
N ALA G 109 -50.54 -1.56 -11.69
CA ALA G 109 -50.62 -2.18 -10.38
C ALA G 109 -52.07 -2.52 -9.95
N MET G 110 -53.02 -1.76 -10.45
CA MET G 110 -54.38 -2.06 -10.23
C MET G 110 -54.78 -3.51 -10.65
N PHE G 111 -54.26 -3.96 -11.78
CA PHE G 111 -54.69 -5.21 -12.34
C PHE G 111 -54.21 -6.43 -11.51
N ASP G 112 -52.92 -6.46 -11.16
CA ASP G 112 -52.41 -7.56 -10.32
C ASP G 112 -52.51 -7.30 -8.81
N GLY G 113 -52.65 -6.06 -8.39
CA GLY G 113 -52.80 -5.68 -6.97
C GLY G 113 -54.24 -5.72 -6.50
N ARG G 114 -55.23 -5.43 -7.36
CA ARG G 114 -56.63 -5.32 -6.92
C ARG G 114 -57.55 -6.25 -7.70
N PHE G 115 -57.57 -6.16 -9.02
CA PHE G 115 -58.55 -6.86 -9.81
C PHE G 115 -58.40 -8.39 -9.80
N ILE G 116 -57.25 -8.92 -10.21
CA ILE G 116 -57.08 -10.35 -10.23
C ILE G 116 -57.25 -11.02 -8.85
N PRO G 117 -56.70 -10.47 -7.78
CA PRO G 117 -56.97 -11.08 -6.48
C PRO G 117 -58.46 -11.18 -6.11
N LEU G 118 -59.26 -10.20 -6.50
CA LEU G 118 -60.70 -10.25 -6.25
C LEU G 118 -61.44 -11.12 -7.25
N ALA G 119 -61.05 -11.11 -8.51
CA ALA G 119 -61.76 -11.82 -9.54
C ALA G 119 -61.44 -13.29 -9.52
N ARG G 120 -60.21 -13.63 -9.14
CA ARG G 120 -59.71 -15.01 -9.14
C ARG G 120 -58.88 -15.32 -7.91
N PRO G 121 -59.54 -15.37 -6.74
CA PRO G 121 -58.80 -15.51 -5.48
C PRO G 121 -58.07 -16.85 -5.33
N GLU G 122 -58.43 -17.86 -6.10
CA GLU G 122 -57.72 -19.13 -6.09
C GLU G 122 -56.26 -19.04 -6.72
N VAL G 123 -56.01 -18.18 -7.73
CA VAL G 123 -54.71 -18.16 -8.40
C VAL G 123 -53.70 -17.30 -7.65
N LYS G 124 -52.43 -17.59 -7.85
CA LYS G 124 -51.36 -16.73 -7.30
C LYS G 124 -50.75 -16.26 -8.62
N TRP G 125 -51.10 -15.04 -9.00
CA TRP G 125 -50.64 -14.45 -10.25
C TRP G 125 -50.00 -13.10 -9.96
N THR G 126 -48.93 -12.84 -10.70
CA THR G 126 -48.21 -11.57 -10.70
C THR G 126 -47.95 -11.13 -12.15
N HIS G 127 -47.80 -9.83 -12.34
CA HIS G 127 -47.43 -9.34 -13.65
C HIS G 127 -46.11 -9.96 -14.12
N GLU G 128 -45.20 -10.24 -13.19
CA GLU G 128 -43.93 -10.87 -13.55
C GLU G 128 -44.12 -12.24 -14.20
N GLN G 129 -45.04 -13.05 -13.69
CA GLN G 129 -45.39 -14.31 -14.39
C GLN G 129 -45.95 -14.01 -15.74
N GLY G 130 -46.82 -13.01 -15.82
CA GLY G 130 -47.30 -12.56 -17.10
C GLY G 130 -46.17 -12.18 -18.05
N SER G 131 -45.13 -11.52 -17.55
CA SER G 131 -44.05 -11.05 -18.40
C SER G 131 -43.30 -12.27 -19.06
N VAL G 132 -43.11 -13.29 -18.28
CA VAL G 132 -42.47 -14.52 -18.75
C VAL G 132 -43.32 -15.21 -19.82
N MET G 133 -44.61 -15.32 -19.59
CA MET G 133 -45.50 -15.95 -20.56
C MET G 133 -45.58 -15.07 -21.81
N MET G 134 -45.70 -13.77 -21.64
CA MET G 134 -45.79 -12.89 -22.79
C MET G 134 -44.50 -12.88 -23.62
N PHE G 135 -43.37 -12.93 -22.95
CA PHE G 135 -42.10 -13.04 -23.62
C PHE G 135 -41.98 -14.32 -24.53
N GLU G 136 -42.34 -15.44 -23.96
CA GLU G 136 -42.47 -16.72 -24.68
C GLU G 136 -43.35 -16.56 -25.93
N HIS G 137 -44.52 -15.97 -25.77
CA HIS G 137 -45.44 -15.77 -26.88
C HIS G 137 -44.88 -14.77 -27.90
N LEU G 138 -44.20 -13.71 -27.43
CA LEU G 138 -43.54 -12.76 -28.33
C LEU G 138 -42.47 -13.48 -29.21
N ILE G 139 -41.62 -14.24 -28.57
CA ILE G 139 -40.56 -14.95 -29.25
C ILE G 139 -41.13 -15.94 -30.28
N ASN G 140 -42.07 -16.74 -29.85
CA ASN G 140 -42.59 -17.81 -30.70
C ASN G 140 -43.43 -17.34 -31.84
N SER G 141 -44.17 -16.27 -31.68
CA SER G 141 -45.03 -15.84 -32.75
C SER G 141 -44.37 -14.79 -33.66
N ASN G 142 -43.13 -14.37 -33.40
CA ASN G 142 -42.50 -13.40 -34.31
C ASN G 142 -41.16 -13.91 -34.86
N GLY G 143 -40.89 -15.21 -34.74
CA GLY G 143 -39.65 -15.76 -35.30
C GLY G 143 -38.37 -15.20 -34.72
N ILE G 144 -38.34 -14.93 -33.44
CA ILE G 144 -37.18 -14.28 -32.83
C ILE G 144 -36.03 -15.25 -32.55
N LYS G 145 -36.26 -16.51 -32.35
CA LYS G 145 -35.13 -17.47 -32.07
C LYS G 145 -34.00 -17.46 -33.12
N PRO G 146 -34.32 -17.55 -34.41
CA PRO G 146 -33.25 -17.44 -35.43
C PRO G 146 -32.53 -16.09 -35.40
N VAL G 147 -33.24 -15.02 -35.03
CA VAL G 147 -32.61 -13.72 -34.95
C VAL G 147 -31.63 -13.69 -33.78
N MET G 148 -32.02 -14.30 -32.67
CA MET G 148 -31.10 -14.43 -31.55
C MET G 148 -29.80 -15.16 -31.94
N GLU G 149 -29.97 -16.27 -32.65
CA GLU G 149 -28.81 -17.07 -33.15
C GLU G 149 -27.94 -16.25 -34.07
N GLN G 150 -28.54 -15.48 -34.97
CA GLN G 150 -27.78 -14.60 -35.82
C GLN G 150 -26.85 -13.68 -35.03
N TYR G 151 -27.21 -13.23 -33.82
CA TYR G 151 -26.35 -12.34 -33.06
C TYR G 151 -25.58 -13.00 -31.96
N GLY G 152 -25.45 -14.33 -31.97
CA GLY G 152 -24.54 -14.97 -31.06
C GLY G 152 -25.18 -15.50 -29.81
N LEU G 153 -26.50 -15.39 -29.68
CA LEU G 153 -27.18 -15.92 -28.52
C LEU G 153 -27.47 -17.39 -28.72
N ILE G 154 -27.65 -18.11 -27.62
CA ILE G 154 -28.01 -19.50 -27.67
C ILE G 154 -29.38 -19.66 -27.03
N PRO G 155 -30.44 -19.77 -27.82
CA PRO G 155 -31.77 -19.71 -27.28
C PRO G 155 -32.15 -20.69 -26.16
N GLU G 156 -31.69 -21.94 -26.17
CA GLU G 156 -32.10 -22.88 -25.06
C GLU G 156 -31.66 -22.21 -23.75
N GLU G 157 -30.37 -21.88 -23.66
CA GLU G 157 -29.81 -21.25 -22.46
C GLU G 157 -30.32 -19.82 -22.19
N ASP G 158 -30.35 -18.98 -23.22
CA ASP G 158 -30.50 -17.55 -23.00
C ASP G 158 -31.96 -17.12 -22.73
N ILE G 159 -32.93 -17.79 -23.34
CA ILE G 159 -34.33 -17.56 -23.05
C ILE G 159 -34.61 -17.88 -21.58
N CYS G 160 -34.07 -18.99 -21.14
CA CYS G 160 -34.18 -19.36 -19.75
C CYS G 160 -33.53 -18.29 -18.84
N PHE G 161 -32.33 -17.85 -19.17
CA PHE G 161 -31.64 -16.77 -18.41
C PHE G 161 -32.49 -15.48 -18.33
N ILE G 162 -33.06 -15.07 -19.45
CA ILE G 162 -33.90 -13.88 -19.53
C ILE G 162 -35.12 -14.01 -18.61
N LYS G 163 -35.79 -15.15 -18.68
CA LYS G 163 -36.94 -15.39 -17.84
C LYS G 163 -36.60 -15.41 -16.37
N GLU G 164 -35.49 -16.06 -16.03
CA GLU G 164 -35.03 -16.10 -14.64
C GLU G 164 -34.68 -14.73 -14.08
N GLN G 165 -34.17 -13.84 -14.91
CA GLN G 165 -33.89 -12.48 -14.50
C GLN G 165 -35.19 -11.76 -14.12
N ILE G 166 -36.27 -12.08 -14.85
CA ILE G 166 -37.53 -11.40 -14.66
C ILE G 166 -38.30 -11.89 -13.45
N VAL G 167 -38.40 -13.20 -13.32
CA VAL G 167 -39.27 -13.81 -12.33
C VAL G 167 -38.54 -14.55 -11.22
N GLY G 168 -37.23 -14.76 -11.32
CA GLY G 168 -36.50 -15.62 -10.36
C GLY G 168 -36.42 -17.04 -10.86
N PRO G 169 -35.94 -17.97 -10.03
CA PRO G 169 -35.82 -19.42 -10.40
C PRO G 169 -37.17 -20.01 -10.83
N LEU G 170 -37.22 -20.85 -11.87
CA LEU G 170 -38.47 -21.34 -12.52
C LEU G 170 -39.22 -22.63 -12.07
N LEU G 178 -27.95 -25.48 -2.84
CA LEU G 178 -27.38 -25.53 -4.18
C LEU G 178 -27.79 -24.28 -5.02
N TRP G 179 -27.32 -24.22 -6.28
CA TRP G 179 -27.48 -23.05 -7.16
C TRP G 179 -28.75 -23.28 -7.98
N PRO G 180 -29.74 -22.41 -7.80
CA PRO G 180 -31.05 -22.68 -8.39
C PRO G 180 -31.29 -22.22 -9.81
N TYR G 181 -30.31 -21.64 -10.48
CA TYR G 181 -30.53 -21.07 -11.80
C TYR G 181 -29.90 -21.96 -12.84
N LYS G 182 -30.50 -22.03 -13.99
CA LYS G 182 -29.98 -22.77 -15.14
C LYS G 182 -29.38 -21.89 -16.21
N GLY G 183 -29.77 -20.63 -16.30
CA GLY G 183 -29.40 -19.81 -17.45
C GLY G 183 -27.96 -19.36 -17.45
N ARG G 184 -27.44 -19.15 -16.26
CA ARG G 184 -26.04 -18.80 -16.06
C ARG G 184 -25.56 -19.48 -14.80
N PRO G 185 -24.27 -19.82 -14.75
CA PRO G 185 -23.68 -20.39 -13.53
C PRO G 185 -23.34 -19.33 -12.49
N GLU G 186 -22.88 -19.82 -11.33
CA GLU G 186 -22.54 -18.99 -10.17
C GLU G 186 -21.51 -17.93 -10.39
N ASN G 187 -20.57 -18.20 -11.31
CA ASN G 187 -19.56 -17.25 -11.63
C ASN G 187 -20.17 -16.00 -12.36
N LYS G 188 -21.48 -16.05 -12.69
CA LYS G 188 -22.18 -14.91 -13.19
C LYS G 188 -23.40 -14.48 -12.41
N SER G 189 -23.43 -14.81 -11.12
CA SER G 189 -24.62 -14.57 -10.27
C SER G 189 -25.03 -13.12 -10.22
N PHE G 190 -24.03 -12.25 -10.23
CA PHE G 190 -24.27 -10.83 -10.27
C PHE G 190 -25.17 -10.36 -11.40
N LEU G 191 -25.20 -11.09 -12.50
CA LEU G 191 -26.09 -10.73 -13.57
C LEU G 191 -27.54 -10.84 -13.20
N TYR G 192 -27.90 -11.65 -12.22
CA TYR G 192 -29.27 -11.72 -11.76
C TYR G 192 -29.71 -10.57 -10.83
N GLU G 193 -28.80 -9.66 -10.53
CA GLU G 193 -29.06 -8.57 -9.63
C GLU G 193 -29.30 -7.23 -10.35
N ILE G 194 -29.48 -7.21 -11.66
CA ILE G 194 -29.54 -6.00 -12.43
C ILE G 194 -30.98 -5.54 -12.64
N VAL G 195 -31.79 -6.42 -13.21
CA VAL G 195 -33.14 -6.04 -13.59
C VAL G 195 -34.15 -6.11 -12.44
N SER G 196 -34.08 -7.19 -11.66
CA SER G 196 -34.87 -7.44 -10.53
C SER G 196 -34.01 -8.12 -9.47
N ASN G 197 -33.64 -7.38 -8.47
CA ASN G 197 -32.68 -7.85 -7.46
C ASN G 197 -33.51 -8.51 -6.32
N LYS G 198 -33.47 -9.84 -6.27
CA LYS G 198 -34.22 -10.58 -5.25
C LYS G 198 -33.56 -10.54 -3.85
N ARG G 199 -32.30 -10.24 -3.76
CA ARG G 199 -31.61 -10.20 -2.49
C ARG G 199 -32.02 -8.90 -1.72
N ASN G 200 -32.03 -7.74 -2.40
CA ASN G 200 -32.27 -6.52 -1.67
C ASN G 200 -33.15 -5.45 -2.37
N GLY G 201 -33.58 -5.68 -3.61
CA GLY G 201 -34.38 -4.77 -4.33
C GLY G 201 -33.64 -3.60 -5.00
N ILE G 202 -32.31 -3.54 -4.90
CA ILE G 202 -31.60 -2.46 -5.52
C ILE G 202 -31.35 -2.82 -6.98
N ASP G 203 -32.25 -2.32 -7.85
CA ASP G 203 -32.23 -2.68 -9.25
C ASP G 203 -32.55 -1.50 -10.17
N VAL G 204 -32.25 -1.68 -11.43
CA VAL G 204 -32.37 -0.63 -12.42
C VAL G 204 -33.83 -0.32 -12.76
N ASP G 205 -34.74 -1.25 -12.44
CA ASP G 205 -36.16 -0.96 -12.58
C ASP G 205 -36.59 0.22 -11.72
N LYS G 206 -36.19 0.20 -10.47
CA LYS G 206 -36.43 1.31 -9.56
C LYS G 206 -35.83 2.58 -10.08
N TRP G 207 -34.61 2.50 -10.60
CA TRP G 207 -33.95 3.75 -11.03
C TRP G 207 -34.67 4.38 -12.18
N ASP G 208 -35.16 3.57 -13.12
CA ASP G 208 -35.91 4.17 -14.20
C ASP G 208 -37.23 4.77 -13.68
N TYR G 209 -38.00 4.04 -12.88
CA TYR G 209 -39.30 4.56 -12.51
C TYR G 209 -39.18 5.76 -11.57
N PHE G 210 -38.19 5.80 -10.69
CA PHE G 210 -37.97 7.03 -9.87
C PHE G 210 -37.84 8.24 -10.79
N ALA G 211 -36.95 8.13 -11.76
CA ALA G 211 -36.64 9.27 -12.61
C ALA G 211 -37.81 9.61 -13.52
N ARG G 212 -38.42 8.59 -14.11
CA ARG G 212 -39.48 8.84 -15.07
C ARG G 212 -40.77 9.28 -14.37
N ASP G 213 -41.16 8.61 -13.31
CA ASP G 213 -42.36 9.04 -12.57
C ASP G 213 -42.19 10.46 -12.08
N CYS G 214 -41.05 10.81 -11.51
CA CYS G 214 -40.84 12.17 -11.03
C CYS G 214 -40.98 13.24 -12.12
N HIS G 215 -40.36 12.98 -13.23
CA HIS G 215 -40.41 13.91 -14.40
C HIS G 215 -41.86 14.17 -14.80
N HIS G 216 -42.71 13.16 -14.72
CA HIS G 216 -44.10 13.29 -15.13
C HIS G 216 -45.03 13.74 -14.02
N LEU G 217 -44.76 13.36 -12.77
CA LEU G 217 -45.59 13.71 -11.68
C LEU G 217 -45.45 15.19 -11.33
N GLY G 218 -44.26 15.77 -11.52
CA GLY G 218 -43.96 17.11 -11.02
C GLY G 218 -43.50 17.07 -9.55
N ILE G 219 -42.79 16.02 -9.22
CA ILE G 219 -42.14 15.85 -7.93
C ILE G 219 -40.72 15.47 -8.24
N GLN G 220 -39.78 15.92 -7.45
CA GLN G 220 -38.39 15.86 -7.90
C GLN G 220 -37.66 14.64 -7.32
N ASN G 221 -36.88 14.04 -8.25
CA ASN G 221 -36.14 12.85 -7.84
C ASN G 221 -34.85 13.16 -6.99
N ASN G 222 -34.64 12.71 -5.74
CA ASN G 222 -33.27 12.92 -5.17
C ASN G 222 -32.20 11.78 -5.18
N PHE G 223 -32.48 10.66 -5.84
CA PHE G 223 -31.56 9.57 -5.90
C PHE G 223 -30.77 9.66 -7.21
N ASP G 224 -29.43 9.53 -7.11
CA ASP G 224 -28.55 9.59 -8.26
C ASP G 224 -28.05 8.19 -8.66
N TYR G 225 -28.72 7.60 -9.62
CA TYR G 225 -28.44 6.25 -10.07
C TYR G 225 -27.13 6.21 -10.80
N LYS G 226 -26.77 7.26 -11.52
CA LYS G 226 -25.50 7.27 -12.23
C LYS G 226 -24.36 7.24 -11.33
N ARG G 227 -24.48 7.94 -10.18
CA ARG G 227 -23.45 7.85 -9.18
C ARG G 227 -23.33 6.42 -8.67
N PHE G 228 -24.45 5.77 -8.38
CA PHE G 228 -24.40 4.40 -7.91
C PHE G 228 -23.67 3.48 -8.89
N ILE G 229 -23.94 3.63 -10.17
CA ILE G 229 -23.29 2.81 -11.20
C ILE G 229 -21.79 3.02 -11.19
N LYS G 230 -21.34 4.25 -11.09
CA LYS G 230 -19.91 4.50 -11.02
C LYS G 230 -19.23 3.80 -9.87
N PHE G 231 -19.88 3.67 -8.73
CA PHE G 231 -19.25 3.11 -7.56
C PHE G 231 -19.56 1.62 -7.37
N ALA G 232 -20.25 0.98 -8.30
CA ALA G 232 -20.64 -0.40 -8.09
C ALA G 232 -19.48 -1.31 -8.55
N ARG G 233 -19.21 -2.36 -7.79
CA ARG G 233 -18.21 -3.40 -8.14
C ARG G 233 -18.76 -4.77 -7.83
N VAL G 234 -18.21 -5.78 -8.45
CA VAL G 234 -18.50 -7.16 -8.08
C VAL G 234 -17.41 -7.69 -7.15
N CYS G 235 -17.82 -8.29 -6.05
CA CYS G 235 -16.96 -8.92 -5.06
C CYS G 235 -17.52 -10.28 -4.66
N GLU G 236 -16.64 -11.15 -4.20
CA GLU G 236 -17.06 -12.44 -3.66
C GLU G 236 -17.67 -12.26 -2.27
N VAL G 237 -18.87 -12.76 -2.07
CA VAL G 237 -19.58 -12.74 -0.78
C VAL G 237 -20.15 -14.14 -0.58
N ASP G 238 -19.80 -14.80 0.54
CA ASP G 238 -20.17 -16.21 0.83
C ASP G 238 -20.12 -17.12 -0.41
N ASN G 239 -19.03 -17.12 -1.17
CA ASN G 239 -18.89 -17.99 -2.38
C ASN G 239 -19.75 -17.69 -3.63
N GLU G 240 -20.44 -16.54 -3.68
CA GLU G 240 -21.05 -16.02 -4.93
C GLU G 240 -20.43 -14.68 -5.30
N LEU G 241 -20.28 -14.43 -6.59
CA LEU G 241 -19.95 -13.12 -7.07
C LEU G 241 -21.20 -12.19 -7.08
N ARG G 242 -21.20 -11.14 -6.25
CA ARG G 242 -22.31 -10.17 -6.14
C ARG G 242 -21.93 -8.71 -6.39
N ILE G 243 -22.93 -7.92 -6.73
CA ILE G 243 -22.77 -6.49 -6.85
C ILE G 243 -22.66 -5.90 -5.49
N CYS G 244 -21.60 -5.15 -5.24
CA CYS G 244 -21.40 -4.41 -3.98
C CYS G 244 -21.26 -2.90 -4.27
N ALA G 245 -21.56 -2.10 -3.29
CA ALA G 245 -21.46 -0.67 -3.37
C ALA G 245 -20.30 -0.15 -2.53
N ARG G 246 -19.73 1.00 -2.86
CA ARG G 246 -18.76 1.63 -1.98
C ARG G 246 -19.36 1.87 -0.62
N ASP G 247 -18.57 1.67 0.41
CA ASP G 247 -18.96 1.95 1.79
C ASP G 247 -19.65 3.30 1.99
N LYS G 248 -19.07 4.37 1.44
CA LYS G 248 -19.58 5.71 1.70
C LYS G 248 -20.94 5.98 0.96
N GLU G 249 -21.36 5.14 0.02
CA GLU G 249 -22.67 5.18 -0.55
C GLU G 249 -23.82 4.66 0.39
N VAL G 250 -23.49 4.12 1.59
CA VAL G 250 -24.53 3.50 2.39
C VAL G 250 -25.71 4.45 2.73
N GLY G 251 -25.38 5.69 3.05
CA GLY G 251 -26.33 6.78 3.27
C GLY G 251 -27.25 6.99 2.09
N ASN G 252 -26.69 6.96 0.88
CA ASN G 252 -27.46 7.14 -0.33
C ASN G 252 -28.42 5.96 -0.55
N LEU G 253 -28.07 4.75 -0.13
CA LEU G 253 -28.96 3.62 -0.25
C LEU G 253 -30.12 3.67 0.70
N TYR G 254 -29.86 4.07 1.95
CA TYR G 254 -30.99 4.35 2.85
C TYR G 254 -31.87 5.42 2.23
N ASP G 255 -31.29 6.47 1.69
CA ASP G 255 -32.07 7.49 1.00
C ASP G 255 -32.87 6.97 -0.19
N MET G 256 -32.30 6.04 -0.93
CA MET G 256 -33.03 5.40 -2.03
C MET G 256 -34.37 4.80 -1.56
N PHE G 257 -34.35 4.03 -0.47
CA PHE G 257 -35.57 3.41 0.00
C PHE G 257 -36.50 4.43 0.64
N HIS G 258 -35.92 5.46 1.26
CA HIS G 258 -36.71 6.56 1.77
C HIS G 258 -37.47 7.27 0.63
N THR G 259 -36.79 7.50 -0.48
CA THR G 259 -37.42 8.08 -1.66
C THR G 259 -38.55 7.17 -2.20
N ARG G 260 -38.29 5.89 -2.26
CA ARG G 260 -39.31 4.96 -2.70
C ARG G 260 -40.59 5.12 -1.83
N ASN G 261 -40.41 5.14 -0.53
CA ASN G 261 -41.48 5.25 0.42
C ASN G 261 -42.21 6.59 0.29
N SER G 262 -41.46 7.62 0.05
CA SER G 262 -41.97 8.93 -0.16
C SER G 262 -42.79 9.08 -1.48
N LEU G 263 -42.35 8.41 -2.53
CA LEU G 263 -43.14 8.36 -3.77
C LEU G 263 -44.43 7.56 -3.59
N HIS G 264 -44.40 6.47 -2.82
CA HIS G 264 -45.64 5.79 -2.49
C HIS G 264 -46.59 6.68 -1.66
N ARG G 265 -46.08 7.43 -0.69
CA ARG G 265 -46.93 8.29 0.13
C ARG G 265 -47.54 9.47 -0.67
N ARG G 266 -46.74 10.12 -1.50
CA ARG G 266 -47.20 11.27 -2.19
C ARG G 266 -48.00 10.95 -3.40
N ALA G 267 -47.68 9.88 -4.10
CA ALA G 267 -48.26 9.65 -5.42
C ALA G 267 -48.91 8.30 -5.58
N TYR G 268 -48.14 7.23 -5.48
CA TYR G 268 -48.66 5.95 -5.86
C TYR G 268 -49.82 5.47 -4.94
N GLN G 269 -49.77 5.78 -3.65
CA GLN G 269 -50.84 5.49 -2.74
C GLN G 269 -51.70 6.70 -2.40
N HIS G 270 -51.73 7.70 -3.27
CA HIS G 270 -52.57 8.86 -3.04
C HIS G 270 -53.98 8.34 -2.85
N LYS G 271 -54.66 8.83 -1.85
CA LYS G 271 -55.96 8.30 -1.48
C LYS G 271 -57.01 8.35 -2.58
N VAL G 272 -56.95 9.35 -3.45
CA VAL G 272 -57.89 9.44 -4.54
C VAL G 272 -57.42 8.62 -5.71
N GLY G 273 -56.11 8.59 -5.99
CA GLY G 273 -55.59 7.66 -7.02
C GLY G 273 -56.04 6.26 -6.68
N ASN G 274 -55.92 5.85 -5.42
CA ASN G 274 -56.35 4.52 -5.08
C ASN G 274 -57.86 4.27 -5.20
N ILE G 275 -58.70 5.27 -4.89
CA ILE G 275 -60.11 5.06 -4.98
C ILE G 275 -60.52 5.00 -6.42
N ILE G 276 -59.81 5.71 -7.31
CA ILE G 276 -60.10 5.58 -8.72
C ILE G 276 -59.73 4.17 -9.21
N ASP G 277 -58.56 3.68 -8.84
CA ASP G 277 -58.18 2.27 -9.13
C ASP G 277 -59.22 1.27 -8.59
N THR G 278 -59.76 1.54 -7.39
CA THR G 278 -60.79 0.72 -6.79
C THR G 278 -62.08 0.77 -7.60
N MET G 279 -62.48 1.96 -8.02
CA MET G 279 -63.68 2.12 -8.84
C MET G 279 -63.54 1.44 -10.19
N ILE G 280 -62.38 1.58 -10.82
CA ILE G 280 -62.15 0.91 -12.09
C ILE G 280 -62.21 -0.60 -11.91
N THR G 281 -61.60 -1.07 -10.84
CA THR G 281 -61.63 -2.51 -10.47
C THR G 281 -63.06 -3.00 -10.32
N ASP G 282 -63.84 -2.24 -9.60
CA ASP G 282 -65.26 -2.51 -9.42
C ASP G 282 -66.03 -2.63 -10.75
N ALA G 283 -65.83 -1.64 -11.63
CA ALA G 283 -66.39 -1.69 -12.95
C ALA G 283 -65.95 -2.92 -13.74
N PHE G 284 -64.67 -3.26 -13.65
CA PHE G 284 -64.18 -4.47 -14.32
C PHE G 284 -64.84 -5.73 -13.76
N LEU G 285 -64.98 -5.83 -12.44
CA LEU G 285 -65.69 -6.97 -11.84
C LEU G 285 -67.16 -7.08 -12.33
N LYS G 286 -67.82 -5.94 -12.49
CA LYS G 286 -69.18 -5.93 -13.02
C LYS G 286 -69.26 -6.17 -14.49
N ALA G 287 -68.18 -5.95 -15.23
CA ALA G 287 -68.18 -6.18 -16.67
C ALA G 287 -67.69 -7.59 -17.05
N ASP G 288 -67.06 -8.27 -16.11
CA ASP G 288 -66.26 -9.45 -16.38
C ASP G 288 -67.05 -10.59 -17.04
N ASP G 289 -68.31 -10.79 -16.61
CA ASP G 289 -69.15 -11.83 -17.22
C ASP G 289 -69.53 -11.54 -18.66
N TYR G 290 -69.42 -10.31 -19.13
CA TYR G 290 -70.00 -9.91 -20.41
C TYR G 290 -69.03 -9.51 -21.49
N ILE G 291 -67.76 -9.27 -21.16
CA ILE G 291 -66.81 -8.87 -22.16
C ILE G 291 -66.08 -10.09 -22.68
N GLU G 292 -65.91 -10.12 -23.99
CA GLU G 292 -65.34 -11.26 -24.70
C GLU G 292 -64.08 -10.76 -25.34
N ILE G 293 -63.00 -11.48 -25.11
CA ILE G 293 -61.76 -11.17 -25.73
C ILE G 293 -61.31 -12.42 -26.44
N THR G 294 -61.03 -12.29 -27.70
CA THR G 294 -60.65 -13.40 -28.54
C THR G 294 -59.19 -13.76 -28.40
N GLY G 295 -58.90 -15.02 -28.09
CA GLY G 295 -57.59 -15.57 -27.95
C GLY G 295 -57.28 -16.58 -29.02
N ALA G 296 -56.42 -17.56 -28.69
CA ALA G 296 -55.91 -18.53 -29.65
C ALA G 296 -57.03 -19.45 -30.14
N GLY G 297 -57.01 -19.71 -31.45
CA GLY G 297 -57.99 -20.47 -32.17
C GLY G 297 -59.41 -19.95 -32.02
N GLY G 298 -59.55 -18.65 -31.90
CA GLY G 298 -60.87 -18.03 -31.66
C GLY G 298 -61.58 -18.23 -30.31
N LYS G 299 -61.03 -18.99 -29.35
CA LYS G 299 -61.63 -19.10 -27.98
C LYS G 299 -61.84 -17.74 -27.31
N LYS G 300 -62.87 -17.71 -26.48
CA LYS G 300 -63.30 -16.49 -25.85
C LYS G 300 -62.85 -16.48 -24.39
N TYR G 301 -62.25 -15.37 -24.01
CA TYR G 301 -61.78 -15.16 -22.66
C TYR G 301 -62.49 -13.96 -22.07
N ARG G 302 -62.45 -13.89 -20.76
CA ARG G 302 -62.94 -12.74 -20.03
C ARG G 302 -61.72 -11.89 -19.58
N ILE G 303 -62.00 -10.72 -19.04
CA ILE G 303 -60.97 -9.86 -18.50
C ILE G 303 -60.12 -10.61 -17.48
N SER G 304 -60.78 -11.38 -16.60
CA SER G 304 -60.09 -12.13 -15.58
C SER G 304 -59.41 -13.38 -16.08
N THR G 305 -59.78 -13.88 -17.26
CA THR G 305 -59.18 -15.12 -17.75
C THR G 305 -58.21 -14.89 -18.91
N ALA G 306 -58.16 -13.66 -19.44
CA ALA G 306 -57.19 -13.38 -20.50
C ALA G 306 -55.77 -13.61 -20.09
N ILE G 307 -55.47 -13.58 -18.78
CA ILE G 307 -54.15 -13.94 -18.29
C ILE G 307 -53.71 -15.38 -18.58
N ASP G 308 -54.64 -16.22 -19.01
CA ASP G 308 -54.34 -17.63 -19.29
C ASP G 308 -53.97 -17.87 -20.75
N ASP G 309 -54.15 -16.88 -21.62
CA ASP G 309 -53.89 -17.02 -23.03
C ASP G 309 -53.30 -15.71 -23.59
N MET G 310 -52.04 -15.75 -23.94
CA MET G 310 -51.29 -14.57 -24.28
C MET G 310 -51.78 -13.87 -25.54
N GLU G 311 -52.40 -14.61 -26.43
CA GLU G 311 -53.00 -13.97 -27.61
C GLU G 311 -54.20 -13.08 -27.23
N ALA G 312 -55.00 -13.53 -26.30
CA ALA G 312 -56.06 -12.69 -25.72
C ALA G 312 -55.47 -11.53 -24.93
N TYR G 313 -54.50 -11.83 -24.07
CA TYR G 313 -53.95 -10.83 -23.18
C TYR G 313 -53.28 -9.70 -23.97
N THR G 314 -52.75 -10.01 -25.13
CA THR G 314 -52.19 -9.04 -26.03
C THR G 314 -53.14 -7.91 -26.34
N LYS G 315 -54.43 -8.20 -26.36
CA LYS G 315 -55.46 -7.22 -26.68
C LYS G 315 -56.15 -6.66 -25.46
N LEU G 316 -55.64 -6.92 -24.27
CA LEU G 316 -56.21 -6.42 -23.05
C LEU G 316 -55.32 -5.26 -22.49
N THR G 317 -55.78 -4.02 -22.67
CA THR G 317 -55.07 -2.84 -22.33
C THR G 317 -56.04 -1.84 -21.70
N ASP G 318 -55.57 -0.61 -21.45
CA ASP G 318 -56.44 0.42 -20.90
C ASP G 318 -57.65 0.71 -21.76
N ASN G 319 -57.58 0.40 -23.05
CA ASN G 319 -58.77 0.47 -23.93
C ASN G 319 -60.05 -0.13 -23.32
N ILE G 320 -59.92 -1.18 -22.52
CA ILE G 320 -61.10 -1.82 -21.95
C ILE G 320 -61.95 -0.83 -21.15
N PHE G 321 -61.31 0.15 -20.49
CA PHE G 321 -62.00 1.20 -19.78
C PHE G 321 -62.97 1.92 -20.73
N LEU G 322 -62.47 2.36 -21.86
CA LEU G 322 -63.28 3.07 -22.81
C LEU G 322 -64.30 2.18 -23.54
N GLU G 323 -63.95 0.92 -23.81
CA GLU G 323 -64.88 -0.06 -24.34
C GLU G 323 -66.10 -0.18 -23.39
N ILE G 324 -65.88 -0.25 -22.09
CA ILE G 324 -66.98 -0.27 -21.17
C ILE G 324 -67.71 1.10 -21.14
N LEU G 325 -66.97 2.19 -21.04
CA LEU G 325 -67.58 3.50 -20.92
C LEU G 325 -68.49 3.85 -22.13
N TYR G 326 -68.09 3.46 -23.33
CA TYR G 326 -68.80 3.80 -24.54
C TYR G 326 -69.78 2.73 -24.93
N SER G 327 -69.91 1.64 -24.18
CA SER G 327 -70.82 0.57 -24.58
C SER G 327 -72.27 1.03 -24.49
N THR G 328 -73.13 0.28 -25.19
CA THR G 328 -74.60 0.45 -25.12
C THR G 328 -75.31 -0.81 -24.65
N ASP G 329 -74.64 -1.96 -24.69
CA ASP G 329 -75.18 -3.20 -24.16
C ASP G 329 -75.80 -3.01 -22.75
N PRO G 330 -77.08 -3.37 -22.56
CA PRO G 330 -77.70 -3.25 -21.23
C PRO G 330 -77.03 -4.05 -20.15
N LYS G 331 -76.39 -5.15 -20.52
CA LYS G 331 -75.67 -5.95 -19.55
C LYS G 331 -74.46 -5.24 -18.88
N LEU G 332 -73.87 -4.29 -19.58
CA LEU G 332 -72.78 -3.50 -19.08
C LEU G 332 -73.20 -2.24 -18.39
N LYS G 333 -74.51 -2.03 -18.21
CA LYS G 333 -75.02 -0.84 -17.57
C LYS G 333 -74.38 -0.56 -16.21
N ASP G 334 -74.31 -1.58 -15.32
CA ASP G 334 -73.81 -1.32 -13.99
C ASP G 334 -72.28 -0.90 -14.02
N ALA G 335 -71.49 -1.60 -14.83
CA ALA G 335 -70.08 -1.29 -14.99
C ALA G 335 -69.90 0.12 -15.57
N ARG G 336 -70.65 0.42 -16.61
CA ARG G 336 -70.66 1.69 -17.28
C ARG G 336 -71.00 2.84 -16.33
N GLU G 337 -71.95 2.64 -15.42
CA GLU G 337 -72.33 3.68 -14.49
C GLU G 337 -71.22 4.01 -13.48
N ILE G 338 -70.44 3.00 -13.09
CA ILE G 338 -69.31 3.27 -12.23
C ILE G 338 -68.28 4.14 -12.94
N LEU G 339 -68.00 3.82 -14.21
CA LEU G 339 -67.05 4.63 -14.97
C LEU G 339 -67.59 6.02 -15.23
N LYS G 340 -68.89 6.17 -15.45
CA LYS G 340 -69.50 7.52 -15.53
C LYS G 340 -69.32 8.31 -14.29
N GLN G 341 -69.42 7.68 -13.14
CA GLN G 341 -69.17 8.37 -11.90
C GLN G 341 -67.70 8.91 -11.82
N ILE G 342 -66.73 8.16 -12.34
CA ILE G 342 -65.37 8.66 -12.41
C ILE G 342 -65.30 9.93 -13.25
N GLU G 343 -65.92 9.91 -14.43
CA GLU G 343 -65.81 11.05 -15.31
C GLU G 343 -66.51 12.32 -14.80
N TYR G 344 -67.59 12.16 -14.04
CA TYR G 344 -68.28 13.33 -13.41
C TYR G 344 -67.65 13.68 -12.08
N ARG G 345 -66.63 12.93 -11.66
CA ARG G 345 -66.00 13.10 -10.38
C ARG G 345 -66.99 12.90 -9.17
N ASN G 346 -67.96 12.00 -9.32
CA ASN G 346 -68.74 11.52 -8.21
C ASN G 346 -68.08 10.27 -7.64
N LEU G 347 -66.96 10.48 -6.99
CA LEU G 347 -66.12 9.43 -6.50
C LEU G 347 -66.59 8.98 -5.13
N PHE G 348 -66.27 7.73 -4.79
CA PHE G 348 -66.47 7.32 -3.38
C PHE G 348 -65.67 8.33 -2.51
N LYS G 349 -66.18 8.72 -1.36
CA LYS G 349 -65.59 9.80 -0.57
C LYS G 349 -64.64 9.29 0.50
N TYR G 350 -63.46 9.86 0.53
CA TYR G 350 -62.49 9.59 1.54
C TYR G 350 -62.98 10.08 2.91
N VAL G 351 -62.96 9.20 3.90
CA VAL G 351 -63.39 9.51 5.26
C VAL G 351 -62.18 9.72 6.14
N GLY G 352 -61.15 8.89 6.01
CA GLY G 352 -59.90 9.12 6.75
C GLY G 352 -58.94 7.96 6.73
N GLU G 353 -57.88 8.12 7.47
CA GLU G 353 -56.77 7.21 7.53
C GLU G 353 -56.41 6.96 8.98
N THR G 354 -56.02 5.72 9.27
CA THR G 354 -55.54 5.35 10.59
C THR G 354 -54.49 4.25 10.42
N GLN G 355 -53.86 3.86 11.52
CA GLN G 355 -52.89 2.74 11.54
C GLN G 355 -53.13 1.89 12.76
N PRO G 356 -52.84 0.58 12.65
CA PRO G 356 -52.83 -0.24 13.84
C PRO G 356 -51.79 0.19 14.84
N THR G 357 -51.96 -0.19 16.09
CA THR G 357 -51.09 0.17 17.19
C THR G 357 -50.57 -1.09 17.77
N GLY G 358 -49.49 -0.95 18.57
CA GLY G 358 -48.81 -2.10 19.19
C GLY G 358 -48.12 -2.86 18.06
N GLN G 359 -48.20 -4.16 18.20
CA GLN G 359 -47.49 -5.05 17.25
C GLN G 359 -48.57 -5.62 16.30
N ILE G 360 -49.80 -5.09 16.35
CA ILE G 360 -50.94 -5.63 15.62
C ILE G 360 -50.73 -5.48 14.10
N LYS G 361 -50.98 -6.58 13.38
CA LYS G 361 -50.91 -6.66 11.93
C LYS G 361 -52.24 -7.17 11.43
N ILE G 362 -52.85 -6.46 10.51
CA ILE G 362 -54.08 -6.90 9.90
C ILE G 362 -53.77 -7.84 8.77
N LYS G 363 -54.32 -9.04 8.82
CA LYS G 363 -53.96 -10.12 7.87
C LYS G 363 -54.88 -10.03 6.72
N ARG G 364 -54.40 -10.43 5.56
CA ARG G 364 -55.18 -10.41 4.32
C ARG G 364 -56.56 -11.12 4.42
N GLU G 365 -56.66 -12.22 5.17
CA GLU G 365 -57.93 -13.00 5.40
C GLU G 365 -58.99 -12.13 6.04
N ASP G 366 -58.58 -11.13 6.82
CA ASP G 366 -59.49 -10.26 7.57
C ASP G 366 -59.95 -9.00 6.81
N TYR G 367 -59.39 -8.72 5.65
CA TYR G 367 -59.75 -7.52 4.88
C TYR G 367 -61.23 -7.43 4.63
N GLU G 368 -61.81 -8.50 4.13
CA GLU G 368 -63.22 -8.53 3.79
C GLU G 368 -64.15 -8.23 4.97
N SER G 369 -63.75 -8.56 6.19
CA SER G 369 -64.63 -8.31 7.35
C SER G 369 -64.64 -6.85 7.87
N LEU G 370 -63.71 -6.00 7.38
CA LEU G 370 -63.50 -4.67 7.99
C LEU G 370 -64.65 -3.65 7.72
N PRO G 371 -65.22 -3.64 6.51
CA PRO G 371 -66.37 -2.77 6.32
C PRO G 371 -67.53 -3.09 7.32
N LYS G 372 -67.75 -4.37 7.59
CA LYS G 372 -68.75 -4.80 8.56
C LYS G 372 -68.40 -4.26 9.94
N GLU G 373 -67.12 -4.32 10.33
CA GLU G 373 -66.76 -3.76 11.63
C GLU G 373 -67.01 -2.27 11.74
N VAL G 374 -66.70 -1.52 10.68
CA VAL G 374 -66.89 -0.09 10.72
C VAL G 374 -68.39 0.22 10.88
N ALA G 375 -69.24 -0.49 10.12
CA ALA G 375 -70.70 -0.29 10.19
C ALA G 375 -71.33 -0.72 11.50
N SER G 376 -70.68 -1.64 12.21
CA SER G 376 -71.09 -2.11 13.55
C SER G 376 -70.64 -1.25 14.67
N ALA G 377 -69.80 -0.27 14.43
CA ALA G 377 -69.43 0.62 15.51
C ALA G 377 -70.70 1.41 15.98
N LYS G 378 -70.71 1.78 17.23
CA LYS G 378 -71.90 2.44 17.83
C LYS G 378 -71.48 3.78 18.37
N PRO G 379 -71.27 4.77 17.48
CA PRO G 379 -70.89 6.10 17.96
C PRO G 379 -72.06 6.67 18.79
N LYS G 380 -71.78 7.21 19.98
CA LYS G 380 -72.86 7.69 20.89
C LYS G 380 -73.13 9.13 20.47
N VAL G 381 -73.83 9.29 19.35
CA VAL G 381 -74.00 10.57 18.68
C VAL G 381 -75.29 10.44 17.94
N LEU G 382 -76.04 11.53 17.79
CA LEU G 382 -77.28 11.49 17.02
C LEU G 382 -76.95 11.49 15.54
N LEU G 383 -77.48 10.52 14.80
CA LEU G 383 -77.23 10.37 13.35
C LEU G 383 -78.52 10.30 12.56
N ASP G 384 -78.58 11.04 11.45
CA ASP G 384 -79.76 11.04 10.55
C ASP G 384 -79.88 9.74 9.72
N VAL G 385 -78.74 9.23 9.25
CA VAL G 385 -78.65 8.05 8.39
C VAL G 385 -77.99 6.93 9.18
N LYS G 386 -78.46 5.69 9.06
CA LYS G 386 -77.69 4.48 9.45
C LYS G 386 -76.98 3.99 8.17
N LEU G 387 -75.74 3.58 8.26
CA LEU G 387 -75.01 3.06 7.08
C LEU G 387 -74.80 1.58 7.23
N LYS G 388 -74.76 0.84 6.15
CA LYS G 388 -74.60 -0.62 6.13
C LYS G 388 -73.12 -0.94 5.77
N ALA G 389 -72.69 -2.17 6.00
CA ALA G 389 -71.36 -2.62 5.57
C ALA G 389 -70.97 -2.30 4.10
N GLU G 390 -71.94 -2.53 3.19
CA GLU G 390 -71.85 -2.36 1.71
C GLU G 390 -71.45 -0.90 1.36
N ASP G 391 -71.73 0.03 2.28
CA ASP G 391 -71.47 1.42 2.08
C ASP G 391 -70.01 1.86 2.35
N PHE G 392 -69.21 1.03 3.01
CA PHE G 392 -67.84 1.37 3.34
C PHE G 392 -66.86 0.59 2.49
N ILE G 393 -65.77 1.25 2.12
CA ILE G 393 -64.58 0.59 1.61
C ILE G 393 -63.47 0.79 2.62
N VAL G 394 -62.76 -0.31 2.92
CA VAL G 394 -61.62 -0.27 3.79
C VAL G 394 -60.41 -0.79 3.01
N ASP G 395 -59.44 0.07 2.78
CA ASP G 395 -58.30 -0.24 1.92
C ASP G 395 -57.09 -0.29 2.84
N VAL G 396 -56.46 -1.43 2.93
CA VAL G 396 -55.34 -1.66 3.78
C VAL G 396 -54.09 -1.67 2.90
N ILE G 397 -53.13 -0.83 3.21
CA ILE G 397 -51.92 -0.77 2.43
C ILE G 397 -50.70 -1.10 3.24
N ASN G 398 -49.95 -2.06 2.72
CA ASN G 398 -48.68 -2.48 3.35
C ASN G 398 -47.55 -1.63 2.79
N MET G 399 -47.01 -0.70 3.58
CA MET G 399 -45.89 0.13 3.21
C MET G 399 -44.62 -0.46 3.86
N ASP G 400 -43.62 -0.74 3.03
CA ASP G 400 -42.35 -1.25 3.53
C ASP G 400 -41.16 -0.85 2.65
N TYR G 401 -39.97 -1.34 3.01
CA TYR G 401 -38.74 -1.09 2.24
C TYR G 401 -38.45 -2.28 1.31
N GLY G 402 -39.52 -2.98 0.89
CA GLY G 402 -39.48 -3.99 -0.12
C GLY G 402 -39.19 -5.40 0.33
N MET G 403 -38.96 -5.62 1.63
CA MET G 403 -38.69 -6.95 2.18
C MET G 403 -39.41 -7.13 3.51
N GLN G 404 -40.70 -6.80 3.53
CA GLN G 404 -41.57 -6.91 4.71
C GLN G 404 -40.91 -6.21 5.86
N GLU G 405 -40.65 -6.89 6.97
CA GLU G 405 -40.07 -6.27 8.17
C GLU G 405 -38.56 -6.01 8.10
N LYS G 406 -37.89 -6.58 7.12
CA LYS G 406 -36.44 -6.50 7.05
C LYS G 406 -35.90 -5.18 6.47
N ASN G 407 -34.75 -4.79 6.98
CA ASN G 407 -33.92 -3.74 6.49
C ASN G 407 -33.15 -4.24 5.29
N PRO G 408 -33.45 -3.74 4.10
CA PRO G 408 -32.73 -4.25 2.94
C PRO G 408 -31.24 -3.93 2.93
N ILE G 409 -30.83 -2.87 3.65
CA ILE G 409 -29.44 -2.56 3.74
C ILE G 409 -28.64 -3.62 4.49
N ASP G 410 -29.30 -4.41 5.34
CA ASP G 410 -28.65 -5.58 5.93
C ASP G 410 -28.35 -6.67 4.91
N HIS G 411 -28.92 -6.60 3.70
CA HIS G 411 -28.66 -7.55 2.63
C HIS G 411 -27.88 -6.94 1.47
N VAL G 412 -27.12 -5.90 1.75
CA VAL G 412 -26.23 -5.27 0.77
C VAL G 412 -24.82 -5.50 1.31
N SER G 413 -23.89 -5.66 0.38
CA SER G 413 -22.49 -5.72 0.67
C SER G 413 -21.77 -4.50 0.10
N PHE G 414 -20.71 -4.09 0.81
CA PHE G 414 -19.95 -2.91 0.53
C PHE G 414 -18.48 -3.22 0.41
N TYR G 415 -17.74 -2.30 -0.20
CA TYR G 415 -16.31 -2.40 -0.22
C TYR G 415 -15.74 -1.07 0.15
N CYS G 416 -14.51 -1.10 0.63
CA CYS G 416 -13.70 0.08 1.04
C CYS G 416 -12.66 0.36 0.02
N LYS G 417 -12.31 1.63 -0.05
CA LYS G 417 -11.33 2.10 -1.07
C LYS G 417 -9.94 1.39 -0.90
N THR G 418 -9.56 1.09 0.32
CA THR G 418 -8.25 0.45 0.59
C THR G 418 -8.22 -1.06 0.35
N ALA G 419 -9.37 -1.75 0.19
CA ALA G 419 -9.42 -3.14 -0.22
C ALA G 419 -10.64 -3.41 -1.11
N PRO G 420 -10.59 -3.00 -2.36
CA PRO G 420 -11.80 -3.03 -3.17
C PRO G 420 -12.37 -4.39 -3.56
N ASN G 421 -11.65 -5.49 -3.35
CA ASN G 421 -12.19 -6.84 -3.58
C ASN G 421 -12.73 -7.51 -2.36
N ARG G 422 -12.64 -6.84 -1.23
CA ARG G 422 -13.09 -7.39 0.02
C ARG G 422 -14.49 -6.83 0.47
N ALA G 423 -15.47 -7.69 0.44
CA ALA G 423 -16.82 -7.35 0.84
C ALA G 423 -16.97 -7.22 2.36
N ILE G 424 -17.76 -6.26 2.79
CA ILE G 424 -18.04 -6.07 4.21
C ILE G 424 -19.51 -5.74 4.41
N ARG G 425 -19.96 -5.82 5.64
CA ARG G 425 -21.31 -5.46 6.04
C ARG G 425 -21.21 -4.18 6.83
N ILE G 426 -22.29 -3.39 6.72
CA ILE G 426 -22.40 -2.17 7.52
C ILE G 426 -23.78 -2.20 8.16
N THR G 427 -23.83 -2.11 9.49
CA THR G 427 -25.08 -2.20 10.23
C THR G 427 -25.63 -0.80 10.36
N LYS G 428 -26.91 -0.76 10.71
CA LYS G 428 -27.63 0.49 10.79
C LYS G 428 -27.01 1.46 11.83
N ASN G 429 -26.63 0.94 12.99
CA ASN G 429 -25.93 1.71 14.00
C ASN G 429 -24.56 2.29 13.61
N GLN G 430 -23.92 1.69 12.63
CA GLN G 430 -22.74 2.29 12.08
C GLN G 430 -23.02 3.46 11.15
N VAL G 431 -24.27 3.73 10.84
CA VAL G 431 -24.58 4.79 9.89
C VAL G 431 -25.13 6.03 10.58
N SER G 432 -26.25 5.87 11.29
CA SER G 432 -26.99 7.05 11.81
C SER G 432 -28.08 6.60 12.74
N GLN G 433 -28.32 7.41 13.74
CA GLN G 433 -29.41 7.24 14.69
C GLN G 433 -30.68 7.91 14.18
N LEU G 434 -30.63 8.63 13.08
CA LEU G 434 -31.81 9.27 12.55
C LEU G 434 -32.52 8.43 11.50
N LEU G 435 -32.17 7.16 11.35
CA LEU G 435 -32.76 6.31 10.36
C LEU G 435 -34.04 5.71 10.91
N PRO G 436 -34.88 5.11 10.07
CA PRO G 436 -36.06 4.41 10.64
C PRO G 436 -35.76 3.31 11.67
N GLU G 437 -36.60 3.08 12.62
CA GLU G 437 -36.44 1.97 13.60
C GLU G 437 -37.17 0.73 13.13
N LYS G 438 -38.14 0.90 12.26
CA LYS G 438 -38.98 -0.16 11.69
C LYS G 438 -39.00 0.07 10.16
N PHE G 439 -39.26 -0.99 9.43
CA PHE G 439 -39.24 -1.00 7.98
C PHE G 439 -40.55 -1.44 7.29
N ALA G 440 -41.61 -1.68 8.10
CA ALA G 440 -42.92 -2.02 7.55
C ALA G 440 -43.99 -1.40 8.44
N GLU G 441 -45.09 -1.02 7.84
CA GLU G 441 -46.23 -0.51 8.55
C GLU G 441 -47.47 -0.64 7.65
N GLN G 442 -48.64 -0.45 8.21
CA GLN G 442 -49.89 -0.56 7.54
C GLN G 442 -50.66 0.73 7.67
N LEU G 443 -51.22 1.16 6.54
CA LEU G 443 -52.13 2.29 6.51
C LEU G 443 -53.48 1.73 6.18
N ILE G 444 -54.49 2.28 6.84
CA ILE G 444 -55.86 1.88 6.62
C ILE G 444 -56.65 3.12 6.19
N ARG G 445 -57.19 3.12 5.00
CA ARG G 445 -58.01 4.18 4.50
C ARG G 445 -59.45 3.69 4.43
N VAL G 446 -60.37 4.56 4.84
CA VAL G 446 -61.77 4.25 4.83
C VAL G 446 -62.47 5.29 3.93
N TYR G 447 -63.34 4.77 3.11
CA TYR G 447 -64.13 5.58 2.22
C TYR G 447 -65.62 5.15 2.31
N CYS G 448 -66.49 6.06 1.91
CA CYS G 448 -67.90 5.85 1.91
C CYS G 448 -68.43 5.97 0.50
N LYS G 449 -69.20 4.98 0.07
CA LYS G 449 -69.91 5.03 -1.21
C LYS G 449 -71.11 5.94 -1.25
N LYS G 450 -71.63 6.37 -0.11
CA LYS G 450 -72.75 7.32 -0.13
C LYS G 450 -72.16 8.70 0.09
N VAL G 451 -72.44 9.59 -0.84
CA VAL G 451 -71.69 10.86 -1.00
C VAL G 451 -72.38 12.09 -0.46
N ASP G 452 -73.66 11.99 -0.14
CA ASP G 452 -74.39 13.17 0.39
C ASP G 452 -73.84 13.63 1.74
N ARG G 453 -74.08 14.87 2.11
CA ARG G 453 -73.52 15.47 3.33
C ARG G 453 -73.89 14.76 4.61
N LYS G 454 -75.11 14.25 4.70
CA LYS G 454 -75.52 13.56 5.92
C LYS G 454 -74.87 12.16 6.07
N SER G 455 -74.77 11.41 4.98
CA SER G 455 -74.09 10.13 4.97
C SER G 455 -72.60 10.28 5.34
N LEU G 456 -72.00 11.36 4.86
CA LEU G 456 -70.60 11.62 5.04
C LEU G 456 -70.31 12.00 6.51
N TYR G 457 -71.17 12.82 7.09
CA TYR G 457 -71.09 13.11 8.51
C TYR G 457 -71.18 11.81 9.35
N ALA G 458 -72.13 10.95 9.00
CA ALA G 458 -72.30 9.71 9.70
C ALA G 458 -71.07 8.80 9.54
N ALA G 459 -70.59 8.66 8.32
CA ALA G 459 -69.39 7.84 8.03
C ALA G 459 -68.20 8.27 8.87
N ARG G 460 -68.01 9.57 9.07
CA ARG G 460 -66.96 10.03 9.94
C ARG G 460 -67.12 9.60 11.39
N GLN G 461 -68.36 9.55 11.88
CA GLN G 461 -68.60 9.14 13.25
C GLN G 461 -68.35 7.64 13.40
N TYR G 462 -68.84 6.82 12.47
CA TYR G 462 -68.56 5.39 12.54
C TYR G 462 -67.05 5.13 12.49
N PHE G 463 -66.37 5.83 11.59
CA PHE G 463 -64.94 5.65 11.38
C PHE G 463 -64.14 5.98 12.62
N VAL G 464 -64.37 7.16 13.22
CA VAL G 464 -63.59 7.54 14.36
C VAL G 464 -63.90 6.64 15.56
N GLN G 465 -65.16 6.23 15.70
CA GLN G 465 -65.54 5.30 16.76
C GLN G 465 -64.84 3.97 16.58
N TRP G 466 -64.81 3.49 15.34
CA TRP G 466 -64.09 2.24 15.02
C TRP G 466 -62.62 2.30 15.37
N CYS G 467 -61.97 3.41 15.02
CA CYS G 467 -60.57 3.62 15.41
C CYS G 467 -60.43 3.52 16.93
N ALA G 468 -61.25 4.23 17.68
CA ALA G 468 -61.25 4.15 19.16
C ALA G 468 -61.46 2.73 19.65
N ASP G 469 -62.45 2.04 19.11
CA ASP G 469 -62.76 0.66 19.53
C ASP G 469 -61.60 -0.29 19.26
N ARG G 470 -60.89 -0.16 18.12
CA ARG G 470 -59.80 -1.08 17.77
C ARG G 470 -58.46 -0.65 18.34
N ASN G 471 -58.44 0.50 19.01
CA ASN G 471 -57.21 1.06 19.55
C ASN G 471 -56.19 1.40 18.44
N PHE G 472 -56.70 1.92 17.32
CA PHE G 472 -55.89 2.42 16.24
C PHE G 472 -55.51 3.88 16.51
N THR G 473 -54.65 4.42 15.68
CA THR G 473 -54.16 5.77 15.90
C THR G 473 -55.30 6.76 15.62
N LYS G 474 -55.25 7.89 16.31
CA LYS G 474 -56.24 8.87 16.16
C LYS G 474 -56.09 9.52 14.77
N PRO G 475 -57.18 9.56 13.99
CA PRO G 475 -57.08 10.25 12.74
C PRO G 475 -56.61 11.72 12.96
N GLN G 476 -55.81 12.21 12.02
CA GLN G 476 -55.20 13.52 12.13
C GLN G 476 -56.22 14.66 12.32
N ASP G 477 -57.35 14.55 11.63
CA ASP G 477 -58.44 15.51 11.76
C ASP G 477 -59.53 15.06 12.73
N GLY G 478 -59.23 14.06 13.58
CA GLY G 478 -60.23 13.47 14.44
C GLY G 478 -61.05 14.40 15.29
N ASP G 479 -60.38 15.37 15.91
CA ASP G 479 -61.06 16.34 16.79
C ASP G 479 -62.01 17.25 16.02
N VAL G 480 -61.75 17.43 14.73
CA VAL G 480 -62.59 18.28 13.90
C VAL G 480 -63.75 17.50 13.27
N ILE G 481 -63.49 16.32 12.71
CA ILE G 481 -64.57 15.59 12.03
C ILE G 481 -65.45 14.84 13.04
N ALA G 482 -64.91 14.47 14.22
CA ALA G 482 -65.74 13.80 15.19
C ALA G 482 -65.48 14.32 16.62
N PRO G 483 -65.80 15.62 16.87
CA PRO G 483 -65.55 16.27 18.17
C PRO G 483 -66.24 15.57 19.38
N LEU G 484 -67.36 14.92 19.16
CA LEU G 484 -68.02 14.23 20.26
C LEU G 484 -67.45 12.85 20.53
N ILE G 485 -66.62 12.31 19.63
CA ILE G 485 -66.13 10.93 19.76
C ILE G 485 -64.75 10.92 20.39
N THR G 486 -63.85 11.81 19.96
CA THR G 486 -62.45 11.78 20.41
C THR G 486 -62.19 11.98 21.92
N PRO G 487 -63.06 12.75 22.66
CA PRO G 487 -62.86 12.82 24.13
C PRO G 487 -63.05 11.48 24.89
N GLN G 488 -63.87 10.55 24.37
CA GLN G 488 -64.08 9.22 24.99
C GLN G 488 -62.79 8.39 25.21
N LYS G 489 -61.71 8.70 24.49
CA LYS G 489 -60.56 7.81 24.42
C LYS G 489 -59.38 8.45 25.20
N LYS G 490 -59.09 7.88 26.38
CA LYS G 490 -58.11 8.42 27.36
C LYS G 490 -56.73 8.61 26.67
N GLU G 491 -56.27 7.60 25.94
CA GLU G 491 -54.96 7.63 25.22
C GLU G 491 -54.79 8.69 24.09
N TRP G 492 -55.88 9.36 23.69
CA TRP G 492 -55.87 10.40 22.61
C TRP G 492 -55.69 11.87 23.09
N ASN G 493 -55.94 12.14 24.39
CA ASN G 493 -55.63 13.46 25.03
C ASN G 493 -54.16 13.63 25.51
N THR H 8 -65.54 25.20 -3.35
CA THR H 8 -64.15 25.75 -3.00
C THR H 8 -63.05 25.47 -4.14
N MET H 9 -61.98 26.23 -4.07
CA MET H 9 -60.90 26.16 -5.12
C MET H 9 -60.22 24.72 -5.05
N LYS H 10 -59.77 24.17 -6.16
CA LYS H 10 -58.93 22.97 -6.12
C LYS H 10 -57.54 23.32 -6.63
N VAL H 11 -56.56 22.68 -6.06
CA VAL H 11 -55.22 22.78 -6.52
C VAL H 11 -54.85 21.52 -7.28
N ILE H 12 -54.13 21.70 -8.38
CA ILE H 12 -53.66 20.56 -9.16
C ILE H 12 -52.19 20.74 -9.53
N ASN H 13 -51.43 19.67 -9.41
CA ASN H 13 -50.00 19.70 -9.66
C ASN H 13 -49.73 19.27 -11.08
N ASP H 14 -49.27 20.22 -11.86
CA ASP H 14 -48.82 20.02 -13.24
C ASP H 14 -47.27 20.07 -13.31
N PRO H 15 -46.62 19.14 -14.00
CA PRO H 15 -45.15 19.23 -14.01
C PRO H 15 -44.59 20.43 -14.77
N ILE H 16 -45.33 21.07 -15.66
CA ILE H 16 -44.81 22.21 -16.35
C ILE H 16 -45.01 23.48 -15.48
N HIS H 17 -46.23 23.72 -15.02
CA HIS H 17 -46.54 24.97 -14.35
C HIS H 17 -46.51 24.89 -12.83
N GLY H 18 -46.33 23.73 -12.23
CA GLY H 18 -46.45 23.59 -10.79
C GLY H 18 -47.89 23.49 -10.29
N HIS H 19 -48.10 23.95 -9.09
CA HIS H 19 -49.41 23.88 -8.43
C HIS H 19 -50.29 24.99 -8.90
N ILE H 20 -51.31 24.65 -9.65
CA ILE H 20 -52.24 25.61 -10.14
C ILE H 20 -53.61 25.55 -9.51
N GLU H 21 -54.22 26.73 -9.38
CA GLU H 21 -55.47 26.85 -8.68
C GLU H 21 -56.58 26.89 -9.67
N LEU H 22 -57.61 26.09 -9.41
CA LEU H 22 -58.79 26.09 -10.24
C LEU H 22 -60.00 26.59 -9.41
N HIS H 23 -60.56 27.68 -9.83
CA HIS H 23 -61.82 28.19 -9.35
C HIS H 23 -62.93 27.11 -9.50
N PRO H 24 -63.89 27.08 -8.59
CA PRO H 24 -64.89 26.01 -8.66
C PRO H 24 -65.73 25.97 -9.92
N LEU H 25 -65.93 27.10 -10.59
CA LEU H 25 -66.60 27.10 -11.88
C LEU H 25 -65.76 26.31 -12.92
N LEU H 26 -64.42 26.46 -12.87
CA LEU H 26 -63.59 25.75 -13.79
C LEU H 26 -63.60 24.26 -13.51
N VAL H 27 -63.64 23.90 -12.23
CA VAL H 27 -63.68 22.53 -11.80
C VAL H 27 -64.98 21.87 -12.36
N ARG H 28 -66.13 22.58 -12.27
CA ARG H 28 -67.37 22.03 -12.85
C ARG H 28 -67.27 21.79 -14.34
N ILE H 29 -66.59 22.68 -15.06
CA ILE H 29 -66.39 22.49 -16.49
C ILE H 29 -65.48 21.30 -16.84
N ILE H 30 -64.43 21.16 -16.06
CA ILE H 30 -63.46 20.08 -16.25
C ILE H 30 -64.06 18.73 -15.99
N ASP H 31 -64.92 18.65 -15.00
CA ASP H 31 -65.48 17.38 -14.60
C ASP H 31 -66.75 17.01 -15.37
N THR H 32 -66.59 16.97 -16.71
CA THR H 32 -67.64 16.62 -17.62
C THR H 32 -67.10 15.62 -18.61
N PRO H 33 -67.98 14.82 -19.22
CA PRO H 33 -67.48 13.93 -20.26
C PRO H 33 -66.82 14.62 -21.43
N GLN H 34 -67.27 15.82 -21.73
CA GLN H 34 -66.76 16.55 -22.87
C GLN H 34 -65.35 17.04 -22.65
N PHE H 35 -64.99 17.39 -21.42
CA PHE H 35 -63.64 17.84 -21.13
C PHE H 35 -62.70 16.64 -20.86
N GLN H 36 -63.17 15.66 -20.11
CA GLN H 36 -62.41 14.50 -19.79
C GLN H 36 -62.02 13.66 -20.99
N ARG H 37 -62.83 13.75 -22.05
CA ARG H 37 -62.49 13.23 -23.38
C ARG H 37 -61.06 13.54 -23.77
N LEU H 38 -60.57 14.73 -23.42
CA LEU H 38 -59.26 15.15 -23.86
C LEU H 38 -58.12 14.32 -23.23
N ARG H 39 -58.41 13.55 -22.21
CA ARG H 39 -57.49 12.60 -21.71
C ARG H 39 -57.13 11.47 -22.67
N TYR H 40 -57.92 11.28 -23.73
CA TYR H 40 -57.76 10.12 -24.61
C TYR H 40 -57.40 10.56 -26.02
N ILE H 41 -56.82 11.77 -26.15
CA ILE H 41 -56.37 12.30 -27.41
C ILE H 41 -54.95 12.82 -27.23
N LYS H 42 -53.98 12.14 -27.84
CA LYS H 42 -52.58 12.52 -27.77
C LYS H 42 -52.36 13.89 -28.40
N GLN H 43 -51.61 14.72 -27.69
CA GLN H 43 -51.28 16.05 -28.20
C GLN H 43 -50.56 15.95 -29.54
N LEU H 44 -49.58 15.07 -29.65
CA LEU H 44 -48.75 15.02 -30.85
C LEU H 44 -49.05 13.87 -31.79
N GLY H 45 -50.16 13.20 -31.57
CA GLY H 45 -50.63 12.09 -32.43
C GLY H 45 -49.52 11.05 -32.71
N GLY H 46 -49.22 10.89 -34.00
CA GLY H 46 -48.24 9.93 -34.43
C GLY H 46 -46.84 10.21 -33.95
N GLY H 47 -46.58 11.45 -33.49
CA GLY H 47 -45.33 11.76 -32.89
C GLY H 47 -44.90 10.85 -31.74
N TYR H 48 -45.84 10.32 -30.99
CA TYR H 48 -45.55 9.37 -29.91
C TYR H 48 -44.86 8.11 -30.43
N TYR H 49 -45.08 7.76 -31.69
CA TYR H 49 -44.47 6.59 -32.29
C TYR H 49 -43.07 6.82 -32.77
N VAL H 50 -42.56 8.04 -32.56
CA VAL H 50 -41.18 8.39 -32.84
C VAL H 50 -40.44 8.92 -31.61
N PHE H 51 -41.11 9.77 -30.83
CA PHE H 51 -40.63 10.30 -29.57
C PHE H 51 -41.41 9.63 -28.43
N PRO H 52 -40.83 8.64 -27.78
CA PRO H 52 -41.60 7.86 -26.82
C PRO H 52 -41.93 8.59 -25.51
N GLY H 53 -41.32 9.73 -25.27
CA GLY H 53 -41.76 10.52 -24.16
C GLY H 53 -43.04 11.31 -24.40
N ALA H 54 -43.49 11.40 -25.67
CA ALA H 54 -44.61 12.23 -26.03
C ALA H 54 -45.91 11.50 -25.91
N SER H 55 -46.18 11.06 -24.68
CA SER H 55 -47.39 10.38 -24.30
C SER H 55 -48.49 11.38 -23.86
N HIS H 56 -48.16 12.66 -23.79
CA HIS H 56 -49.09 13.62 -23.23
C HIS H 56 -50.34 13.86 -24.09
N ASN H 57 -51.44 14.14 -23.41
CA ASN H 57 -52.75 14.30 -24.01
C ASN H 57 -53.21 15.75 -23.97
N ARG H 58 -54.26 16.04 -24.71
CA ARG H 58 -54.81 17.37 -24.82
C ARG H 58 -55.37 17.89 -23.53
N PHE H 59 -55.78 16.99 -22.66
CA PHE H 59 -56.31 17.34 -21.35
C PHE H 59 -55.34 18.25 -20.57
N GLU H 60 -54.13 17.77 -20.38
CA GLU H 60 -53.14 18.55 -19.59
C GLU H 60 -52.69 19.83 -20.28
N HIS H 61 -52.61 19.82 -21.61
CA HIS H 61 -52.35 21.04 -22.35
C HIS H 61 -53.45 22.07 -22.07
N SER H 62 -54.70 21.60 -22.06
CA SER H 62 -55.83 22.49 -21.86
C SER H 62 -55.83 23.11 -20.48
N LEU H 63 -55.50 22.33 -19.45
CA LEU H 63 -55.34 22.92 -18.11
C LEU H 63 -54.26 24.02 -18.11
N GLY H 64 -53.15 23.73 -18.75
CA GLY H 64 -52.07 24.67 -18.85
C GLY H 64 -52.43 25.95 -19.55
N VAL H 65 -53.15 25.88 -20.65
CA VAL H 65 -53.55 27.08 -21.36
C VAL H 65 -54.54 27.90 -20.50
N GLY H 66 -55.44 27.21 -19.80
CA GLY H 66 -56.34 27.89 -18.89
C GLY H 66 -55.58 28.66 -17.79
N TYR H 67 -54.58 28.00 -17.24
CA TYR H 67 -53.77 28.57 -16.20
C TYR H 67 -53.01 29.79 -16.71
N LEU H 68 -52.32 29.65 -17.85
CA LEU H 68 -51.54 30.77 -18.37
C LEU H 68 -52.41 31.93 -18.79
N ALA H 69 -53.57 31.63 -19.32
CA ALA H 69 -54.48 32.68 -19.70
C ALA H 69 -54.82 33.52 -18.50
N GLY H 70 -55.12 32.84 -17.40
CA GLY H 70 -55.32 33.50 -16.11
C GLY H 70 -54.12 34.30 -15.63
N CYS H 71 -52.90 33.78 -15.73
CA CYS H 71 -51.71 34.54 -15.32
C CYS H 71 -51.58 35.81 -16.13
N LEU H 72 -51.77 35.75 -17.44
CA LEU H 72 -51.55 36.93 -18.24
C LEU H 72 -52.62 38.03 -17.91
N VAL H 73 -53.88 37.65 -17.86
CA VAL H 73 -54.90 38.62 -17.57
C VAL H 73 -54.77 39.18 -16.13
N HIS H 74 -54.43 38.36 -15.14
CA HIS H 74 -54.14 38.85 -13.78
C HIS H 74 -52.99 39.81 -13.78
N ALA H 75 -51.90 39.47 -14.46
CA ALA H 75 -50.76 40.36 -14.44
C ALA H 75 -51.11 41.75 -15.04
N LEU H 76 -51.90 41.76 -16.12
CA LEU H 76 -52.28 43.00 -16.72
C LEU H 76 -53.16 43.83 -15.76
N GLY H 77 -54.09 43.17 -15.09
CA GLY H 77 -54.96 43.80 -14.13
C GLY H 77 -54.30 44.38 -12.91
N GLU H 78 -53.30 43.69 -12.39
CA GLU H 78 -52.52 44.15 -11.24
C GLU H 78 -51.71 45.38 -11.60
N LYS H 79 -51.03 45.39 -12.75
CA LYS H 79 -50.18 46.50 -13.12
C LYS H 79 -50.96 47.74 -13.59
N GLN H 80 -52.15 47.53 -14.16
CA GLN H 80 -52.93 48.59 -14.78
C GLN H 80 -54.42 48.50 -14.34
N PRO H 81 -54.71 48.89 -13.08
CA PRO H 81 -56.09 48.90 -12.57
C PRO H 81 -57.04 49.75 -13.39
N GLU H 82 -56.51 50.76 -14.09
CA GLU H 82 -57.32 51.60 -14.95
C GLU H 82 -57.98 50.87 -16.10
N LEU H 83 -57.51 49.67 -16.44
CA LEU H 83 -58.13 48.89 -17.51
C LEU H 83 -59.50 48.32 -17.05
N GLN H 84 -59.72 48.21 -15.73
CA GLN H 84 -60.96 47.69 -15.17
C GLN H 84 -61.22 46.26 -15.56
N ILE H 85 -60.17 45.45 -15.50
CA ILE H 85 -60.32 44.02 -15.65
C ILE H 85 -61.06 43.53 -14.43
N SER H 86 -62.21 42.89 -14.63
CA SER H 86 -63.03 42.36 -13.53
C SER H 86 -62.74 40.89 -13.30
N GLU H 87 -63.19 40.35 -12.17
CA GLU H 87 -63.14 38.94 -11.88
C GLU H 87 -63.90 38.15 -12.92
N ARG H 88 -64.98 38.71 -13.41
CA ARG H 88 -65.72 38.10 -14.45
C ARG H 88 -64.88 37.93 -15.75
N ASP H 89 -64.17 38.97 -16.13
CA ASP H 89 -63.31 38.91 -17.29
C ASP H 89 -62.23 37.81 -17.12
N VAL H 90 -61.63 37.77 -15.95
CA VAL H 90 -60.63 36.79 -15.65
C VAL H 90 -61.18 35.36 -15.83
N LEU H 91 -62.33 35.08 -15.25
CA LEU H 91 -62.93 33.77 -15.38
C LEU H 91 -63.27 33.42 -16.80
N CYS H 92 -63.78 34.36 -17.56
CA CYS H 92 -64.08 34.10 -18.93
C CYS H 92 -62.82 33.77 -19.77
N VAL H 93 -61.73 34.49 -19.51
CA VAL H 93 -60.47 34.21 -20.18
C VAL H 93 -59.92 32.81 -19.77
N GLN H 94 -60.01 32.45 -18.49
CA GLN H 94 -59.60 31.14 -18.05
C GLN H 94 -60.43 30.04 -18.72
N ILE H 95 -61.73 30.26 -18.82
CA ILE H 95 -62.62 29.23 -19.39
C ILE H 95 -62.28 29.05 -20.85
N ALA H 96 -62.04 30.15 -21.57
CA ALA H 96 -61.65 30.09 -22.95
C ALA H 96 -60.33 29.32 -23.13
N GLY H 97 -59.36 29.59 -22.28
CA GLY H 97 -58.09 28.83 -22.32
C GLY H 97 -58.27 27.36 -22.06
N LEU H 98 -59.09 27.08 -21.08
CA LEU H 98 -59.42 25.71 -20.72
C LEU H 98 -60.11 24.95 -21.85
N CYS H 99 -61.01 25.62 -22.57
CA CYS H 99 -61.87 24.95 -23.52
C CYS H 99 -61.45 25.13 -25.00
N HIS H 100 -60.34 25.78 -25.23
CA HIS H 100 -59.94 26.18 -26.56
C HIS H 100 -59.67 24.99 -27.50
N ASP H 101 -59.32 23.85 -26.94
CA ASP H 101 -58.95 22.70 -27.76
C ASP H 101 -59.95 21.53 -27.62
N LEU H 102 -61.14 21.83 -27.12
CA LEU H 102 -62.16 20.79 -27.01
C LEU H 102 -62.52 20.10 -28.31
N GLY H 103 -62.33 20.75 -29.44
CA GLY H 103 -62.67 20.20 -30.72
C GLY H 103 -61.69 19.27 -31.39
N HIS H 104 -60.51 19.05 -30.81
CA HIS H 104 -59.56 18.15 -31.45
C HIS H 104 -60.16 16.75 -31.52
N GLY H 105 -59.80 16.07 -32.56
CA GLY H 105 -60.21 14.71 -32.79
C GLY H 105 -59.05 13.76 -32.56
N PRO H 106 -59.28 12.46 -32.81
CA PRO H 106 -58.26 11.45 -32.65
C PRO H 106 -56.93 11.83 -33.29
N PHE H 107 -55.87 11.73 -32.51
CA PHE H 107 -54.52 12.07 -32.96
C PHE H 107 -54.34 13.52 -33.34
N SER H 108 -55.20 14.40 -32.80
CA SER H 108 -55.05 15.82 -32.89
C SER H 108 -54.88 16.31 -34.35
N ALA H 109 -53.72 16.87 -34.73
CA ALA H 109 -53.54 17.50 -36.03
C ALA H 109 -53.84 16.58 -37.22
N MET H 110 -53.65 15.31 -37.03
CA MET H 110 -54.02 14.34 -38.00
C MET H 110 -55.50 14.43 -38.42
N PHE H 111 -56.36 14.63 -37.46
CA PHE H 111 -57.79 14.54 -37.71
C PHE H 111 -58.30 15.72 -38.55
N ASP H 112 -57.93 16.95 -38.18
CA ASP H 112 -58.34 18.12 -38.95
C ASP H 112 -57.39 18.49 -40.10
N GLY H 113 -56.14 18.03 -40.04
CA GLY H 113 -55.15 18.31 -41.08
C GLY H 113 -55.19 17.29 -42.20
N ARG H 114 -55.53 16.03 -41.91
CA ARG H 114 -55.42 14.95 -42.95
C ARG H 114 -56.75 14.24 -43.15
N PHE H 115 -57.35 13.70 -42.10
CA PHE H 115 -58.50 12.85 -42.25
C PHE H 115 -59.76 13.56 -42.75
N ILE H 116 -60.23 14.58 -42.06
CA ILE H 116 -61.43 15.26 -42.49
C ILE H 116 -61.33 15.87 -43.91
N PRO H 117 -60.23 16.54 -44.24
CA PRO H 117 -60.10 17.03 -45.62
C PRO H 117 -60.21 15.95 -46.69
N LEU H 118 -59.70 14.74 -46.41
CA LEU H 118 -59.83 13.63 -47.36
C LEU H 118 -61.19 12.97 -47.30
N ALA H 119 -61.78 12.84 -46.13
CA ALA H 119 -63.01 12.09 -45.96
C ALA H 119 -64.21 12.89 -46.38
N ARG H 120 -64.13 14.20 -46.18
CA ARG H 120 -65.22 15.15 -46.47
C ARG H 120 -64.73 16.41 -47.12
N PRO H 121 -64.28 16.31 -48.36
CA PRO H 121 -63.67 17.48 -49.03
C PRO H 121 -64.64 18.63 -49.29
N GLU H 122 -65.94 18.40 -49.25
CA GLU H 122 -66.92 19.50 -49.35
C GLU H 122 -66.94 20.45 -48.09
N VAL H 123 -66.67 19.97 -46.87
CA VAL H 123 -66.78 20.84 -45.66
C VAL H 123 -65.53 21.63 -45.41
N LYS H 124 -65.64 22.76 -44.73
CA LYS H 124 -64.45 23.54 -44.33
C LYS H 124 -64.53 23.40 -42.81
N TRP H 125 -63.72 22.50 -42.26
CA TRP H 125 -63.76 22.24 -40.82
C TRP H 125 -62.38 22.40 -40.19
N THR H 126 -62.37 22.92 -38.97
CA THR H 126 -61.20 23.04 -38.11
C THR H 126 -61.56 22.57 -36.69
N HIS H 127 -60.53 22.14 -35.95
CA HIS H 127 -60.74 21.77 -34.57
C HIS H 127 -61.30 22.97 -33.78
N GLU H 128 -60.91 24.19 -34.15
CA GLU H 128 -61.44 25.37 -33.46
C GLU H 128 -62.95 25.51 -33.59
N GLN H 129 -63.50 25.24 -34.76
CA GLN H 129 -64.96 25.16 -34.88
C GLN H 129 -65.52 24.08 -34.01
N GLY H 130 -64.85 22.94 -34.02
CA GLY H 130 -65.22 21.88 -33.10
C GLY H 130 -65.22 22.32 -31.66
N SER H 131 -64.25 23.13 -31.26
CA SER H 131 -64.14 23.54 -29.85
C SER H 131 -65.37 24.38 -29.44
N VAL H 132 -65.81 25.25 -30.32
CA VAL H 132 -66.98 26.08 -30.11
C VAL H 132 -68.25 25.24 -29.98
N MET H 133 -68.41 24.27 -30.87
CA MET H 133 -69.59 23.40 -30.83
C MET H 133 -69.51 22.52 -29.58
N MET H 134 -68.34 21.98 -29.29
CA MET H 134 -68.21 21.12 -28.13
C MET H 134 -68.40 21.90 -26.82
N PHE H 135 -67.93 23.11 -26.76
CA PHE H 135 -68.18 23.99 -25.63
C PHE H 135 -69.66 24.25 -25.36
N GLU H 136 -70.39 24.58 -26.42
CA GLU H 136 -71.87 24.72 -26.38
C GLU H 136 -72.48 23.45 -25.82
N HIS H 137 -72.10 22.30 -26.33
CA HIS H 137 -72.65 21.03 -25.85
C HIS H 137 -72.25 20.74 -24.40
N LEU H 138 -70.99 21.07 -24.02
CA LEU H 138 -70.55 20.93 -22.63
C LEU H 138 -71.43 21.78 -21.66
N ILE H 139 -71.60 23.02 -22.01
CA ILE H 139 -72.39 23.96 -21.20
C ILE H 139 -73.84 23.47 -21.06
N ASN H 140 -74.44 23.14 -22.19
CA ASN H 140 -75.87 22.83 -22.20
C ASN H 140 -76.20 21.51 -21.57
N SER H 141 -75.34 20.53 -21.68
CA SER H 141 -75.66 19.23 -21.16
C SER H 141 -75.14 19.03 -19.72
N ASN H 142 -74.45 19.99 -19.11
CA ASN H 142 -74.00 19.78 -17.72
C ASN H 142 -74.47 20.89 -16.79
N GLY H 143 -75.46 21.70 -17.21
CA GLY H 143 -75.99 22.70 -16.29
C GLY H 143 -75.00 23.76 -15.86
N ILE H 144 -74.14 24.19 -16.75
CA ILE H 144 -73.12 25.16 -16.41
C ILE H 144 -73.64 26.60 -16.33
N LYS H 145 -74.68 26.95 -17.10
CA LYS H 145 -75.16 28.36 -17.07
C LYS H 145 -75.55 28.89 -15.69
N PRO H 146 -76.33 28.13 -14.89
CA PRO H 146 -76.63 28.62 -13.53
C PRO H 146 -75.38 28.77 -12.66
N VAL H 147 -74.36 27.92 -12.89
CA VAL H 147 -73.15 28.03 -12.10
C VAL H 147 -72.40 29.29 -12.50
N MET H 148 -72.38 29.61 -13.77
CA MET H 148 -71.81 30.88 -14.23
C MET H 148 -72.46 32.08 -13.54
N GLU H 149 -73.79 32.07 -13.52
CA GLU H 149 -74.58 33.15 -12.88
C GLU H 149 -74.25 33.25 -11.40
N GLN H 150 -74.15 32.13 -10.72
CA GLN H 150 -73.76 32.13 -9.34
C GLN H 150 -72.43 32.90 -9.10
N TYR H 151 -71.49 32.89 -10.03
CA TYR H 151 -70.22 33.59 -9.83
C TYR H 151 -70.12 34.90 -10.57
N GLY H 152 -71.23 35.46 -11.01
CA GLY H 152 -71.20 36.83 -11.51
C GLY H 152 -71.05 36.95 -13.01
N LEU H 153 -71.05 35.82 -13.72
CA LEU H 153 -70.97 35.86 -15.17
C LEU H 153 -72.37 36.04 -15.75
N ILE H 154 -72.46 36.58 -16.95
CA ILE H 154 -73.71 36.79 -17.63
C ILE H 154 -73.70 35.93 -18.90
N PRO H 155 -74.34 34.77 -18.88
CA PRO H 155 -74.21 33.85 -19.97
C PRO H 155 -74.51 34.32 -21.39
N GLU H 156 -75.50 35.17 -21.62
CA GLU H 156 -75.78 35.62 -23.04
C GLU H 156 -74.46 36.24 -23.57
N GLU H 157 -73.95 37.24 -22.84
CA GLU H 157 -72.73 37.93 -23.22
C GLU H 157 -71.46 37.07 -23.14
N ASP H 158 -71.28 36.32 -22.06
CA ASP H 158 -70.00 35.72 -21.77
C ASP H 158 -69.71 34.44 -22.58
N ILE H 159 -70.73 33.66 -22.90
CA ILE H 159 -70.61 32.51 -23.79
C ILE H 159 -70.14 32.97 -25.14
N CYS H 160 -70.76 34.01 -25.63
CA CYS H 160 -70.34 34.60 -26.89
C CYS H 160 -68.86 35.06 -26.82
N PHE H 161 -68.50 35.80 -25.75
CA PHE H 161 -67.10 36.21 -25.53
C PHE H 161 -66.10 35.03 -25.55
N ILE H 162 -66.44 33.98 -24.84
CA ILE H 162 -65.61 32.76 -24.74
C ILE H 162 -65.41 32.14 -26.12
N LYS H 163 -66.49 31.98 -26.86
CA LYS H 163 -66.41 31.44 -28.20
C LYS H 163 -65.57 32.29 -29.14
N GLU H 164 -65.77 33.59 -29.08
CA GLU H 164 -65.01 34.52 -29.89
C GLU H 164 -63.50 34.48 -29.61
N GLN H 165 -63.14 34.27 -28.35
CA GLN H 165 -61.75 34.14 -27.99
C GLN H 165 -61.14 32.89 -28.65
N ILE H 166 -61.94 31.83 -28.78
CA ILE H 166 -61.46 30.56 -29.31
C ILE H 166 -61.33 30.57 -30.82
N VAL H 167 -62.37 31.04 -31.50
CA VAL H 167 -62.48 30.89 -32.93
C VAL H 167 -62.39 32.20 -33.69
N GLY H 168 -62.41 33.34 -33.03
CA GLY H 168 -62.53 34.63 -33.72
C GLY H 168 -63.96 35.07 -33.86
N PRO H 169 -64.23 36.19 -34.56
CA PRO H 169 -65.59 36.71 -34.75
C PRO H 169 -66.54 35.66 -35.37
N LEU H 170 -67.80 35.55 -34.89
CA LEU H 170 -68.73 34.45 -35.30
C LEU H 170 -69.75 34.64 -36.46
N LEU H 178 -64.78 48.37 -38.85
CA LEU H 178 -65.68 48.33 -37.70
C LEU H 178 -65.18 47.31 -36.63
N TRP H 179 -65.85 47.26 -35.47
CA TRP H 179 -65.49 46.34 -34.37
C TRP H 179 -66.33 45.10 -34.51
N PRO H 180 -65.70 43.96 -34.78
CA PRO H 180 -66.48 42.76 -35.14
C PRO H 180 -66.90 41.88 -33.97
N TYR H 181 -66.63 42.25 -32.73
CA TYR H 181 -66.91 41.35 -31.61
C TYR H 181 -68.10 41.85 -30.86
N LYS H 182 -68.89 40.93 -30.33
CA LYS H 182 -70.02 41.23 -29.51
C LYS H 182 -69.82 40.98 -28.03
N GLY H 183 -68.87 40.13 -27.65
CA GLY H 183 -68.76 39.67 -26.27
C GLY H 183 -68.16 40.74 -25.37
N ARG H 184 -67.28 41.57 -25.90
CA ARG H 184 -66.69 42.65 -25.16
C ARG H 184 -66.48 43.82 -26.12
N PRO H 185 -66.47 45.04 -25.59
CA PRO H 185 -66.20 46.22 -26.43
C PRO H 185 -64.72 46.46 -26.67
N GLU H 186 -64.43 47.47 -27.49
CA GLU H 186 -63.09 47.87 -27.88
C GLU H 186 -62.15 48.22 -26.76
N ASN H 187 -62.70 48.78 -25.68
CA ASN H 187 -61.83 49.13 -24.56
C ASN H 187 -61.35 47.85 -23.83
N LYS H 188 -61.82 46.67 -24.25
CA LYS H 188 -61.28 45.41 -23.76
C LYS H 188 -60.74 44.48 -24.84
N SER H 189 -60.30 45.05 -25.97
CA SER H 189 -59.82 44.26 -27.12
C SER H 189 -58.64 43.39 -26.74
N PHE H 190 -57.82 43.87 -25.85
CA PHE H 190 -56.69 43.10 -25.35
C PHE H 190 -57.07 41.72 -24.81
N LEU H 191 -58.30 41.58 -24.30
CA LEU H 191 -58.72 40.30 -23.83
C LEU H 191 -58.80 39.26 -24.94
N TYR H 192 -58.98 39.67 -26.19
CA TYR H 192 -58.99 38.73 -27.28
C TYR H 192 -57.59 38.26 -27.77
N GLU H 193 -56.54 38.80 -27.15
CA GLU H 193 -55.19 38.50 -27.54
C GLU H 193 -54.49 37.51 -26.60
N ILE H 194 -55.21 36.85 -25.69
CA ILE H 194 -54.62 36.01 -24.70
C ILE H 194 -54.58 34.56 -25.16
N VAL H 195 -55.73 34.01 -25.48
CA VAL H 195 -55.83 32.59 -25.78
C VAL H 195 -55.44 32.23 -27.21
N SER H 196 -55.94 33.01 -28.15
CA SER H 196 -55.66 32.84 -29.55
C SER H 196 -55.57 34.23 -30.19
N ASN H 197 -54.37 34.65 -30.46
CA ASN H 197 -54.10 36.00 -30.89
C ASN H 197 -54.18 36.05 -32.41
N LYS H 198 -55.27 36.62 -32.93
CA LYS H 198 -55.47 36.71 -34.39
C LYS H 198 -54.63 37.79 -35.06
N ARG H 199 -54.14 38.75 -34.32
CA ARG H 199 -53.31 39.81 -34.90
C ARG H 199 -51.91 39.27 -35.20
N ASN H 200 -51.29 38.56 -34.28
CA ASN H 200 -49.90 38.12 -34.50
C ASN H 200 -49.50 36.73 -34.04
N GLY H 201 -50.40 35.96 -33.44
CA GLY H 201 -50.12 34.63 -32.96
C GLY H 201 -49.37 34.54 -31.64
N ILE H 202 -49.08 35.66 -30.97
CA ILE H 202 -48.38 35.59 -29.72
C ILE H 202 -49.41 35.38 -28.62
N ASP H 203 -49.59 34.10 -28.25
CA ASP H 203 -50.62 33.71 -27.32
C ASP H 203 -50.14 32.61 -26.35
N VAL H 204 -50.92 32.43 -25.30
CA VAL H 204 -50.55 31.55 -24.22
C VAL H 204 -50.68 30.09 -24.62
N ASP H 205 -51.44 29.80 -25.71
CA ASP H 205 -51.50 28.46 -26.23
C ASP H 205 -50.12 27.98 -26.65
N LYS H 206 -49.43 28.81 -27.42
CA LYS H 206 -48.06 28.52 -27.83
C LYS H 206 -47.15 28.34 -26.62
N TRP H 207 -47.31 29.19 -25.62
CA TRP H 207 -46.39 29.10 -24.49
C TRP H 207 -46.55 27.80 -23.74
N ASP H 208 -47.79 27.34 -23.59
CA ASP H 208 -47.96 26.04 -22.95
C ASP H 208 -47.38 24.92 -23.80
N TYR H 209 -47.68 24.86 -25.10
CA TYR H 209 -47.25 23.72 -25.87
C TYR H 209 -45.73 23.71 -26.08
N PHE H 210 -45.10 24.88 -26.21
CA PHE H 210 -43.62 24.90 -26.23
C PHE H 210 -43.05 24.17 -25.01
N ALA H 211 -43.51 24.59 -23.85
CA ALA H 211 -42.95 24.09 -22.61
C ALA H 211 -43.30 22.61 -22.39
N ARG H 212 -44.56 22.27 -22.67
CA ARG H 212 -45.02 20.91 -22.39
C ARG H 212 -44.45 19.92 -23.43
N ASP H 213 -44.53 20.27 -24.71
CA ASP H 213 -43.99 19.39 -25.70
C ASP H 213 -42.48 19.16 -25.47
N CYS H 214 -41.73 20.20 -25.19
CA CYS H 214 -40.32 20.06 -24.94
C CYS H 214 -40.00 19.12 -23.75
N HIS H 215 -40.70 19.31 -22.67
CA HIS H 215 -40.52 18.47 -21.47
C HIS H 215 -40.71 16.97 -21.82
N HIS H 216 -41.67 16.68 -22.69
CA HIS H 216 -41.98 15.31 -23.06
C HIS H 216 -41.16 14.77 -24.22
N LEU H 217 -40.81 15.62 -25.17
CA LEU H 217 -40.06 15.21 -26.31
C LEU H 217 -38.62 14.90 -25.96
N GLY H 218 -38.05 15.59 -24.98
CA GLY H 218 -36.60 15.53 -24.72
C GLY H 218 -35.82 16.48 -25.59
N ILE H 219 -36.41 17.61 -25.88
CA ILE H 219 -35.79 18.73 -26.57
C ILE H 219 -36.06 19.93 -25.73
N GLN H 220 -35.11 20.84 -25.60
CA GLN H 220 -35.26 21.83 -24.56
C GLN H 220 -35.85 23.16 -25.11
N ASN H 221 -36.71 23.71 -24.25
CA ASN H 221 -37.39 24.95 -24.67
C ASN H 221 -36.48 26.23 -24.51
N ASN H 222 -36.18 27.05 -25.52
CA ASN H 222 -35.53 28.36 -25.18
C ASN H 222 -36.35 29.69 -25.09
N PHE H 223 -37.66 29.62 -25.12
CA PHE H 223 -38.48 30.80 -24.97
C PHE H 223 -38.94 30.93 -23.49
N ASP H 224 -38.78 32.12 -22.94
CA ASP H 224 -39.19 32.42 -21.58
C ASP H 224 -40.49 33.26 -21.53
N TYR H 225 -41.58 32.57 -21.36
CA TYR H 225 -42.91 33.15 -21.38
C TYR H 225 -43.09 34.04 -20.13
N LYS H 226 -42.52 33.61 -19.01
CA LYS H 226 -42.67 34.41 -17.80
C LYS H 226 -42.03 35.76 -17.92
N ARG H 227 -40.89 35.81 -18.60
CA ARG H 227 -40.30 37.09 -18.88
C ARG H 227 -41.22 37.96 -19.74
N PHE H 228 -41.80 37.37 -20.76
CA PHE H 228 -42.73 38.14 -21.59
C PHE H 228 -43.88 38.73 -20.78
N ILE H 229 -44.44 37.94 -19.87
CA ILE H 229 -45.56 38.41 -19.04
C ILE H 229 -45.14 39.56 -18.18
N LYS H 230 -43.96 39.50 -17.57
CA LYS H 230 -43.50 40.63 -16.79
C LYS H 230 -43.41 41.92 -17.54
N PHE H 231 -43.05 41.88 -18.82
CA PHE H 231 -42.85 43.09 -19.58
C PHE H 231 -44.10 43.48 -20.43
N ALA H 232 -45.22 42.80 -20.28
CA ALA H 232 -46.35 43.07 -21.14
C ALA H 232 -47.17 44.22 -20.50
N ARG H 233 -47.65 45.13 -21.33
CA ARG H 233 -48.55 46.22 -20.93
C ARG H 233 -49.63 46.40 -21.96
N VAL H 234 -50.72 47.02 -21.57
CA VAL H 234 -51.74 47.43 -22.54
C VAL H 234 -51.55 48.91 -22.86
N CYS H 235 -51.53 49.24 -24.13
CA CYS H 235 -51.45 50.61 -24.64
C CYS H 235 -52.46 50.81 -25.77
N GLU H 236 -52.83 52.07 -25.99
CA GLU H 236 -53.70 52.42 -27.08
C GLU H 236 -52.96 52.37 -28.42
N VAL H 237 -53.50 51.61 -29.37
CA VAL H 237 -52.95 51.51 -30.75
C VAL H 237 -54.14 51.65 -31.70
N ASP H 238 -54.09 52.66 -32.59
CA ASP H 238 -55.22 53.01 -33.52
C ASP H 238 -56.59 52.90 -32.87
N ASN H 239 -56.80 53.51 -31.71
CA ASN H 239 -58.12 53.49 -30.99
C ASN H 239 -58.63 52.18 -30.38
N GLU H 240 -57.77 51.17 -30.28
CA GLU H 240 -58.07 49.93 -29.49
C GLU H 240 -57.01 49.80 -28.40
N LEU H 241 -57.42 49.34 -27.23
CA LEU H 241 -56.48 48.92 -26.21
C LEU H 241 -55.88 47.52 -26.52
N ARG H 242 -54.58 47.44 -26.80
CA ARG H 242 -53.87 46.17 -27.15
C ARG H 242 -52.67 45.84 -26.25
N ILE H 243 -52.30 44.56 -26.25
CA ILE H 243 -51.15 44.12 -25.50
C ILE H 243 -49.91 44.54 -26.28
N CYS H 244 -49.02 45.24 -25.59
CA CYS H 244 -47.71 45.60 -26.12
C CYS H 244 -46.58 45.02 -25.29
N ALA H 245 -45.46 44.81 -25.91
CA ALA H 245 -44.26 44.28 -25.28
C ALA H 245 -43.23 45.40 -25.12
N ARG H 246 -42.33 45.30 -24.14
CA ARG H 246 -41.21 46.23 -24.07
C ARG H 246 -40.38 46.14 -25.35
N ASP H 247 -39.91 47.29 -25.82
CA ASP H 247 -39.06 47.37 -26.98
C ASP H 247 -37.91 46.33 -27.02
N LYS H 248 -37.19 46.19 -25.92
CA LYS H 248 -36.02 45.35 -25.89
C LYS H 248 -36.37 43.84 -25.93
N GLU H 249 -37.62 43.43 -25.76
CA GLU H 249 -38.06 42.08 -26.01
C GLU H 249 -38.19 41.69 -27.49
N VAL H 250 -37.97 42.61 -28.43
CA VAL H 250 -38.23 42.29 -29.84
C VAL H 250 -37.42 41.05 -30.34
N GLY H 251 -36.17 40.98 -29.94
CA GLY H 251 -35.31 39.84 -30.24
C GLY H 251 -35.86 38.53 -29.73
N ASN H 252 -36.42 38.54 -28.52
CA ASN H 252 -37.02 37.38 -27.92
C ASN H 252 -38.26 36.93 -28.70
N LEU H 253 -39.01 37.86 -29.28
CA LEU H 253 -40.16 37.48 -30.09
C LEU H 253 -39.80 36.87 -31.42
N TYR H 254 -38.78 37.39 -32.08
CA TYR H 254 -38.24 36.71 -33.24
C TYR H 254 -37.80 35.30 -32.85
N ASP H 255 -37.12 35.18 -31.72
CA ASP H 255 -36.72 33.84 -31.23
C ASP H 255 -37.89 32.93 -30.95
N MET H 256 -38.98 33.48 -30.44
CA MET H 256 -40.17 32.68 -30.22
C MET H 256 -40.65 31.96 -31.49
N PHE H 257 -40.74 32.71 -32.59
CA PHE H 257 -41.23 32.11 -33.85
C PHE H 257 -40.16 31.17 -34.44
N HIS H 258 -38.88 31.49 -34.20
CA HIS H 258 -37.82 30.60 -34.60
C HIS H 258 -37.92 29.26 -33.87
N THR H 259 -38.21 29.30 -32.57
CA THR H 259 -38.46 28.10 -31.80
C THR H 259 -39.65 27.30 -32.33
N ARG H 260 -40.72 28.00 -32.63
CA ARG H 260 -41.88 27.31 -33.19
C ARG H 260 -41.48 26.54 -34.45
N ASN H 261 -40.77 27.19 -35.35
CA ASN H 261 -40.36 26.60 -36.61
C ASN H 261 -39.43 25.41 -36.37
N SER H 262 -38.56 25.57 -35.40
CA SER H 262 -37.63 24.54 -35.03
C SER H 262 -38.31 23.29 -34.40
N LEU H 263 -39.33 23.50 -33.61
CA LEU H 263 -40.13 22.38 -33.11
C LEU H 263 -40.93 21.66 -34.21
N HIS H 264 -41.45 22.42 -35.18
CA HIS H 264 -42.04 21.76 -36.35
C HIS H 264 -41.01 20.94 -37.14
N ARG H 265 -39.80 21.47 -37.34
CA ARG H 265 -38.77 20.72 -38.08
C ARG H 265 -38.29 19.47 -37.34
N ARG H 266 -38.05 19.58 -36.04
CA ARG H 266 -37.48 18.48 -35.32
C ARG H 266 -38.50 17.45 -34.94
N ALA H 267 -39.72 17.87 -34.63
CA ALA H 267 -40.67 16.97 -34.02
C ALA H 267 -42.00 16.86 -34.73
N TYR H 268 -42.74 17.96 -34.80
CA TYR H 268 -44.10 17.86 -35.26
C TYR H 268 -44.20 17.40 -36.74
N GLN H 269 -43.28 17.83 -37.59
CA GLN H 269 -43.24 17.38 -38.97
C GLN H 269 -42.14 16.34 -39.22
N HIS H 270 -41.74 15.60 -38.20
CA HIS H 270 -40.79 14.55 -38.39
C HIS H 270 -41.37 13.62 -39.46
N LYS H 271 -40.54 13.25 -40.42
CA LYS H 271 -41.01 12.52 -41.60
C LYS H 271 -41.68 11.18 -41.26
N VAL H 272 -41.24 10.51 -40.20
CA VAL H 272 -41.86 9.27 -39.83
C VAL H 272 -43.09 9.52 -38.97
N GLY H 273 -43.06 10.50 -38.09
CA GLY H 273 -44.30 10.88 -37.39
C GLY H 273 -45.41 11.18 -38.38
N ASN H 274 -45.09 11.94 -39.40
CA ASN H 274 -46.08 12.23 -40.42
C ASN H 274 -46.59 11.00 -41.22
N ILE H 275 -45.71 10.06 -41.53
CA ILE H 275 -46.15 8.91 -42.29
C ILE H 275 -47.00 8.02 -41.43
N ILE H 276 -46.74 7.99 -40.13
CA ILE H 276 -47.62 7.24 -39.26
C ILE H 276 -49.02 7.88 -39.19
N ASP H 277 -49.08 9.21 -39.06
CA ASP H 277 -50.34 9.95 -39.14
C ASP H 277 -51.08 9.64 -40.48
N THR H 278 -50.31 9.57 -41.58
CA THR H 278 -50.85 9.26 -42.89
C THR H 278 -51.42 7.82 -42.93
N MET H 279 -50.68 6.88 -42.37
CA MET H 279 -51.15 5.50 -42.31
C MET H 279 -52.41 5.34 -41.45
N ILE H 280 -52.43 6.01 -40.31
CA ILE H 280 -53.61 5.96 -39.46
C ILE H 280 -54.80 6.56 -40.20
N THR H 281 -54.58 7.67 -40.87
CA THR H 281 -55.62 8.32 -41.70
C THR H 281 -56.17 7.35 -42.75
N ASP H 282 -55.27 6.68 -43.42
CA ASP H 282 -55.63 5.65 -44.38
C ASP H 282 -56.52 4.53 -43.79
N ALA H 283 -56.11 4.02 -42.64
CA ALA H 283 -56.89 3.04 -41.92
C ALA H 283 -58.27 3.58 -41.54
N PHE H 284 -58.31 4.84 -41.08
CA PHE H 284 -59.60 5.44 -40.75
C PHE H 284 -60.49 5.57 -42.00
N LEU H 285 -59.94 5.99 -43.12
CA LEU H 285 -60.70 6.05 -44.39
C LEU H 285 -61.26 4.65 -44.79
N LYS H 286 -60.49 3.60 -44.58
CA LYS H 286 -60.95 2.25 -44.83
C LYS H 286 -61.92 1.73 -43.84
N ALA H 287 -61.95 2.29 -42.61
CA ALA H 287 -62.89 1.83 -41.61
C ALA H 287 -64.19 2.63 -41.59
N ASP H 288 -64.18 3.78 -42.25
CA ASP H 288 -65.22 4.77 -42.11
C ASP H 288 -66.63 4.29 -42.46
N ASP H 289 -66.75 3.45 -43.48
CA ASP H 289 -68.05 2.89 -43.90
C ASP H 289 -68.62 1.92 -42.85
N TYR H 290 -67.81 1.38 -41.95
CA TYR H 290 -68.25 0.27 -41.11
C TYR H 290 -68.35 0.56 -39.63
N ILE H 291 -67.78 1.67 -39.16
CA ILE H 291 -67.84 1.94 -37.73
C ILE H 291 -69.02 2.84 -37.45
N GLU H 292 -69.73 2.51 -36.37
CA GLU H 292 -70.96 3.18 -35.99
C GLU H 292 -70.71 3.83 -34.66
N ILE H 293 -70.99 5.10 -34.56
CA ILE H 293 -70.87 5.80 -33.31
C ILE H 293 -72.22 6.41 -33.03
N THR H 294 -72.73 6.14 -31.85
CA THR H 294 -74.07 6.60 -31.47
C THR H 294 -74.06 8.03 -30.97
N GLY H 295 -74.89 8.88 -31.56
CA GLY H 295 -75.07 10.27 -31.20
C GLY H 295 -76.44 10.52 -30.62
N ALA H 296 -76.92 11.74 -30.78
CA ALA H 296 -78.17 12.22 -30.17
C ALA H 296 -79.35 11.49 -30.78
N GLY H 297 -80.30 11.15 -29.91
CA GLY H 297 -81.51 10.42 -30.24
C GLY H 297 -81.20 9.04 -30.81
N GLY H 298 -80.07 8.44 -30.43
CA GLY H 298 -79.65 7.16 -30.99
C GLY H 298 -79.19 7.09 -32.46
N LYS H 299 -79.22 8.21 -33.23
CA LYS H 299 -78.70 8.24 -34.61
C LYS H 299 -77.24 7.77 -34.71
N LYS H 300 -76.92 7.19 -35.86
CA LYS H 300 -75.64 6.58 -36.09
C LYS H 300 -74.79 7.45 -36.96
N TYR H 301 -73.56 7.67 -36.51
CA TYR H 301 -72.60 8.48 -37.23
C TYR H 301 -71.42 7.63 -37.58
N ARG H 302 -70.68 8.12 -38.54
CA ARG H 302 -69.40 7.53 -38.91
C ARG H 302 -68.27 8.41 -38.27
N ILE H 303 -67.05 7.93 -38.39
CA ILE H 303 -65.89 8.68 -37.95
C ILE H 303 -65.87 10.07 -38.60
N SER H 304 -66.14 10.13 -39.90
CA SER H 304 -66.14 11.34 -40.65
C SER H 304 -67.37 12.19 -40.41
N THR H 305 -68.45 11.65 -39.87
CA THR H 305 -69.64 12.47 -39.64
C THR H 305 -69.88 12.80 -38.19
N ALA H 306 -69.14 12.18 -37.28
CA ALA H 306 -69.26 12.52 -35.86
C ALA H 306 -69.01 13.98 -35.56
N ILE H 307 -68.28 14.70 -36.41
CA ILE H 307 -68.15 16.14 -36.26
C ILE H 307 -69.46 16.94 -36.38
N ASP H 308 -70.52 16.29 -36.82
CA ASP H 308 -71.83 16.95 -36.99
C ASP H 308 -72.72 16.80 -35.78
N ASP H 309 -72.34 15.97 -34.81
CA ASP H 309 -73.15 15.73 -33.64
C ASP H 309 -72.24 15.55 -32.41
N MET H 310 -72.28 16.52 -31.51
CA MET H 310 -71.34 16.56 -30.41
C MET H 310 -71.47 15.43 -29.43
N GLU H 311 -72.65 14.83 -29.34
CA GLU H 311 -72.81 13.66 -28.50
C GLU H 311 -72.03 12.45 -29.05
N ALA H 312 -72.07 12.28 -30.36
CA ALA H 312 -71.23 11.28 -31.00
C ALA H 312 -69.74 11.62 -30.88
N TYR H 313 -69.40 12.87 -31.15
CA TYR H 313 -68.02 13.29 -31.19
C TYR H 313 -67.36 13.12 -29.82
N THR H 314 -68.14 13.27 -28.77
CA THR H 314 -67.70 13.05 -27.41
C THR H 314 -67.06 11.70 -27.23
N LYS H 315 -67.52 10.70 -27.97
CA LYS H 315 -67.05 9.33 -27.88
C LYS H 315 -66.04 8.97 -28.93
N LEU H 316 -65.55 9.93 -29.68
CA LEU H 316 -64.56 9.68 -30.72
C LEU H 316 -63.16 10.19 -30.25
N THR H 317 -62.29 9.27 -29.89
CA THR H 317 -60.99 9.56 -29.33
C THR H 317 -59.96 8.61 -29.95
N ASP H 318 -58.74 8.65 -29.46
CA ASP H 318 -57.70 7.72 -29.96
C ASP H 318 -58.07 6.26 -29.81
N ASN H 319 -58.97 5.96 -28.88
CA ASN H 319 -59.53 4.61 -28.73
C ASN H 319 -59.97 3.97 -30.06
N ILE H 320 -60.41 4.75 -31.01
CA ILE H 320 -60.86 4.22 -32.29
C ILE H 320 -59.75 3.42 -32.97
N PHE H 321 -58.49 3.84 -32.80
CA PHE H 321 -57.32 3.10 -33.30
C PHE H 321 -57.35 1.68 -32.78
N LEU H 322 -57.49 1.52 -31.49
CA LEU H 322 -57.49 0.23 -30.87
C LEU H 322 -58.77 -0.58 -31.16
N GLU H 323 -59.92 0.07 -31.26
CA GLU H 323 -61.15 -0.57 -31.68
C GLU H 323 -60.95 -1.21 -33.08
N ILE H 324 -60.32 -0.50 -34.00
CA ILE H 324 -60.00 -1.09 -35.28
C ILE H 324 -58.93 -2.20 -35.15
N LEU H 325 -57.86 -1.94 -34.42
CA LEU H 325 -56.76 -2.89 -34.33
C LEU H 325 -57.22 -4.24 -33.73
N TYR H 326 -58.09 -4.21 -32.73
CA TYR H 326 -58.52 -5.39 -32.03
C TYR H 326 -59.79 -5.99 -32.64
N SER H 327 -60.33 -5.42 -33.71
CA SER H 327 -61.56 -5.94 -34.28
C SER H 327 -61.34 -7.32 -34.91
N THR H 328 -62.45 -8.04 -35.07
CA THR H 328 -62.47 -9.31 -35.83
C THR H 328 -63.39 -9.29 -37.05
N ASP H 329 -64.29 -8.32 -37.10
CA ASP H 329 -65.16 -8.11 -38.25
C ASP H 329 -64.37 -8.16 -39.57
N PRO H 330 -64.76 -9.06 -40.52
CA PRO H 330 -64.06 -9.09 -41.82
C PRO H 330 -64.13 -7.82 -42.61
N LYS H 331 -65.15 -7.04 -42.40
CA LYS H 331 -65.24 -5.73 -43.07
C LYS H 331 -64.14 -4.72 -42.70
N LEU H 332 -63.60 -4.85 -41.50
CA LEU H 332 -62.50 -3.99 -41.04
C LEU H 332 -61.15 -4.57 -41.33
N LYS H 333 -61.08 -5.68 -42.06
CA LYS H 333 -59.82 -6.30 -42.39
C LYS H 333 -58.81 -5.36 -43.04
N ASP H 334 -59.23 -4.58 -44.04
CA ASP H 334 -58.25 -3.72 -44.68
C ASP H 334 -57.66 -2.63 -43.74
N ALA H 335 -58.54 -2.01 -42.97
CA ALA H 335 -58.16 -0.99 -42.02
C ALA H 335 -57.22 -1.59 -40.95
N ARG H 336 -57.61 -2.74 -40.42
CA ARG H 336 -56.86 -3.44 -39.42
C ARG H 336 -55.47 -3.83 -39.90
N GLU H 337 -55.33 -4.22 -41.16
CA GLU H 337 -54.03 -4.60 -41.69
C GLU H 337 -53.07 -3.40 -41.78
N ILE H 338 -53.60 -2.22 -42.08
CA ILE H 338 -52.75 -1.03 -42.07
C ILE H 338 -52.21 -0.75 -40.65
N LEU H 339 -53.08 -0.87 -39.66
CA LEU H 339 -52.64 -0.66 -38.26
C LEU H 339 -51.67 -1.74 -37.81
N LYS H 340 -51.88 -2.97 -38.25
CA LYS H 340 -50.87 -4.05 -38.01
C LYS H 340 -49.50 -3.72 -38.62
N GLN H 341 -49.51 -3.13 -39.77
CA GLN H 341 -48.27 -2.72 -40.37
C GLN H 341 -47.52 -1.66 -39.50
N ILE H 342 -48.27 -0.73 -38.89
CA ILE H 342 -47.69 0.21 -37.96
C ILE H 342 -47.00 -0.51 -36.80
N GLU H 343 -47.69 -1.48 -36.21
CA GLU H 343 -47.13 -2.14 -35.04
C GLU H 343 -45.89 -2.99 -35.33
N TYR H 344 -45.80 -3.57 -36.53
CA TYR H 344 -44.59 -4.32 -36.95
C TYR H 344 -43.54 -3.39 -37.52
N ARG H 345 -43.84 -2.10 -37.61
CA ARG H 345 -42.98 -1.12 -38.25
C ARG H 345 -42.70 -1.41 -39.73
N ASN H 346 -43.68 -1.93 -40.44
CA ASN H 346 -43.61 -2.03 -41.91
C ASN H 346 -44.28 -0.78 -42.49
N LEU H 347 -43.59 0.34 -42.35
CA LEU H 347 -44.13 1.64 -42.70
C LEU H 347 -43.86 1.92 -44.17
N PHE H 348 -44.69 2.76 -44.76
CA PHE H 348 -44.35 3.33 -46.08
C PHE H 348 -42.94 3.99 -45.92
N LYS H 349 -42.09 3.87 -46.93
CA LYS H 349 -40.72 4.30 -46.82
C LYS H 349 -40.47 5.70 -47.33
N TYR H 350 -39.78 6.47 -46.52
CA TYR H 350 -39.34 7.79 -46.91
C TYR H 350 -38.31 7.74 -48.07
N VAL H 351 -38.56 8.49 -49.11
CA VAL H 351 -37.70 8.59 -50.26
C VAL H 351 -36.88 9.86 -50.21
N GLY H 352 -37.49 10.98 -49.88
CA GLY H 352 -36.75 12.24 -49.73
C GLY H 352 -37.59 13.47 -49.61
N GLU H 353 -36.90 14.60 -49.55
CA GLU H 353 -37.50 15.89 -49.31
C GLU H 353 -36.94 16.88 -50.32
N THR H 354 -37.79 17.81 -50.76
CA THR H 354 -37.37 18.90 -51.63
C THR H 354 -38.27 20.09 -51.36
N GLN H 355 -37.95 21.23 -51.99
CA GLN H 355 -38.75 22.46 -51.89
C GLN H 355 -38.92 23.11 -53.24
N PRO H 356 -40.03 23.83 -53.45
CA PRO H 356 -40.12 24.65 -54.65
C PRO H 356 -39.09 25.76 -54.63
N THR H 357 -38.84 26.32 -55.80
CA THR H 357 -37.82 27.33 -56.02
C THR H 357 -38.54 28.56 -56.54
N GLY H 358 -37.90 29.71 -56.38
CA GLY H 358 -38.43 30.95 -56.92
C GLY H 358 -39.70 31.36 -56.21
N GLN H 359 -40.71 31.75 -56.98
CA GLN H 359 -41.93 32.28 -56.42
C GLN H 359 -43.00 31.15 -56.42
N ILE H 360 -42.62 29.93 -56.81
CA ILE H 360 -43.57 28.85 -57.05
C ILE H 360 -44.22 28.40 -55.72
N LYS H 361 -45.55 28.29 -55.74
CA LYS H 361 -46.33 27.80 -54.64
C LYS H 361 -47.18 26.65 -55.11
N ILE H 362 -47.13 25.53 -54.43
CA ILE H 362 -47.98 24.42 -54.73
C ILE H 362 -49.30 24.62 -54.01
N LYS H 363 -50.40 24.62 -54.75
CA LYS H 363 -51.71 24.98 -54.21
C LYS H 363 -52.37 23.73 -53.75
N ARG H 364 -53.22 23.82 -52.73
CA ARG H 364 -53.93 22.67 -52.19
C ARG H 364 -54.71 21.83 -53.26
N GLU H 365 -55.29 22.50 -54.27
CA GLU H 365 -56.02 21.85 -55.40
C GLU H 365 -55.12 20.88 -56.18
N ASP H 366 -53.82 21.13 -56.19
CA ASP H 366 -52.85 20.32 -56.95
C ASP H 366 -52.26 19.14 -56.18
N TYR H 367 -52.49 19.04 -54.86
CA TYR H 367 -51.85 17.98 -54.06
C TYR H 367 -52.15 16.60 -54.61
N GLU H 368 -53.42 16.33 -54.89
CA GLU H 368 -53.84 15.04 -55.41
C GLU H 368 -53.13 14.61 -56.70
N SER H 369 -52.75 15.55 -57.54
CA SER H 369 -52.11 15.20 -58.82
C SER H 369 -50.61 14.85 -58.72
N LEU H 370 -49.97 15.10 -57.57
CA LEU H 370 -48.49 14.99 -57.46
C LEU H 370 -47.93 13.57 -57.50
N PRO H 371 -48.59 12.59 -56.87
CA PRO H 371 -48.09 11.22 -57.03
C PRO H 371 -48.05 10.79 -58.53
N LYS H 372 -49.07 11.20 -59.30
CA LYS H 372 -49.08 10.94 -60.72
C LYS H 372 -47.91 11.58 -61.42
N GLU H 373 -47.58 12.83 -61.07
CA GLU H 373 -46.40 13.46 -61.68
C GLU H 373 -45.10 12.72 -61.36
N VAL H 374 -44.94 12.27 -60.12
CA VAL H 374 -43.71 11.57 -59.75
C VAL H 374 -43.59 10.28 -60.58
N ALA H 375 -44.70 9.54 -60.70
CA ALA H 375 -44.71 8.28 -61.45
C ALA H 375 -44.53 8.46 -62.97
N SER H 376 -44.89 9.64 -63.48
CA SER H 376 -44.70 10.02 -64.88
C SER H 376 -43.33 10.56 -65.21
N ALA H 377 -42.49 10.78 -64.22
CA ALA H 377 -41.14 11.20 -64.55
C ALA H 377 -40.42 10.07 -65.33
N LYS H 378 -39.49 10.46 -66.18
CA LYS H 378 -38.80 9.49 -67.05
C LYS H 378 -37.33 9.55 -66.77
N PRO H 379 -36.88 8.99 -65.64
CA PRO H 379 -35.44 8.98 -65.32
C PRO H 379 -34.70 8.20 -66.39
N LYS H 380 -33.61 8.75 -66.93
CA LYS H 380 -32.87 8.09 -68.04
C LYS H 380 -31.87 7.14 -67.39
N VAL H 381 -32.39 6.04 -66.86
CA VAL H 381 -31.66 5.10 -66.02
C VAL H 381 -32.36 3.78 -66.23
N LEU H 382 -31.61 2.67 -66.21
CA LEU H 382 -32.21 1.36 -66.34
C LEU H 382 -32.89 0.97 -65.02
N LEU H 383 -34.17 0.60 -65.09
CA LEU H 383 -34.97 0.23 -63.92
C LEU H 383 -35.61 -1.14 -64.09
N ASP H 384 -35.50 -1.99 -63.06
CA ASP H 384 -36.22 -3.29 -63.02
C ASP H 384 -37.71 -3.19 -62.83
N VAL H 385 -38.14 -2.26 -61.98
CA VAL H 385 -39.57 -2.10 -61.60
C VAL H 385 -40.07 -0.78 -62.20
N LYS H 386 -41.27 -0.79 -62.79
CA LYS H 386 -42.03 0.45 -63.09
C LYS H 386 -42.97 0.67 -61.88
N LEU H 387 -43.10 1.91 -61.41
CA LEU H 387 -44.00 2.19 -60.27
C LEU H 387 -45.18 2.99 -60.78
N LYS H 388 -46.35 2.83 -60.16
CA LYS H 388 -47.59 3.50 -60.57
C LYS H 388 -47.82 4.70 -59.60
N ALA H 389 -48.71 5.61 -59.95
CA ALA H 389 -49.09 6.73 -59.07
C ALA H 389 -49.50 6.31 -57.63
N GLU H 390 -50.28 5.21 -57.53
CA GLU H 390 -50.82 4.60 -56.30
C GLU H 390 -49.68 4.24 -55.31
N ASP H 391 -48.47 4.06 -55.83
CA ASP H 391 -47.32 3.68 -55.04
C ASP H 391 -46.62 4.85 -54.31
N PHE H 392 -46.90 6.09 -54.69
CA PHE H 392 -46.24 7.23 -54.09
C PHE H 392 -47.18 8.00 -53.18
N ILE H 393 -46.64 8.49 -52.07
CA ILE H 393 -47.29 9.52 -51.27
C ILE H 393 -46.44 10.78 -51.35
N VAL H 394 -47.11 11.89 -51.59
CA VAL H 394 -46.49 13.18 -51.67
C VAL H 394 -47.15 14.08 -50.62
N ASP H 395 -46.38 14.48 -49.63
CA ASP H 395 -46.91 15.22 -48.50
C ASP H 395 -46.31 16.62 -48.60
N VAL H 396 -47.15 17.61 -48.73
CA VAL H 396 -46.75 18.96 -48.84
C VAL H 396 -47.01 19.67 -47.52
N ILE H 397 -46.00 20.28 -46.95
CA ILE H 397 -46.14 20.97 -45.68
C ILE H 397 -45.83 22.45 -45.80
N ASN H 398 -46.77 23.25 -45.36
CA ASN H 398 -46.61 24.74 -45.32
C ASN H 398 -45.97 25.16 -44.02
N MET H 399 -44.71 25.56 -44.04
CA MET H 399 -43.96 26.03 -42.87
C MET H 399 -43.94 27.57 -42.92
N ASP H 400 -44.43 28.20 -41.87
CA ASP H 400 -44.38 29.65 -41.77
C ASP H 400 -44.29 30.17 -40.33
N TYR H 401 -44.33 31.47 -40.15
CA TYR H 401 -44.31 32.13 -38.84
C TYR H 401 -45.75 32.49 -38.43
N GLY H 402 -46.71 31.72 -38.89
CA GLY H 402 -48.11 31.79 -38.49
C GLY H 402 -49.01 32.73 -39.23
N MET H 403 -48.49 33.49 -40.20
CA MET H 403 -49.29 34.47 -40.95
C MET H 403 -48.89 34.46 -42.42
N GLN H 404 -48.81 33.27 -43.00
CA GLN H 404 -48.46 33.03 -44.40
C GLN H 404 -47.14 33.74 -44.65
N GLU H 405 -47.08 34.65 -45.62
CA GLU H 405 -45.84 35.33 -45.97
C GLU H 405 -45.43 36.47 -45.07
N LYS H 406 -46.32 36.89 -44.18
CA LYS H 406 -46.06 38.04 -43.34
C LYS H 406 -45.16 37.74 -42.13
N ASN H 407 -44.39 38.76 -41.77
CA ASN H 407 -43.63 38.86 -40.56
C ASN H 407 -44.57 39.23 -39.43
N PRO H 408 -44.80 38.30 -38.49
CA PRO H 408 -45.72 38.64 -37.41
C PRO H 408 -45.23 39.77 -36.50
N ILE H 409 -43.92 39.99 -36.44
CA ILE H 409 -43.38 41.06 -35.65
C ILE H 409 -43.79 42.44 -36.21
N ASP H 410 -44.12 42.52 -37.50
CA ASP H 410 -44.72 43.76 -38.04
C ASP H 410 -46.11 44.01 -37.49
N HIS H 411 -46.75 43.03 -36.84
CA HIS H 411 -48.05 43.20 -36.23
C HIS H 411 -48.03 43.16 -34.72
N VAL H 412 -46.89 43.52 -34.14
CA VAL H 412 -46.74 43.66 -32.70
C VAL H 412 -46.50 45.11 -32.41
N SER H 413 -47.00 45.56 -31.29
CA SER H 413 -46.69 46.89 -30.77
C SER H 413 -45.80 46.80 -29.53
N PHE H 414 -44.94 47.80 -29.37
CA PHE H 414 -43.96 47.91 -28.33
C PHE H 414 -44.05 49.21 -27.57
N TYR H 415 -43.47 49.26 -26.39
CA TYR H 415 -43.33 50.48 -25.66
C TYR H 415 -41.93 50.62 -25.13
N CYS H 416 -41.53 51.86 -24.83
CA CYS H 416 -40.21 52.21 -24.26
C CYS H 416 -40.34 52.57 -22.83
N LYS H 417 -39.26 52.38 -22.09
CA LYS H 417 -39.22 52.59 -20.65
C LYS H 417 -39.54 54.08 -20.29
N THR H 418 -39.09 55.02 -21.14
CA THR H 418 -39.31 56.44 -20.84
C THR H 418 -40.72 56.96 -21.21
N ALA H 419 -41.52 56.21 -21.98
CA ALA H 419 -42.93 56.55 -22.25
C ALA H 419 -43.79 55.28 -22.34
N PRO H 420 -44.09 54.69 -21.18
CA PRO H 420 -44.72 53.38 -21.21
C PRO H 420 -46.16 53.30 -21.75
N ASN H 421 -46.86 54.45 -21.93
CA ASN H 421 -48.18 54.41 -22.52
C ASN H 421 -48.20 54.67 -24.00
N ARG H 422 -47.03 54.89 -24.58
CA ARG H 422 -46.92 55.14 -25.98
C ARG H 422 -46.46 53.92 -26.82
N ALA H 423 -47.37 53.40 -27.63
CA ALA H 423 -47.10 52.30 -28.52
C ALA H 423 -46.29 52.69 -29.72
N ILE H 424 -45.35 51.85 -30.14
CA ILE H 424 -44.52 52.08 -31.34
C ILE H 424 -44.34 50.81 -32.12
N ARG H 425 -43.85 50.91 -33.33
CA ARG H 425 -43.55 49.79 -34.22
C ARG H 425 -42.06 49.67 -34.30
N ILE H 426 -41.60 48.45 -34.54
CA ILE H 426 -40.18 48.18 -34.75
C ILE H 426 -40.06 47.30 -35.98
N THR H 427 -39.30 47.73 -36.96
CA THR H 427 -39.13 46.99 -38.21
C THR H 427 -37.98 46.04 -38.06
N LYS H 428 -37.94 45.12 -38.98
CA LYS H 428 -36.92 44.08 -38.98
C LYS H 428 -35.49 44.63 -39.05
N ASN H 429 -35.27 45.61 -39.90
CA ASN H 429 -33.96 46.29 -40.02
C ASN H 429 -33.53 47.05 -38.77
N GLN H 430 -34.47 47.44 -37.92
CA GLN H 430 -34.09 47.99 -36.65
C GLN H 430 -33.62 46.94 -35.65
N VAL H 431 -33.72 45.66 -35.99
CA VAL H 431 -33.35 44.61 -35.04
C VAL H 431 -32.03 43.96 -35.42
N SER H 432 -31.96 43.37 -36.60
CA SER H 432 -30.82 42.52 -36.95
C SER H 432 -30.85 42.13 -38.41
N GLN H 433 -29.67 42.03 -39.00
CA GLN H 433 -29.45 41.54 -40.34
C GLN H 433 -29.34 40.03 -40.37
N LEU H 434 -29.30 39.37 -39.22
CA LEU H 434 -29.22 37.93 -39.19
C LEU H 434 -30.54 37.26 -39.09
N LEU H 435 -31.64 37.96 -39.29
CA LEU H 435 -32.96 37.37 -39.17
C LEU H 435 -33.36 36.72 -40.48
N PRO H 436 -34.41 35.92 -40.51
CA PRO H 436 -34.90 35.41 -41.81
C PRO H 436 -35.25 36.49 -42.84
N GLU H 437 -35.06 36.20 -44.13
CA GLU H 437 -35.45 37.16 -45.18
C GLU H 437 -36.89 36.87 -45.64
N LYS H 438 -37.35 35.64 -45.44
CA LYS H 438 -38.68 35.19 -45.80
C LYS H 438 -39.30 34.49 -44.56
N PHE H 439 -40.62 34.42 -44.55
CA PHE H 439 -41.41 33.90 -43.47
C PHE H 439 -42.32 32.72 -43.80
N ALA H 440 -42.22 32.20 -45.01
CA ALA H 440 -43.07 31.04 -45.45
C ALA H 440 -42.33 30.27 -46.48
N GLU H 441 -42.49 28.96 -46.46
CA GLU H 441 -41.91 28.06 -47.43
C GLU H 441 -42.71 26.77 -47.41
N GLN H 442 -42.46 25.91 -48.38
CA GLN H 442 -43.09 24.61 -48.50
C GLN H 442 -42.06 23.53 -48.50
N LEU H 443 -42.33 22.45 -47.78
CA LEU H 443 -41.55 21.25 -47.83
C LEU H 443 -42.39 20.18 -48.47
N ILE H 444 -41.73 19.39 -49.29
CA ILE H 444 -42.36 18.30 -49.98
C ILE H 444 -41.64 17.02 -49.65
N ARG H 445 -42.34 16.09 -49.03
CA ARG H 445 -41.78 14.80 -48.72
C ARG H 445 -42.46 13.76 -49.61
N VAL H 446 -41.65 12.83 -50.10
CA VAL H 446 -42.13 11.75 -50.92
C VAL H 446 -41.80 10.45 -50.25
N TYR H 447 -42.77 9.56 -50.29
CA TYR H 447 -42.66 8.23 -49.73
C TYR H 447 -43.18 7.21 -50.76
N CYS H 448 -42.74 5.97 -50.59
CA CYS H 448 -43.11 4.89 -51.44
C CYS H 448 -43.79 3.81 -50.60
N LYS H 449 -44.95 3.35 -51.07
CA LYS H 449 -45.65 2.23 -50.42
C LYS H 449 -45.01 0.87 -50.69
N LYS H 450 -44.16 0.73 -51.70
CA LYS H 450 -43.51 -0.53 -51.93
C LYS H 450 -42.13 -0.46 -51.30
N VAL H 451 -41.87 -1.42 -50.42
CA VAL H 451 -40.74 -1.34 -49.48
C VAL H 451 -39.52 -2.17 -49.87
N ASP H 452 -39.66 -3.07 -50.83
CA ASP H 452 -38.52 -3.89 -51.27
C ASP H 452 -37.39 -3.06 -51.86
N ARG H 453 -36.16 -3.58 -51.85
CA ARG H 453 -34.96 -2.87 -52.27
C ARG H 453 -35.02 -2.33 -53.69
N LYS H 454 -35.61 -3.11 -54.61
CA LYS H 454 -35.65 -2.69 -56.00
C LYS H 454 -36.68 -1.57 -56.25
N SER H 455 -37.83 -1.67 -55.64
CA SER H 455 -38.84 -0.60 -55.69
C SER H 455 -38.31 0.73 -55.13
N LEU H 456 -37.53 0.61 -54.06
CA LEU H 456 -37.02 1.76 -53.37
C LEU H 456 -35.93 2.46 -54.19
N TYR H 457 -35.07 1.68 -54.82
CA TYR H 457 -34.10 2.21 -55.77
C TYR H 457 -34.81 2.97 -56.90
N ALA H 458 -35.86 2.36 -57.45
CA ALA H 458 -36.62 2.99 -58.51
C ALA H 458 -37.30 4.29 -58.04
N ALA H 459 -37.95 4.22 -56.88
CA ALA H 459 -38.61 5.40 -56.28
C ALA H 459 -37.65 6.59 -56.14
N ARG H 460 -36.41 6.32 -55.74
CA ARG H 460 -35.42 7.38 -55.67
C ARG H 460 -35.11 8.02 -57.04
N GLN H 461 -35.11 7.21 -58.10
CA GLN H 461 -34.82 7.74 -59.42
C GLN H 461 -35.98 8.58 -59.91
N TYR H 462 -37.22 8.11 -59.75
CA TYR H 462 -38.37 8.90 -60.15
C TYR H 462 -38.41 10.23 -59.38
N PHE H 463 -38.13 10.14 -58.08
CA PHE H 463 -38.20 11.30 -57.21
C PHE H 463 -37.20 12.36 -57.61
N VAL H 464 -35.93 11.97 -57.77
CA VAL H 464 -34.93 12.97 -58.08
C VAL H 464 -35.16 13.55 -59.48
N GLN H 465 -35.61 12.71 -60.42
CA GLN H 465 -35.93 13.19 -61.76
C GLN H 465 -37.08 14.19 -61.71
N TRP H 466 -38.10 13.88 -60.92
CA TRP H 466 -39.22 14.82 -60.73
C TRP H 466 -38.76 16.17 -60.18
N CYS H 467 -37.91 16.14 -59.16
CA CYS H 467 -37.33 17.36 -58.64
C CYS H 467 -36.63 18.17 -59.75
N ALA H 468 -35.77 17.52 -60.53
CA ALA H 468 -35.12 18.16 -61.69
C ALA H 468 -36.14 18.73 -62.68
N ASP H 469 -37.14 17.95 -63.05
CA ASP H 469 -38.16 18.38 -64.00
C ASP H 469 -38.94 19.61 -63.50
N ARG H 470 -39.27 19.68 -62.19
CA ARG H 470 -40.11 20.77 -61.65
C ARG H 470 -39.23 21.95 -61.20
N ASN H 471 -37.93 21.82 -61.32
CA ASN H 471 -37.02 22.86 -60.89
C ASN H 471 -37.09 23.13 -59.36
N PHE H 472 -37.24 22.05 -58.62
CA PHE H 472 -37.20 22.05 -57.18
C PHE H 472 -35.75 21.94 -56.70
N THR H 473 -35.54 22.11 -55.41
CA THR H 473 -34.19 22.08 -54.86
C THR H 473 -33.66 20.65 -54.92
N LYS H 474 -32.37 20.55 -55.01
CA LYS H 474 -31.73 19.27 -55.05
C LYS H 474 -31.89 18.56 -53.70
N PRO H 475 -32.39 17.35 -53.70
CA PRO H 475 -32.42 16.64 -52.41
C PRO H 475 -31.01 16.55 -51.82
N GLN H 476 -30.95 16.63 -50.51
CA GLN H 476 -29.66 16.70 -49.79
C GLN H 476 -28.75 15.52 -50.08
N ASP H 477 -29.34 14.33 -50.21
CA ASP H 477 -28.61 13.12 -50.54
C ASP H 477 -28.68 12.78 -52.05
N GLY H 478 -29.06 13.74 -52.86
CA GLY H 478 -29.31 13.51 -54.29
C GLY H 478 -28.19 12.82 -55.06
N ASP H 479 -26.96 13.26 -54.83
CA ASP H 479 -25.80 12.71 -55.53
C ASP H 479 -25.53 11.25 -55.12
N VAL H 480 -25.98 10.87 -53.93
CA VAL H 480 -25.80 9.52 -53.45
C VAL H 480 -26.93 8.59 -53.87
N ILE H 481 -28.19 9.02 -53.74
CA ILE H 481 -29.30 8.13 -54.07
C ILE H 481 -29.57 8.08 -55.57
N ALA H 482 -29.22 9.14 -56.32
CA ALA H 482 -29.43 9.13 -57.77
C ALA H 482 -28.25 9.73 -58.51
N PRO H 483 -27.05 9.10 -58.40
CA PRO H 483 -25.82 9.62 -59.03
C PRO H 483 -25.90 9.82 -60.56
N LEU H 484 -26.73 9.05 -61.24
CA LEU H 484 -26.86 9.21 -62.68
C LEU H 484 -27.86 10.27 -63.06
N ILE H 485 -28.66 10.79 -62.13
CA ILE H 485 -29.70 11.76 -62.44
C ILE H 485 -29.22 13.18 -62.19
N THR H 486 -28.55 13.41 -61.05
CA THR H 486 -28.18 14.79 -60.65
C THR H 486 -27.23 15.57 -61.59
N PRO H 487 -26.33 14.88 -62.37
CA PRO H 487 -25.53 15.62 -63.36
C PRO H 487 -26.32 16.30 -64.49
N GLN H 488 -27.50 15.78 -64.87
CA GLN H 488 -28.39 16.38 -65.90
C GLN H 488 -28.80 17.84 -65.62
N LYS H 489 -28.72 18.31 -64.38
CA LYS H 489 -29.33 19.57 -63.98
C LYS H 489 -28.23 20.61 -63.72
N LYS H 490 -28.09 21.57 -64.65
CA LYS H 490 -27.02 22.60 -64.64
C LYS H 490 -27.04 23.37 -63.29
N GLU H 491 -28.23 23.81 -62.86
CA GLU H 491 -28.45 24.58 -61.60
C GLU H 491 -28.02 23.87 -60.25
N TRP H 492 -27.65 22.57 -60.31
CA TRP H 492 -27.20 21.78 -59.17
C TRP H 492 -25.69 21.79 -59.47
FE FE I . 34.76 3.54 14.32
MG MG J . 36.23 6.88 14.49
MG MG K . 37.35 5.93 20.40
MG MG L . 14.20 -5.95 0.24
N1 DZ4 M . 46.88 0.97 11.07
C2 DZ4 M . 45.83 0.22 10.71
N3 DZ4 M . 44.59 0.26 11.18
C4 DZ4 M . 44.47 1.17 12.18
C5 DZ4 M . 45.46 2.02 12.64
C6 DZ4 M . 46.72 1.93 12.02
N6 DZ4 M . 47.78 2.66 12.40
N7 DZ4 M . 44.99 2.80 13.68
C8 DZ4 M . 43.77 2.39 13.87
N9 DZ4 M . 43.36 1.44 12.94
PA DZ4 M . 37.92 4.21 14.80
PB DZ4 M . 38.80 5.09 17.49
PG DZ4 M . 40.00 3.99 19.93
C1' DZ4 M . 42.05 0.79 12.91
O1A DZ4 M . 36.88 3.16 14.33
O1B DZ4 M . 37.93 5.96 18.45
O1G DZ4 M . 38.92 4.73 20.66
C2' DZ4 M . 41.76 -0.11 14.11
O2A DZ4 M . 37.93 5.60 14.18
O2B DZ4 M . 39.93 5.76 16.73
O2G DZ4 M . 40.12 2.58 20.32
C3' DZ4 M . 40.23 -0.06 14.16
O3' DZ4 M . 39.59 -0.95 13.22
N3A DZ4 M . 37.88 4.26 16.46
O3B DZ4 M . 39.53 3.97 18.36
O3G DZ4 M . 41.35 4.60 19.77
C4' DZ4 M . 39.98 1.41 13.80
O4' DZ4 M . 41.09 1.81 12.99
C5' DZ4 M . 39.87 2.39 14.95
O5' DZ4 M . 39.40 3.68 14.49
PG GTP N . 12.79 -3.44 -1.21
O1G GTP N . 13.25 -2.06 -0.90
O2G GTP N . 11.51 -3.55 -2.03
O3G GTP N . 12.96 -4.40 0.00
O3B GTP N . 13.92 -3.67 -2.35
PB GTP N . 14.82 -5.00 -2.62
O1B GTP N . 14.41 -6.15 -1.75
O2B GTP N . 15.07 -5.14 -4.04
O3A GTP N . 16.31 -4.37 -2.31
PA GTP N . 16.82 -4.07 -0.82
O1A GTP N . 17.38 -2.66 -0.75
O2A GTP N . 15.79 -4.70 0.08
O5' GTP N . 18.18 -4.90 -0.91
C5' GTP N . 18.34 -6.29 -0.56
C4' GTP N . 19.13 -6.46 0.76
O4' GTP N . 20.50 -5.98 0.64
C3' GTP N . 18.65 -5.72 1.98
O3' GTP N . 17.56 -6.39 2.48
C2' GTP N . 19.82 -5.80 2.94
O2' GTP N . 19.79 -6.86 3.92
C1' GTP N . 20.98 -5.89 2.00
N9 GTP N . 21.78 -4.66 1.97
C8 GTP N . 23.12 -4.71 2.00
N7 GTP N . 23.66 -3.51 1.93
C5 GTP N . 22.62 -2.65 1.71
C6 GTP N . 22.53 -1.19 1.58
O6 GTP N . 23.59 -0.55 1.55
N1 GTP N . 21.35 -0.62 1.44
C2 GTP N . 20.24 -1.36 1.38
N2 GTP N . 19.11 -0.78 1.22
N3 GTP N . 20.27 -2.66 1.58
C4 GTP N . 21.39 -3.38 1.76
N1 DZ4 O . 33.78 -14.51 31.01
C2 DZ4 O . 32.87 -15.35 30.51
N3 DZ4 O . 32.04 -16.17 31.18
C4 DZ4 O . 32.21 -16.03 32.51
C5 DZ4 O . 33.07 -15.16 33.16
C6 DZ4 O . 33.92 -14.39 32.36
N6 DZ4 O . 34.71 -13.45 32.88
N7 DZ4 O . 32.96 -15.29 34.52
C8 DZ4 O . 31.96 -16.12 34.70
N9 DZ4 O . 31.51 -16.66 33.52
PA DZ4 O . 29.23 -15.21 37.06
PB DZ4 O . 27.90 -15.76 39.68
PG DZ4 O . 26.99 -13.40 41.24
C1' DZ4 O . 30.37 -17.54 33.30
O1A DZ4 O . 28.97 -14.02 36.22
O1B DZ4 O . 26.51 -16.26 40.02
O1G DZ4 O . 26.34 -12.56 40.19
C2' DZ4 O . 30.14 -18.62 34.34
O2A DZ4 O . 30.54 -15.32 37.74
O2B DZ4 O . 29.07 -16.54 40.10
O2G DZ4 O . 26.09 -14.35 41.94
C3' DZ4 O . 28.62 -18.80 34.29
O3' DZ4 O . 28.20 -19.74 33.28
N3A DZ4 O . 27.97 -15.20 38.11
O3B DZ4 O . 28.13 -14.45 40.55
O3G DZ4 O . 27.77 -12.49 42.16
C4' DZ4 O . 28.16 -17.36 34.06
O4' DZ4 O . 29.23 -16.68 33.35
C5' DZ4 O . 27.80 -16.56 35.29
O5' DZ4 O . 28.97 -16.46 36.11
FE FE P . 38.58 -19.58 -8.17
MG MG Q . 37.90 -19.52 -11.79
MG MG R . 35.29 -24.92 -11.39
MG MG S . 59.16 -10.13 6.00
N1 DZ4 T . 27.37 -13.53 -8.18
C2 DZ4 T . 28.24 -13.54 -7.15
N3 DZ4 T . 29.26 -14.37 -6.92
C4 DZ4 T . 29.33 -15.34 -7.86
C5 DZ4 T . 28.46 -15.50 -8.92
C6 DZ4 T . 27.43 -14.54 -9.08
N6 DZ4 T . 26.50 -14.64 -10.03
N7 DZ4 T . 28.82 -16.60 -9.69
C8 DZ4 T . 29.88 -17.08 -9.09
N9 DZ4 T . 30.23 -16.39 -7.95
PA DZ4 T . 35.67 -19.31 -9.51
PB DZ4 T . 34.31 -21.75 -10.73
PG DZ4 T . 32.53 -23.88 -10.04
C1' DZ4 T . 31.34 -16.66 -7.04
O1A DZ4 T . 36.61 -19.17 -8.36
O1B DZ4 T . 35.15 -22.83 -11.35
O1G DZ4 T . 33.59 -24.85 -10.54
C2' DZ4 T . 31.19 -17.82 -6.06
O2A DZ4 T . 36.13 -18.68 -10.80
O2B DZ4 T . 33.53 -20.78 -11.60
O2G DZ4 T . 31.98 -24.30 -8.66
C3' DZ4 T . 32.64 -18.26 -5.86
O3' DZ4 T . 33.30 -17.49 -4.88
N3A DZ4 T . 35.23 -20.88 -9.63
O3B DZ4 T . 33.23 -22.47 -9.82
O3G DZ4 T . 31.45 -23.58 -10.99
C4' DZ4 T . 33.33 -17.94 -7.19
O4' DZ4 T . 32.51 -16.92 -7.81
C5' DZ4 T . 33.44 -19.03 -8.19
O5' DZ4 T . 34.24 -18.55 -9.28
PG GTP U . 61.31 -9.18 3.71
O1G GTP U . 61.20 -9.48 2.25
O2G GTP U . 62.58 -8.62 4.18
O3G GTP U . 60.67 -10.09 4.69
O3B GTP U . 60.50 -7.82 3.82
PB GTP U . 59.58 -7.21 4.97
O1B GTP U . 59.25 -8.11 6.17
O2B GTP U . 59.68 -5.69 4.85
O3A GTP U . 58.17 -7.22 4.06
PA GTP U . 57.33 -8.55 3.53
O1A GTP U . 57.09 -8.50 2.08
O2A GTP U . 57.86 -9.78 4.22
O5' GTP U . 55.82 -8.12 4.02
C5' GTP U . 55.37 -8.49 5.37
C4' GTP U . 54.39 -9.63 5.35
O4' GTP U . 53.25 -9.20 4.64
C3' GTP U . 54.89 -10.98 4.66
O3' GTP U . 55.53 -11.77 5.65
C2' GTP U . 53.53 -11.58 4.25
O2' GTP U . 53.07 -12.36 5.33
C1' GTP U . 52.54 -10.45 4.20
N9 GTP U . 51.89 -10.20 2.92
C8 GTP U . 50.61 -9.94 2.72
N7 GTP U . 50.31 -9.64 1.44
C5 GTP U . 51.49 -9.80 0.80
C6 GTP U . 51.95 -9.59 -0.58
O6 GTP U . 51.10 -9.30 -1.50
N1 GTP U . 53.29 -9.75 -0.80
C2 GTP U . 54.14 -10.06 0.18
N2 GTP U . 55.47 -10.22 -0.11
N3 GTP U . 53.78 -10.16 1.46
C4 GTP U . 52.52 -10.12 1.75
N1 DZ4 V . 20.74 -17.22 4.51
C2 DZ4 V . 21.46 -16.26 5.10
N3 DZ4 V . 21.53 -14.96 4.82
C4 DZ4 V . 20.78 -14.68 3.75
C5 DZ4 V . 19.96 -15.57 3.05
C6 DZ4 V . 19.94 -16.90 3.45
N6 DZ4 V . 19.15 -17.83 2.85
N7 DZ4 V . 19.30 -14.92 1.99
C8 DZ4 V . 19.72 -13.67 2.09
N9 DZ4 V . 20.59 -13.45 3.15
PA DZ4 V . 16.84 -11.08 2.00
PB DZ4 V . 15.54 -8.90 0.53
PG DZ4 V . 12.60 -8.75 0.54
C1' DZ4 V . 21.12 -12.17 3.59
O1A DZ4 V . 16.33 -11.71 3.23
O1B DZ4 V . 15.54 -7.41 0.78
O1G DZ4 V . 12.32 -9.06 1.97
C2' DZ4 V . 21.26 -11.10 2.50
O2A DZ4 V . 17.03 -11.97 0.81
O2B DZ4 V . 16.34 -9.39 -0.65
O2G DZ4 V . 12.62 -7.32 0.27
C3' DZ4 V . 21.03 -9.81 3.29
O3' DZ4 V . 22.15 -9.37 4.03
N3A DZ4 V . 15.91 -9.68 1.97
O3B DZ4 V . 14.09 -9.45 0.19
O3G DZ4 V . 11.66 -9.48 -0.36
C4' DZ4 V . 19.95 -10.24 4.26
O4' DZ4 V . 20.15 -11.65 4.50
C5' DZ4 V . 18.58 -10.01 3.72
O5' DZ4 V . 18.35 -10.76 2.50
FE FE W . 15.67 -32.51 23.02
MG MG X . 13.21 -35.22 23.25
MG MG Y . 11.18 -33.81 17.82
MG MG Z . 25.39 -16.13 41.58
N1 DZ4 AA . 22.52 -42.17 18.30
C2 DZ4 AA . 22.98 -41.04 18.87
N3 DZ4 AA . 22.39 -39.87 19.05
C4 DZ4 AA . 21.14 -39.93 18.64
C5 DZ4 AA . 20.50 -41.00 18.05
C6 DZ4 AA . 21.24 -42.21 17.91
N6 DZ4 AA . 20.84 -43.38 17.41
N7 DZ4 AA . 19.18 -40.66 17.76
C8 DZ4 AA . 19.08 -39.41 18.13
N9 DZ4 AA . 20.22 -38.92 18.73
PA DZ4 AA . 15.65 -35.23 21.21
PB DZ4 AA . 13.76 -35.52 18.87
PG DZ4 AA . 13.63 -35.04 16.01
C1' DZ4 AA . 20.44 -37.58 19.29
O1A DZ4 AA . 16.50 -34.09 21.70
O1B DZ4 AA . 12.38 -34.87 19.05
O1G DZ4 AA . 12.31 -34.31 16.29
C2' DZ4 AA . 20.52 -36.46 18.25
O2A DZ4 AA . 14.86 -36.04 22.22
O2B DZ4 AA . 13.87 -36.99 19.13
O2G DZ4 AA . 14.53 -34.28 15.13
C3' DZ4 AA . 20.02 -35.24 19.00
O3' DZ4 AA . 21.08 -34.60 19.73
N3A DZ4 AA . 14.75 -34.70 19.93
O3B DZ4 AA . 14.37 -35.20 17.41
O3G DZ4 AA . 13.40 -36.43 15.53
C4' DZ4 AA . 18.96 -35.85 19.91
O4' DZ4 AA . 19.33 -37.24 20.11
C5' DZ4 AA . 17.52 -35.81 19.45
O5' DZ4 AA . 16.65 -36.31 20.54
PG GTP BA . 23.62 -16.81 44.28
O1G GTP BA . 22.44 -17.61 44.27
O2G GTP BA . 23.85 -16.07 45.55
O3G GTP BA . 23.87 -16.12 42.95
O3B GTP BA . 24.78 -17.88 44.45
PB GTP BA . 26.24 -18.07 43.82
O1B GTP BA . 26.57 -17.04 42.85
O2B GTP BA . 27.14 -18.65 44.84
O3A GTP BA . 26.00 -19.55 43.11
PA GTP BA . 25.15 -19.60 41.68
O1A GTP BA . 24.14 -20.75 41.85
O2A GTP BA . 24.74 -18.25 41.10
O5' GTP BA . 26.23 -20.38 40.82
C5' GTP BA . 27.13 -19.67 39.93
C4' GTP BA . 26.84 -19.72 38.43
O4' GTP BA . 26.84 -21.05 37.99
C3' GTP BA . 25.41 -19.29 38.10
O3' GTP BA . 25.49 -17.92 38.15
C2' GTP BA . 25.15 -19.91 36.79
O2' GTP BA . 25.54 -19.05 35.73
C1' GTP BA . 26.08 -21.08 36.79
N9 GTP BA . 25.45 -22.41 36.73
C8 GTP BA . 25.85 -23.46 35.96
N7 GTP BA . 25.11 -24.49 36.15
C5 GTP BA . 24.26 -24.17 37.11
C6 GTP BA . 23.18 -24.88 37.78
O6 GTP BA . 22.91 -26.05 37.48
N1 GTP BA . 22.52 -24.20 38.72
C2 GTP BA . 22.77 -22.96 39.01
N2 GTP BA . 22.04 -22.35 39.96
N3 GTP BA . 23.74 -22.21 38.45
C4 GTP BA . 24.46 -22.81 37.48
N1 DZ4 CA . 32.00 -36.24 8.48
C2 DZ4 CA . 32.71 -35.79 9.53
N3 DZ4 CA . 33.27 -36.50 10.54
C4 DZ4 CA . 32.98 -37.81 10.44
C5 DZ4 CA . 32.18 -38.38 9.43
C6 DZ4 CA . 31.64 -37.53 8.44
N6 DZ4 CA . 30.91 -38.02 7.43
N7 DZ4 CA . 32.06 -39.75 9.62
C8 DZ4 CA . 32.78 -40.00 10.69
N9 DZ4 CA . 33.33 -38.87 11.27
PA DZ4 CA . 35.10 -43.05 10.06
PB DZ4 CA . 35.55 -45.87 10.81
PG DZ4 CA . 36.64 -47.57 8.60
C1' DZ4 CA . 34.26 -39.00 12.40
O1A DZ4 CA . 35.69 -42.28 8.95
O1B DZ4 CA . 36.71 -46.38 11.63
O1G DZ4 CA . 37.58 -46.68 7.91
C2' DZ4 CA . 33.95 -40.06 13.44
O2A DZ4 CA . 33.61 -43.24 10.13
O2B DZ4 CA . 34.16 -46.17 11.26
O2G DZ4 CA . 37.27 -48.40 9.64
C3' DZ4 CA . 35.35 -40.53 13.84
O3' DZ4 CA . 35.88 -39.65 14.83
N3A DZ4 CA . 35.96 -44.36 10.42
O3B DZ4 CA . 35.46 -46.62 9.35
O3G DZ4 CA . 35.77 -48.34 7.73
C4' DZ4 CA . 36.21 -40.32 12.59
O4' DZ4 CA . 35.50 -39.36 11.78
C5' DZ4 CA . 36.48 -41.56 11.79
O5' DZ4 CA . 35.23 -42.14 11.38
N1 DZ4 DA . 49.70 -12.82 15.28
C2 DZ4 DA . 49.10 -13.28 14.18
N3 DZ4 DA . 49.36 -12.99 12.89
C4 DZ4 DA . 50.34 -12.08 12.80
C5 DZ4 DA . 51.04 -11.53 13.85
C6 DZ4 DA . 50.68 -11.91 15.15
N6 DZ4 DA . 51.32 -11.50 16.25
N7 DZ4 DA . 52.01 -10.65 13.37
C8 DZ4 DA . 51.89 -10.69 12.05
N9 DZ4 DA . 50.87 -11.53 11.65
PA DZ4 DA . 55.22 -11.35 10.24
PB DZ4 DA . 57.22 -10.12 8.45
PG DZ4 DA . 60.05 -10.85 8.93
C1' DZ4 DA . 50.57 -11.93 10.28
O1A DZ4 DA . 55.41 -12.64 10.96
O1B DZ4 DA . 57.55 -10.55 7.03
O1G DZ4 DA . 59.96 -12.35 9.30
C2' DZ4 DA . 50.79 -10.85 9.25
O2A DZ4 DA . 55.15 -10.06 10.98
O2B DZ4 DA . 56.79 -8.70 8.71
O2G DZ4 DA . 60.33 -10.59 7.46
C3' DZ4 DA . 51.20 -11.64 8.03
O3' DZ4 DA . 50.01 -12.07 7.37
N3A DZ4 DA . 56.38 -11.35 9.08
O3B DZ4 DA . 58.61 -10.09 9.31
O3G DZ4 DA . 61.00 -10.18 9.80
C4' DZ4 DA . 51.98 -12.79 8.64
O4' DZ4 DA . 51.47 -12.99 9.98
C5' DZ4 DA . 53.48 -12.63 8.74
O5' DZ4 DA . 53.81 -11.47 9.49
FE FE EA . 47.36 -31.95 30.28
MG MG FA . 49.02 -32.63 33.54
MG MG GA . 52.45 -27.77 32.76
MG MG HA . 37.52 -48.33 11.64
N1 DZ4 IA . 39.65 -25.78 38.42
C2 DZ4 IA . 39.31 -26.27 37.21
N3 DZ4 IA . 40.09 -26.64 36.19
C4 DZ4 IA . 41.38 -26.50 36.53
C5 DZ4 IA . 41.88 -26.03 37.74
C6 DZ4 IA . 40.96 -25.71 38.75
N6 DZ4 IA . 41.26 -25.22 39.97
N7 DZ4 IA . 43.25 -26.00 37.67
C8 DZ4 IA . 43.56 -26.37 36.46
N9 DZ4 IA . 42.46 -26.75 35.73
PA DZ4 IA . 47.13 -30.21 33.04
PB DZ4 IA . 49.34 -28.32 33.78
PG DZ4 IA . 50.13 -25.55 33.53
C1' DZ4 IA . 42.45 -27.18 34.34
O1A DZ4 IA . 46.53 -30.50 31.68
O1B DZ4 IA . 50.76 -28.71 33.43
O1G DZ4 IA . 51.46 -26.18 33.04
C2' DZ4 IA . 43.01 -26.16 33.38
O2A DZ4 IA . 47.35 -31.39 34.00
O2B DZ4 IA . 48.86 -28.52 35.17
O2G DZ4 IA . 49.55 -24.46 32.63
C3' DZ4 IA . 43.46 -27.05 32.21
O3' DZ4 IA . 42.38 -27.57 31.41
N3A DZ4 IA . 48.31 -29.14 32.77
O3B DZ4 IA . 49.08 -26.77 33.35
O3G DZ4 IA . 50.14 -25.18 34.97
C4' DZ4 IA . 44.10 -28.18 32.99
O4' DZ4 IA . 43.36 -28.27 34.23
C5' DZ4 IA . 45.55 -28.07 33.30
O5' DZ4 IA . 46.01 -29.33 33.83
PG GTP JA . 38.46 -51.22 12.50
O1G GTP JA . 39.49 -51.34 13.51
O2G GTP JA . 38.20 -52.47 11.66
O3G GTP JA . 38.75 -49.88 11.80
O3B GTP JA . 37.14 -51.24 13.37
PB GTP JA . 35.87 -50.29 13.23
O1B GTP JA . 35.85 -49.26 12.12
O2B GTP JA . 34.68 -51.08 13.53
O3A GTP JA . 35.99 -49.53 14.67
PA GTP JA . 37.06 -48.42 15.01
O1A GTP JA . 37.70 -48.76 16.33
O2A GTP JA . 37.81 -47.98 13.78
O5' GTP JA . 36.00 -47.23 15.55
C5' GTP JA . 35.53 -46.12 14.75
C4' GTP JA . 36.12 -44.73 14.88
O4' GTP JA . 35.92 -44.38 16.24
C3' GTP JA . 37.65 -44.77 14.75
O3' GTP JA . 37.92 -44.70 13.40
C2' GTP JA . 38.05 -43.57 15.57
O2' GTP JA . 37.96 -42.43 14.77
C1' GTP JA . 36.90 -43.38 16.53
N9 GTP JA . 37.24 -43.53 17.95
C8 GTP JA . 36.84 -42.70 18.90
N7 GTP JA . 37.23 -43.07 20.10
C5 GTP JA . 37.96 -44.16 19.94
C6 GTP JA . 38.65 -45.08 20.83
O6 GTP JA . 38.72 -44.84 22.07
N1 GTP JA . 39.33 -46.13 20.29
C2 GTP JA . 39.25 -46.36 18.92
N2 GTP JA . 39.83 -47.39 18.34
N3 GTP JA . 38.56 -45.55 18.08
C4 GTP JA . 37.94 -44.47 18.54
MG MG KA . 48.56 -21.54 39.08
FE FE LA . -13.43 27.64 -23.49
MG MG MA . -10.99 29.75 -25.11
MG MG NA . -13.85 28.99 -30.17
MG MG OA . -10.82 11.05 -2.62
N1 DZ4 PA . -18.97 39.09 -22.17
C2 DZ4 PA . -19.19 38.03 -21.35
N3 DZ4 PA . -18.88 36.75 -21.51
C4 DZ4 PA . -18.30 36.57 -22.70
C5 DZ4 PA . -18.04 37.53 -23.67
C6 DZ4 PA . -18.36 38.88 -23.37
N6 DZ4 PA . -18.18 39.90 -24.24
N7 DZ4 PA . -17.49 36.94 -24.79
C8 DZ4 PA . -17.50 35.67 -24.55
N9 DZ4 PA . -17.91 35.38 -23.28
PA DZ4 PA . -14.03 30.52 -24.78
PB DZ4 PA . -14.31 30.90 -27.75
PG DZ4 PA . -16.41 30.84 -29.81
C1' DZ4 PA . -17.99 34.04 -22.76
O1A DZ4 PA . -14.45 29.44 -23.80
O1B DZ4 PA . -13.41 30.03 -28.62
O1G DZ4 PA . -15.62 29.87 -30.70
C2' DZ4 PA . -19.04 33.17 -23.45
O2A DZ4 PA . -12.67 31.10 -24.61
O2B DZ4 PA . -14.04 32.37 -27.48
O2G DZ4 PA . -17.88 30.47 -29.69
C3' DZ4 PA . -18.46 31.78 -23.21
O3' DZ4 PA . -18.74 31.23 -21.92
N3A DZ4 PA . -14.56 30.12 -26.27
O3B DZ4 PA . -15.79 30.78 -28.31
O3G DZ4 PA . -16.24 32.22 -30.17
C4' DZ4 PA . -16.96 32.05 -23.34
O4' DZ4 PA . -16.72 33.42 -22.98
C5' DZ4 PA . -16.34 31.83 -24.70
O5' DZ4 PA . -14.90 31.84 -24.53
PG GTP QA . -7.69 10.86 -2.05
O1G GTP QA . -6.89 11.74 -2.81
O2G GTP QA . -7.25 10.07 -0.90
O3G GTP QA . -8.97 10.39 -2.74
O3B GTP QA . -7.95 12.12 -1.05
PB GTP QA . -9.40 12.78 -0.58
O1B GTP QA . -10.60 11.95 -0.89
O2B GTP QA . -9.13 13.34 0.68
O3A GTP QA . -9.35 14.14 -1.42
PA GTP QA . -9.71 14.26 -2.97
O1A GTP QA . -8.59 15.13 -3.54
O2A GTP QA . -10.06 12.96 -3.45
O5' GTP QA . -10.91 15.14 -2.63
C5' GTP QA . -12.28 15.38 -2.93
C4' GTP QA . -13.11 15.19 -4.13
O4' GTP QA . -13.19 16.56 -4.51
C3' GTP QA . -12.55 14.48 -5.30
O3' GTP QA . -12.94 13.14 -5.32
C2' GTP QA . -13.10 15.27 -6.44
O2' GTP QA . -14.34 14.74 -6.88
C1' GTP QA . -13.38 16.63 -5.88
N9 GTP QA . -12.65 17.81 -6.39
C8 GTP QA . -13.22 18.96 -6.73
N7 GTP QA . -12.26 19.82 -7.16
C5 GTP QA . -11.10 19.20 -7.12
C6 GTP QA . -9.76 19.56 -7.41
O6 GTP QA . -9.46 20.71 -7.76
N1 GTP QA . -8.82 18.60 -7.22
C2 GTP QA . -9.09 17.37 -6.74
N2 GTP QA . -8.12 16.45 -6.59
N3 GTP QA . -10.35 16.97 -6.44
C4 GTP QA . -11.35 17.89 -6.58
PG GTP RA . -31.46 51.94 -14.88
O1G GTP RA . -31.36 52.26 -13.42
O2G GTP RA . -31.69 53.06 -15.86
O3G GTP RA . -32.30 50.70 -15.19
O3B GTP RA . -29.93 51.62 -15.32
PB GTP RA . -29.39 50.48 -16.28
O1B GTP RA . -30.36 49.73 -17.06
O2B GTP RA . -28.11 50.86 -16.97
O3A GTP RA . -28.72 49.55 -15.16
PA GTP RA . -29.33 48.51 -14.07
O1A GTP RA . -28.83 48.89 -12.71
O2A GTP RA . -30.78 48.44 -14.38
O5' GTP RA . -28.59 47.19 -14.56
C5' GTP RA . -29.06 46.24 -15.46
C4' GTP RA . -29.64 44.99 -14.78
O4' GTP RA . -28.70 44.26 -14.03
C3' GTP RA . -30.77 45.16 -13.76
O3' GTP RA . -32.06 45.42 -14.39
C2' GTP RA . -30.76 43.83 -12.95
O2' GTP RA . -31.69 42.78 -13.49
C1' GTP RA . -29.31 43.39 -13.09
N9 GTP RA . -28.53 43.34 -11.82
C8 GTP RA . -27.80 42.27 -11.38
N7 GTP RA . -27.15 42.51 -10.25
C5 GTP RA . -27.50 43.75 -9.94
C6 GTP RA . -27.18 44.67 -8.85
O6 GTP RA . -26.38 44.27 -7.97
N1 GTP RA . -27.77 45.94 -8.88
C2 GTP RA . -28.56 46.38 -9.85
N2 GTP RA . -29.08 47.62 -9.84
N3 GTP RA . -28.90 45.60 -10.92
C4 GTP RA . -28.41 44.31 -10.97
N1 DZ4 SA . -33.51 16.72 -31.83
C2 DZ4 SA . -33.81 15.85 -30.84
N3 DZ4 SA . -34.35 14.64 -30.93
C4 DZ4 SA . -34.67 14.36 -32.23
C5 DZ4 SA . -34.44 15.16 -33.32
C6 DZ4 SA . -33.81 16.38 -33.10
N6 DZ4 SA . -33.50 17.21 -34.11
N7 DZ4 SA . -34.87 14.55 -34.50
C8 DZ4 SA . -35.37 13.42 -34.10
N9 DZ4 SA . -35.28 13.22 -32.75
PA DZ4 SA . -34.16 10.49 -36.25
PB DZ4 SA . -34.88 8.32 -38.02
PG DZ4 SA . -32.84 7.63 -40.04
C1' DZ4 SA . -35.61 11.97 -32.06
O1A DZ4 SA . -32.82 10.99 -35.80
O1B DZ4 SA . -34.85 6.85 -37.69
O1G DZ4 SA . -31.56 7.51 -39.27
C2' DZ4 SA . -36.76 11.16 -32.66
O2A DZ4 SA . -35.10 11.48 -36.86
O2B DZ4 SA . -36.16 8.97 -38.40
O2G DZ4 SA . -33.48 6.32 -40.15
C3' DZ4 SA . -36.34 9.73 -32.31
O3' DZ4 SA . -36.60 9.38 -30.95
N3A DZ4 SA . -34.00 8.98 -36.83
O3B DZ4 SA . -33.87 8.64 -39.29
O3G DZ4 SA . -32.76 8.35 -41.34
C4' DZ4 SA . -34.83 9.79 -32.50
O4' DZ4 SA . -34.45 11.16 -32.22
C5' DZ4 SA . -34.33 9.37 -33.86
O5' DZ4 SA . -34.89 10.26 -34.82
FE FE TA . -29.31 32.41 4.51
MG MG UA . -28.07 32.95 7.96
MG MG VA . -32.15 29.04 10.11
MG MG WA . -32.12 49.04 -15.98
N1 DZ4 XA . -19.87 23.68 4.94
C2 DZ4 XA . -20.41 24.19 3.83
N3 DZ4 XA . -21.59 24.81 3.65
C4 DZ4 XA . -22.26 24.94 4.80
C5 DZ4 XA . -21.84 24.46 6.02
C6 DZ4 XA . -20.59 23.78 6.09
N6 DZ4 XA . -20.08 23.29 7.24
N7 DZ4 XA . -22.79 24.75 6.99
C8 DZ4 XA . -23.73 25.42 6.35
N9 DZ4 XA . -23.47 25.57 5.00
PA DZ4 XA . -27.69 30.26 6.30
PB DZ4 XA . -29.01 28.79 8.51
PG DZ4 XA . -30.46 26.28 9.06
C1' DZ4 XA . -24.36 26.21 4.01
O1A DZ4 XA . -28.06 30.75 4.88
O1B DZ4 XA . -30.19 29.38 9.32
O1G DZ4 XA . -31.56 27.12 9.74
C2' DZ4 XA . -25.65 25.45 3.70
O2A DZ4 XA . -26.94 31.14 7.23
O2B DZ4 XA . -27.66 28.68 9.10
O2G DZ4 XA . -30.93 25.28 8.07
C3' DZ4 XA . -26.58 26.59 3.22
O3' DZ4 XA . -26.37 26.95 1.86
N3A DZ4 XA . -28.98 29.50 7.00
O3B DZ4 XA . -29.52 27.31 8.19
O3G DZ4 XA . -29.56 25.61 9.99
C4' DZ4 XA . -26.16 27.74 4.14
O4' DZ4 XA . -24.77 27.51 4.45
C5' DZ4 XA . -26.87 27.87 5.46
O5' DZ4 XA . -26.56 29.19 5.99
N1 DZ4 YA . -46.33 16.45 -3.39
C2 DZ4 YA . -46.59 16.88 -4.62
N3 DZ4 YA . -47.73 16.84 -5.30
C4 DZ4 YA . -48.69 16.24 -4.57
C5 DZ4 YA . -48.54 15.71 -3.33
C6 DZ4 YA . -47.29 15.84 -2.69
N6 DZ4 YA . -47.08 15.44 -1.42
N7 DZ4 YA . -49.73 15.14 -2.87
C8 DZ4 YA . -50.55 15.30 -3.89
N9 DZ4 YA . -50.01 15.98 -4.92
PA DZ4 YA . -53.90 16.75 -2.93
PB DZ4 YA . -56.81 16.32 -2.65
PG DZ4 YA . -58.26 17.50 -0.34
C1' DZ4 YA . -50.70 16.45 -6.13
O1A DZ4 YA . -53.22 18.00 -2.38
O1B DZ4 YA . -57.90 17.00 -3.42
O1G DZ4 YA . -57.66 18.89 -0.28
C2' DZ4 YA . -51.89 15.64 -6.65
O2A DZ4 YA . -53.62 15.44 -2.29
O2B DZ4 YA . -56.59 14.85 -2.72
O2G DZ4 YA . -59.51 17.45 -1.03
C3' DZ4 YA . -52.74 16.70 -7.32
O3' DZ4 YA . -52.31 17.00 -8.64
N3A DZ4 YA . -55.48 17.19 -3.00
O3B DZ4 YA . -57.21 16.50 -1.14
O3G DZ4 YA . -58.28 16.84 1.00
C4' DZ4 YA . -52.55 17.90 -6.38
O4' DZ4 YA . -51.19 17.77 -5.87
C5' DZ4 YA . -53.52 17.99 -5.22
O5' DZ4 YA . -53.40 16.80 -4.42
N1 DZ4 ZA . -24.21 12.59 -4.00
C2 DZ4 ZA . -23.75 13.37 -5.00
N3 DZ4 ZA . -22.53 13.92 -5.20
C4 DZ4 ZA . -21.75 13.61 -4.15
C5 DZ4 ZA . -22.10 12.88 -3.02
C6 DZ4 ZA . -23.41 12.36 -2.93
N6 DZ4 ZA . -23.82 11.59 -1.89
N7 DZ4 ZA . -21.01 12.75 -2.15
C8 DZ4 ZA . -20.05 13.39 -2.77
N9 DZ4 ZA . -20.43 13.96 -3.96
PA DZ4 ZA . -16.77 11.54 -3.08
PB DZ4 ZA . -13.97 11.45 -2.21
PG DZ4 ZA . -12.83 8.70 -1.64
C1' DZ4 ZA . -19.62 14.64 -4.98
O1A DZ4 ZA . -17.51 10.48 -3.84
O1B DZ4 ZA . -12.75 11.66 -3.10
O1G DZ4 ZA . -13.37 7.91 -2.74
C2' DZ4 ZA . -18.48 15.49 -4.43
O2A DZ4 ZA . -17.22 11.96 -1.74
O2B DZ4 ZA . -14.27 12.41 -1.08
O2G DZ4 ZA . -11.51 9.24 -1.93
C3' DZ4 ZA . -17.44 15.31 -5.56
O3' DZ4 ZA . -17.60 16.21 -6.62
N3A DZ4 ZA . -15.15 11.15 -3.29
O3B DZ4 ZA . -13.82 10.03 -1.47
O3G DZ4 ZA . -12.90 8.10 -0.26
C4' DZ4 ZA . -17.67 13.89 -6.05
O4' DZ4 ZA . -19.06 13.60 -5.79
C5' DZ4 ZA . -16.80 12.86 -5.37
O5' DZ4 ZA . -17.03 12.89 -3.95
FE FE AB . -40.79 -2.05 -14.12
MG MG BB . -42.43 -5.09 -12.87
MG MG CB . -39.01 -4.72 -8.01
MG MG DB . -34.92 5.32 -39.15
N1 DZ4 EB . -50.73 3.03 -7.80
C2 DZ4 EB . -50.09 3.62 -8.84
N3 DZ4 EB . -48.89 3.34 -9.38
C4 DZ4 EB . -48.30 2.31 -8.72
C5 DZ4 EB . -48.84 1.62 -7.65
C6 DZ4 EB . -50.12 1.99 -7.21
N6 DZ4 EB . -50.71 1.40 -6.15
N7 DZ4 EB . -47.98 0.62 -7.23
C8 DZ4 EB . -46.92 0.71 -8.01
N9 DZ4 EB . -47.08 1.69 -8.97
PA DZ4 EB . -42.78 -2.18 -11.55
PB DZ4 EB . -41.79 -3.19 -8.97
PG DZ4 EB . -40.58 -2.33 -6.45
C1' DZ4 EB . -46.08 2.07 -9.96
O1A DZ4 EB . -42.15 -1.39 -12.70
O1B DZ4 EB . -40.77 -4.31 -8.93
O1G DZ4 EB . -39.46 -3.32 -6.55
C2' DZ4 EB . -44.81 2.76 -9.42
O2A DZ4 EB . -43.50 -3.46 -11.96
O2B DZ4 EB . -43.22 -3.47 -8.67
O2G DZ4 EB . -40.13 -0.92 -6.13
C3' DZ4 EB . -43.80 2.48 -10.53
O3' DZ4 EB . -43.89 3.35 -11.68
N3A DZ4 EB . -41.62 -2.41 -10.43
O3B DZ4 EB . -41.32 -2.12 -7.91
O3G DZ4 EB . -41.58 -2.67 -5.48
C4' DZ4 EB . -44.22 1.07 -10.95
O4' DZ4 EB . -45.62 0.92 -10.68
C5' DZ4 EB . -43.56 -0.07 -10.22
O5' DZ4 EB . -43.91 -1.32 -10.92
PG GTP FB . -35.39 2.67 -40.89
O1G GTP FB . -35.34 1.30 -40.31
O2G GTP FB . -35.00 2.76 -42.33
O3G GTP FB . -34.57 3.65 -40.08
O3B GTP FB . -36.90 3.24 -40.91
PB GTP FB . -37.34 4.76 -40.59
O1B GTP FB . -36.23 5.72 -40.29
O2B GTP FB . -38.39 5.27 -41.44
O3A GTP FB . -38.28 4.42 -39.34
PA GTP FB . -37.69 4.05 -37.88
O1A GTP FB . -38.28 2.74 -37.55
O2A GTP FB . -36.25 4.25 -37.79
O5' GTP FB . -38.49 5.14 -37.02
C5' GTP FB . -37.94 6.41 -36.67
C4' GTP FB . -37.45 6.59 -35.25
O4' GTP FB . -38.59 6.51 -34.37
C3' GTP FB . -36.57 5.51 -34.70
O3' GTP FB . -35.35 5.79 -35.21
C2' GTP FB . -36.67 5.58 -33.17
O2' GTP FB . -35.89 6.58 -32.53
C1' GTP FB . -38.09 6.09 -33.04
N9 GTP FB . -39.02 5.12 -32.47
C8 GTP FB . -39.87 5.41 -31.47
N7 GTP FB . -40.59 4.35 -31.15
C5 GTP FB . -40.28 3.38 -31.96
C6 GTP FB . -40.78 1.99 -32.05
O6 GTP FB . -41.70 1.50 -31.29
N1 GTP FB . -40.16 1.32 -32.96
C2 GTP FB . -39.16 1.84 -33.78
N2 GTP FB . -38.59 1.04 -34.70
N3 GTP FB . -38.69 3.11 -33.77
C4 GTP FB . -39.21 3.89 -32.82
N1 DZ4 GB . -33.59 36.71 -21.62
C2 DZ4 GB . -33.50 36.43 -20.32
N3 DZ4 GB . -32.95 37.16 -19.34
C4 DZ4 GB . -32.48 38.32 -19.82
C5 DZ4 GB . -32.53 38.75 -21.13
C6 DZ4 GB . -33.13 37.91 -22.07
N6 DZ4 GB . -33.35 38.26 -23.34
N7 DZ4 GB . -31.95 40.01 -21.25
C8 DZ4 GB . -31.63 40.35 -20.02
N9 DZ4 GB . -31.86 39.34 -19.10
PA DZ4 GB . -32.80 43.70 -18.75
PB DZ4 GB . -32.12 46.43 -17.85
PG DZ4 GB . -33.99 48.59 -18.69
C1' DZ4 GB . -31.75 39.37 -17.65
O1A DZ4 GB . -34.18 43.17 -18.98
O1B DZ4 GB . -32.20 47.10 -16.50
O1G DZ4 GB . -35.34 48.06 -18.42
C2' DZ4 GB . -30.56 40.12 -17.13
O2A DZ4 GB . -31.79 43.56 -19.84
O2B DZ4 GB . -30.78 46.34 -18.58
O2G DZ4 GB . -33.52 49.42 -17.54
C3' DZ4 GB . -31.08 40.67 -15.82
O3' DZ4 GB . -30.88 39.71 -14.79
N3A DZ4 GB . -33.05 45.09 -17.92
O3B DZ4 GB . -32.95 47.37 -18.89
O3G DZ4 GB . -33.81 49.16 -20.11
C4' DZ4 GB . -32.59 40.93 -16.07
O4' DZ4 GB . -32.92 40.06 -17.15
C5' DZ4 GB . -32.96 42.33 -16.47
O5' DZ4 GB . -32.19 42.66 -17.67
FE FE HB . -53.92 24.38 -27.97
MG MG IB . -56.13 24.58 -30.91
MG MG JB . -52.94 29.13 -32.64
MG MG KB . -59.92 17.15 -2.99
N1 DZ4 LB . -47.83 16.44 -35.92
C2 DZ4 LB . -47.82 16.35 -34.57
N3 DZ4 LB . -48.19 17.26 -33.66
C4 DZ4 LB . -48.54 18.40 -34.26
C5 DZ4 LB . -48.62 18.63 -35.63
C6 DZ4 LB . -48.26 17.58 -36.50
N6 DZ4 LB . -48.26 17.70 -37.84
N7 DZ4 LB . -49.03 19.91 -35.88
C8 DZ4 LB . -49.22 20.43 -34.71
N9 DZ4 LB . -48.96 19.57 -33.68
PA DZ4 LB . -53.03 23.82 -30.94
PB DZ4 LB . -52.27 26.09 -32.91
PG DZ4 LB . -49.95 27.75 -33.69
C1' DZ4 LB . -49.02 19.85 -32.26
O1A DZ4 LB . -52.65 23.39 -29.47
O1B DZ4 LB . -52.85 27.55 -32.92
O1G DZ4 LB . -50.70 29.15 -33.44
C2' DZ4 LB . -48.00 20.86 -31.75
O2A DZ4 LB . -54.38 23.43 -31.51
O2B DZ4 LB . -52.46 25.15 -34.13
O2G DZ4 LB . -48.70 27.72 -33.26
C3' DZ4 LB . -48.70 21.49 -30.57
O3' DZ4 LB . -48.49 20.75 -29.35
N3A DZ4 LB . -52.44 25.26 -31.34
O3B DZ4 LB . -50.80 26.43 -32.90
O3G DZ4 LB . -49.93 27.46 -35.15
C4' DZ4 LB . -50.17 21.47 -31.03
O4' DZ4 LB . -50.31 20.42 -32.00
C5' DZ4 LB . -50.68 22.75 -31.68
O5' DZ4 LB . -52.09 22.77 -31.73
PG GTP MB . -63.15 16.88 -2.82
O1G GTP MB . -63.78 17.52 -3.93
O2G GTP MB . -63.97 16.65 -1.57
O3G GTP MB . -61.90 17.62 -2.72
O3B GTP MB . -62.88 15.34 -3.29
PB GTP MB . -61.47 14.54 -3.35
O1B GTP MB . -60.27 15.24 -2.76
O2B GTP MB . -61.78 13.21 -2.80
O3A GTP MB . -61.24 14.43 -4.89
PA GTP MB . -60.74 15.54 -5.86
O1A GTP MB . -61.66 15.83 -6.98
O2A GTP MB . -60.25 16.76 -5.13
O5' GTP MB . -59.53 14.83 -6.67
C5' GTP MB . -58.19 14.81 -6.12
C4' GTP MB . -57.21 15.68 -6.92
O4' GTP MB . -56.99 15.20 -8.24
C3' GTP MB . -57.65 17.14 -7.07
O3' GTP MB . -57.37 17.85 -5.91
C2' GTP MB . -56.85 17.53 -8.26
O2' GTP MB . -55.57 18.02 -7.98
C1' GTP MB . -56.56 16.23 -8.99
N9 GTP MB . -57.15 16.11 -10.33
C8 GTP MB . -56.46 15.70 -11.45
N7 GTP MB . -57.28 15.67 -12.49
C5 GTP MB . -58.52 15.97 -12.04
C6 GTP MB . -59.81 16.14 -12.68
O6 GTP MB . -59.96 15.92 -13.89
N1 GTP MB . -60.84 16.61 -11.91
C2 GTP MB . -60.68 16.82 -10.61
N2 GTP MB . -61.74 17.23 -9.92
N3 GTP MB . -59.52 16.67 -9.91
C4 GTP MB . -58.43 16.30 -10.64
#